data_1GUW
#
_entry.id   1GUW
#
_cell.length_a   1.000
_cell.length_b   1.000
_cell.length_c   1.000
_cell.angle_alpha   90.00
_cell.angle_beta   90.00
_cell.angle_gamma   90.00
#
_symmetry.space_group_name_H-M   'P 1'
#
loop_
_entity.id
_entity.type
_entity.pdbx_description
1 polymer 'CHROMOBOX PROTEIN HOMOLOG 1'
2 polymer 'HISTONE H3.1'
#
loop_
_entity_poly.entity_id
_entity_poly.type
_entity_poly.pdbx_seq_one_letter_code
_entity_poly.pdbx_strand_id
1 'polypeptide(L)' HMVEEVLEEEEEEYVVEKVLDRRVVKGKVEYLLKWKGFSDEDNTWEPEENLDCPDLIAEFLQSQKTAHETDKS A
2 'polypeptide(L)' ART(MLY)QTAR(MLY)STGGKAPGG B
#
# COMPACT_ATOMS: atom_id res chain seq x y z
N HIS A 1 25.73 0.15 15.28
CA HIS A 1 26.63 -0.81 15.97
C HIS A 1 26.94 -0.37 17.40
N MET A 2 27.01 -1.35 18.31
CA MET A 2 27.30 -1.07 19.71
C MET A 2 26.25 -0.13 20.31
N VAL A 3 24.98 -0.46 20.12
CA VAL A 3 23.89 0.35 20.64
C VAL A 3 22.72 -0.52 21.09
N GLU A 4 21.50 -0.01 20.93
CA GLU A 4 20.30 -0.74 21.32
C GLU A 4 20.11 -1.98 20.45
N GLU A 5 19.83 -3.11 21.09
CA GLU A 5 19.63 -4.37 20.37
C GLU A 5 18.37 -4.30 19.50
N VAL A 6 18.51 -4.66 18.23
CA VAL A 6 17.39 -4.64 17.31
C VAL A 6 16.41 -5.77 17.60
N LEU A 7 15.12 -5.42 17.64
CA LEU A 7 14.07 -6.40 17.90
C LEU A 7 12.69 -5.74 17.79
N GLU A 8 12.51 -4.96 16.72
CA GLU A 8 11.25 -4.27 16.48
C GLU A 8 11.29 -3.54 15.14
N GLU A 9 10.16 -3.57 14.43
CA GLU A 9 10.05 -2.90 13.14
C GLU A 9 10.94 -3.57 12.10
N GLU A 10 10.40 -3.78 10.90
CA GLU A 10 11.14 -4.41 9.82
C GLU A 10 10.35 -4.31 8.50
N GLU A 11 9.76 -3.14 8.27
CA GLU A 11 8.99 -2.90 7.06
C GLU A 11 9.90 -2.80 5.84
N GLU A 12 9.41 -3.34 4.72
CA GLU A 12 10.18 -3.31 3.47
C GLU A 12 9.32 -2.83 2.32
N GLU A 13 9.92 -2.07 1.41
CA GLU A 13 9.21 -1.51 0.26
C GLU A 13 8.87 -2.58 -0.77
N TYR A 14 7.94 -3.47 -0.43
CA TYR A 14 7.52 -4.53 -1.35
C TYR A 14 6.91 -3.92 -2.62
N VAL A 15 7.26 -4.50 -3.77
CA VAL A 15 6.76 -4.01 -5.04
C VAL A 15 5.23 -3.99 -5.07
N VAL A 16 4.68 -2.89 -5.55
CA VAL A 16 3.22 -2.72 -5.63
C VAL A 16 2.75 -2.59 -7.07
N GLU A 17 1.73 -3.36 -7.43
CA GLU A 17 1.19 -3.32 -8.78
C GLU A 17 0.32 -2.09 -8.98
N LYS A 18 -0.67 -1.92 -8.09
CA LYS A 18 -1.58 -0.78 -8.17
C LYS A 18 -2.63 -0.86 -7.07
N VAL A 19 -3.00 0.27 -6.50
CA VAL A 19 -4.01 0.30 -5.45
C VAL A 19 -5.36 -0.14 -6.02
N LEU A 20 -6.00 -1.09 -5.36
CA LEU A 20 -7.28 -1.61 -5.82
C LEU A 20 -8.43 -0.66 -5.47
N ASP A 21 -8.42 -0.12 -4.26
CA ASP A 21 -9.49 0.79 -3.84
C ASP A 21 -9.02 1.77 -2.76
N ARG A 22 -9.94 2.11 -1.85
CA ARG A 22 -9.65 3.04 -0.77
C ARG A 22 -10.78 3.03 0.26
N ARG A 23 -10.41 2.92 1.54
CA ARG A 23 -11.41 2.91 2.60
C ARG A 23 -10.82 3.39 3.92
N VAL A 24 -11.57 4.22 4.63
CA VAL A 24 -11.14 4.74 5.93
C VAL A 24 -11.92 4.08 7.06
N VAL A 25 -11.24 3.84 8.17
CA VAL A 25 -11.86 3.22 9.33
C VAL A 25 -11.16 3.68 10.61
N LYS A 26 -11.96 4.04 11.60
CA LYS A 26 -11.44 4.53 12.89
C LYS A 26 -10.95 5.97 12.76
N GLY A 27 -10.34 6.29 11.62
CA GLY A 27 -9.82 7.63 11.38
C GLY A 27 -8.55 7.60 10.56
N LYS A 28 -8.00 6.41 10.41
CA LYS A 28 -6.77 6.21 9.65
C LYS A 28 -7.04 6.19 8.16
N VAL A 29 -6.12 5.57 7.42
CA VAL A 29 -6.22 5.47 5.97
C VAL A 29 -5.58 4.18 5.48
N GLU A 30 -6.23 3.50 4.53
CA GLU A 30 -5.68 2.26 4.01
C GLU A 30 -6.15 2.02 2.57
N TYR A 31 -5.18 1.70 1.69
CA TYR A 31 -5.47 1.44 0.29
C TYR A 31 -5.15 -0.01 -0.06
N LEU A 32 -6.10 -0.68 -0.72
CA LEU A 32 -5.90 -2.05 -1.13
C LEU A 32 -4.75 -2.11 -2.12
N LEU A 33 -3.91 -3.13 -2.02
CA LEU A 33 -2.75 -3.22 -2.91
C LEU A 33 -2.42 -4.65 -3.30
N LYS A 34 -2.25 -4.86 -4.62
CA LYS A 34 -1.91 -6.18 -5.14
C LYS A 34 -0.39 -6.37 -5.04
N TRP A 35 0.03 -7.44 -4.36
CA TRP A 35 1.44 -7.71 -4.18
C TRP A 35 1.94 -8.78 -5.15
N LYS A 36 3.06 -8.49 -5.80
CA LYS A 36 3.65 -9.40 -6.77
C LYS A 36 4.16 -10.67 -6.10
N GLY A 37 4.04 -11.79 -6.80
CA GLY A 37 4.49 -13.06 -6.28
C GLY A 37 3.50 -13.68 -5.32
N PHE A 38 3.03 -12.89 -4.35
CA PHE A 38 2.07 -13.38 -3.36
C PHE A 38 0.69 -13.52 -3.99
N SER A 39 0.00 -14.60 -3.63
CA SER A 39 -1.34 -14.86 -4.14
C SER A 39 -2.28 -13.67 -3.90
N ASP A 40 -3.17 -13.43 -4.86
CA ASP A 40 -4.12 -12.33 -4.75
C ASP A 40 -4.92 -12.41 -3.46
N GLU A 41 -5.16 -13.63 -2.99
CA GLU A 41 -5.93 -13.85 -1.77
C GLU A 41 -5.27 -13.15 -0.58
N ASP A 42 -3.95 -13.02 -0.63
CA ASP A 42 -3.20 -12.37 0.45
C ASP A 42 -3.33 -10.85 0.40
N ASN A 43 -4.55 -10.37 0.13
CA ASN A 43 -4.80 -8.92 0.07
C ASN A 43 -4.73 -8.30 1.45
N THR A 44 -4.19 -7.08 1.52
CA THR A 44 -4.09 -6.36 2.78
C THR A 44 -3.95 -4.87 2.54
N TRP A 45 -4.90 -4.11 3.11
CA TRP A 45 -4.92 -2.67 2.96
C TRP A 45 -3.88 -2.02 3.87
N GLU A 46 -2.84 -1.43 3.27
CA GLU A 46 -1.79 -0.80 4.04
C GLU A 46 -2.03 0.71 4.19
N PRO A 47 -1.63 1.28 5.33
CA PRO A 47 -1.79 2.71 5.60
C PRO A 47 -1.13 3.57 4.53
N GLU A 48 -1.84 4.59 4.07
CA GLU A 48 -1.34 5.48 3.03
C GLU A 48 0.01 6.08 3.41
N GLU A 49 0.15 6.48 4.68
CA GLU A 49 1.41 7.07 5.15
C GLU A 49 2.58 6.13 4.88
N ASN A 50 2.38 4.84 5.15
CA ASN A 50 3.41 3.84 4.94
C ASN A 50 3.72 3.69 3.46
N LEU A 51 2.69 3.77 2.62
CA LEU A 51 2.85 3.63 1.18
C LEU A 51 3.84 4.66 0.63
N ASP A 52 4.81 4.17 -0.14
CA ASP A 52 5.82 5.03 -0.74
C ASP A 52 5.61 5.08 -2.25
N CYS A 53 4.38 5.33 -2.66
CA CYS A 53 4.04 5.39 -4.08
C CYS A 53 2.86 6.32 -4.33
N PRO A 54 3.00 7.62 -4.01
CA PRO A 54 1.94 8.61 -4.20
C PRO A 54 1.44 8.64 -5.64
N ASP A 55 2.33 8.37 -6.58
CA ASP A 55 1.98 8.38 -7.99
C ASP A 55 0.86 7.38 -8.27
N LEU A 56 0.96 6.18 -7.69
CA LEU A 56 -0.05 5.16 -7.88
C LEU A 56 -1.38 5.61 -7.29
N ILE A 57 -1.33 6.22 -6.11
CA ILE A 57 -2.53 6.70 -5.45
C ILE A 57 -3.29 7.64 -6.37
N ALA A 58 -2.60 8.67 -6.85
CA ALA A 58 -3.20 9.64 -7.75
C ALA A 58 -3.79 8.94 -8.97
N GLU A 59 -3.12 7.89 -9.42
CA GLU A 59 -3.56 7.12 -10.57
C GLU A 59 -4.94 6.53 -10.35
N PHE A 60 -5.21 6.12 -9.11
CA PHE A 60 -6.50 5.51 -8.76
C PHE A 60 -7.63 6.53 -8.77
N LEU A 61 -7.45 7.64 -8.06
CA LEU A 61 -8.48 8.67 -7.98
C LEU A 61 -8.57 9.45 -9.28
N GLN A 62 -7.54 9.35 -10.10
CA GLN A 62 -7.48 10.06 -11.38
C GLN A 62 -8.65 9.67 -12.28
N SER A 63 -9.03 8.38 -12.24
CA SER A 63 -10.13 7.89 -13.06
C SER A 63 -11.47 8.21 -12.43
N GLN A 64 -11.58 7.98 -11.12
CA GLN A 64 -12.82 8.23 -10.39
C GLN A 64 -13.13 9.71 -10.26
N LYS A 65 -12.09 10.56 -10.34
CA LYS A 65 -12.30 12.00 -10.21
C LYS A 65 -13.11 12.56 -11.37
N THR A 66 -12.78 13.77 -11.82
CA THR A 66 -13.52 14.41 -12.90
C THR A 66 -15.01 14.35 -12.59
N ALA A 67 -15.28 14.25 -11.30
CA ALA A 67 -16.63 14.16 -10.75
C ALA A 67 -16.55 13.99 -9.25
N HIS A 68 -15.42 13.43 -8.79
CA HIS A 68 -15.17 13.19 -7.38
C HIS A 68 -15.23 14.48 -6.57
N GLU A 69 -16.00 14.46 -5.48
CA GLU A 69 -16.15 15.62 -4.59
C GLU A 69 -16.94 16.75 -5.24
N THR A 70 -16.86 16.87 -6.57
CA THR A 70 -17.55 17.94 -7.29
C THR A 70 -17.20 19.31 -6.72
N ASP A 71 -15.92 19.51 -6.45
CA ASP A 71 -15.44 20.78 -5.90
C ASP A 71 -13.98 21.00 -6.28
N LYS A 72 -13.16 21.38 -5.30
CA LYS A 72 -11.73 21.62 -5.54
C LYS A 72 -11.01 20.32 -5.86
N SER A 73 -9.78 20.18 -5.33
CA SER A 73 -8.98 18.98 -5.56
C SER A 73 -8.75 18.75 -7.05
N ALA B 1 15.98 3.30 -14.91
CA ALA B 1 16.83 3.79 -13.79
C ALA B 1 15.99 4.38 -12.67
N ARG B 2 14.95 5.12 -13.04
CA ARG B 2 14.05 5.73 -12.06
C ARG B 2 13.47 4.68 -11.12
N THR B 3 13.34 5.04 -9.84
CA THR B 3 12.80 4.14 -8.84
C THR B 3 11.33 3.83 -9.08
N MLY B 4 10.99 2.55 -9.09
CA MLY B 4 9.60 2.13 -9.30
CB MLY B 4 9.56 0.71 -9.86
CG MLY B 4 10.27 -0.32 -9.00
CD MLY B 4 10.35 -1.67 -9.68
CE MLY B 4 11.13 -2.67 -8.84
NZ MLY B 4 11.29 -3.98 -9.55
CH1 MLY B 4 12.44 -4.55 -9.16
CH2 MLY B 4 10.26 -4.78 -9.24
C MLY B 4 8.80 2.22 -8.01
O MLY B 4 9.32 1.98 -6.92
H MLY B 4 11.68 1.87 -8.93
HA MLY B 4 9.17 2.80 -10.03
HB2 MLY B 4 10.02 0.70 -10.83
HB3 MLY B 4 8.53 0.40 -9.96
HG2 MLY B 4 9.73 -0.42 -8.07
HG3 MLY B 4 11.28 0.04 -8.79
HD2 MLY B 4 10.85 -1.54 -10.62
HD3 MLY B 4 9.35 -2.03 -9.83
HE2 MLY B 4 10.59 -2.84 -7.92
HE3 MLY B 4 12.10 -2.27 -8.62
HH11 MLY B 4 12.85 -5.12 -9.98
HH12 MLY B 4 13.14 -3.79 -8.86
HH13 MLY B 4 12.24 -5.21 -8.32
HH21 MLY B 4 10.06 -5.45 -10.07
HH22 MLY B 4 9.37 -4.19 -9.04
HH23 MLY B 4 10.51 -5.36 -8.36
HZ1 MLY B 4 11.31 -3.83 -10.57
N GLN B 5 7.52 2.58 -8.14
CA GLN B 5 6.63 2.71 -6.99
C GLN B 5 6.68 1.48 -6.08
N THR B 6 6.72 1.72 -4.78
CA THR B 6 6.77 0.65 -3.79
C THR B 6 6.08 1.08 -2.50
N ALA B 7 5.40 0.15 -1.84
CA ALA B 7 4.70 0.44 -0.59
C ALA B 7 4.93 -0.66 0.44
N ARG B 8 5.37 -0.26 1.63
CA ARG B 8 5.62 -1.22 2.71
C ARG B 8 4.31 -1.84 3.17
N MLY B 9 4.22 -3.16 3.05
CA MLY B 9 3.02 -3.88 3.46
CB MLY B 9 2.85 -5.16 2.63
CG MLY B 9 3.98 -6.14 2.82
CD MLY B 9 3.69 -7.47 2.11
CE MLY B 9 2.43 -8.12 2.65
NZ MLY B 9 2.19 -9.49 2.09
CH1 MLY B 9 2.14 -9.44 0.74
CH2 MLY B 9 3.21 -10.31 2.47
C MLY B 9 3.04 -4.23 4.94
O MLY B 9 2.42 -5.20 5.37
H MLY B 9 4.98 -3.67 2.69
HA MLY B 9 2.17 -3.23 3.28
HB2 MLY B 9 2.79 -4.88 1.59
HB3 MLY B 9 1.92 -5.64 2.92
HG2 MLY B 9 4.12 -6.32 3.87
HG3 MLY B 9 4.89 -5.72 2.39
HD2 MLY B 9 4.53 -8.13 2.26
HD3 MLY B 9 3.57 -7.28 1.06
HE2 MLY B 9 1.59 -7.49 2.40
HE3 MLY B 9 2.51 -8.20 3.73
HH11 MLY B 9 1.19 -9.80 0.41
HH12 MLY B 9 2.28 -8.42 0.42
HH13 MLY B 9 2.93 -10.06 0.34
HH21 MLY B 9 3.29 -10.30 3.55
HH22 MLY B 9 4.13 -9.96 2.04
HH23 MLY B 9 2.99 -11.31 2.13
HZ1 MLY B 9 1.30 -9.88 2.45
N SER B 10 3.75 -3.43 5.72
CA SER B 10 3.86 -3.66 7.16
C SER B 10 4.19 -5.12 7.47
N THR B 11 5.15 -5.66 6.73
CA THR B 11 5.56 -7.06 6.90
C THR B 11 6.08 -7.31 8.32
N GLY B 12 7.07 -6.52 8.73
CA GLY B 12 7.63 -6.68 10.06
C GLY B 12 8.08 -8.11 10.32
N GLY B 13 7.89 -8.58 11.56
CA GLY B 13 8.29 -9.93 11.91
C GLY B 13 9.73 -10.23 11.54
N LYS B 14 9.93 -11.36 10.86
CA LYS B 14 11.26 -11.78 10.44
C LYS B 14 11.17 -12.91 9.42
N ALA B 15 12.00 -12.82 8.38
CA ALA B 15 12.01 -13.83 7.33
C ALA B 15 12.36 -15.21 7.89
N PRO B 16 11.63 -16.26 7.45
CA PRO B 16 11.86 -17.63 7.92
C PRO B 16 13.24 -18.15 7.52
N GLY B 17 13.63 -17.90 6.27
CA GLY B 17 14.92 -18.34 5.79
C GLY B 17 15.04 -19.84 5.76
N GLY B 18 16.18 -20.36 6.19
CA GLY B 18 16.41 -21.79 6.21
C GLY B 18 17.81 -22.15 6.68
N HIS A 1 -2.64 -9.28 24.78
CA HIS A 1 -2.91 -10.73 24.86
C HIS A 1 -2.35 -11.46 23.64
N MET A 2 -3.11 -12.43 23.12
CA MET A 2 -2.70 -13.19 21.95
C MET A 2 -1.34 -13.86 22.19
N VAL A 3 -0.43 -13.75 21.23
CA VAL A 3 0.90 -14.34 21.35
C VAL A 3 1.83 -13.82 20.26
N GLU A 4 1.29 -13.69 19.04
CA GLU A 4 2.06 -13.21 17.90
C GLU A 4 3.20 -14.16 17.55
N GLU A 5 3.34 -14.44 16.24
CA GLU A 5 4.39 -15.32 15.75
C GLU A 5 4.38 -15.34 14.22
N VAL A 6 4.12 -14.18 13.63
CA VAL A 6 4.08 -14.04 12.18
C VAL A 6 5.48 -13.97 11.58
N LEU A 7 5.67 -14.62 10.46
CA LEU A 7 6.97 -14.63 9.77
C LEU A 7 7.35 -13.21 9.36
N GLU A 8 8.60 -12.84 9.61
CA GLU A 8 9.10 -11.50 9.27
C GLU A 8 8.39 -10.43 10.09
N GLU A 9 9.12 -9.36 10.41
CA GLU A 9 8.57 -8.27 11.20
C GLU A 9 9.20 -6.94 10.80
N GLU A 10 10.51 -6.97 10.55
CA GLU A 10 11.24 -5.78 10.16
C GLU A 10 10.62 -5.14 8.92
N GLU A 11 10.52 -3.82 8.91
CA GLU A 11 9.94 -3.09 7.78
C GLU A 11 10.66 -3.44 6.49
N GLU A 12 9.89 -3.70 5.44
CA GLU A 12 10.44 -4.04 4.12
C GLU A 12 9.53 -3.56 3.00
N GLU A 13 10.14 -2.92 2.00
CA GLU A 13 9.39 -2.40 0.86
C GLU A 13 9.07 -3.51 -0.14
N TYR A 14 7.83 -3.52 -0.63
CA TYR A 14 7.40 -4.52 -1.60
C TYR A 14 6.81 -3.86 -2.85
N VAL A 15 7.14 -4.41 -4.01
CA VAL A 15 6.66 -3.88 -5.28
C VAL A 15 5.13 -3.88 -5.35
N VAL A 16 4.56 -2.87 -5.99
CA VAL A 16 3.11 -2.76 -6.13
C VAL A 16 2.73 -2.18 -7.49
N GLU A 17 1.76 -2.83 -8.15
CA GLU A 17 1.30 -2.40 -9.47
C GLU A 17 0.37 -1.20 -9.38
N LYS A 18 -0.70 -1.33 -8.59
CA LYS A 18 -1.68 -0.24 -8.45
C LYS A 18 -2.70 -0.56 -7.36
N VAL A 19 -3.16 0.48 -6.67
CA VAL A 19 -4.14 0.30 -5.61
C VAL A 19 -5.49 -0.13 -6.16
N LEU A 20 -6.10 -1.09 -5.49
CA LEU A 20 -7.40 -1.59 -5.89
C LEU A 20 -8.51 -0.70 -5.35
N ASP A 21 -8.23 0.04 -4.26
CA ASP A 21 -9.26 0.92 -3.68
C ASP A 21 -8.74 1.66 -2.45
N ARG A 22 -9.64 1.95 -1.50
CA ARG A 22 -9.29 2.66 -0.28
C ARG A 22 -10.44 2.60 0.72
N ARG A 23 -10.11 2.47 2.01
CA ARG A 23 -11.12 2.41 3.05
C ARG A 23 -10.56 2.87 4.39
N VAL A 24 -11.25 3.80 5.04
CA VAL A 24 -10.81 4.31 6.33
C VAL A 24 -11.13 3.34 7.47
N VAL A 25 -10.20 3.26 8.41
CA VAL A 25 -10.35 2.40 9.58
C VAL A 25 -9.67 3.06 10.76
N LYS A 26 -10.34 3.05 11.91
CA LYS A 26 -9.81 3.67 13.13
C LYS A 26 -9.21 5.04 12.81
N GLY A 27 -9.85 5.77 11.90
CA GLY A 27 -9.39 7.10 11.55
C GLY A 27 -8.37 7.10 10.41
N LYS A 28 -7.55 6.06 10.34
CA LYS A 28 -6.52 5.97 9.30
C LYS A 28 -7.03 5.26 8.06
N VAL A 29 -6.78 5.88 6.90
CA VAL A 29 -7.20 5.32 5.63
C VAL A 29 -6.22 4.26 5.13
N GLU A 30 -6.75 3.20 4.54
CA GLU A 30 -5.92 2.12 4.01
C GLU A 30 -6.30 1.80 2.57
N TYR A 31 -5.31 1.81 1.69
CA TYR A 31 -5.52 1.51 0.29
C TYR A 31 -5.13 0.08 -0.04
N LEU A 32 -5.88 -0.54 -0.93
CA LEU A 32 -5.61 -1.91 -1.34
C LEU A 32 -4.52 -1.92 -2.42
N LEU A 33 -3.63 -2.90 -2.38
CA LEU A 33 -2.55 -2.96 -3.37
C LEU A 33 -2.38 -4.37 -3.93
N LYS A 34 -2.30 -4.45 -5.27
CA LYS A 34 -2.13 -5.73 -5.95
C LYS A 34 -0.69 -6.20 -5.84
N TRP A 35 -0.30 -6.66 -4.65
CA TRP A 35 1.06 -7.13 -4.40
C TRP A 35 1.47 -8.22 -5.39
N LYS A 36 2.58 -7.97 -6.08
CA LYS A 36 3.11 -8.89 -7.07
C LYS A 36 3.55 -10.21 -6.42
N GLY A 37 3.30 -11.31 -7.12
CA GLY A 37 3.68 -12.61 -6.61
C GLY A 37 2.70 -13.12 -5.57
N PHE A 38 2.30 -12.24 -4.66
CA PHE A 38 1.37 -12.60 -3.60
C PHE A 38 -0.03 -12.87 -4.17
N SER A 39 -0.67 -13.92 -3.67
CA SER A 39 -2.00 -14.30 -4.13
C SER A 39 -2.99 -13.14 -3.96
N ASP A 40 -4.02 -13.13 -4.80
CA ASP A 40 -5.04 -12.08 -4.75
C ASP A 40 -5.58 -11.92 -3.33
N GLU A 41 -5.88 -13.05 -2.70
CA GLU A 41 -6.40 -13.04 -1.33
C GLU A 41 -5.36 -12.45 -0.38
N ASP A 42 -4.10 -12.72 -0.68
CA ASP A 42 -2.99 -12.23 0.15
C ASP A 42 -2.94 -10.71 0.18
N ASN A 43 -3.48 -10.06 -0.86
CA ASN A 43 -3.48 -8.61 -0.93
C ASN A 43 -3.84 -8.00 0.42
N THR A 44 -3.11 -6.97 0.80
CA THR A 44 -3.33 -6.31 2.08
C THR A 44 -3.39 -4.79 1.90
N TRP A 45 -4.22 -4.14 2.72
CA TRP A 45 -4.36 -2.69 2.65
C TRP A 45 -3.36 -2.00 3.56
N GLU A 46 -2.55 -1.13 2.97
CA GLU A 46 -1.53 -0.40 3.73
C GLU A 46 -1.93 1.06 3.92
N PRO A 47 -1.46 1.70 5.02
CA PRO A 47 -1.76 3.10 5.28
C PRO A 47 -1.33 3.99 4.13
N GLU A 48 -2.21 4.90 3.71
CA GLU A 48 -1.91 5.81 2.61
C GLU A 48 -0.61 6.56 2.88
N GLU A 49 -0.41 6.96 4.12
CA GLU A 49 0.80 7.70 4.50
C GLU A 49 2.05 6.82 4.34
N ASN A 50 1.95 5.57 4.79
CA ASN A 50 3.07 4.64 4.71
C ASN A 50 3.44 4.34 3.26
N LEU A 51 2.44 4.33 2.38
CA LEU A 51 2.67 4.03 0.96
C LEU A 51 3.76 4.92 0.36
N ASP A 52 4.72 4.27 -0.29
CA ASP A 52 5.81 4.99 -0.95
C ASP A 52 5.62 4.90 -2.46
N CYS A 53 4.38 5.13 -2.88
CA CYS A 53 4.03 5.07 -4.30
C CYS A 53 2.88 6.03 -4.61
N PRO A 54 3.09 7.34 -4.39
CA PRO A 54 2.06 8.36 -4.66
C PRO A 54 1.47 8.24 -6.05
N ASP A 55 2.26 7.73 -6.99
CA ASP A 55 1.82 7.57 -8.37
C ASP A 55 0.57 6.70 -8.46
N LEU A 56 0.57 5.58 -7.75
CA LEU A 56 -0.57 4.67 -7.76
C LEU A 56 -1.79 5.30 -7.10
N ILE A 57 -1.59 5.91 -5.93
CA ILE A 57 -2.67 6.55 -5.22
C ILE A 57 -3.35 7.58 -6.12
N ALA A 58 -2.54 8.29 -6.89
CA ALA A 58 -3.06 9.29 -7.82
C ALA A 58 -3.82 8.62 -8.96
N GLU A 59 -3.30 7.48 -9.41
CA GLU A 59 -3.92 6.73 -10.50
C GLU A 59 -5.34 6.30 -10.14
N PHE A 60 -5.52 5.83 -8.90
CA PHE A 60 -6.81 5.38 -8.42
C PHE A 60 -7.88 6.46 -8.57
N LEU A 61 -7.61 7.64 -8.02
CA LEU A 61 -8.54 8.76 -8.10
C LEU A 61 -8.65 9.24 -9.54
N GLN A 62 -7.52 9.21 -10.23
CA GLN A 62 -7.47 9.61 -11.63
C GLN A 62 -8.47 8.80 -12.44
N SER A 63 -8.59 7.52 -12.06
CA SER A 63 -9.51 6.61 -12.73
C SER A 63 -10.96 7.02 -12.50
N GLN A 64 -11.27 7.32 -11.24
CA GLN A 64 -12.63 7.72 -10.86
C GLN A 64 -12.96 9.15 -11.27
N LYS A 65 -12.33 9.62 -12.35
CA LYS A 65 -12.61 10.98 -12.84
C LYS A 65 -13.87 10.97 -13.69
N THR A 66 -14.83 11.83 -13.35
CA THR A 66 -16.08 11.90 -14.08
C THR A 66 -16.75 10.53 -14.11
N ALA A 67 -16.55 9.77 -13.03
CA ALA A 67 -17.13 8.44 -12.90
C ALA A 67 -16.76 7.55 -14.10
N HIS A 68 -15.51 7.66 -14.54
CA HIS A 68 -15.00 6.87 -15.67
C HIS A 68 -15.58 7.36 -17.00
N GLU A 69 -16.86 7.75 -17.00
CA GLU A 69 -17.52 8.23 -18.21
C GLU A 69 -16.74 9.38 -18.84
N THR A 70 -16.62 9.34 -20.17
CA THR A 70 -15.90 10.37 -20.90
C THR A 70 -16.55 10.62 -22.27
N ASP A 71 -17.87 10.69 -22.27
CA ASP A 71 -18.63 10.93 -23.50
C ASP A 71 -18.30 12.30 -24.07
N LYS A 72 -18.23 13.30 -23.20
CA LYS A 72 -17.92 14.66 -23.62
C LYS A 72 -17.71 15.56 -22.40
N SER A 73 -16.92 15.08 -21.44
CA SER A 73 -16.63 15.83 -20.22
C SER A 73 -17.91 16.16 -19.48
N ALA B 1 19.61 4.28 -4.66
CA ALA B 1 18.20 4.74 -4.69
C ALA B 1 17.28 3.66 -5.26
N ARG B 2 16.16 3.42 -4.58
CA ARG B 2 15.20 2.41 -5.01
C ARG B 2 14.59 2.78 -6.36
N THR B 3 14.12 4.03 -6.46
CA THR B 3 13.51 4.52 -7.70
C THR B 3 12.47 3.54 -8.23
N MLY B 4 11.57 3.10 -7.36
CA MLY B 4 10.52 2.16 -7.75
CB MLY B 4 11.12 0.77 -7.93
CG MLY B 4 10.13 -0.25 -8.49
CD MLY B 4 10.80 -1.58 -8.77
CE MLY B 4 9.84 -2.57 -9.43
NZ MLY B 4 10.51 -3.85 -9.77
CH1 MLY B 4 9.62 -4.85 -9.74
CH2 MLY B 4 11.03 -3.76 -11.01
C MLY B 4 9.41 2.13 -6.70
O MLY B 4 9.68 2.12 -5.50
H MLY B 4 11.61 3.42 -6.44
HA MLY B 4 10.11 2.50 -8.69
HB2 MLY B 4 11.46 0.41 -6.97
HB3 MLY B 4 11.95 0.83 -8.60
HG2 MLY B 4 9.71 0.14 -9.41
HG3 MLY B 4 9.34 -0.40 -7.78
HD2 MLY B 4 11.16 -2.00 -7.84
HD3 MLY B 4 11.64 -1.41 -9.43
HE2 MLY B 4 9.45 -2.12 -10.33
HE3 MLY B 4 9.03 -2.77 -8.74
HH11 MLY B 4 9.82 -5.54 -10.53
HH12 MLY B 4 9.68 -5.36 -8.78
HH13 MLY B 4 8.62 -4.44 -9.86
HH21 MLY B 4 11.61 -2.86 -11.10
HH22 MLY B 4 10.21 -3.74 -11.73
HH23 MLY B 4 11.65 -4.62 -11.21
HZ1 MLY B 4 11.28 -4.06 -9.10
N GLN B 5 8.16 2.14 -7.17
CA GLN B 5 7.01 2.14 -6.28
C GLN B 5 6.99 0.91 -5.38
N THR B 6 6.84 1.15 -4.09
CA THR B 6 6.79 0.09 -3.08
C THR B 6 6.08 0.58 -1.83
N ALA B 7 5.46 -0.34 -1.09
CA ALA B 7 4.75 0.02 0.12
C ALA B 7 4.82 -1.10 1.15
N ARG B 8 5.18 -0.74 2.38
CA ARG B 8 5.29 -1.71 3.47
C ARG B 8 3.92 -2.03 4.06
N MLY B 9 3.69 -3.30 4.39
CA MLY B 9 2.42 -3.71 4.98
CB MLY B 9 2.48 -5.18 5.43
CG MLY B 9 2.55 -6.19 4.29
CD MLY B 9 3.87 -6.13 3.54
CE MLY B 9 3.99 -7.26 2.53
NZ MLY B 9 2.90 -7.22 1.51
CH1 MLY B 9 3.44 -7.30 0.28
CH2 MLY B 9 2.08 -8.26 1.69
C MLY B 9 2.06 -2.83 6.16
O MLY B 9 0.94 -2.33 6.27
H MLY B 9 4.40 -3.96 4.25
HA MLY B 9 1.66 -3.61 4.21
HB2 MLY B 9 1.61 -5.39 6.01
HB3 MLY B 9 3.35 -5.31 6.05
HG2 MLY B 9 1.75 -5.99 3.59
HG3 MLY B 9 2.42 -7.19 4.70
HD2 MLY B 9 4.68 -6.21 4.25
HD3 MLY B 9 3.93 -5.19 3.02
HE2 MLY B 9 3.94 -8.20 3.06
HE3 MLY B 9 4.94 -7.18 2.03
HH11 MLY B 9 2.88 -8.01 -0.32
HH12 MLY B 9 3.42 -6.33 -0.19
HH13 MLY B 9 4.47 -7.64 0.36
HH21 MLY B 9 1.59 -8.51 0.76
HH22 MLY B 9 1.33 -8.01 2.43
HH23 MLY B 9 2.64 -9.11 2.04
HZ1 MLY B 9 2.37 -6.34 1.59
N SER B 10 3.03 -2.62 7.04
CA SER B 10 2.85 -1.80 8.23
C SER B 10 4.15 -1.77 9.03
N THR B 11 4.53 -0.58 9.50
CA THR B 11 5.76 -0.42 10.28
C THR B 11 5.81 -1.41 11.44
N GLY B 12 6.84 -2.25 11.43
CA GLY B 12 7.00 -3.24 12.48
C GLY B 12 7.26 -2.60 13.84
N GLY B 13 6.59 -3.11 14.87
CA GLY B 13 6.77 -2.58 16.20
C GLY B 13 6.29 -1.14 16.32
N LYS B 14 7.18 -0.26 16.74
CA LYS B 14 6.85 1.15 16.88
C LYS B 14 8.10 2.01 17.00
N ALA B 15 9.06 1.77 16.10
CA ALA B 15 10.32 2.50 16.09
C ALA B 15 10.06 4.01 15.99
N PRO B 16 10.82 4.82 16.77
CA PRO B 16 10.66 6.28 16.76
C PRO B 16 10.76 6.87 15.36
N GLY B 17 9.86 7.81 15.07
CA GLY B 17 9.85 8.45 13.77
C GLY B 17 8.79 9.52 13.65
N GLY B 18 9.17 10.69 13.13
CA GLY B 18 8.23 11.78 12.99
C GLY B 18 7.11 11.47 12.00
N HIS A 1 13.50 -21.05 -6.56
CA HIS A 1 12.26 -21.86 -6.47
C HIS A 1 11.33 -21.33 -5.38
N MET A 2 10.68 -22.24 -4.65
CA MET A 2 9.78 -21.85 -3.57
C MET A 2 10.52 -21.10 -2.48
N VAL A 3 10.03 -19.90 -2.15
CA VAL A 3 10.65 -19.08 -1.12
C VAL A 3 10.28 -19.56 0.28
N GLU A 4 11.25 -19.54 1.19
CA GLU A 4 11.02 -19.96 2.57
C GLU A 4 12.22 -19.62 3.44
N GLU A 5 11.99 -18.81 4.47
CA GLU A 5 13.05 -18.41 5.38
C GLU A 5 12.48 -17.47 6.45
N VAL A 6 11.55 -16.61 6.04
CA VAL A 6 10.93 -15.65 6.95
C VAL A 6 11.92 -14.59 7.40
N LEU A 7 11.55 -13.32 7.21
CA LEU A 7 12.41 -12.20 7.59
C LEU A 7 11.68 -10.87 7.36
N GLU A 8 10.48 -10.78 7.91
CA GLU A 8 9.66 -9.58 7.77
C GLU A 8 10.40 -8.33 8.24
N GLU A 9 11.08 -8.44 9.38
CA GLU A 9 11.83 -7.32 9.95
C GLU A 9 10.94 -6.09 10.10
N GLU A 10 11.52 -4.90 9.92
CA GLU A 10 10.77 -3.66 10.04
C GLU A 10 10.11 -3.29 8.70
N GLU A 11 10.06 -2.00 8.40
CA GLU A 11 9.46 -1.52 7.16
C GLU A 11 10.32 -1.89 5.96
N GLU A 12 9.67 -2.23 4.85
CA GLU A 12 10.38 -2.60 3.62
C GLU A 12 9.61 -2.13 2.39
N GLU A 13 10.35 -1.58 1.43
CA GLU A 13 9.77 -1.08 0.19
C GLU A 13 9.37 -2.21 -0.77
N TYR A 14 8.36 -2.99 -0.37
CA TYR A 14 7.87 -4.09 -1.20
C TYR A 14 7.30 -3.55 -2.52
N VAL A 15 7.58 -4.26 -3.61
CA VAL A 15 7.11 -3.87 -4.94
C VAL A 15 5.58 -3.79 -4.98
N VAL A 16 5.06 -2.82 -5.73
CA VAL A 16 3.62 -2.64 -5.88
C VAL A 16 3.27 -2.38 -7.34
N GLU A 17 2.36 -3.20 -7.87
CA GLU A 17 1.95 -3.07 -9.26
C GLU A 17 0.95 -1.92 -9.46
N LYS A 18 -0.06 -1.86 -8.60
CA LYS A 18 -1.08 -0.82 -8.70
C LYS A 18 -2.08 -0.90 -7.56
N VAL A 19 -2.43 0.28 -7.05
CA VAL A 19 -3.38 0.39 -5.96
C VAL A 19 -4.72 -0.22 -6.36
N LEU A 20 -5.27 -1.06 -5.50
CA LEU A 20 -6.54 -1.69 -5.76
C LEU A 20 -7.70 -0.83 -5.24
N ASP A 21 -7.52 -0.19 -4.09
CA ASP A 21 -8.58 0.66 -3.54
C ASP A 21 -8.11 1.38 -2.27
N ARG A 22 -9.07 1.80 -1.43
CA ARG A 22 -8.77 2.50 -0.19
C ARG A 22 -10.03 2.61 0.68
N ARG A 23 -9.85 2.53 1.99
CA ARG A 23 -10.98 2.63 2.91
C ARG A 23 -10.51 3.13 4.29
N VAL A 24 -11.19 4.14 4.81
CA VAL A 24 -10.86 4.71 6.12
C VAL A 24 -11.29 3.77 7.24
N VAL A 25 -10.41 3.59 8.22
CA VAL A 25 -10.71 2.71 9.35
C VAL A 25 -11.39 3.49 10.46
N LYS A 26 -10.89 4.69 10.73
CA LYS A 26 -11.43 5.56 11.77
C LYS A 26 -10.81 6.94 11.67
N GLY A 27 -9.71 7.03 10.93
CA GLY A 27 -9.00 8.28 10.75
C GLY A 27 -8.00 8.21 9.62
N LYS A 28 -7.36 7.05 9.48
CA LYS A 28 -6.38 6.85 8.43
C LYS A 28 -7.04 6.35 7.16
N VAL A 29 -6.25 5.74 6.28
CA VAL A 29 -6.79 5.20 5.03
C VAL A 29 -5.97 3.99 4.58
N GLU A 30 -6.57 2.80 4.66
CA GLU A 30 -5.88 1.60 4.23
C GLU A 30 -6.14 1.36 2.74
N TYR A 31 -5.06 1.22 1.97
CA TYR A 31 -5.17 1.00 0.53
C TYR A 31 -4.86 -0.43 0.14
N LEU A 32 -5.76 -1.02 -0.63
CA LEU A 32 -5.57 -2.38 -1.11
C LEU A 32 -4.46 -2.37 -2.17
N LEU A 33 -3.66 -3.44 -2.22
CA LEU A 33 -2.57 -3.48 -3.19
C LEU A 33 -2.35 -4.89 -3.75
N LYS A 34 -2.22 -4.97 -5.07
CA LYS A 34 -1.99 -6.23 -5.75
C LYS A 34 -0.50 -6.58 -5.72
N TRP A 35 0.02 -6.84 -4.52
CA TRP A 35 1.43 -7.17 -4.35
C TRP A 35 1.88 -8.21 -5.37
N LYS A 36 3.02 -7.95 -6.01
CA LYS A 36 3.57 -8.85 -7.00
C LYS A 36 3.92 -10.21 -6.39
N GLY A 37 3.64 -11.27 -7.13
CA GLY A 37 3.92 -12.60 -6.64
C GLY A 37 2.84 -13.08 -5.69
N PHE A 38 2.35 -12.17 -4.85
CA PHE A 38 1.31 -12.50 -3.89
C PHE A 38 -0.03 -12.72 -4.57
N SER A 39 -0.71 -13.81 -4.20
CA SER A 39 -2.00 -14.14 -4.77
C SER A 39 -3.05 -13.11 -4.38
N ASP A 40 -4.17 -13.09 -5.09
CA ASP A 40 -5.25 -12.15 -4.82
C ASP A 40 -5.64 -12.18 -3.34
N GLU A 41 -5.71 -13.38 -2.77
CA GLU A 41 -6.08 -13.55 -1.37
C GLU A 41 -5.03 -12.90 -0.47
N ASP A 42 -3.76 -13.00 -0.87
CA ASP A 42 -2.66 -12.43 -0.10
C ASP A 42 -2.81 -10.92 0.09
N ASN A 43 -3.46 -10.27 -0.87
CA ASN A 43 -3.66 -8.82 -0.80
C ASN A 43 -4.17 -8.39 0.57
N THR A 44 -3.76 -7.21 1.02
CA THR A 44 -4.17 -6.69 2.32
C THR A 44 -4.12 -5.17 2.33
N TRP A 45 -5.03 -4.56 3.08
CA TRP A 45 -5.11 -3.11 3.18
C TRP A 45 -4.21 -2.63 4.33
N GLU A 46 -3.60 -1.46 4.15
CA GLU A 46 -2.72 -0.90 5.17
C GLU A 46 -2.70 0.62 5.11
N PRO A 47 -2.46 1.29 6.26
CA PRO A 47 -2.41 2.76 6.35
C PRO A 47 -1.55 3.37 5.25
N GLU A 48 -2.07 4.44 4.65
CA GLU A 48 -1.37 5.14 3.58
C GLU A 48 -0.03 5.68 4.05
N GLU A 49 0.05 6.06 5.32
CA GLU A 49 1.26 6.61 5.90
C GLU A 49 2.49 5.78 5.50
N ASN A 50 2.40 4.47 5.73
CA ASN A 50 3.49 3.56 5.39
C ASN A 50 3.67 3.48 3.88
N LEU A 51 2.56 3.48 3.16
CA LEU A 51 2.58 3.37 1.71
C LEU A 51 3.38 4.49 1.07
N ASP A 52 4.33 4.10 0.22
CA ASP A 52 5.17 5.05 -0.49
C ASP A 52 4.83 5.01 -1.98
N CYS A 53 3.54 5.05 -2.27
CA CYS A 53 3.06 5.00 -3.66
C CYS A 53 2.19 6.21 -4.00
N PRO A 54 2.71 7.44 -3.84
CA PRO A 54 1.97 8.66 -4.15
C PRO A 54 1.55 8.71 -5.61
N ASP A 55 2.42 8.20 -6.48
CA ASP A 55 2.15 8.18 -7.91
C ASP A 55 0.96 7.29 -8.25
N LEU A 56 0.95 6.08 -7.69
CA LEU A 56 -0.15 5.15 -7.95
C LEU A 56 -1.45 5.65 -7.34
N ILE A 57 -1.37 6.19 -6.12
CA ILE A 57 -2.55 6.72 -5.45
C ILE A 57 -3.23 7.76 -6.33
N ALA A 58 -2.42 8.61 -6.96
CA ALA A 58 -2.93 9.65 -7.84
C ALA A 58 -3.66 9.01 -9.02
N GLU A 59 -3.02 8.01 -9.63
CA GLU A 59 -3.59 7.31 -10.76
C GLU A 59 -4.91 6.65 -10.38
N PHE A 60 -4.97 6.14 -9.16
CA PHE A 60 -6.16 5.49 -8.64
C PHE A 60 -7.34 6.46 -8.57
N LEU A 61 -7.10 7.63 -7.99
CA LEU A 61 -8.14 8.64 -7.85
C LEU A 61 -8.62 9.16 -9.19
N GLN A 62 -7.71 9.24 -10.16
CA GLN A 62 -8.06 9.73 -11.49
C GLN A 62 -9.27 8.98 -12.05
N SER A 63 -9.35 7.69 -11.72
CA SER A 63 -10.47 6.87 -12.19
C SER A 63 -11.80 7.48 -11.77
N GLN A 64 -11.92 7.78 -10.48
CA GLN A 64 -13.14 8.39 -9.95
C GLN A 64 -13.04 9.91 -9.96
N LYS A 65 -13.85 10.55 -10.81
CA LYS A 65 -13.84 12.00 -10.93
C LYS A 65 -14.87 12.47 -11.95
N THR A 66 -15.76 13.38 -11.52
CA THR A 66 -16.80 13.92 -12.39
C THR A 66 -17.49 12.81 -13.17
N ALA A 67 -17.57 11.64 -12.54
CA ALA A 67 -18.21 10.47 -13.15
C ALA A 67 -18.12 9.27 -12.22
N HIS A 68 -16.94 9.08 -11.64
CA HIS A 68 -16.70 7.98 -10.72
C HIS A 68 -16.98 6.63 -11.40
N GLU A 69 -17.79 5.79 -10.77
CA GLU A 69 -18.12 4.48 -11.32
C GLU A 69 -19.34 3.89 -10.61
N THR A 70 -19.33 3.97 -9.28
CA THR A 70 -20.43 3.44 -8.48
C THR A 70 -21.71 4.24 -8.73
N ASP A 71 -21.58 5.57 -8.68
CA ASP A 71 -22.71 6.46 -8.90
C ASP A 71 -23.84 6.14 -7.91
N LYS A 72 -25.07 6.05 -8.42
CA LYS A 72 -26.23 5.75 -7.58
C LYS A 72 -27.48 5.59 -8.44
N SER A 73 -27.69 6.54 -9.34
CA SER A 73 -28.83 6.52 -10.25
C SER A 73 -30.15 6.47 -9.46
N ALA B 1 6.38 2.12 -18.02
CA ALA B 1 7.45 2.79 -17.22
C ALA B 1 8.33 1.76 -16.52
N ARG B 2 9.64 1.95 -16.62
CA ARG B 2 10.60 1.05 -16.00
C ARG B 2 10.49 1.10 -14.47
N THR B 3 10.46 2.32 -13.94
CA THR B 3 10.35 2.50 -12.49
C THR B 3 9.01 2.01 -11.97
N MLY B 4 9.05 1.12 -10.99
CA MLY B 4 7.84 0.56 -10.40
CB MLY B 4 8.12 -0.85 -9.86
CG MLY B 4 8.63 -1.82 -10.90
CD MLY B 4 8.93 -3.18 -10.28
CE MLY B 4 9.49 -4.15 -11.30
NZ MLY B 4 10.75 -3.65 -11.93
CH1 MLY B 4 11.80 -3.97 -11.15
CH2 MLY B 4 10.89 -4.20 -13.14
C MLY B 4 7.33 1.47 -9.27
O MLY B 4 7.18 2.67 -9.44
H MLY B 4 9.93 0.81 -10.65
HA MLY B 4 7.10 0.50 -11.17
HB2 MLY B 4 7.20 -1.24 -9.44
HB3 MLY B 4 8.85 -0.78 -9.07
HG2 MLY B 4 9.54 -1.42 -11.33
HG3 MLY B 4 7.88 -1.94 -11.66
HD2 MLY B 4 8.02 -3.58 -9.88
HD3 MLY B 4 9.66 -3.05 -9.49
HE2 MLY B 4 8.75 -4.30 -12.07
HE3 MLY B 4 9.69 -5.09 -10.81
HH11 MLY B 4 11.45 -4.20 -10.15
HH12 MLY B 4 12.30 -4.84 -11.57
HH13 MLY B 4 12.48 -3.14 -11.11
HH21 MLY B 4 11.61 -3.64 -13.71
HH22 MLY B 4 9.94 -4.20 -13.66
HH23 MLY B 4 11.24 -5.22 -13.03
HZ1 MLY B 4 10.71 -2.61 -12.03
N GLN B 5 7.05 0.85 -8.12
CA GLN B 5 6.56 1.59 -6.96
C GLN B 5 6.62 0.69 -5.72
N THR B 6 6.82 1.28 -4.55
CA THR B 6 6.94 0.48 -3.32
C THR B 6 6.08 1.04 -2.18
N ALA B 7 5.71 0.15 -1.26
CA ALA B 7 4.90 0.52 -0.11
C ALA B 7 4.99 -0.54 0.99
N ARG B 8 5.23 -0.12 2.23
CA ARG B 8 5.34 -1.04 3.35
C ARG B 8 4.01 -1.74 3.63
N MLY B 9 4.07 -3.05 3.86
CA MLY B 9 2.86 -3.82 4.15
CB MLY B 9 3.06 -5.29 3.78
CG MLY B 9 4.25 -5.95 4.46
CD MLY B 9 4.26 -7.46 4.28
CE MLY B 9 4.45 -7.86 2.82
NZ MLY B 9 3.22 -7.68 2.01
CH1 MLY B 9 3.53 -7.77 0.70
CH2 MLY B 9 2.34 -8.65 2.31
C MLY B 9 2.46 -3.70 5.62
O MLY B 9 2.12 -4.69 6.26
H MLY B 9 4.94 -3.50 3.86
HA MLY B 9 2.06 -3.41 3.55
HB2 MLY B 9 3.20 -5.36 2.71
HB3 MLY B 9 2.17 -5.84 4.05
HG2 MLY B 9 4.21 -5.72 5.52
HG3 MLY B 9 5.16 -5.53 4.05
HD2 MLY B 9 3.33 -7.86 4.63
HD3 MLY B 9 5.08 -7.87 4.86
HE2 MLY B 9 4.75 -8.90 2.78
HE3 MLY B 9 5.24 -7.26 2.39
HH11 MLY B 9 3.82 -8.79 0.47
HH12 MLY B 9 2.67 -7.49 0.10
HH13 MLY B 9 4.36 -7.11 0.48
HH21 MLY B 9 1.99 -9.12 1.41
HH22 MLY B 9 1.49 -8.22 2.84
HH23 MLY B 9 2.81 -9.39 2.94
HZ1 MLY B 9 2.79 -6.76 2.18
N SER B 10 2.50 -2.47 6.14
CA SER B 10 2.14 -2.20 7.53
C SER B 10 2.91 -3.10 8.50
N THR B 11 4.21 -3.27 8.25
CA THR B 11 5.05 -4.10 9.10
C THR B 11 5.32 -3.42 10.44
N GLY B 12 5.81 -2.18 10.39
CA GLY B 12 6.10 -1.44 11.60
C GLY B 12 7.28 -2.01 12.37
N GLY B 13 8.20 -1.14 12.77
CA GLY B 13 9.37 -1.59 13.50
C GLY B 13 10.38 -0.48 13.72
N LYS B 14 9.95 0.61 14.35
CA LYS B 14 10.83 1.73 14.61
C LYS B 14 10.35 2.53 15.82
N ALA B 15 10.08 1.83 16.91
CA ALA B 15 9.61 2.47 18.15
C ALA B 15 8.37 3.34 17.89
N PRO B 16 7.29 2.75 17.37
CA PRO B 16 6.05 3.49 17.09
C PRO B 16 5.50 4.19 18.33
N GLY B 17 5.10 5.45 18.16
CA GLY B 17 4.56 6.23 19.27
C GLY B 17 3.22 5.72 19.74
N GLY B 18 2.29 6.64 19.98
CA GLY B 18 0.97 6.26 20.43
C GLY B 18 0.06 7.46 20.65
N HIS A 1 -4.51 4.74 22.62
CA HIS A 1 -3.35 3.83 22.76
C HIS A 1 -2.05 4.59 23.04
N MET A 2 -2.00 5.85 22.58
CA MET A 2 -0.83 6.71 22.77
C MET A 2 0.47 5.94 22.58
N VAL A 3 0.53 5.16 21.50
CA VAL A 3 1.73 4.38 21.19
C VAL A 3 2.94 5.27 21.00
N GLU A 4 2.77 6.32 20.20
CA GLU A 4 3.86 7.26 19.91
C GLU A 4 5.07 6.52 19.34
N GLU A 5 4.81 5.68 18.34
CA GLU A 5 5.86 4.92 17.68
C GLU A 5 6.93 5.82 17.08
N VAL A 6 8.19 5.42 17.22
CA VAL A 6 9.30 6.20 16.69
C VAL A 6 9.19 6.35 15.17
N LEU A 7 9.39 7.56 14.68
CA LEU A 7 9.32 7.84 13.25
C LEU A 7 10.64 7.48 12.56
N GLU A 8 11.18 6.31 12.90
CA GLU A 8 12.43 5.84 12.32
C GLU A 8 12.25 5.50 10.84
N GLU A 9 12.81 4.35 10.42
CA GLU A 9 12.70 3.93 9.03
C GLU A 9 12.99 2.44 8.91
N GLU A 10 12.54 1.67 9.89
CA GLU A 10 12.73 0.23 9.90
C GLU A 10 11.83 -0.45 8.87
N GLU A 11 10.68 0.17 8.61
CA GLU A 11 9.72 -0.36 7.65
C GLU A 11 10.38 -0.73 6.33
N GLU A 12 10.15 -1.96 5.88
CA GLU A 12 10.72 -2.45 4.62
C GLU A 12 9.81 -2.16 3.44
N GLU A 13 10.40 -1.72 2.33
CA GLU A 13 9.65 -1.42 1.13
C GLU A 13 9.30 -2.70 0.35
N TYR A 14 8.06 -2.78 -0.12
CA TYR A 14 7.60 -3.94 -0.88
C TYR A 14 7.08 -3.53 -2.25
N VAL A 15 7.45 -4.30 -3.27
CA VAL A 15 7.04 -4.03 -4.65
C VAL A 15 5.51 -3.91 -4.77
N VAL A 16 5.07 -2.97 -5.59
CA VAL A 16 3.64 -2.74 -5.82
C VAL A 16 3.38 -2.44 -7.28
N GLU A 17 2.44 -3.17 -7.88
CA GLU A 17 2.10 -2.97 -9.28
C GLU A 17 1.13 -1.80 -9.47
N LYS A 18 -0.03 -1.90 -8.84
CA LYS A 18 -1.07 -0.86 -8.96
C LYS A 18 -2.04 -0.92 -7.80
N VAL A 19 -2.42 0.26 -7.31
CA VAL A 19 -3.37 0.35 -6.23
C VAL A 19 -4.69 -0.27 -6.65
N LEU A 20 -5.21 -1.16 -5.82
CA LEU A 20 -6.46 -1.84 -6.11
C LEU A 20 -7.66 -1.02 -5.68
N ASP A 21 -7.57 -0.36 -4.52
CA ASP A 21 -8.71 0.44 -4.03
C ASP A 21 -8.27 1.47 -2.97
N ARG A 22 -9.23 1.81 -2.10
CA ARG A 22 -9.02 2.77 -1.03
C ARG A 22 -10.19 2.74 -0.05
N ARG A 23 -9.89 2.72 1.25
CA ARG A 23 -10.94 2.69 2.25
C ARG A 23 -10.48 3.28 3.58
N VAL A 24 -11.37 4.00 4.24
CA VAL A 24 -11.07 4.56 5.54
C VAL A 24 -11.94 3.92 6.60
N VAL A 25 -11.33 3.63 7.73
CA VAL A 25 -12.01 3.01 8.85
C VAL A 25 -11.19 3.22 10.11
N LYS A 26 -11.86 3.63 11.18
CA LYS A 26 -11.20 3.91 12.44
C LYS A 26 -10.37 5.19 12.31
N GLY A 27 -10.73 6.01 11.32
CA GLY A 27 -10.03 7.27 11.11
C GLY A 27 -8.76 7.12 10.31
N LYS A 28 -8.24 5.90 10.25
CA LYS A 28 -7.02 5.62 9.51
C LYS A 28 -7.32 5.32 8.05
N VAL A 29 -6.33 5.56 7.20
CA VAL A 29 -6.48 5.32 5.78
C VAL A 29 -5.68 4.10 5.34
N GLU A 30 -6.24 3.31 4.43
CA GLU A 30 -5.57 2.11 3.93
C GLU A 30 -5.95 1.83 2.48
N TYR A 31 -4.95 1.56 1.65
CA TYR A 31 -5.17 1.27 0.24
C TYR A 31 -4.85 -0.17 -0.10
N LEU A 32 -5.72 -0.80 -0.88
CA LEU A 32 -5.52 -2.18 -1.30
C LEU A 32 -4.44 -2.21 -2.39
N LEU A 33 -3.67 -3.28 -2.43
CA LEU A 33 -2.59 -3.39 -3.42
C LEU A 33 -2.44 -4.81 -3.95
N LYS A 34 -2.28 -4.91 -5.27
CA LYS A 34 -2.11 -6.20 -5.94
C LYS A 34 -0.64 -6.62 -5.89
N TRP A 35 -0.16 -6.95 -4.70
CA TRP A 35 1.23 -7.36 -4.51
C TRP A 35 1.62 -8.45 -5.50
N LYS A 36 2.82 -8.33 -6.06
CA LYS A 36 3.32 -9.31 -7.02
C LYS A 36 3.38 -10.70 -6.43
N GLY A 37 2.91 -11.69 -7.19
CA GLY A 37 2.91 -13.05 -6.71
C GLY A 37 1.79 -13.30 -5.73
N PHE A 38 1.47 -12.28 -4.93
CA PHE A 38 0.42 -12.38 -3.94
C PHE A 38 -0.96 -12.40 -4.59
N SER A 39 -1.77 -13.39 -4.23
CA SER A 39 -3.12 -13.52 -4.77
C SER A 39 -4.08 -12.55 -4.09
N ASP A 40 -5.38 -12.77 -4.28
CA ASP A 40 -6.40 -11.91 -3.69
C ASP A 40 -6.33 -11.94 -2.17
N GLU A 41 -6.30 -13.14 -1.60
CA GLU A 41 -6.24 -13.31 -0.15
C GLU A 41 -4.96 -12.72 0.42
N ASP A 42 -3.85 -12.97 -0.28
CA ASP A 42 -2.55 -12.47 0.15
C ASP A 42 -2.51 -10.95 0.23
N ASN A 43 -3.25 -10.28 -0.66
CA ASN A 43 -3.29 -8.82 -0.68
C ASN A 43 -3.61 -8.26 0.71
N THR A 44 -3.01 -7.11 1.01
CA THR A 44 -3.22 -6.45 2.30
C THR A 44 -3.19 -4.93 2.14
N TRP A 45 -4.21 -4.28 2.70
CA TRP A 45 -4.31 -2.83 2.62
C TRP A 45 -3.26 -2.16 3.51
N GLU A 46 -2.49 -1.26 2.92
CA GLU A 46 -1.44 -0.56 3.66
C GLU A 46 -1.83 0.89 3.94
N PRO A 47 -1.47 1.42 5.12
CA PRO A 47 -1.78 2.81 5.49
C PRO A 47 -1.20 3.81 4.50
N GLU A 48 -1.95 4.87 4.24
CA GLU A 48 -1.52 5.90 3.30
C GLU A 48 -0.09 6.36 3.58
N GLU A 49 0.26 6.46 4.85
CA GLU A 49 1.59 6.91 5.24
C GLU A 49 2.65 5.83 5.01
N ASN A 50 2.33 4.59 5.37
CA ASN A 50 3.28 3.49 5.21
C ASN A 50 3.68 3.28 3.75
N LEU A 51 2.71 3.01 2.91
CA LEU A 51 2.97 2.77 1.50
C LEU A 51 3.67 3.96 0.84
N ASP A 52 4.56 3.66 -0.10
CA ASP A 52 5.31 4.70 -0.81
C ASP A 52 4.94 4.73 -2.28
N CYS A 53 3.63 4.84 -2.56
CA CYS A 53 3.15 4.88 -3.93
C CYS A 53 2.23 6.09 -4.15
N PRO A 54 2.73 7.32 -3.92
CA PRO A 54 1.94 8.54 -4.09
C PRO A 54 1.41 8.69 -5.52
N ASP A 55 2.27 8.38 -6.50
CA ASP A 55 1.89 8.49 -7.90
C ASP A 55 0.71 7.57 -8.23
N LEU A 56 0.75 6.34 -7.72
CA LEU A 56 -0.31 5.38 -7.97
C LEU A 56 -1.59 5.81 -7.27
N ILE A 57 -1.46 6.31 -6.05
CA ILE A 57 -2.62 6.76 -5.28
C ILE A 57 -3.39 7.82 -6.04
N ALA A 58 -2.67 8.80 -6.57
CA ALA A 58 -3.28 9.87 -7.34
C ALA A 58 -3.87 9.33 -8.63
N GLU A 59 -3.11 8.44 -9.28
CA GLU A 59 -3.53 7.83 -10.54
C GLU A 59 -4.81 7.04 -10.34
N PHE A 60 -4.94 6.40 -9.17
CA PHE A 60 -6.11 5.62 -8.83
C PHE A 60 -7.35 6.49 -8.73
N LEU A 61 -7.24 7.59 -7.99
CA LEU A 61 -8.34 8.51 -7.79
C LEU A 61 -8.80 9.12 -9.11
N GLN A 62 -7.85 9.33 -10.03
CA GLN A 62 -8.19 9.90 -11.33
C GLN A 62 -9.30 9.10 -11.99
N SER A 63 -9.24 7.78 -11.83
CA SER A 63 -10.25 6.90 -12.39
C SER A 63 -11.61 7.15 -11.74
N GLN A 64 -11.59 7.46 -10.45
CA GLN A 64 -12.82 7.72 -9.70
C GLN A 64 -13.42 9.07 -10.07
N LYS A 65 -13.08 9.57 -11.25
CA LYS A 65 -13.59 10.86 -11.72
C LYS A 65 -14.99 10.69 -12.32
N THR A 66 -15.17 11.17 -13.56
CA THR A 66 -16.46 11.07 -14.23
C THR A 66 -16.90 9.62 -14.34
N ALA A 67 -16.00 8.77 -14.85
CA ALA A 67 -16.31 7.36 -15.01
C ALA A 67 -16.54 6.70 -13.65
N HIS A 68 -15.57 6.88 -12.75
CA HIS A 68 -15.64 6.34 -11.40
C HIS A 68 -15.80 4.82 -11.42
N GLU A 69 -17.03 4.36 -11.64
CA GLU A 69 -17.34 2.94 -11.67
C GLU A 69 -16.47 2.21 -12.70
N THR A 70 -16.11 0.97 -12.38
CA THR A 70 -15.29 0.16 -13.27
C THR A 70 -15.26 -1.30 -12.81
N ASP A 71 -15.32 -2.21 -13.78
CA ASP A 71 -15.30 -3.65 -13.48
C ASP A 71 -16.51 -4.05 -12.65
N LYS A 72 -17.71 -3.67 -13.12
CA LYS A 72 -18.94 -3.98 -12.42
C LYS A 72 -19.10 -5.49 -12.23
N SER A 73 -19.52 -5.89 -11.04
CA SER A 73 -19.71 -7.30 -10.72
C SER A 73 -20.75 -7.93 -11.65
N ALA B 1 6.66 0.98 -17.56
CA ALA B 1 6.86 2.41 -17.88
C ALA B 1 8.29 2.84 -17.58
N ARG B 2 8.82 2.40 -16.44
CA ARG B 2 10.19 2.74 -16.05
C ARG B 2 10.61 1.96 -14.82
N THR B 3 9.73 1.89 -13.82
CA THR B 3 10.01 1.16 -12.59
C THR B 3 8.70 0.82 -11.86
N MLY B 4 8.66 1.03 -10.54
CA MLY B 4 7.47 0.74 -9.75
CB MLY B 4 7.13 -0.75 -9.81
CG MLY B 4 8.17 -1.66 -9.18
CD MLY B 4 9.45 -1.71 -10.00
CE MLY B 4 10.47 -2.65 -9.39
NZ MLY B 4 10.86 -2.22 -8.01
CH1 MLY B 4 11.24 -3.31 -7.30
CH2 MLY B 4 11.89 -1.36 -8.08
C MLY B 4 7.65 1.18 -8.30
O MLY B 4 8.68 0.90 -7.67
H MLY B 4 9.46 1.39 -10.09
HA MLY B 4 6.66 1.31 -10.18
HB2 MLY B 4 7.00 -1.04 -10.84
HB3 MLY B 4 6.19 -0.91 -9.29
HG2 MLY B 4 7.77 -2.66 -9.11
HG3 MLY B 4 8.41 -1.30 -8.19
HD2 MLY B 4 9.87 -0.72 -10.05
HD3 MLY B 4 9.22 -2.06 -11.00
HE2 MLY B 4 11.36 -2.66 -10.01
HE3 MLY B 4 10.06 -3.64 -9.34
HH11 MLY B 4 10.55 -3.47 -6.50
HH12 MLY B 4 11.27 -4.17 -7.95
HH13 MLY B 4 12.23 -3.13 -6.90
HH21 MLY B 4 11.53 -0.35 -7.91
HH22 MLY B 4 12.34 -1.41 -9.07
HH23 MLY B 4 12.63 -1.61 -7.34
HZ1 MLY B 4 10.06 -1.76 -7.53
N GLN B 5 6.65 1.87 -7.76
CA GLN B 5 6.69 2.35 -6.39
C GLN B 5 6.51 1.20 -5.40
N THR B 6 7.30 1.22 -4.33
CA THR B 6 7.24 0.17 -3.32
C THR B 6 6.53 0.64 -2.04
N ALA B 7 5.50 -0.09 -1.64
CA ALA B 7 4.75 0.25 -0.43
C ALA B 7 5.24 -0.58 0.75
N ARG B 8 5.43 0.07 1.89
CA ARG B 8 5.90 -0.60 3.09
C ARG B 8 4.88 -1.62 3.62
N MLY B 9 5.38 -2.75 4.10
CA MLY B 9 4.52 -3.81 4.62
CB MLY B 9 5.26 -5.16 4.60
CG MLY B 9 4.42 -6.34 5.05
CD MLY B 9 3.28 -6.62 4.08
CE MLY B 9 3.80 -7.20 2.77
NZ MLY B 9 2.70 -7.53 1.82
CH1 MLY B 9 3.22 -7.78 0.61
CH2 MLY B 9 2.03 -8.62 2.25
C MLY B 9 4.06 -3.49 6.05
O MLY B 9 4.17 -4.33 6.95
H MLY B 9 6.35 -2.88 4.10
HA MLY B 9 3.65 -3.88 3.99
HB2 MLY B 9 6.12 -5.09 5.25
HB3 MLY B 9 5.60 -5.34 3.59
HG2 MLY B 9 4.00 -6.12 6.02
HG3 MLY B 9 5.04 -7.21 5.11
HD2 MLY B 9 2.76 -5.70 3.88
HD3 MLY B 9 2.60 -7.33 4.54
HE2 MLY B 9 4.35 -8.10 2.98
HE3 MLY B 9 4.46 -6.48 2.31
HH11 MLY B 9 3.89 -6.98 0.33
HH12 MLY B 9 3.77 -8.71 0.65
HH13 MLY B 9 2.42 -7.86 -0.12
HH21 MLY B 9 1.70 -9.19 1.41
HH22 MLY B 9 1.17 -8.31 2.83
HH23 MLY B 9 2.68 -9.21 2.87
HZ1 MLY B 9 2.04 -6.73 1.74
N SER B 10 3.55 -2.28 6.25
CA SER B 10 3.07 -1.85 7.56
C SER B 10 4.07 -2.18 8.67
N THR B 11 5.13 -1.38 8.74
CA THR B 11 6.18 -1.58 9.74
C THR B 11 6.73 -3.00 9.72
N GLY B 12 7.22 -3.42 8.55
CA GLY B 12 7.76 -4.75 8.41
C GLY B 12 8.86 -5.04 9.42
N GLY B 13 8.90 -6.27 9.91
CA GLY B 13 9.90 -6.66 10.89
C GLY B 13 9.54 -6.21 12.29
N LYS B 14 9.76 -7.08 13.26
CA LYS B 14 9.45 -6.78 14.65
C LYS B 14 10.25 -5.58 15.14
N ALA B 15 11.56 -5.60 14.91
CA ALA B 15 12.44 -4.52 15.32
C ALA B 15 13.88 -4.73 14.84
N PRO B 16 14.46 -5.92 15.08
CA PRO B 16 15.83 -6.22 14.66
C PRO B 16 15.94 -6.51 13.16
N GLY B 17 15.19 -5.76 12.35
CA GLY B 17 15.21 -5.97 10.91
C GLY B 17 16.56 -5.60 10.31
N GLY B 18 17.10 -4.46 10.70
CA GLY B 18 18.37 -4.01 10.18
C GLY B 18 19.50 -4.98 10.52
N HIS A 1 29.35 -17.88 -2.37
CA HIS A 1 27.97 -18.40 -2.18
C HIS A 1 27.30 -17.75 -0.98
N MET A 2 28.05 -17.63 0.12
CA MET A 2 27.51 -17.02 1.34
C MET A 2 27.02 -15.61 1.09
N VAL A 3 25.83 -15.31 1.58
CA VAL A 3 25.22 -13.98 1.41
C VAL A 3 24.28 -13.67 2.57
N GLU A 4 23.17 -12.99 2.29
CA GLU A 4 22.18 -12.63 3.31
C GLU A 4 22.77 -11.66 4.33
N GLU A 5 21.98 -10.65 4.69
CA GLU A 5 22.41 -9.65 5.66
C GLU A 5 21.26 -8.73 6.04
N VAL A 6 20.48 -8.32 5.04
CA VAL A 6 19.34 -7.44 5.26
C VAL A 6 18.30 -8.08 6.17
N LEU A 7 17.86 -7.32 7.18
CA LEU A 7 16.87 -7.81 8.14
C LEU A 7 16.49 -6.70 9.11
N GLU A 8 16.31 -5.49 8.58
CA GLU A 8 15.93 -4.35 9.41
C GLU A 8 14.50 -4.48 9.92
N GLU A 9 14.31 -4.18 11.20
CA GLU A 9 12.99 -4.25 11.82
C GLU A 9 12.03 -3.27 11.15
N GLU A 10 12.57 -2.12 10.74
CA GLU A 10 11.78 -1.08 10.09
C GLU A 10 10.98 -1.65 8.92
N GLU A 11 9.81 -1.08 8.68
CA GLU A 11 8.94 -1.53 7.60
C GLU A 11 9.69 -1.59 6.28
N GLU A 12 9.66 -2.75 5.63
CA GLU A 12 10.33 -2.93 4.35
C GLU A 12 9.39 -2.61 3.19
N GLU A 13 9.91 -1.87 2.22
CA GLU A 13 9.12 -1.51 1.04
C GLU A 13 8.97 -2.67 0.08
N TYR A 14 7.73 -2.94 -0.33
CA TYR A 14 7.44 -4.02 -1.26
C TYR A 14 6.88 -3.48 -2.57
N VAL A 15 7.30 -4.08 -3.68
CA VAL A 15 6.84 -3.66 -5.00
C VAL A 15 5.32 -3.72 -5.11
N VAL A 16 4.72 -2.68 -5.68
CA VAL A 16 3.28 -2.61 -5.85
C VAL A 16 2.89 -2.54 -7.33
N GLU A 17 1.92 -3.34 -7.73
CA GLU A 17 1.46 -3.36 -9.11
C GLU A 17 0.56 -2.17 -9.40
N LYS A 18 -0.48 -2.00 -8.59
CA LYS A 18 -1.42 -0.89 -8.76
C LYS A 18 -2.48 -0.90 -7.68
N VAL A 19 -2.76 0.28 -7.15
CA VAL A 19 -3.76 0.45 -6.11
C VAL A 19 -5.12 -0.07 -6.57
N LEU A 20 -5.75 -0.87 -5.71
CA LEU A 20 -7.06 -1.43 -6.02
C LEU A 20 -8.18 -0.53 -5.52
N ASP A 21 -7.96 0.08 -4.35
CA ASP A 21 -8.97 0.97 -3.75
C ASP A 21 -8.50 1.52 -2.42
N ARG A 22 -9.10 2.62 -1.99
CA ARG A 22 -8.75 3.24 -0.71
C ARG A 22 -9.71 2.78 0.37
N ARG A 23 -9.33 2.97 1.62
CA ARG A 23 -10.16 2.53 2.73
C ARG A 23 -9.89 3.35 3.98
N VAL A 24 -10.83 3.29 4.93
CA VAL A 24 -10.72 4.02 6.19
C VAL A 24 -11.40 3.24 7.32
N VAL A 25 -10.77 3.22 8.50
CA VAL A 25 -11.32 2.48 9.63
C VAL A 25 -11.91 3.42 10.68
N LYS A 26 -11.22 4.52 10.95
CA LYS A 26 -11.68 5.49 11.93
C LYS A 26 -10.88 6.78 11.84
N GLY A 27 -10.74 7.29 10.61
CA GLY A 27 -9.98 8.49 10.39
C GLY A 27 -8.73 8.24 9.58
N LYS A 28 -8.14 7.06 9.78
CA LYS A 28 -6.94 6.67 9.06
C LYS A 28 -7.27 6.39 7.61
N VAL A 29 -6.44 5.58 6.97
CA VAL A 29 -6.65 5.23 5.58
C VAL A 29 -5.69 4.13 5.13
N GLU A 30 -6.24 3.11 4.50
CA GLU A 30 -5.45 1.99 3.99
C GLU A 30 -5.79 1.70 2.54
N TYR A 31 -4.77 1.67 1.69
CA TYR A 31 -4.98 1.40 0.27
C TYR A 31 -4.65 -0.05 -0.05
N LEU A 32 -5.33 -0.61 -1.04
CA LEU A 32 -5.10 -1.98 -1.44
C LEU A 32 -4.04 -2.07 -2.54
N LEU A 33 -3.19 -3.09 -2.44
CA LEU A 33 -2.11 -3.28 -3.41
C LEU A 33 -2.06 -4.72 -3.90
N LYS A 34 -1.90 -4.89 -5.21
CA LYS A 34 -1.80 -6.22 -5.81
C LYS A 34 -0.36 -6.70 -5.74
N TRP A 35 0.10 -7.01 -4.53
CA TRP A 35 1.47 -7.46 -4.30
C TRP A 35 1.86 -8.57 -5.27
N LYS A 36 3.07 -8.47 -5.81
CA LYS A 36 3.59 -9.44 -6.75
C LYS A 36 3.87 -10.76 -6.08
N GLY A 37 3.77 -11.84 -6.84
CA GLY A 37 4.01 -13.17 -6.31
C GLY A 37 2.82 -13.69 -5.52
N PHE A 38 2.20 -12.80 -4.75
CA PHE A 38 1.04 -13.19 -3.94
C PHE A 38 -0.22 -13.28 -4.82
N SER A 39 -1.35 -12.82 -4.29
CA SER A 39 -2.61 -12.87 -5.04
C SER A 39 -3.67 -11.98 -4.41
N ASP A 40 -4.92 -12.17 -4.83
CA ASP A 40 -6.03 -11.37 -4.32
C ASP A 40 -6.28 -11.63 -2.84
N GLU A 41 -6.31 -12.90 -2.45
CA GLU A 41 -6.54 -13.27 -1.06
C GLU A 41 -5.36 -12.86 -0.18
N ASP A 42 -4.15 -12.99 -0.72
CA ASP A 42 -2.93 -12.66 0.01
C ASP A 42 -2.76 -11.16 0.22
N ASN A 43 -3.10 -10.35 -0.79
CA ASN A 43 -2.93 -8.91 -0.69
C ASN A 43 -3.54 -8.33 0.59
N THR A 44 -2.92 -7.28 1.10
CA THR A 44 -3.37 -6.62 2.31
C THR A 44 -3.29 -5.10 2.16
N TRP A 45 -4.14 -4.39 2.90
CA TRP A 45 -4.20 -2.95 2.83
C TRP A 45 -3.20 -2.30 3.79
N GLU A 46 -2.40 -1.38 3.26
CA GLU A 46 -1.40 -0.68 4.07
C GLU A 46 -1.77 0.78 4.26
N PRO A 47 -1.50 1.33 5.45
CA PRO A 47 -1.80 2.73 5.76
C PRO A 47 -1.02 3.67 4.85
N GLU A 48 -1.63 4.81 4.53
CA GLU A 48 -1.00 5.80 3.66
C GLU A 48 0.44 6.09 4.10
N GLU A 49 0.66 6.11 5.40
CA GLU A 49 1.98 6.38 5.96
C GLU A 49 2.95 5.22 5.69
N ASN A 50 2.47 4.00 5.88
CA ASN A 50 3.29 2.80 5.67
C ASN A 50 3.76 2.66 4.23
N LEU A 51 2.80 2.68 3.31
CA LEU A 51 3.10 2.53 1.90
C LEU A 51 3.98 3.67 1.37
N ASP A 52 4.08 3.76 0.05
CA ASP A 52 4.89 4.79 -0.59
C ASP A 52 4.68 4.78 -2.10
N CYS A 53 3.42 4.91 -2.51
CA CYS A 53 3.08 4.92 -3.93
C CYS A 53 2.08 6.02 -4.26
N PRO A 54 2.45 7.29 -3.99
CA PRO A 54 1.57 8.44 -4.26
C PRO A 54 1.11 8.48 -5.71
N ASP A 55 2.01 8.13 -6.63
CA ASP A 55 1.68 8.13 -8.05
C ASP A 55 0.50 7.22 -8.34
N LEU A 56 0.53 6.01 -7.79
CA LEU A 56 -0.55 5.06 -8.01
C LEU A 56 -1.83 5.56 -7.34
N ILE A 57 -1.68 6.10 -6.14
CA ILE A 57 -2.80 6.62 -5.38
C ILE A 57 -3.52 7.70 -6.20
N ALA A 58 -2.74 8.52 -6.89
CA ALA A 58 -3.30 9.58 -7.73
C ALA A 58 -4.00 8.96 -8.92
N GLU A 59 -3.36 7.97 -9.54
CA GLU A 59 -3.93 7.27 -10.69
C GLU A 59 -5.27 6.67 -10.33
N PHE A 60 -5.39 6.20 -9.09
CA PHE A 60 -6.62 5.60 -8.61
C PHE A 60 -7.78 6.59 -8.65
N LEU A 61 -7.55 7.79 -8.11
CA LEU A 61 -8.57 8.83 -8.07
C LEU A 61 -8.93 9.29 -9.47
N GLN A 62 -7.94 9.41 -10.35
CA GLN A 62 -8.17 9.85 -11.72
C GLN A 62 -9.21 8.96 -12.40
N SER A 63 -9.12 7.66 -12.12
CA SER A 63 -10.04 6.69 -12.71
C SER A 63 -11.49 7.02 -12.34
N GLN A 64 -11.68 7.36 -11.08
CA GLN A 64 -13.01 7.69 -10.56
C GLN A 64 -13.50 9.03 -11.12
N LYS A 65 -12.56 9.93 -11.43
CA LYS A 65 -12.92 11.24 -11.97
C LYS A 65 -13.87 11.09 -13.15
N THR A 66 -15.00 11.79 -13.08
CA THR A 66 -16.00 11.72 -14.14
C THR A 66 -16.37 10.27 -14.42
N ALA A 67 -16.53 9.50 -13.34
CA ALA A 67 -16.87 8.08 -13.41
C ALA A 67 -15.67 7.26 -13.91
N HIS A 68 -15.24 7.52 -15.15
CA HIS A 68 -14.11 6.82 -15.73
C HIS A 68 -13.84 7.32 -17.16
N GLU A 69 -13.38 6.42 -18.03
CA GLU A 69 -13.10 6.77 -19.41
C GLU A 69 -12.70 5.52 -20.20
N THR A 70 -11.60 5.59 -20.96
CA THR A 70 -11.12 4.46 -21.75
C THR A 70 -12.27 3.82 -22.54
N ASP A 71 -12.27 2.48 -22.61
CA ASP A 71 -13.31 1.76 -23.34
C ASP A 71 -14.67 2.01 -22.69
N LYS A 72 -15.70 2.18 -23.53
CA LYS A 72 -17.06 2.44 -23.04
C LYS A 72 -17.50 1.35 -22.08
N SER A 73 -17.41 0.10 -22.53
CA SER A 73 -17.81 -1.06 -21.71
C SER A 73 -19.18 -0.84 -21.08
N ALA B 1 15.19 1.56 -14.18
CA ALA B 1 13.92 1.17 -13.52
C ALA B 1 14.09 1.12 -12.01
N ARG B 2 14.80 2.11 -11.47
CA ARG B 2 15.04 2.17 -10.03
C ARG B 2 13.75 2.47 -9.27
N THR B 3 13.04 3.51 -9.70
CA THR B 3 11.78 3.91 -9.06
C THR B 3 10.58 3.27 -9.76
N MLY B 4 9.63 2.79 -8.97
CA MLY B 4 8.43 2.17 -9.51
CB MLY B 4 8.77 0.86 -10.21
CG MLY B 4 9.45 -0.15 -9.30
CD MLY B 4 9.94 -1.38 -10.07
CE MLY B 4 8.79 -2.13 -10.71
NZ MLY B 4 9.27 -3.27 -11.54
CH1 MLY B 4 8.97 -4.42 -10.93
CH2 MLY B 4 8.68 -3.23 -12.74
C MLY B 4 7.40 1.93 -8.41
O MLY B 4 6.63 0.97 -8.46
H MLY B 4 9.73 2.87 -8.00
HA MLY B 4 8.00 2.85 -10.24
HB2 MLY B 4 9.44 1.06 -11.03
HB3 MLY B 4 7.87 0.42 -10.59
HG2 MLY B 4 8.73 -0.48 -8.54
HG3 MLY B 4 10.29 0.32 -8.81
HD2 MLY B 4 10.45 -2.03 -9.39
HD3 MLY B 4 10.62 -1.04 -10.83
HE2 MLY B 4 8.23 -1.45 -11.34
HE3 MLY B 4 8.13 -2.51 -9.94
HH11 MLY B 4 8.24 -4.97 -11.52
HH12 MLY B 4 9.86 -5.02 -10.81
HH13 MLY B 4 8.55 -4.22 -9.95
HH21 MLY B 4 9.25 -3.82 -13.45
HH22 MLY B 4 8.62 -2.22 -13.09
HH23 MLY B 4 7.67 -3.65 -12.66
HZ1 MLY B 4 10.31 -3.21 -11.67
N GLN B 5 7.38 2.83 -7.43
CA GLN B 5 6.44 2.75 -6.30
C GLN B 5 6.63 1.48 -5.48
N THR B 6 6.61 1.64 -4.16
CA THR B 6 6.77 0.52 -3.24
C THR B 6 6.08 0.81 -1.91
N ALA B 7 5.10 -0.02 -1.55
CA ALA B 7 4.39 0.15 -0.29
C ALA B 7 4.90 -0.83 0.76
N ARG B 8 5.28 -0.30 1.92
CA ARG B 8 5.78 -1.14 3.00
C ARG B 8 4.63 -1.93 3.62
N MLY B 9 4.82 -3.25 3.71
CA MLY B 9 3.80 -4.13 4.27
CB MLY B 9 4.06 -5.57 3.82
CG MLY B 9 2.93 -6.54 4.16
CD MLY B 9 3.08 -7.86 3.42
CE MLY B 9 2.91 -7.68 1.92
NZ MLY B 9 2.94 -8.98 1.19
CH1 MLY B 9 1.69 -9.41 0.97
CH2 MLY B 9 3.57 -8.81 0.00
C MLY B 9 3.73 -4.04 5.80
O MLY B 9 3.52 -5.05 6.48
H MLY B 9 5.66 -3.64 3.39
HA MLY B 9 2.84 -3.82 3.87
HB2 MLY B 9 4.96 -5.93 4.30
HB3 MLY B 9 4.20 -5.58 2.75
HG2 MLY B 9 1.99 -6.09 3.88
HG3 MLY B 9 2.93 -6.73 5.22
HD2 MLY B 9 2.32 -8.55 3.77
HD3 MLY B 9 4.05 -8.27 3.62
HE2 MLY B 9 3.70 -7.05 1.55
HE3 MLY B 9 1.95 -7.20 1.72
HH11 MLY B 9 1.70 -10.45 0.73
HH12 MLY B 9 1.09 -9.25 1.86
HH13 MLY B 9 1.26 -8.85 0.14
HH21 MLY B 9 3.32 -9.63 -0.66
HH22 MLY B 9 4.63 -8.77 0.16
HH23 MLY B 9 3.23 -7.88 -0.45
HZ1 MLY B 9 3.45 -9.69 1.74
N SER B 10 3.89 -2.83 6.33
CA SER B 10 3.82 -2.60 7.77
C SER B 10 4.63 -3.65 8.54
N THR B 11 5.85 -3.90 8.08
CA THR B 11 6.72 -4.86 8.73
C THR B 11 6.97 -4.47 10.19
N GLY B 12 7.40 -3.23 10.39
CA GLY B 12 7.66 -2.74 11.73
C GLY B 12 6.39 -2.30 12.44
N GLY B 13 6.45 -1.11 13.05
CA GLY B 13 5.29 -0.58 13.75
C GLY B 13 4.88 -1.44 14.94
N LYS B 14 5.87 -1.88 15.70
CA LYS B 14 5.61 -2.71 16.88
C LYS B 14 4.91 -1.89 17.97
N ALA B 15 3.80 -2.42 18.47
CA ALA B 15 3.03 -1.73 19.52
C ALA B 15 1.85 -2.60 19.99
N PRO B 16 1.58 -2.59 21.31
CA PRO B 16 0.48 -3.37 21.88
C PRO B 16 -0.88 -2.96 21.33
N GLY B 17 -1.10 -1.65 21.25
CA GLY B 17 -2.35 -1.14 20.73
C GLY B 17 -2.42 0.38 20.72
N GLY B 18 -2.00 0.99 21.82
CA GLY B 18 -2.02 2.44 21.92
C GLY B 18 -1.53 2.93 23.27
N HIS A 1 11.55 8.30 23.97
CA HIS A 1 11.57 8.49 22.50
C HIS A 1 12.31 7.35 21.81
N MET A 2 13.49 7.02 22.33
CA MET A 2 14.30 5.95 21.77
C MET A 2 13.60 4.61 21.90
N VAL A 3 13.60 3.83 20.83
CA VAL A 3 12.98 2.52 20.82
C VAL A 3 13.63 1.58 21.82
N GLU A 4 12.81 0.79 22.52
CA GLU A 4 13.32 -0.15 23.50
C GLU A 4 14.08 -1.30 22.82
N GLU A 5 13.78 -2.54 23.20
CA GLU A 5 14.45 -3.69 22.60
C GLU A 5 13.94 -3.94 21.17
N VAL A 6 14.00 -5.20 20.73
CA VAL A 6 13.55 -5.59 19.40
C VAL A 6 14.36 -4.89 18.31
N LEU A 7 14.85 -5.67 17.36
CA LEU A 7 15.64 -5.12 16.26
C LEU A 7 14.76 -4.30 15.33
N GLU A 8 15.14 -3.05 15.12
CA GLU A 8 14.39 -2.16 14.24
C GLU A 8 14.70 -2.43 12.77
N GLU A 9 14.88 -1.37 11.99
CA GLU A 9 15.18 -1.49 10.56
C GLU A 9 14.02 -2.08 9.77
N GLU A 10 12.79 -1.69 10.12
CA GLU A 10 11.62 -2.18 9.42
C GLU A 10 11.24 -1.23 8.28
N GLU A 11 9.93 -1.09 8.03
CA GLU A 11 9.43 -0.20 6.98
C GLU A 11 10.10 -0.49 5.63
N GLU A 12 10.14 -1.76 5.26
CA GLU A 12 10.74 -2.16 4.00
C GLU A 12 9.79 -1.94 2.82
N GLU A 13 10.31 -1.36 1.74
CA GLU A 13 9.50 -1.09 0.55
C GLU A 13 9.29 -2.36 -0.27
N TYR A 14 8.06 -2.58 -0.70
CA TYR A 14 7.72 -3.75 -1.50
C TYR A 14 7.02 -3.36 -2.79
N VAL A 15 7.40 -3.99 -3.89
CA VAL A 15 6.80 -3.70 -5.19
C VAL A 15 5.29 -3.92 -5.16
N VAL A 16 4.55 -3.02 -5.79
CA VAL A 16 3.10 -3.11 -5.83
C VAL A 16 2.59 -2.88 -7.26
N GLU A 17 1.66 -3.72 -7.68
CA GLU A 17 1.10 -3.60 -9.03
C GLU A 17 0.23 -2.36 -9.18
N LYS A 18 -0.77 -2.20 -8.31
CA LYS A 18 -1.66 -1.04 -8.40
C LYS A 18 -2.69 -1.02 -7.28
N VAL A 19 -2.98 0.18 -6.79
CA VAL A 19 -3.96 0.38 -5.74
C VAL A 19 -5.35 -0.03 -6.23
N LEU A 20 -6.09 -0.74 -5.37
CA LEU A 20 -7.42 -1.20 -5.74
C LEU A 20 -8.51 -0.24 -5.28
N ASP A 21 -8.40 0.28 -4.04
CA ASP A 21 -9.42 1.18 -3.52
C ASP A 21 -8.89 2.07 -2.39
N ARG A 22 -9.79 2.42 -1.47
CA ARG A 22 -9.47 3.27 -0.32
C ARG A 22 -10.62 3.24 0.69
N ARG A 23 -10.30 3.03 1.96
CA ARG A 23 -11.33 2.98 2.99
C ARG A 23 -10.78 3.32 4.38
N VAL A 24 -11.56 4.08 5.14
CA VAL A 24 -11.19 4.47 6.50
C VAL A 24 -11.94 3.61 7.52
N VAL A 25 -11.21 3.02 8.45
CA VAL A 25 -11.81 2.17 9.47
C VAL A 25 -12.11 2.96 10.75
N LYS A 26 -11.19 3.83 11.12
CA LYS A 26 -11.33 4.65 12.32
C LYS A 26 -10.21 5.70 12.37
N GLY A 27 -10.12 6.49 11.30
CA GLY A 27 -9.09 7.49 11.21
C GLY A 27 -7.95 7.02 10.33
N LYS A 28 -7.79 5.70 10.23
CA LYS A 28 -6.75 5.10 9.42
C LYS A 28 -7.02 5.35 7.94
N VAL A 29 -5.95 5.32 7.15
CA VAL A 29 -6.06 5.55 5.72
C VAL A 29 -5.37 4.43 4.94
N GLU A 30 -5.88 3.20 5.11
CA GLU A 30 -5.31 2.04 4.43
C GLU A 30 -5.91 1.82 3.06
N TYR A 31 -5.04 1.66 2.07
CA TYR A 31 -5.44 1.43 0.68
C TYR A 31 -5.22 -0.03 0.31
N LEU A 32 -6.02 -0.53 -0.62
CA LEU A 32 -5.87 -1.90 -1.07
C LEU A 32 -4.82 -1.98 -2.16
N LEU A 33 -3.98 -3.01 -2.14
CA LEU A 33 -2.93 -3.16 -3.14
C LEU A 33 -2.58 -4.62 -3.40
N LYS A 34 -2.46 -4.97 -4.68
CA LYS A 34 -2.10 -6.33 -5.05
C LYS A 34 -0.59 -6.49 -4.94
N TRP A 35 -0.14 -7.47 -4.17
CA TRP A 35 1.29 -7.68 -3.95
C TRP A 35 1.86 -8.78 -4.84
N LYS A 36 3.03 -8.51 -5.41
CA LYS A 36 3.71 -9.46 -6.29
C LYS A 36 4.19 -10.69 -5.52
N GLY A 37 4.26 -11.82 -6.22
CA GLY A 37 4.71 -13.05 -5.61
C GLY A 37 3.57 -13.82 -4.94
N PHE A 38 2.83 -13.13 -4.09
CA PHE A 38 1.70 -13.76 -3.39
C PHE A 38 0.55 -14.02 -4.36
N SER A 39 -0.62 -13.45 -4.06
CA SER A 39 -1.79 -13.62 -4.91
C SER A 39 -2.78 -12.49 -4.70
N ASP A 40 -3.52 -12.16 -5.76
CA ASP A 40 -4.50 -11.07 -5.71
C ASP A 40 -5.38 -11.19 -4.46
N GLU A 41 -5.90 -12.38 -4.22
CA GLU A 41 -6.76 -12.62 -3.07
C GLU A 41 -6.06 -12.24 -1.76
N ASP A 42 -4.77 -12.56 -1.67
CA ASP A 42 -4.00 -12.26 -0.46
C ASP A 42 -3.61 -10.79 -0.37
N ASN A 43 -4.48 -9.88 -0.82
CA ASN A 43 -4.19 -8.45 -0.75
C ASN A 43 -4.55 -7.90 0.61
N THR A 44 -3.73 -6.99 1.12
CA THR A 44 -3.97 -6.38 2.43
C THR A 44 -3.83 -4.86 2.37
N TRP A 45 -4.80 -4.17 2.96
CA TRP A 45 -4.80 -2.71 2.97
C TRP A 45 -3.74 -2.19 3.93
N GLU A 46 -2.85 -1.35 3.43
CA GLU A 46 -1.78 -0.79 4.26
C GLU A 46 -1.97 0.70 4.47
N PRO A 47 -1.62 1.22 5.67
CA PRO A 47 -1.75 2.64 5.99
C PRO A 47 -1.07 3.53 4.96
N GLU A 48 -1.74 4.61 4.60
CA GLU A 48 -1.22 5.55 3.61
C GLU A 48 0.16 6.05 4.00
N GLU A 49 0.36 6.31 5.29
CA GLU A 49 1.63 6.81 5.79
C GLU A 49 2.77 5.85 5.39
N ASN A 50 2.51 4.55 5.52
CA ASN A 50 3.48 3.53 5.18
C ASN A 50 3.73 3.46 3.68
N LEU A 51 2.65 3.61 2.91
CA LEU A 51 2.74 3.55 1.45
C LEU A 51 3.79 4.52 0.91
N ASP A 52 4.60 4.02 -0.03
CA ASP A 52 5.65 4.82 -0.65
C ASP A 52 5.56 4.71 -2.17
N CYS A 53 4.34 4.86 -2.68
CA CYS A 53 4.12 4.76 -4.11
C CYS A 53 2.96 5.66 -4.55
N PRO A 54 3.12 6.99 -4.41
CA PRO A 54 2.08 7.96 -4.78
C PRO A 54 1.56 7.70 -6.20
N ASP A 55 2.37 7.04 -7.02
CA ASP A 55 2.00 6.72 -8.38
C ASP A 55 0.68 5.94 -8.42
N LEU A 56 0.56 4.93 -7.56
CA LEU A 56 -0.65 4.12 -7.51
C LEU A 56 -1.83 4.98 -7.06
N ILE A 57 -1.59 5.78 -6.03
CA ILE A 57 -2.61 6.66 -5.50
C ILE A 57 -3.19 7.55 -6.60
N ALA A 58 -2.31 8.08 -7.44
CA ALA A 58 -2.73 8.90 -8.56
C ALA A 58 -3.53 8.08 -9.54
N GLU A 59 -3.05 6.86 -9.80
CA GLU A 59 -3.71 5.94 -10.71
C GLU A 59 -5.15 5.67 -10.26
N PHE A 60 -5.33 5.57 -8.96
CA PHE A 60 -6.64 5.30 -8.38
C PHE A 60 -7.63 6.43 -8.69
N LEU A 61 -7.29 7.64 -8.26
CA LEU A 61 -8.14 8.80 -8.48
C LEU A 61 -8.36 9.14 -9.94
N GLN A 62 -7.47 8.65 -10.82
CA GLN A 62 -7.62 8.91 -12.25
C GLN A 62 -9.04 8.62 -12.70
N SER A 63 -9.62 7.56 -12.15
CA SER A 63 -10.99 7.18 -12.47
C SER A 63 -11.97 8.16 -11.83
N GLN A 64 -11.64 8.60 -10.62
CA GLN A 64 -12.46 9.53 -9.87
C GLN A 64 -12.55 10.88 -10.59
N LYS A 65 -11.74 11.04 -11.62
CA LYS A 65 -11.69 12.28 -12.40
C LYS A 65 -13.09 12.83 -12.67
N THR A 66 -14.03 11.94 -12.98
CA THR A 66 -15.40 12.35 -13.25
C THR A 66 -16.32 11.14 -13.38
N ALA A 67 -16.24 10.25 -12.39
CA ALA A 67 -17.05 9.04 -12.38
C ALA A 67 -16.75 8.18 -13.59
N HIS A 68 -15.52 7.64 -13.63
CA HIS A 68 -15.08 6.80 -14.73
C HIS A 68 -16.18 5.83 -15.16
N GLU A 69 -16.85 5.23 -14.17
CA GLU A 69 -17.94 4.29 -14.43
C GLU A 69 -18.61 3.87 -13.12
N THR A 70 -17.80 3.45 -12.15
CA THR A 70 -18.31 3.02 -10.84
C THR A 70 -17.17 2.62 -9.92
N ASP A 71 -17.22 3.09 -8.68
CA ASP A 71 -16.20 2.78 -7.69
C ASP A 71 -16.20 1.28 -7.37
N LYS A 72 -15.02 0.67 -7.39
CA LYS A 72 -14.88 -0.75 -7.10
C LYS A 72 -14.88 -1.01 -5.60
N SER A 73 -15.77 -0.35 -4.87
CA SER A 73 -15.86 -0.51 -3.43
C SER A 73 -16.30 -1.93 -3.08
N ALA B 1 15.82 0.99 -11.67
CA ALA B 1 14.64 1.08 -10.77
C ALA B 1 14.23 2.54 -10.56
N ARG B 2 14.17 3.29 -11.65
CA ARG B 2 13.80 4.70 -11.59
C ARG B 2 12.40 4.87 -11.02
N THR B 3 12.27 5.78 -10.05
CA THR B 3 11.00 6.08 -9.40
C THR B 3 10.14 4.82 -9.22
N MLY B 4 10.78 3.74 -8.77
CA MLY B 4 10.06 2.48 -8.54
CB MLY B 4 11.05 1.38 -8.12
CG MLY B 4 10.37 0.08 -7.73
CD MLY B 4 9.65 -0.57 -8.91
CE MLY B 4 10.63 -1.02 -9.99
NZ MLY B 4 9.96 -1.61 -11.19
CH1 MLY B 4 9.24 -2.69 -10.83
CH2 MLY B 4 9.14 -0.69 -11.75
C MLY B 4 8.98 2.65 -7.48
O MLY B 4 9.26 3.07 -6.36
H MLY B 4 11.73 3.78 -8.59
HA MLY B 4 9.60 2.20 -9.48
HB2 MLY B 4 11.61 1.73 -7.27
HB3 MLY B 4 11.72 1.18 -8.93
HG2 MLY B 4 9.64 0.28 -6.96
HG3 MLY B 4 11.11 -0.61 -7.36
HD2 MLY B 4 8.97 0.15 -9.34
HD3 MLY B 4 9.09 -1.42 -8.56
HE2 MLY B 4 11.29 -1.76 -9.55
HE3 MLY B 4 11.22 -0.17 -10.30
HH11 MLY B 4 9.89 -3.41 -10.35
HH12 MLY B 4 8.48 -2.39 -10.13
HH13 MLY B 4 8.79 -3.12 -11.70
HH21 MLY B 4 9.72 0.19 -12.00
HH22 MLY B 4 8.37 -0.43 -11.04
HH23 MLY B 4 8.70 -1.11 -12.64
HZ1 MLY B 4 10.68 -1.90 -11.89
N GLN B 5 7.75 2.29 -7.84
CA GLN B 5 6.64 2.39 -6.91
C GLN B 5 6.64 1.22 -5.93
N THR B 6 6.64 1.53 -4.64
CA THR B 6 6.66 0.50 -3.61
C THR B 6 6.00 0.99 -2.32
N ALA B 7 5.02 0.24 -1.83
CA ALA B 7 4.35 0.60 -0.58
C ALA B 7 4.74 -0.37 0.53
N ARG B 8 5.23 0.17 1.63
CA ARG B 8 5.65 -0.64 2.76
C ARG B 8 4.51 -1.49 3.31
N MLY B 9 4.79 -2.75 3.57
CA MLY B 9 3.79 -3.68 4.09
CB MLY B 9 4.20 -5.12 3.81
CG MLY B 9 4.15 -5.49 2.33
CD MLY B 9 4.39 -6.98 2.13
CE MLY B 9 4.20 -7.38 0.68
NZ MLY B 9 4.34 -8.85 0.48
CH1 MLY B 9 3.12 -9.41 0.39
CH2 MLY B 9 5.02 -9.08 -0.66
C MLY B 9 3.57 -3.49 5.59
O MLY B 9 3.72 -4.43 6.37
H MLY B 9 5.70 -3.08 3.41
HA MLY B 9 2.86 -3.48 3.58
HB2 MLY B 9 3.54 -5.79 4.35
HB3 MLY B 9 5.22 -5.27 4.15
HG2 MLY B 9 4.91 -4.95 1.81
HG3 MLY B 9 3.17 -5.24 1.94
HD2 MLY B 9 3.69 -7.54 2.74
HD3 MLY B 9 5.39 -7.22 2.43
HE2 MLY B 9 4.94 -6.87 0.08
HE3 MLY B 9 3.22 -7.07 0.36
HH11 MLY B 9 2.37 -8.67 0.66
HH12 MLY B 9 2.95 -9.73 -0.63
HH13 MLY B 9 3.06 -10.25 1.06
HH21 MLY B 9 4.70 -8.38 -1.42
HH22 MLY B 9 4.84 -10.09 -0.99
HH23 MLY B 9 6.07 -8.95 -0.48
HZ1 MLY B 9 4.86 -9.27 1.28
N SER B 10 3.21 -2.27 5.99
CA SER B 10 2.97 -1.97 7.40
C SER B 10 4.21 -2.21 8.25
N THR B 11 5.27 -1.46 7.96
CA THR B 11 6.53 -1.57 8.69
C THR B 11 7.05 -3.00 8.71
N GLY B 12 7.05 -3.64 7.54
CA GLY B 12 7.52 -5.01 7.45
C GLY B 12 6.73 -5.97 8.33
N GLY B 13 5.40 -5.86 8.26
CA GLY B 13 4.56 -6.73 9.06
C GLY B 13 3.08 -6.55 8.73
N LYS B 14 2.26 -6.42 9.77
CA LYS B 14 0.82 -6.25 9.60
C LYS B 14 0.23 -5.44 10.74
N ALA B 15 0.75 -5.68 11.95
CA ALA B 15 0.29 -4.97 13.14
C ALA B 15 -1.21 -5.20 13.38
N PRO B 16 -1.64 -6.48 13.48
CA PRO B 16 -3.05 -6.82 13.71
C PRO B 16 -3.52 -6.39 15.10
N GLY B 17 -4.68 -5.74 15.14
CA GLY B 17 -5.22 -5.29 16.41
C GLY B 17 -6.51 -4.49 16.25
N GLY B 18 -6.48 -3.53 15.32
CA GLY B 18 -7.65 -2.70 15.08
C GLY B 18 -8.07 -1.92 16.30
N HIS A 1 31.03 -8.44 6.87
CA HIS A 1 30.05 -7.78 7.76
C HIS A 1 30.67 -6.60 8.51
N MET A 2 30.35 -6.46 9.79
CA MET A 2 30.89 -5.37 10.60
C MET A 2 30.50 -5.55 12.07
N VAL A 3 29.85 -4.55 12.65
CA VAL A 3 29.43 -4.62 14.05
C VAL A 3 28.31 -5.64 14.25
N GLU A 4 27.32 -5.61 13.35
CA GLU A 4 26.19 -6.52 13.44
C GLU A 4 25.31 -6.43 12.19
N GLU A 5 24.82 -7.57 11.72
CA GLU A 5 23.98 -7.62 10.54
C GLU A 5 22.74 -6.73 10.73
N VAL A 6 22.16 -6.80 11.93
CA VAL A 6 20.97 -6.03 12.30
C VAL A 6 19.82 -6.17 11.31
N LEU A 7 18.61 -6.36 11.83
CA LEU A 7 17.42 -6.52 11.01
C LEU A 7 17.22 -5.30 10.11
N GLU A 8 16.48 -5.49 9.03
CA GLU A 8 16.20 -4.41 8.07
C GLU A 8 15.73 -3.15 8.80
N GLU A 9 16.32 -2.02 8.44
CA GLU A 9 15.97 -0.74 9.06
C GLU A 9 14.54 -0.33 8.73
N GLU A 10 13.80 0.10 9.75
CA GLU A 10 12.41 0.53 9.59
C GLU A 10 11.58 -0.54 8.86
N GLU A 11 10.58 -0.08 8.10
CA GLU A 11 9.72 -0.99 7.35
C GLU A 11 10.29 -1.29 5.98
N GLU A 12 10.30 -2.57 5.61
CA GLU A 12 10.82 -3.00 4.32
C GLU A 12 9.86 -2.61 3.20
N GLU A 13 10.42 -2.08 2.12
CA GLU A 13 9.62 -1.66 0.97
C GLU A 13 9.20 -2.87 0.13
N TYR A 14 7.92 -2.95 -0.19
CA TYR A 14 7.38 -4.04 -1.00
C TYR A 14 6.83 -3.54 -2.32
N VAL A 15 7.18 -4.23 -3.40
CA VAL A 15 6.73 -3.86 -4.73
C VAL A 15 5.21 -3.94 -4.84
N VAL A 16 4.61 -2.92 -5.44
CA VAL A 16 3.15 -2.87 -5.60
C VAL A 16 2.77 -2.78 -7.07
N GLU A 17 1.83 -3.62 -7.50
CA GLU A 17 1.38 -3.63 -8.88
C GLU A 17 0.50 -2.41 -9.19
N LYS A 18 -0.52 -2.20 -8.36
CA LYS A 18 -1.44 -1.08 -8.55
C LYS A 18 -2.50 -1.03 -7.46
N VAL A 19 -2.78 0.18 -6.99
CA VAL A 19 -3.79 0.40 -5.95
C VAL A 19 -5.14 -0.10 -6.44
N LEU A 20 -5.93 -0.67 -5.52
CA LEU A 20 -7.24 -1.19 -5.89
C LEU A 20 -8.38 -0.34 -5.36
N ASP A 21 -8.27 0.19 -4.14
CA ASP A 21 -9.34 1.00 -3.57
C ASP A 21 -8.83 1.94 -2.48
N ARG A 22 -9.71 2.27 -1.52
CA ARG A 22 -9.39 3.17 -0.41
C ARG A 22 -10.44 3.06 0.69
N ARG A 23 -9.99 3.02 1.94
CA ARG A 23 -10.92 2.91 3.06
C ARG A 23 -10.33 3.45 4.36
N VAL A 24 -11.15 4.17 5.13
CA VAL A 24 -10.72 4.74 6.40
C VAL A 24 -11.14 3.82 7.55
N VAL A 25 -10.26 3.64 8.52
CA VAL A 25 -10.56 2.77 9.66
C VAL A 25 -10.95 3.57 10.90
N LYS A 26 -10.24 4.66 11.14
CA LYS A 26 -10.50 5.53 12.29
C LYS A 26 -9.74 6.84 12.12
N GLY A 27 -10.00 7.51 11.01
CA GLY A 27 -9.31 8.75 10.70
C GLY A 27 -8.13 8.48 9.79
N LYS A 28 -7.57 7.28 9.88
CA LYS A 28 -6.45 6.88 9.07
C LYS A 28 -6.93 6.24 7.77
N VAL A 29 -6.34 6.65 6.67
CA VAL A 29 -6.71 6.12 5.36
C VAL A 29 -5.77 4.99 4.94
N GLU A 30 -6.32 4.00 4.24
CA GLU A 30 -5.53 2.86 3.78
C GLU A 30 -6.09 2.32 2.47
N TYR A 31 -5.20 2.20 1.49
CA TYR A 31 -5.58 1.71 0.16
C TYR A 31 -5.23 0.25 -0.01
N LEU A 32 -5.90 -0.40 -0.97
CA LEU A 32 -5.65 -1.80 -1.27
C LEU A 32 -4.53 -1.90 -2.30
N LEU A 33 -3.64 -2.88 -2.14
CA LEU A 33 -2.52 -3.03 -3.07
C LEU A 33 -2.22 -4.49 -3.40
N LYS A 34 -2.13 -4.78 -4.70
CA LYS A 34 -1.80 -6.12 -5.16
C LYS A 34 -0.31 -6.35 -5.03
N TRP A 35 0.08 -7.34 -4.23
CA TRP A 35 1.49 -7.62 -4.00
C TRP A 35 2.03 -8.65 -4.99
N LYS A 36 3.19 -8.34 -5.58
CA LYS A 36 3.83 -9.22 -6.53
C LYS A 36 4.18 -10.57 -5.91
N GLY A 37 4.04 -11.64 -6.69
CA GLY A 37 4.34 -12.97 -6.20
C GLY A 37 3.21 -13.55 -5.38
N PHE A 38 2.71 -12.76 -4.43
CA PHE A 38 1.61 -13.19 -3.57
C PHE A 38 0.34 -13.38 -4.39
N SER A 39 -0.41 -14.43 -4.09
CA SER A 39 -1.66 -14.72 -4.80
C SER A 39 -2.58 -13.50 -4.80
N ASP A 40 -3.25 -13.29 -5.94
CA ASP A 40 -4.16 -12.15 -6.07
C ASP A 40 -5.17 -12.10 -4.94
N GLU A 41 -5.67 -13.27 -4.55
CA GLU A 41 -6.64 -13.36 -3.47
C GLU A 41 -6.05 -12.83 -2.15
N ASP A 42 -4.75 -12.99 -1.98
CA ASP A 42 -4.06 -12.54 -0.77
C ASP A 42 -3.88 -11.02 -0.73
N ASN A 43 -4.92 -10.28 -1.11
CA ASN A 43 -4.85 -8.82 -1.10
C ASN A 43 -4.71 -8.30 0.33
N THR A 44 -3.88 -7.28 0.50
CA THR A 44 -3.65 -6.70 1.82
C THR A 44 -3.62 -5.18 1.76
N TRP A 45 -4.42 -4.54 2.60
CA TRP A 45 -4.50 -3.08 2.66
C TRP A 45 -3.41 -2.52 3.57
N GLU A 46 -2.83 -1.40 3.16
CA GLU A 46 -1.78 -0.75 3.94
C GLU A 46 -2.04 0.74 4.11
N PRO A 47 -1.74 1.29 5.30
CA PRO A 47 -1.94 2.72 5.58
C PRO A 47 -1.19 3.61 4.60
N GLU A 48 -1.84 4.68 4.17
CA GLU A 48 -1.24 5.61 3.21
C GLU A 48 0.13 6.09 3.69
N GLU A 49 0.29 6.23 5.01
CA GLU A 49 1.56 6.69 5.57
C GLU A 49 2.68 5.68 5.34
N ASN A 50 2.42 4.41 5.64
CA ASN A 50 3.41 3.35 5.47
C ASN A 50 3.77 3.15 4.00
N LEU A 51 2.75 2.88 3.19
CA LEU A 51 2.97 2.65 1.77
C LEU A 51 3.69 3.81 1.10
N ASP A 52 4.46 3.51 0.06
CA ASP A 52 5.22 4.53 -0.66
C ASP A 52 4.89 4.50 -2.15
N CYS A 53 3.61 4.70 -2.46
CA CYS A 53 3.16 4.68 -3.85
C CYS A 53 2.08 5.74 -4.08
N PRO A 54 2.42 7.04 -3.87
CA PRO A 54 1.49 8.14 -4.06
C PRO A 54 0.97 8.22 -5.50
N ASP A 55 1.85 7.93 -6.46
CA ASP A 55 1.48 7.98 -7.87
C ASP A 55 0.34 7.02 -8.18
N LEU A 56 0.41 5.81 -7.65
CA LEU A 56 -0.64 4.82 -7.87
C LEU A 56 -1.92 5.26 -7.17
N ILE A 57 -1.74 5.85 -5.99
CA ILE A 57 -2.88 6.33 -5.21
C ILE A 57 -3.68 7.35 -6.01
N ALA A 58 -2.99 8.33 -6.59
CA ALA A 58 -3.64 9.36 -7.39
C ALA A 58 -4.34 8.74 -8.59
N GLU A 59 -3.67 7.78 -9.22
CA GLU A 59 -4.24 7.10 -10.39
C GLU A 59 -5.61 6.52 -10.06
N PHE A 60 -5.78 6.10 -8.81
CA PHE A 60 -7.03 5.52 -8.35
C PHE A 60 -8.18 6.52 -8.48
N LEU A 61 -8.03 7.68 -7.86
CA LEU A 61 -9.04 8.72 -7.89
C LEU A 61 -9.25 9.26 -9.30
N GLN A 62 -8.16 9.44 -10.04
CA GLN A 62 -8.23 9.96 -11.41
C GLN A 62 -9.08 9.06 -12.29
N SER A 63 -8.91 7.74 -12.16
CA SER A 63 -9.66 6.78 -12.95
C SER A 63 -11.16 6.95 -12.75
N GLN A 64 -11.58 6.97 -11.50
CA GLN A 64 -12.99 7.13 -11.14
C GLN A 64 -13.43 8.59 -11.22
N LYS A 65 -12.90 9.31 -12.21
CA LYS A 65 -13.28 10.71 -12.39
C LYS A 65 -14.76 10.81 -12.69
N THR A 66 -15.52 11.37 -11.75
CA THR A 66 -16.96 11.51 -11.89
C THR A 66 -17.65 10.16 -11.67
N ALA A 67 -17.14 9.12 -12.32
CA ALA A 67 -17.69 7.77 -12.19
C ALA A 67 -16.97 6.78 -13.11
N HIS A 68 -15.65 6.87 -13.14
CA HIS A 68 -14.82 5.98 -13.97
C HIS A 68 -15.10 6.19 -15.45
N GLU A 69 -14.05 6.12 -16.26
CA GLU A 69 -14.17 6.31 -17.71
C GLU A 69 -14.98 5.18 -18.35
N THR A 70 -14.54 4.72 -19.53
CA THR A 70 -15.23 3.65 -20.24
C THR A 70 -15.09 2.32 -19.50
N ASP A 71 -14.80 1.24 -20.23
CA ASP A 71 -14.64 -0.07 -19.62
C ASP A 71 -13.27 -0.20 -18.95
N LYS A 72 -12.75 -1.42 -18.93
CA LYS A 72 -11.43 -1.68 -18.32
C LYS A 72 -10.31 -1.19 -19.22
N SER A 73 -9.34 -0.52 -18.63
CA SER A 73 -8.20 0.00 -19.38
C SER A 73 -7.41 -1.13 -20.02
N ALA B 1 15.12 3.65 -8.22
CA ALA B 1 15.63 4.35 -9.43
C ALA B 1 14.79 5.58 -9.75
N ARG B 2 14.55 5.82 -11.04
CA ARG B 2 13.76 6.97 -11.47
C ARG B 2 12.31 6.83 -11.00
N THR B 3 11.79 5.61 -11.05
CA THR B 3 10.41 5.36 -10.63
C THR B 3 10.14 3.86 -10.50
N MLY B 4 9.40 3.49 -9.46
CA MLY B 4 9.07 2.09 -9.23
CB MLY B 4 10.31 1.32 -8.76
CG MLY B 4 10.05 -0.16 -8.56
CD MLY B 4 11.30 -0.88 -8.08
CE MLY B 4 11.05 -2.37 -7.89
NZ MLY B 4 12.26 -3.09 -7.39
CH1 MLY B 4 12.12 -3.31 -6.07
CH2 MLY B 4 12.39 -4.26 -8.04
C MLY B 4 7.96 1.97 -8.18
O MLY B 4 7.03 1.19 -8.34
H MLY B 4 9.05 4.17 -8.85
HA MLY B 4 8.71 1.66 -10.16
HB2 MLY B 4 10.65 1.74 -7.83
HB3 MLY B 4 11.08 1.43 -9.50
HG2 MLY B 4 9.74 -0.60 -9.50
HG3 MLY B 4 9.27 -0.29 -7.83
HD2 MLY B 4 11.62 -0.46 -7.14
HD3 MLY B 4 12.09 -0.75 -8.81
HE2 MLY B 4 10.75 -2.80 -8.83
HE3 MLY B 4 10.24 -2.50 -7.18
HH11 MLY B 4 11.80 -4.34 -5.92
HH12 MLY B 4 13.08 -3.16 -5.58
HH13 MLY B 4 11.39 -2.64 -5.66
HH21 MLY B 4 13.43 -4.56 -8.03
HH22 MLY B 4 12.06 -4.13 -9.06
HH23 MLY B 4 11.78 -5.00 -7.54
HZ1 MLY B 4 13.12 -2.51 -7.55
N GLN B 5 8.08 2.77 -7.11
CA GLN B 5 7.10 2.77 -6.02
C GLN B 5 7.06 1.43 -5.30
N THR B 6 7.09 1.49 -3.96
CA THR B 6 7.06 0.30 -3.13
C THR B 6 6.44 0.60 -1.77
N ALA B 7 5.30 -0.04 -1.48
CA ALA B 7 4.63 0.17 -0.20
C ALA B 7 5.19 -0.74 0.88
N ARG B 8 5.41 -0.16 2.06
CA ARG B 8 5.95 -0.92 3.19
C ARG B 8 4.94 -1.96 3.67
N MLY B 9 5.46 -3.11 4.10
CA MLY B 9 4.61 -4.20 4.57
CB MLY B 9 5.37 -5.52 4.52
CG MLY B 9 4.48 -6.75 4.62
CD MLY B 9 3.53 -6.86 3.43
CE MLY B 9 2.72 -8.15 3.48
NZ MLY B 9 1.82 -8.28 2.29
CH1 MLY B 9 2.54 -8.69 1.23
CH2 MLY B 9 0.86 -9.19 2.56
C MLY B 9 4.12 -3.94 6.01
O MLY B 9 3.96 -4.86 6.80
H MLY B 9 6.43 -3.24 4.08
HA MLY B 9 3.75 -4.25 3.92
HB2 MLY B 9 6.08 -5.55 5.33
HB3 MLY B 9 5.90 -5.58 3.58
HG2 MLY B 9 3.89 -6.69 5.53
HG3 MLY B 9 5.09 -7.63 4.65
HD2 MLY B 9 4.11 -6.84 2.52
HD3 MLY B 9 2.85 -6.02 3.45
HE2 MLY B 9 2.12 -8.15 4.37
HE3 MLY B 9 3.40 -8.98 3.49
HH11 MLY B 9 3.24 -7.92 0.94
HH12 MLY B 9 3.08 -9.58 1.49
HH13 MLY B 9 1.88 -8.90 0.41
HH21 MLY B 9 0.85 -9.40 3.62
HH22 MLY B 9 1.07 -10.10 2.02
HH23 MLY B 9 -0.09 -8.80 2.26
HZ1 MLY B 9 1.37 -7.37 2.07
N SER B 10 3.87 -2.67 6.32
CA SER B 10 3.39 -2.28 7.65
C SER B 10 4.26 -2.89 8.75
N THR B 11 5.56 -2.67 8.65
CA THR B 11 6.52 -3.20 9.63
C THR B 11 6.57 -4.71 9.57
N GLY B 12 7.79 -5.26 9.57
CA GLY B 12 7.95 -6.70 9.51
C GLY B 12 9.40 -7.12 9.55
N GLY B 13 9.66 -8.29 10.13
CA GLY B 13 11.02 -8.79 10.23
C GLY B 13 11.07 -10.30 10.22
N LYS B 14 12.00 -10.86 9.45
CA LYS B 14 12.15 -12.31 9.36
C LYS B 14 13.61 -12.73 9.57
N ALA B 15 14.06 -13.71 8.80
CA ALA B 15 15.43 -14.20 8.91
C ALA B 15 16.43 -13.08 8.71
N PRO B 16 17.51 -13.07 9.53
CA PRO B 16 18.56 -12.04 9.45
C PRO B 16 19.31 -12.08 8.12
N GLY B 17 20.64 -12.08 8.18
CA GLY B 17 21.43 -12.12 6.97
C GLY B 17 22.89 -12.40 7.23
N GLY B 18 23.48 -13.31 6.45
CA GLY B 18 24.87 -13.65 6.62
C GLY B 18 25.33 -14.70 5.62
N HIS A 1 16.15 6.47 13.50
CA HIS A 1 17.01 6.33 12.30
C HIS A 1 18.31 5.58 12.61
N MET A 2 19.43 6.28 12.58
CA MET A 2 20.73 5.66 12.85
C MET A 2 21.10 4.67 11.74
N VAL A 3 21.79 3.59 12.12
CA VAL A 3 22.20 2.57 11.16
C VAL A 3 22.32 1.21 11.83
N GLU A 4 21.37 0.88 12.69
CA GLU A 4 21.39 -0.39 13.40
C GLU A 4 21.27 -1.55 12.42
N GLU A 5 22.28 -2.42 12.41
CA GLU A 5 22.31 -3.57 11.53
C GLU A 5 21.46 -4.71 12.09
N VAL A 6 22.04 -5.91 12.15
CA VAL A 6 21.34 -7.09 12.67
C VAL A 6 20.21 -7.51 11.74
N LEU A 7 20.18 -8.79 11.39
CA LEU A 7 19.17 -9.35 10.51
C LEU A 7 19.21 -8.69 9.13
N GLU A 8 19.55 -9.48 8.12
CA GLU A 8 19.65 -8.98 6.75
C GLU A 8 18.28 -8.89 6.09
N GLU A 9 17.29 -8.42 6.85
CA GLU A 9 15.93 -8.28 6.33
C GLU A 9 15.03 -7.58 7.33
N GLU A 10 14.40 -6.49 6.89
CA GLU A 10 13.50 -5.71 7.74
C GLU A 10 12.94 -4.50 6.97
N GLU A 11 11.64 -4.28 7.08
CA GLU A 11 10.99 -3.17 6.40
C GLU A 11 11.26 -3.23 4.90
N GLU A 12 11.06 -4.41 4.32
CA GLU A 12 11.29 -4.60 2.89
C GLU A 12 10.21 -3.91 2.06
N GLU A 13 10.64 -3.12 1.08
CA GLU A 13 9.73 -2.40 0.21
C GLU A 13 9.31 -3.27 -0.97
N TYR A 14 8.01 -3.34 -1.21
CA TYR A 14 7.47 -4.13 -2.31
C TYR A 14 7.15 -3.24 -3.51
N VAL A 15 7.44 -3.74 -4.71
CA VAL A 15 7.19 -2.98 -5.93
C VAL A 15 5.73 -2.60 -6.06
N VAL A 16 4.84 -3.57 -5.84
CA VAL A 16 3.41 -3.34 -5.93
C VAL A 16 2.99 -2.98 -7.36
N GLU A 17 2.00 -3.70 -7.88
CA GLU A 17 1.51 -3.45 -9.23
C GLU A 17 0.72 -2.15 -9.29
N LYS A 18 -0.26 -2.01 -8.39
CA LYS A 18 -1.10 -0.83 -8.34
C LYS A 18 -2.14 -0.97 -7.24
N VAL A 19 -2.40 0.11 -6.49
CA VAL A 19 -3.38 0.07 -5.42
C VAL A 19 -4.75 -0.29 -5.99
N LEU A 20 -5.41 -1.26 -5.38
CA LEU A 20 -6.71 -1.71 -5.85
C LEU A 20 -7.83 -0.79 -5.36
N ASP A 21 -7.93 -0.61 -4.04
CA ASP A 21 -9.00 0.25 -3.50
C ASP A 21 -8.51 1.16 -2.37
N ARG A 22 -9.47 1.74 -1.65
CA ARG A 22 -9.20 2.65 -0.54
C ARG A 22 -10.41 2.76 0.38
N ARG A 23 -10.17 2.81 1.68
CA ARG A 23 -11.25 2.93 2.65
C ARG A 23 -10.75 3.54 3.96
N VAL A 24 -11.65 4.19 4.70
CA VAL A 24 -11.29 4.80 5.97
C VAL A 24 -12.12 4.24 7.12
N VAL A 25 -11.45 3.96 8.24
CA VAL A 25 -12.13 3.42 9.41
C VAL A 25 -11.76 4.23 10.65
N LYS A 26 -12.78 4.68 11.39
CA LYS A 26 -12.59 5.49 12.59
C LYS A 26 -11.49 6.54 12.38
N GLY A 27 -11.44 7.11 11.18
CA GLY A 27 -10.45 8.12 10.87
C GLY A 27 -9.06 7.53 10.68
N LYS A 28 -9.00 6.36 10.06
CA LYS A 28 -7.75 5.70 9.79
C LYS A 28 -7.57 5.45 8.30
N VAL A 29 -6.35 5.62 7.82
CA VAL A 29 -6.06 5.42 6.41
C VAL A 29 -5.58 4.01 6.12
N GLU A 30 -6.13 3.43 5.06
CA GLU A 30 -5.77 2.07 4.63
C GLU A 30 -6.03 1.95 3.13
N TYR A 31 -5.09 1.35 2.39
CA TYR A 31 -5.24 1.20 0.95
C TYR A 31 -5.03 -0.23 0.50
N LEU A 32 -5.91 -0.68 -0.38
CA LEU A 32 -5.83 -2.01 -0.94
C LEU A 32 -4.72 -2.03 -1.99
N LEU A 33 -3.91 -3.09 -2.01
CA LEU A 33 -2.80 -3.16 -2.95
C LEU A 33 -2.66 -4.55 -3.58
N LYS A 34 -2.52 -4.56 -4.90
CA LYS A 34 -2.35 -5.80 -5.66
C LYS A 34 -0.88 -6.21 -5.70
N TRP A 35 -0.40 -6.75 -4.59
CA TRP A 35 1.00 -7.16 -4.49
C TRP A 35 1.37 -8.14 -5.61
N LYS A 36 2.49 -7.87 -6.27
CA LYS A 36 2.96 -8.70 -7.36
C LYS A 36 3.33 -10.10 -6.88
N GLY A 37 2.97 -11.11 -7.66
CA GLY A 37 3.26 -12.48 -7.30
C GLY A 37 2.31 -13.02 -6.26
N PHE A 38 1.96 -12.18 -5.29
CA PHE A 38 1.05 -12.58 -4.23
C PHE A 38 -0.39 -12.68 -4.74
N SER A 39 -1.08 -13.74 -4.31
CA SER A 39 -2.46 -13.98 -4.71
C SER A 39 -3.36 -12.85 -4.23
N ASP A 40 -4.50 -12.69 -4.90
CA ASP A 40 -5.46 -11.65 -4.53
C ASP A 40 -5.84 -11.74 -3.05
N GLU A 41 -5.95 -12.96 -2.55
CA GLU A 41 -6.29 -13.17 -1.15
C GLU A 41 -5.23 -12.57 -0.24
N ASP A 42 -3.97 -12.67 -0.68
CA ASP A 42 -2.84 -12.15 0.07
C ASP A 42 -2.94 -10.65 0.28
N ASN A 43 -3.60 -9.95 -0.65
CA ASN A 43 -3.74 -8.49 -0.57
C ASN A 43 -4.12 -8.06 0.84
N THR A 44 -3.56 -6.93 1.27
CA THR A 44 -3.84 -6.40 2.59
C THR A 44 -3.81 -4.86 2.58
N TRP A 45 -4.86 -4.26 3.11
CA TRP A 45 -4.98 -2.82 3.18
C TRP A 45 -3.98 -2.26 4.19
N GLU A 46 -3.36 -1.12 3.86
CA GLU A 46 -2.38 -0.52 4.75
C GLU A 46 -2.36 1.01 4.62
N PRO A 47 -2.13 1.71 5.74
CA PRO A 47 -2.09 3.18 5.77
C PRO A 47 -1.19 3.79 4.71
N GLU A 48 -1.71 4.84 4.07
CA GLU A 48 -0.98 5.55 3.03
C GLU A 48 0.33 6.13 3.56
N GLU A 49 0.33 6.49 4.84
CA GLU A 49 1.51 7.06 5.49
C GLU A 49 2.75 6.21 5.20
N ASN A 50 2.65 4.92 5.45
CA ASN A 50 3.76 4.00 5.21
C ASN A 50 4.02 3.83 3.72
N LEU A 51 2.94 3.80 2.93
CA LEU A 51 3.05 3.61 1.49
C LEU A 51 3.93 4.68 0.87
N ASP A 52 4.95 4.24 0.13
CA ASP A 52 5.88 5.16 -0.52
C ASP A 52 5.68 5.10 -2.04
N CYS A 53 4.45 5.32 -2.47
CA CYS A 53 4.12 5.27 -3.89
C CYS A 53 2.92 6.17 -4.21
N PRO A 54 3.00 7.48 -3.88
CA PRO A 54 1.93 8.43 -4.14
C PRO A 54 1.47 8.40 -5.59
N ASP A 55 2.40 8.10 -6.50
CA ASP A 55 2.10 8.05 -7.92
C ASP A 55 0.97 7.05 -8.20
N LEU A 56 1.10 5.83 -7.68
CA LEU A 56 0.09 4.81 -7.88
C LEU A 56 -1.26 5.25 -7.34
N ILE A 57 -1.26 5.83 -6.13
CA ILE A 57 -2.49 6.31 -5.53
C ILE A 57 -3.22 7.24 -6.50
N ALA A 58 -2.45 8.09 -7.17
CA ALA A 58 -3.01 9.00 -8.15
C ALA A 58 -3.68 8.25 -9.28
N GLU A 59 -3.02 7.19 -9.75
CA GLU A 59 -3.55 6.36 -10.83
C GLU A 59 -4.91 5.77 -10.46
N PHE A 60 -5.03 5.32 -9.21
CA PHE A 60 -6.28 4.73 -8.73
C PHE A 60 -7.38 5.77 -8.61
N LEU A 61 -7.05 6.93 -8.06
CA LEU A 61 -8.03 8.00 -7.88
C LEU A 61 -8.52 8.56 -9.21
N GLN A 62 -7.59 8.73 -10.16
CA GLN A 62 -7.94 9.26 -11.48
C GLN A 62 -9.04 8.42 -12.14
N SER A 63 -8.99 7.11 -11.90
CA SER A 63 -9.98 6.20 -12.47
C SER A 63 -11.40 6.66 -12.13
N GLN A 64 -11.63 6.99 -10.86
CA GLN A 64 -12.93 7.44 -10.42
C GLN A 64 -13.20 8.86 -10.88
N LYS A 65 -12.35 9.79 -10.43
CA LYS A 65 -12.49 11.20 -10.80
C LYS A 65 -13.94 11.65 -10.58
N THR A 66 -14.51 12.35 -11.55
CA THR A 66 -15.89 12.80 -11.44
C THR A 66 -16.85 11.68 -11.85
N ALA A 67 -16.53 10.47 -11.42
CA ALA A 67 -17.32 9.28 -11.74
C ALA A 67 -17.29 8.99 -13.23
N HIS A 68 -16.98 7.75 -13.58
CA HIS A 68 -16.92 7.34 -14.98
C HIS A 68 -18.27 7.49 -15.67
N GLU A 69 -19.35 7.29 -14.92
CA GLU A 69 -20.70 7.40 -15.47
C GLU A 69 -21.75 7.23 -14.38
N THR A 70 -21.57 6.21 -13.55
CA THR A 70 -22.49 5.92 -12.47
C THR A 70 -22.54 7.06 -11.45
N ASP A 71 -23.74 7.41 -11.01
CA ASP A 71 -23.93 8.47 -10.04
C ASP A 71 -25.38 8.53 -9.57
N LYS A 72 -25.58 8.70 -8.27
CA LYS A 72 -26.92 8.75 -7.69
C LYS A 72 -27.54 10.14 -7.85
N SER A 73 -27.35 10.72 -9.05
CA SER A 73 -27.90 12.04 -9.35
C SER A 73 -27.59 13.04 -8.23
N ALA B 1 15.75 9.23 -4.55
CA ALA B 1 16.02 8.67 -5.90
C ALA B 1 14.75 8.53 -6.70
N ARG B 2 13.68 8.07 -6.05
CA ARG B 2 12.39 7.90 -6.72
C ARG B 2 12.51 6.93 -7.89
N THR B 3 13.15 5.79 -7.65
CA THR B 3 13.33 4.78 -8.69
C THR B 3 11.99 4.35 -9.27
N MLY B 4 11.01 4.17 -8.39
CA MLY B 4 9.67 3.76 -8.81
CB MLY B 4 9.70 2.33 -9.35
CG MLY B 4 10.20 1.31 -8.33
CD MLY B 4 10.14 -0.11 -8.87
CE MLY B 4 11.02 -0.28 -10.10
NZ MLY B 4 12.46 0.04 -9.80
CH1 MLY B 4 13.11 -1.11 -9.50
CH2 MLY B 4 13.02 0.60 -10.88
C MLY B 4 8.68 3.85 -7.64
O MLY B 4 8.83 4.70 -6.75
H MLY B 4 11.18 4.33 -7.44
HA MLY B 4 9.35 4.42 -9.59
HB2 MLY B 4 10.36 2.30 -10.21
HB3 MLY B 4 8.71 2.05 -9.65
HG2 MLY B 4 9.57 1.36 -7.45
HG3 MLY B 4 11.22 1.54 -8.07
HD2 MLY B 4 9.12 -0.33 -9.15
HD3 MLY B 4 10.46 -0.79 -8.11
HE2 MLY B 4 10.67 0.37 -10.88
HE3 MLY B 4 10.96 -1.31 -10.43
HH11 MLY B 4 14.10 -0.87 -9.14
HH12 MLY B 4 12.57 -1.64 -8.74
HH13 MLY B 4 13.19 -1.72 -10.39
HH21 MLY B 4 13.82 -0.03 -11.24
HH22 MLY B 4 13.41 1.56 -10.61
HH23 MLY B 4 12.27 0.72 -11.65
HZ1 MLY B 4 12.52 0.68 -8.99
N GLN B 5 7.69 2.98 -7.64
CA GLN B 5 6.68 2.95 -6.59
C GLN B 5 6.86 1.72 -5.70
N THR B 6 6.84 1.93 -4.38
CA THR B 6 7.01 0.82 -3.44
C THR B 6 6.31 1.11 -2.11
N ALA B 7 5.81 0.05 -1.47
CA ALA B 7 5.12 0.17 -0.20
C ALA B 7 5.34 -1.08 0.65
N ARG B 8 5.75 -0.88 1.90
CA ARG B 8 6.02 -1.98 2.81
C ARG B 8 4.74 -2.54 3.41
N MLY B 9 4.83 -3.76 3.94
CA MLY B 9 3.70 -4.43 4.56
CB MLY B 9 3.96 -5.94 4.68
CG MLY B 9 3.98 -6.67 3.35
CD MLY B 9 4.17 -8.16 3.55
CE MLY B 9 3.97 -8.93 2.26
NZ MLY B 9 2.60 -8.76 1.72
CH1 MLY B 9 2.66 -8.63 0.38
CH2 MLY B 9 1.86 -9.84 2.01
C MLY B 9 3.39 -3.86 5.95
O MLY B 9 3.21 -4.61 6.91
H MLY B 9 5.70 -4.22 3.91
HA MLY B 9 2.84 -4.28 3.92
HB2 MLY B 9 3.20 -6.37 5.31
HB3 MLY B 9 4.93 -6.08 5.15
HG2 MLY B 9 4.78 -6.29 2.74
HG3 MLY B 9 3.03 -6.50 2.85
HD2 MLY B 9 3.46 -8.52 4.28
HD3 MLY B 9 5.17 -8.34 3.91
HE2 MLY B 9 4.15 -9.99 2.45
HE3 MLY B 9 4.69 -8.58 1.53
HH11 MLY B 9 1.67 -8.54 -0.03
HH12 MLY B 9 3.24 -7.75 0.13
HH13 MLY B 9 3.14 -9.50 -0.05
HH21 MLY B 9 2.33 -10.73 1.61
HH22 MLY B 9 0.88 -9.74 1.59
HH23 MLY B 9 1.78 -9.94 3.09
HZ1 MLY B 9 2.15 -7.92 2.12
N SER B 10 3.35 -2.54 6.05
CA SER B 10 3.08 -1.88 7.31
C SER B 10 4.10 -2.29 8.37
N THR B 11 5.36 -2.40 7.95
CA THR B 11 6.44 -2.79 8.84
C THR B 11 6.73 -1.69 9.87
N GLY B 12 8.01 -1.37 10.05
CA GLY B 12 8.39 -0.34 11.01
C GLY B 12 7.74 1.00 10.70
N GLY B 13 7.29 1.68 11.74
CA GLY B 13 6.65 2.98 11.56
C GLY B 13 6.35 3.66 12.88
N LYS B 14 5.13 4.19 13.00
CA LYS B 14 4.70 4.89 14.22
C LYS B 14 5.48 6.19 14.42
N ALA B 15 6.74 6.07 14.82
CA ALA B 15 7.60 7.23 15.05
C ALA B 15 7.08 8.10 16.19
N PRO B 16 7.98 8.55 17.09
CA PRO B 16 7.60 9.40 18.23
C PRO B 16 6.99 10.72 17.78
N GLY B 17 5.87 11.09 18.42
CA GLY B 17 5.20 12.33 18.07
C GLY B 17 6.06 13.54 18.35
N GLY B 18 6.06 14.49 17.41
CA GLY B 18 6.86 15.70 17.57
C GLY B 18 8.34 15.41 17.65
N HIS A 1 28.98 0.89 20.28
CA HIS A 1 28.08 1.96 20.79
C HIS A 1 26.60 1.57 20.58
N MET A 2 26.31 1.01 19.42
CA MET A 2 24.95 0.60 19.09
C MET A 2 24.92 -0.18 17.78
N VAL A 3 24.11 -1.24 17.73
CA VAL A 3 24.00 -2.06 16.53
C VAL A 3 23.61 -1.22 15.33
N GLU A 4 24.29 -1.44 14.20
CA GLU A 4 24.01 -0.68 12.99
C GLU A 4 24.21 0.82 13.23
N GLU A 5 23.19 1.62 12.94
CA GLU A 5 23.27 3.07 13.14
C GLU A 5 21.93 3.72 12.79
N VAL A 6 21.95 4.76 11.96
CA VAL A 6 20.74 5.45 11.56
C VAL A 6 19.80 4.52 10.80
N LEU A 7 18.51 4.60 11.10
CA LEU A 7 17.52 3.75 10.44
C LEU A 7 16.11 4.24 10.72
N GLU A 8 15.33 4.40 9.65
CA GLU A 8 13.95 4.87 9.76
C GLU A 8 13.06 3.77 10.33
N GLU A 9 11.83 3.67 9.80
CA GLU A 9 10.89 2.66 10.26
C GLU A 9 11.32 1.25 9.80
N GLU A 10 11.15 0.29 10.70
CA GLU A 10 11.53 -1.10 10.40
C GLU A 10 10.79 -1.64 9.18
N GLU A 11 9.59 -1.11 8.93
CA GLU A 11 8.78 -1.56 7.80
C GLU A 11 9.59 -1.61 6.51
N GLU A 12 9.49 -2.75 5.81
CA GLU A 12 10.22 -2.96 4.56
C GLU A 12 9.38 -2.58 3.35
N GLU A 13 10.05 -2.12 2.28
CA GLU A 13 9.38 -1.74 1.05
C GLU A 13 9.00 -2.97 0.23
N TYR A 14 7.79 -2.97 -0.31
CA TYR A 14 7.29 -4.08 -1.12
C TYR A 14 6.74 -3.59 -2.45
N VAL A 15 7.03 -4.33 -3.51
CA VAL A 15 6.56 -3.98 -4.85
C VAL A 15 5.04 -3.78 -4.87
N VAL A 16 4.59 -2.78 -5.61
CA VAL A 16 3.16 -2.49 -5.70
C VAL A 16 2.72 -2.36 -7.16
N GLU A 17 1.67 -3.10 -7.51
CA GLU A 17 1.15 -3.06 -8.87
C GLU A 17 0.21 -1.87 -9.04
N LYS A 18 -0.80 -1.77 -8.16
CA LYS A 18 -1.77 -0.69 -8.21
C LYS A 18 -2.82 -0.85 -7.12
N VAL A 19 -3.22 0.26 -6.49
CA VAL A 19 -4.23 0.20 -5.44
C VAL A 19 -5.56 -0.27 -6.01
N LEU A 20 -6.18 -1.21 -5.30
CA LEU A 20 -7.45 -1.73 -5.72
C LEU A 20 -8.59 -0.87 -5.18
N ASP A 21 -8.30 -0.04 -4.17
CA ASP A 21 -9.34 0.83 -3.60
C ASP A 21 -8.78 1.76 -2.51
N ARG A 22 -9.62 2.07 -1.52
CA ARG A 22 -9.23 2.96 -0.42
C ARG A 22 -10.29 2.90 0.69
N ARG A 23 -9.83 2.83 1.94
CA ARG A 23 -10.75 2.77 3.07
C ARG A 23 -10.11 3.29 4.35
N VAL A 24 -10.91 4.00 5.15
CA VAL A 24 -10.44 4.55 6.42
C VAL A 24 -11.14 3.85 7.58
N VAL A 25 -10.39 3.51 8.63
CA VAL A 25 -10.97 2.82 9.79
C VAL A 25 -11.14 3.77 10.96
N LYS A 26 -10.17 4.66 11.16
CA LYS A 26 -10.20 5.61 12.25
C LYS A 26 -9.13 6.69 12.07
N GLY A 27 -9.03 7.20 10.85
CA GLY A 27 -8.05 8.23 10.57
C GLY A 27 -7.03 7.80 9.52
N LYS A 28 -6.67 6.52 9.55
CA LYS A 28 -5.70 5.98 8.62
C LYS A 28 -6.36 5.64 7.28
N VAL A 29 -5.65 5.89 6.20
CA VAL A 29 -6.16 5.61 4.86
C VAL A 29 -5.41 4.44 4.22
N GLU A 30 -5.94 3.23 4.39
CA GLU A 30 -5.30 2.05 3.83
C GLU A 30 -5.80 1.78 2.41
N TYR A 31 -4.86 1.63 1.49
CA TYR A 31 -5.17 1.37 0.08
C TYR A 31 -4.90 -0.09 -0.27
N LEU A 32 -5.91 -0.75 -0.82
CA LEU A 32 -5.76 -2.15 -1.23
C LEU A 32 -4.65 -2.23 -2.26
N LEU A 33 -3.86 -3.30 -2.23
CA LEU A 33 -2.74 -3.42 -3.17
C LEU A 33 -2.50 -4.86 -3.61
N LYS A 34 -2.34 -5.04 -4.93
CA LYS A 34 -2.05 -6.35 -5.50
C LYS A 34 -0.54 -6.58 -5.47
N TRP A 35 -0.08 -7.28 -4.44
CA TRP A 35 1.34 -7.55 -4.27
C TRP A 35 1.86 -8.58 -5.28
N LYS A 36 3.03 -8.28 -5.85
CA LYS A 36 3.66 -9.16 -6.83
C LYS A 36 4.09 -10.47 -6.18
N GLY A 37 3.95 -11.57 -6.92
CA GLY A 37 4.34 -12.87 -6.41
C GLY A 37 3.30 -13.46 -5.47
N PHE A 38 2.88 -12.67 -4.50
CA PHE A 38 1.88 -13.11 -3.53
C PHE A 38 0.56 -13.39 -4.21
N SER A 39 -0.13 -14.44 -3.78
CA SER A 39 -1.42 -14.82 -4.36
C SER A 39 -2.35 -13.61 -4.43
N ASP A 40 -3.08 -13.50 -5.53
CA ASP A 40 -4.00 -12.39 -5.73
C ASP A 40 -4.95 -12.24 -4.54
N GLU A 41 -5.51 -13.36 -4.10
CA GLU A 41 -6.42 -13.36 -2.97
C GLU A 41 -5.78 -12.76 -1.73
N ASP A 42 -4.46 -12.95 -1.61
CA ASP A 42 -3.72 -12.45 -0.46
C ASP A 42 -3.48 -10.94 -0.55
N ASN A 43 -4.47 -10.18 -1.01
CA ASN A 43 -4.34 -8.73 -1.10
C ASN A 43 -4.29 -8.11 0.29
N THR A 44 -3.48 -7.07 0.46
CA THR A 44 -3.33 -6.42 1.74
C THR A 44 -3.33 -4.90 1.61
N TRP A 45 -4.19 -4.24 2.40
CA TRP A 45 -4.30 -2.80 2.39
C TRP A 45 -3.16 -2.18 3.19
N GLU A 46 -2.73 -0.98 2.81
CA GLU A 46 -1.65 -0.31 3.52
C GLU A 46 -1.91 1.20 3.64
N PRO A 47 -1.79 1.74 4.87
CA PRO A 47 -2.01 3.17 5.12
C PRO A 47 -1.12 4.04 4.25
N GLU A 48 -1.65 5.18 3.81
CA GLU A 48 -0.91 6.09 2.96
C GLU A 48 0.47 6.43 3.54
N GLU A 49 0.53 6.55 4.85
CA GLU A 49 1.79 6.88 5.53
C GLU A 49 2.83 5.76 5.35
N ASN A 50 2.43 4.53 5.62
CA ASN A 50 3.34 3.39 5.51
C ASN A 50 3.76 3.14 4.07
N LEU A 51 2.78 3.00 3.17
CA LEU A 51 3.06 2.73 1.77
C LEU A 51 3.87 3.87 1.14
N ASP A 52 4.41 3.60 -0.04
CA ASP A 52 5.20 4.57 -0.77
C ASP A 52 4.82 4.54 -2.25
N CYS A 53 3.53 4.62 -2.50
CA CYS A 53 3.00 4.57 -3.87
C CYS A 53 2.05 5.75 -4.13
N PRO A 54 2.50 7.00 -3.90
CA PRO A 54 1.69 8.19 -4.12
C PRO A 54 1.07 8.24 -5.52
N ASP A 55 1.89 7.95 -6.53
CA ASP A 55 1.43 7.95 -7.91
C ASP A 55 0.25 7.00 -8.07
N LEU A 56 0.26 5.91 -7.31
CA LEU A 56 -0.79 4.91 -7.36
C LEU A 56 -2.11 5.49 -6.82
N ILE A 57 -2.03 6.21 -5.71
CA ILE A 57 -3.22 6.82 -5.11
C ILE A 57 -3.85 7.82 -6.07
N ALA A 58 -3.02 8.67 -6.66
CA ALA A 58 -3.50 9.67 -7.61
C ALA A 58 -4.18 9.01 -8.80
N GLU A 59 -3.53 7.98 -9.34
CA GLU A 59 -4.07 7.26 -10.48
C GLU A 59 -5.42 6.65 -10.14
N PHE A 60 -5.54 6.11 -8.93
CA PHE A 60 -6.78 5.51 -8.48
C PHE A 60 -7.95 6.50 -8.57
N LEU A 61 -7.73 7.69 -8.05
CA LEU A 61 -8.76 8.73 -8.06
C LEU A 61 -9.06 9.20 -9.48
N GLN A 62 -8.01 9.29 -10.31
CA GLN A 62 -8.18 9.72 -11.70
C GLN A 62 -9.22 8.87 -12.42
N SER A 63 -9.21 7.57 -12.16
CA SER A 63 -10.15 6.65 -12.78
C SER A 63 -11.59 7.09 -12.52
N GLN A 64 -11.83 7.64 -11.33
CA GLN A 64 -13.15 8.10 -10.95
C GLN A 64 -13.47 9.46 -11.60
N LYS A 65 -13.35 9.52 -12.92
CA LYS A 65 -13.62 10.75 -13.66
C LYS A 65 -13.71 10.47 -15.16
N THR A 66 -14.75 11.02 -15.79
CA THR A 66 -14.97 10.83 -17.23
C THR A 66 -14.97 9.34 -17.57
N ALA A 67 -15.37 8.54 -16.58
CA ALA A 67 -15.43 7.09 -16.73
C ALA A 67 -15.87 6.44 -15.42
N HIS A 68 -15.33 6.96 -14.32
CA HIS A 68 -15.66 6.45 -12.98
C HIS A 68 -15.30 4.97 -12.88
N GLU A 69 -16.28 4.13 -12.57
CA GLU A 69 -16.05 2.69 -12.44
C GLU A 69 -15.99 2.01 -13.81
N THR A 70 -15.46 2.74 -14.79
CA THR A 70 -15.32 2.24 -16.17
C THR A 70 -16.65 1.76 -16.73
N ASP A 71 -17.17 2.49 -17.72
CA ASP A 71 -18.43 2.13 -18.36
C ASP A 71 -18.25 0.93 -19.28
N LYS A 72 -17.16 0.94 -20.05
CA LYS A 72 -16.87 -0.14 -20.98
C LYS A 72 -15.47 0.01 -21.56
N SER A 73 -14.72 -1.08 -21.59
CA SER A 73 -13.36 -1.07 -22.12
C SER A 73 -12.89 -2.49 -22.43
N ALA B 1 16.35 9.17 -8.78
CA ALA B 1 16.24 7.69 -8.85
C ALA B 1 14.88 7.22 -8.30
N ARG B 2 14.87 6.04 -7.68
CA ARG B 2 13.65 5.48 -7.12
C ARG B 2 12.54 5.42 -8.16
N THR B 3 12.89 4.95 -9.36
CA THR B 3 11.93 4.84 -10.45
C THR B 3 11.05 3.61 -10.30
N MLY B 4 10.50 3.43 -9.10
CA MLY B 4 9.63 2.29 -8.83
CB MLY B 4 10.43 0.98 -8.93
CG MLY B 4 9.58 -0.27 -8.78
CD MLY B 4 10.39 -1.53 -9.06
CE MLY B 4 9.53 -2.78 -8.98
NZ MLY B 4 10.31 -3.99 -9.34
CH1 MLY B 4 10.85 -4.53 -8.23
CH2 MLY B 4 9.47 -4.90 -9.90
C MLY B 4 9.00 2.41 -7.44
O MLY B 4 9.70 2.50 -6.42
H MLY B 4 10.67 4.08 -8.39
HA MLY B 4 8.85 2.27 -9.56
HB2 MLY B 4 11.17 0.97 -8.14
HB3 MLY B 4 10.92 0.94 -9.88
HG2 MLY B 4 8.76 -0.22 -9.48
HG3 MLY B 4 9.19 -0.32 -7.77
HD2 MLY B 4 11.19 -1.59 -8.33
HD3 MLY B 4 10.82 -1.45 -10.05
HE2 MLY B 4 8.70 -2.67 -9.65
HE3 MLY B 4 9.16 -2.89 -7.97
HH11 MLY B 4 10.22 -5.32 -7.86
HH12 MLY B 4 11.82 -4.94 -8.47
HH13 MLY B 4 10.95 -3.77 -7.48
HH21 MLY B 4 9.73 -5.88 -9.56
HH22 MLY B 4 9.56 -4.85 -10.98
HH23 MLY B 4 8.46 -4.67 -9.62
HZ1 MLY B 4 11.05 -3.77 -10.02
N GLN B 5 7.68 2.44 -7.40
CA GLN B 5 6.93 2.57 -6.15
C GLN B 5 6.93 1.26 -5.36
N THR B 6 7.06 1.38 -4.04
CA THR B 6 7.06 0.23 -3.16
C THR B 6 6.47 0.60 -1.80
N ALA B 7 5.29 0.07 -1.51
CA ALA B 7 4.63 0.36 -0.24
C ALA B 7 5.36 -0.30 0.92
N ARG B 8 4.64 -0.55 2.01
CA ARG B 8 5.22 -1.17 3.20
C ARG B 8 4.16 -1.88 4.03
N MLY B 9 4.48 -3.07 4.52
CA MLY B 9 3.56 -3.85 5.34
CB MLY B 9 4.21 -5.17 5.76
CG MLY B 9 4.57 -6.08 4.60
CD MLY B 9 3.32 -6.57 3.87
CE MLY B 9 3.67 -7.56 2.78
NZ MLY B 9 2.46 -8.07 2.07
CH1 MLY B 9 2.80 -8.44 0.82
CH2 MLY B 9 1.97 -9.13 2.73
C MLY B 9 3.15 -3.06 6.58
O MLY B 9 3.97 -2.38 7.20
H MLY B 9 5.38 -3.43 4.34
HA MLY B 9 2.68 -4.07 4.75
HB2 MLY B 9 3.53 -5.70 6.41
HB3 MLY B 9 5.11 -4.95 6.31
HG2 MLY B 9 5.10 -6.95 4.98
HG3 MLY B 9 5.19 -5.54 3.91
HD2 MLY B 9 2.82 -5.71 3.42
HD3 MLY B 9 2.65 -7.04 4.57
HE2 MLY B 9 4.19 -8.39 3.22
HE3 MLY B 9 4.31 -7.08 2.06
HH11 MLY B 9 3.70 -9.05 0.86
HH12 MLY B 9 2.00 -9.02 0.39
HH13 MLY B 9 2.99 -7.56 0.22
HH21 MLY B 9 1.00 -8.89 3.13
HH22 MLY B 9 2.64 -9.39 3.54
HH23 MLY B 9 1.89 -9.97 2.06
HZ1 MLY B 9 1.73 -7.34 2.02
N SER B 10 1.87 -3.16 6.95
CA SER B 10 1.35 -2.47 8.12
C SER B 10 2.13 -2.88 9.37
N THR B 11 2.71 -1.89 10.05
CA THR B 11 3.48 -2.14 11.26
C THR B 11 4.46 -3.30 11.07
N GLY B 12 5.28 -3.21 10.02
CA GLY B 12 6.25 -4.26 9.75
C GLY B 12 7.07 -4.63 10.97
N GLY B 13 7.34 -5.93 11.13
CA GLY B 13 8.10 -6.40 12.27
C GLY B 13 7.26 -6.54 13.51
N LYS B 14 6.44 -5.52 13.78
CA LYS B 14 5.54 -5.51 14.93
C LYS B 14 6.30 -5.27 16.24
N ALA B 15 7.47 -5.91 16.38
CA ALA B 15 8.30 -5.77 17.58
C ALA B 15 7.59 -6.35 18.80
N PRO B 16 8.34 -7.09 19.65
CA PRO B 16 7.79 -7.71 20.86
C PRO B 16 7.09 -6.69 21.76
N GLY B 17 5.88 -7.02 22.19
CA GLY B 17 5.13 -6.14 23.05
C GLY B 17 3.75 -6.69 23.37
N GLY B 18 3.07 -7.21 22.36
CA GLY B 18 1.74 -7.76 22.56
C GLY B 18 0.70 -6.69 22.85
N HIS A 1 19.59 -13.85 23.16
CA HIS A 1 19.52 -12.40 22.80
C HIS A 1 20.91 -11.88 22.41
N MET A 2 21.90 -12.23 23.21
CA MET A 2 23.28 -11.80 22.96
C MET A 2 23.75 -12.25 21.58
N VAL A 3 23.46 -13.50 21.24
CA VAL A 3 23.86 -14.06 19.95
C VAL A 3 23.14 -13.34 18.80
N GLU A 4 21.86 -13.06 19.00
CA GLU A 4 21.06 -12.38 17.98
C GLU A 4 21.04 -13.17 16.67
N GLU A 5 20.67 -14.44 16.77
CA GLU A 5 20.61 -15.31 15.59
C GLU A 5 19.61 -14.79 14.56
N VAL A 6 20.05 -14.75 13.30
CA VAL A 6 19.20 -14.27 12.21
C VAL A 6 18.83 -12.80 12.37
N LEU A 7 18.88 -12.07 11.27
CA LEU A 7 18.54 -10.64 11.29
C LEU A 7 17.08 -10.45 11.65
N GLU A 8 16.81 -9.49 12.53
CA GLU A 8 15.45 -9.21 12.97
C GLU A 8 14.59 -8.73 11.80
N GLU A 9 13.36 -9.25 11.73
CA GLU A 9 12.43 -8.89 10.67
C GLU A 9 12.09 -7.40 10.73
N GLU A 10 12.05 -6.76 9.56
CA GLU A 10 11.73 -5.34 9.47
C GLU A 10 10.50 -5.11 8.60
N GLU A 11 10.40 -3.91 8.04
CA GLU A 11 9.27 -3.58 7.17
C GLU A 11 9.49 -4.11 5.76
N GLU A 12 10.69 -3.87 5.23
CA GLU A 12 11.07 -4.32 3.90
C GLU A 12 10.12 -3.80 2.83
N GLU A 13 10.67 -3.13 1.81
CA GLU A 13 9.86 -2.58 0.73
C GLU A 13 9.46 -3.64 -0.28
N TYR A 14 8.20 -3.60 -0.71
CA TYR A 14 7.67 -4.54 -1.69
C TYR A 14 7.11 -3.80 -2.90
N VAL A 15 7.47 -4.25 -4.09
CA VAL A 15 7.00 -3.63 -5.32
C VAL A 15 5.48 -3.77 -5.45
N VAL A 16 4.82 -2.68 -5.81
CA VAL A 16 3.37 -2.68 -5.96
C VAL A 16 2.97 -2.20 -7.35
N GLU A 17 2.10 -2.96 -8.01
CA GLU A 17 1.63 -2.61 -9.35
C GLU A 17 0.74 -1.38 -9.31
N LYS A 18 -0.26 -1.39 -8.42
CA LYS A 18 -1.19 -0.28 -8.28
C LYS A 18 -2.22 -0.57 -7.19
N VAL A 19 -2.59 0.46 -6.43
CA VAL A 19 -3.57 0.29 -5.37
C VAL A 19 -4.93 -0.09 -5.93
N LEU A 20 -5.54 -1.10 -5.33
CA LEU A 20 -6.85 -1.56 -5.78
C LEU A 20 -7.96 -0.64 -5.29
N ASP A 21 -7.79 -0.06 -4.09
CA ASP A 21 -8.82 0.83 -3.56
C ASP A 21 -8.34 1.57 -2.32
N ARG A 22 -9.29 1.96 -1.45
CA ARG A 22 -8.97 2.69 -0.23
C ARG A 22 -10.20 2.75 0.68
N ARG A 23 -9.97 2.64 1.99
CA ARG A 23 -11.07 2.67 2.96
C ARG A 23 -10.58 3.12 4.33
N VAL A 24 -11.42 3.86 5.03
CA VAL A 24 -11.08 4.36 6.37
C VAL A 24 -11.57 3.40 7.45
N VAL A 25 -10.78 3.24 8.51
CA VAL A 25 -11.14 2.34 9.60
C VAL A 25 -11.71 3.11 10.80
N LYS A 26 -11.09 4.25 11.10
CA LYS A 26 -11.52 5.08 12.22
C LYS A 26 -10.82 6.43 12.18
N GLY A 27 -10.91 7.09 11.04
CA GLY A 27 -10.27 8.38 10.88
C GLY A 27 -8.95 8.27 10.14
N LYS A 28 -8.35 7.09 10.20
CA LYS A 28 -7.08 6.85 9.53
C LYS A 28 -7.29 6.68 8.03
N VAL A 29 -6.36 5.96 7.40
CA VAL A 29 -6.42 5.70 5.97
C VAL A 29 -5.85 4.32 5.67
N GLU A 30 -6.41 3.65 4.67
CA GLU A 30 -5.98 2.31 4.30
C GLU A 30 -6.22 2.07 2.81
N TYR A 31 -5.17 1.64 2.10
CA TYR A 31 -5.29 1.39 0.66
C TYR A 31 -4.97 -0.06 0.32
N LEU A 32 -5.69 -0.58 -0.66
CA LEU A 32 -5.47 -1.94 -1.13
C LEU A 32 -4.40 -1.94 -2.21
N LEU A 33 -3.58 -2.99 -2.27
CA LEU A 33 -2.52 -3.06 -3.27
C LEU A 33 -2.37 -4.47 -3.83
N LYS A 34 -2.23 -4.56 -5.15
CA LYS A 34 -2.05 -5.85 -5.82
C LYS A 34 -0.60 -6.28 -5.74
N TRP A 35 -0.15 -6.60 -4.52
CA TRP A 35 1.23 -7.01 -4.29
C TRP A 35 1.64 -8.08 -5.30
N LYS A 36 2.83 -7.92 -5.88
CA LYS A 36 3.34 -8.88 -6.88
C LYS A 36 3.42 -10.27 -6.30
N GLY A 37 3.07 -11.25 -7.12
CA GLY A 37 3.10 -12.64 -6.67
C GLY A 37 1.91 -12.96 -5.80
N PHE A 38 1.50 -12.00 -4.99
CA PHE A 38 0.36 -12.17 -4.10
C PHE A 38 -0.95 -12.13 -4.87
N SER A 39 -1.79 -13.14 -4.66
CA SER A 39 -3.08 -13.24 -5.34
C SER A 39 -4.05 -12.17 -4.83
N ASP A 40 -5.33 -12.33 -5.17
CA ASP A 40 -6.36 -11.38 -4.75
C ASP A 40 -6.52 -11.38 -3.24
N GLU A 41 -6.72 -12.57 -2.68
CA GLU A 41 -6.90 -12.72 -1.24
C GLU A 41 -5.62 -12.35 -0.50
N ASP A 42 -4.48 -12.74 -1.08
CA ASP A 42 -3.18 -12.45 -0.49
C ASP A 42 -2.99 -10.97 -0.22
N ASN A 43 -3.55 -10.13 -1.09
CA ASN A 43 -3.44 -8.69 -0.96
C ASN A 43 -3.85 -8.23 0.44
N THR A 44 -3.13 -7.24 0.96
CA THR A 44 -3.43 -6.69 2.28
C THR A 44 -3.34 -5.18 2.26
N TRP A 45 -4.36 -4.52 2.81
CA TRP A 45 -4.41 -3.08 2.88
C TRP A 45 -3.42 -2.55 3.89
N GLU A 46 -2.80 -1.43 3.59
CA GLU A 46 -1.83 -0.82 4.49
C GLU A 46 -2.06 0.68 4.59
N PRO A 47 -1.93 1.25 5.80
CA PRO A 47 -2.14 2.68 6.01
C PRO A 47 -1.34 3.53 5.03
N GLU A 48 -2.03 4.49 4.42
CA GLU A 48 -1.40 5.37 3.43
C GLU A 48 -0.11 5.98 3.96
N GLU A 49 -0.01 6.13 5.28
CA GLU A 49 1.18 6.70 5.90
C GLU A 49 2.43 5.93 5.50
N ASN A 50 2.38 4.60 5.65
CA ASN A 50 3.52 3.76 5.31
C ASN A 50 3.70 3.67 3.80
N LEU A 51 2.60 3.65 3.07
CA LEU A 51 2.63 3.55 1.62
C LEU A 51 3.55 4.62 1.02
N ASP A 52 4.31 4.22 0.01
CA ASP A 52 5.24 5.12 -0.67
C ASP A 52 5.04 5.01 -2.17
N CYS A 53 3.80 5.20 -2.62
CA CYS A 53 3.48 5.13 -4.03
C CYS A 53 2.42 6.18 -4.41
N PRO A 54 2.73 7.47 -4.17
CA PRO A 54 1.81 8.56 -4.49
C PRO A 54 1.33 8.50 -5.93
N ASP A 55 2.24 8.14 -6.83
CA ASP A 55 1.92 8.05 -8.25
C ASP A 55 0.83 7.00 -8.48
N LEU A 56 0.96 5.85 -7.84
CA LEU A 56 -0.02 4.79 -7.97
C LEU A 56 -1.36 5.24 -7.43
N ILE A 57 -1.33 5.95 -6.31
CA ILE A 57 -2.56 6.45 -5.69
C ILE A 57 -3.34 7.27 -6.71
N ALA A 58 -2.66 8.22 -7.33
CA ALA A 58 -3.27 9.07 -8.34
C ALA A 58 -3.86 8.22 -9.46
N GLU A 59 -3.12 7.18 -9.84
CA GLU A 59 -3.55 6.27 -10.89
C GLU A 59 -4.92 5.68 -10.56
N PHE A 60 -5.10 5.31 -9.29
CA PHE A 60 -6.35 4.74 -8.83
C PHE A 60 -7.50 5.72 -8.96
N LEU A 61 -7.34 6.94 -8.42
CA LEU A 61 -8.37 7.95 -8.48
C LEU A 61 -8.79 8.26 -9.91
N GLN A 62 -7.85 8.17 -10.84
CA GLN A 62 -8.16 8.42 -12.24
C GLN A 62 -9.37 7.60 -12.66
N SER A 63 -9.47 6.38 -12.12
CA SER A 63 -10.61 5.53 -12.42
C SER A 63 -11.90 6.23 -12.00
N GLN A 64 -11.89 6.74 -10.77
CA GLN A 64 -13.04 7.47 -10.25
C GLN A 64 -12.90 8.95 -10.61
N LYS A 65 -12.58 9.21 -11.87
CA LYS A 65 -12.39 10.57 -12.35
C LYS A 65 -12.60 10.66 -13.86
N THR A 66 -13.37 11.66 -14.30
CA THR A 66 -13.68 11.84 -15.71
C THR A 66 -14.32 10.56 -16.25
N ALA A 67 -14.76 9.73 -15.30
CA ALA A 67 -15.41 8.45 -15.59
C ALA A 67 -15.58 7.70 -14.28
N HIS A 68 -16.24 8.36 -13.32
CA HIS A 68 -16.47 7.80 -11.99
C HIS A 68 -17.20 6.45 -12.05
N GLU A 69 -18.12 6.24 -11.12
CA GLU A 69 -18.89 4.99 -11.07
C GLU A 69 -19.74 4.82 -12.32
N THR A 70 -19.75 3.60 -12.86
CA THR A 70 -20.52 3.29 -14.07
C THR A 70 -20.48 1.81 -14.37
N ASP A 71 -20.37 0.99 -13.33
CA ASP A 71 -20.33 -0.46 -13.49
C ASP A 71 -21.74 -1.04 -13.49
N LYS A 72 -22.50 -0.73 -12.45
CA LYS A 72 -23.87 -1.22 -12.32
C LYS A 72 -24.81 -0.46 -13.26
N SER A 73 -25.68 -1.21 -13.94
CA SER A 73 -26.64 -0.62 -14.88
C SER A 73 -27.62 -1.67 -15.37
N ALA B 1 16.08 4.37 -2.31
CA ALA B 1 14.74 4.29 -1.66
C ALA B 1 13.68 4.96 -2.53
N ARG B 2 13.75 4.71 -3.83
CA ARG B 2 12.80 5.29 -4.78
C ARG B 2 13.01 4.72 -6.17
N THR B 3 13.21 3.41 -6.25
CA THR B 3 13.43 2.75 -7.53
C THR B 3 12.22 2.93 -8.44
N MLY B 4 11.03 2.73 -7.88
CA MLY B 4 9.79 2.87 -8.63
CB MLY B 4 9.72 1.81 -9.73
CG MLY B 4 9.90 0.39 -9.24
CD MLY B 4 9.88 -0.61 -10.39
CE MLY B 4 10.13 -2.03 -9.90
NZ MLY B 4 10.10 -3.01 -11.03
CH1 MLY B 4 11.20 -3.77 -10.97
CH2 MLY B 4 9.02 -3.79 -10.91
C MLY B 4 8.58 2.77 -7.71
O MLY B 4 7.61 2.06 -8.01
H MLY B 4 10.99 2.49 -6.94
HA MLY B 4 9.79 3.86 -9.09
HB2 MLY B 4 10.48 2.02 -10.47
HB3 MLY B 4 8.75 1.88 -10.21
HG2 MLY B 4 9.12 0.15 -8.54
HG3 MLY B 4 10.86 0.32 -8.74
HD2 MLY B 4 10.64 -0.34 -11.10
HD3 MLY B 4 8.91 -0.56 -10.87
HE2 MLY B 4 9.36 -2.29 -9.19
HE3 MLY B 4 11.09 -2.07 -9.43
HH11 MLY B 4 11.05 -4.67 -11.55
HH12 MLY B 4 12.04 -3.22 -11.39
HH13 MLY B 4 11.41 -4.03 -9.95
HH21 MLY B 4 9.13 -4.43 -10.06
HH22 MLY B 4 8.90 -4.39 -11.80
HH23 MLY B 4 8.14 -3.16 -10.78
HZ1 MLY B 4 10.06 -2.51 -11.94
N GLN B 5 8.65 3.47 -6.58
CA GLN B 5 7.56 3.48 -5.59
C GLN B 5 7.36 2.11 -4.95
N THR B 6 7.29 2.10 -3.62
CA THR B 6 7.10 0.87 -2.86
C THR B 6 6.42 1.15 -1.53
N ALA B 7 5.21 0.63 -1.36
CA ALA B 7 4.45 0.83 -0.12
C ALA B 7 5.06 0.05 1.04
N ARG B 8 6.04 -0.79 0.72
CA ARG B 8 6.70 -1.60 1.74
C ARG B 8 5.74 -2.64 2.33
N MLY B 9 5.36 -2.46 3.59
CA MLY B 9 4.44 -3.39 4.24
CB MLY B 9 5.17 -4.71 4.55
CG MLY B 9 4.25 -5.82 5.02
CD MLY B 9 3.22 -6.21 3.96
CE MLY B 9 3.88 -6.91 2.78
NZ MLY B 9 2.89 -7.29 1.73
CH1 MLY B 9 3.55 -7.58 0.59
CH2 MLY B 9 2.21 -8.39 2.14
C MLY B 9 3.86 -2.78 5.52
O MLY B 9 3.19 -1.74 5.46
H MLY B 9 5.71 -1.69 4.10
HA MLY B 9 3.64 -3.58 3.55
HB2 MLY B 9 5.91 -4.53 5.30
HB3 MLY B 9 5.67 -5.04 3.64
HG2 MLY B 9 3.72 -5.48 5.91
HG3 MLY B 9 4.84 -6.69 5.28
HD2 MLY B 9 2.72 -5.32 3.62
HD3 MLY B 9 2.50 -6.88 4.40
HE2 MLY B 9 4.38 -7.80 3.14
HE3 MLY B 9 4.61 -6.24 2.34
HH11 MLY B 9 3.11 -8.46 0.14
HH12 MLY B 9 3.46 -6.75 -0.09
HH13 MLY B 9 4.58 -7.76 0.81
HH21 MLY B 9 1.82 -8.90 1.27
HH22 MLY B 9 1.39 -8.09 2.78
HH23 MLY B 9 2.87 -9.04 2.68
HZ1 MLY B 9 2.22 -6.51 1.56
N SER B 10 4.09 -3.43 6.66
CA SER B 10 3.57 -2.95 7.94
C SER B 10 4.19 -3.73 9.08
N THR B 11 5.52 -3.74 9.13
CA THR B 11 6.26 -4.46 10.17
C THR B 11 5.85 -5.92 10.24
N GLY B 12 5.71 -6.54 9.07
CA GLY B 12 5.31 -7.94 8.99
C GLY B 12 3.89 -8.17 9.44
N GLY B 13 3.09 -8.78 8.56
CA GLY B 13 1.71 -9.05 8.89
C GLY B 13 1.53 -10.43 9.52
N LYS B 14 2.14 -11.43 8.90
CA LYS B 14 2.06 -12.80 9.39
C LYS B 14 2.81 -12.97 10.71
N ALA B 15 3.47 -14.12 10.88
CA ALA B 15 4.23 -14.40 12.10
C ALA B 15 4.99 -15.72 11.96
N PRO B 16 6.27 -15.74 12.40
CA PRO B 16 7.11 -16.95 12.33
C PRO B 16 6.52 -18.11 13.11
N GLY B 17 6.09 -17.83 14.34
CA GLY B 17 5.51 -18.86 15.18
C GLY B 17 5.10 -18.34 16.55
N GLY B 18 5.98 -17.53 17.15
CA GLY B 18 5.69 -16.97 18.45
C GLY B 18 6.79 -16.05 18.94
N HIS A 1 7.33 9.50 17.28
CA HIS A 1 7.27 8.22 18.03
C HIS A 1 8.38 7.27 17.60
N MET A 2 8.60 7.19 16.28
CA MET A 2 9.63 6.32 15.73
C MET A 2 11.02 6.76 16.21
N VAL A 3 11.80 5.80 16.68
CA VAL A 3 13.14 6.10 17.17
C VAL A 3 14.06 6.56 16.04
N GLU A 4 14.75 7.67 16.27
CA GLU A 4 15.65 8.23 15.27
C GLU A 4 16.99 7.47 15.26
N GLU A 5 18.09 8.21 15.14
CA GLU A 5 19.42 7.61 15.12
C GLU A 5 19.56 6.62 13.97
N VAL A 6 19.80 5.35 14.28
CA VAL A 6 19.95 4.32 13.26
C VAL A 6 18.72 4.24 12.36
N LEU A 7 18.94 4.27 11.05
CA LEU A 7 17.84 4.19 10.09
C LEU A 7 17.44 2.75 9.82
N GLU A 8 16.60 2.54 8.81
CA GLU A 8 16.15 1.20 8.45
C GLU A 8 15.69 0.42 9.68
N GLU A 9 15.89 -0.90 9.65
CA GLU A 9 15.50 -1.75 10.77
C GLU A 9 14.05 -1.51 11.16
N GLU A 10 13.16 -1.58 10.18
CA GLU A 10 11.73 -1.37 10.41
C GLU A 10 10.91 -1.86 9.22
N GLU A 11 9.86 -1.12 8.86
CA GLU A 11 9.00 -1.50 7.74
C GLU A 11 9.81 -1.59 6.45
N GLU A 12 9.72 -2.73 5.78
CA GLU A 12 10.43 -2.95 4.53
C GLU A 12 9.55 -2.62 3.32
N GLU A 13 10.15 -1.99 2.31
CA GLU A 13 9.42 -1.62 1.11
C GLU A 13 9.15 -2.85 0.24
N TYR A 14 7.89 -2.99 -0.19
CA TYR A 14 7.49 -4.11 -1.03
C TYR A 14 7.00 -3.62 -2.39
N VAL A 15 7.30 -4.39 -3.44
CA VAL A 15 6.89 -4.04 -4.78
C VAL A 15 5.38 -3.85 -4.86
N VAL A 16 4.95 -2.78 -5.52
CA VAL A 16 3.54 -2.48 -5.65
C VAL A 16 3.08 -2.49 -7.11
N GLU A 17 1.94 -3.13 -7.35
CA GLU A 17 1.39 -3.21 -8.70
C GLU A 17 0.54 -1.98 -9.03
N LYS A 18 -0.67 -1.93 -8.45
CA LYS A 18 -1.60 -0.82 -8.68
C LYS A 18 -2.63 -0.73 -7.57
N VAL A 19 -2.86 0.51 -7.12
CA VAL A 19 -3.85 0.76 -6.07
C VAL A 19 -5.24 0.32 -6.50
N LEU A 20 -5.94 -0.37 -5.61
CA LEU A 20 -7.28 -0.85 -5.90
C LEU A 20 -8.33 0.10 -5.35
N ASP A 21 -8.10 0.62 -4.14
CA ASP A 21 -9.07 1.55 -3.53
C ASP A 21 -8.53 2.12 -2.21
N ARG A 22 -9.43 2.33 -1.24
CA ARG A 22 -9.05 2.88 0.06
C ARG A 22 -10.21 2.75 1.05
N ARG A 23 -9.88 2.56 2.33
CA ARG A 23 -10.91 2.43 3.36
C ARG A 23 -10.38 2.82 4.74
N VAL A 24 -11.20 3.53 5.50
CA VAL A 24 -10.83 3.95 6.85
C VAL A 24 -11.20 2.88 7.86
N VAL A 25 -10.32 2.63 8.82
CA VAL A 25 -10.57 1.62 9.85
C VAL A 25 -11.31 2.21 11.04
N LYS A 26 -10.79 3.32 11.56
CA LYS A 26 -11.39 3.99 12.70
C LYS A 26 -10.71 5.34 12.93
N GLY A 27 -10.48 6.05 11.83
CA GLY A 27 -9.82 7.33 11.89
C GLY A 27 -8.60 7.37 11.00
N LYS A 28 -7.96 6.20 10.86
CA LYS A 28 -6.78 6.06 10.03
C LYS A 28 -7.15 5.98 8.57
N VAL A 29 -6.32 5.29 7.80
CA VAL A 29 -6.55 5.13 6.37
C VAL A 29 -5.64 4.05 5.79
N GLU A 30 -6.22 3.19 4.95
CA GLU A 30 -5.47 2.10 4.32
C GLU A 30 -5.97 1.85 2.91
N TYR A 31 -5.05 1.83 1.96
CA TYR A 31 -5.39 1.60 0.56
C TYR A 31 -5.14 0.15 0.16
N LEU A 32 -6.00 -0.39 -0.69
CA LEU A 32 -5.86 -1.76 -1.16
C LEU A 32 -4.87 -1.80 -2.32
N LEU A 33 -4.02 -2.83 -2.37
CA LEU A 33 -3.04 -2.95 -3.43
C LEU A 33 -2.62 -4.40 -3.65
N LYS A 34 -2.54 -4.80 -4.92
CA LYS A 34 -2.12 -6.14 -5.28
C LYS A 34 -0.61 -6.26 -5.15
N TRP A 35 -0.14 -7.27 -4.41
CA TRP A 35 1.29 -7.44 -4.20
C TRP A 35 1.83 -8.62 -5.02
N LYS A 36 2.91 -8.38 -5.75
CA LYS A 36 3.54 -9.39 -6.59
C LYS A 36 3.93 -10.62 -5.78
N GLY A 37 3.80 -11.79 -6.40
CA GLY A 37 4.17 -13.04 -5.74
C GLY A 37 3.07 -13.54 -4.82
N PHE A 38 2.53 -12.67 -3.99
CA PHE A 38 1.49 -13.05 -3.05
C PHE A 38 0.20 -13.39 -3.80
N SER A 39 -0.55 -14.36 -3.26
CA SER A 39 -1.80 -14.80 -3.87
C SER A 39 -2.70 -13.61 -4.21
N ASP A 40 -3.52 -13.77 -5.24
CA ASP A 40 -4.43 -12.72 -5.67
C ASP A 40 -5.32 -12.24 -4.53
N GLU A 41 -6.04 -13.16 -3.90
CA GLU A 41 -6.91 -12.82 -2.79
C GLU A 41 -6.10 -12.39 -1.57
N ASP A 42 -4.79 -12.60 -1.62
CA ASP A 42 -3.91 -12.24 -0.52
C ASP A 42 -3.69 -10.72 -0.48
N ASN A 43 -4.62 -9.96 -1.03
CA ASN A 43 -4.51 -8.50 -1.04
C ASN A 43 -4.53 -7.97 0.39
N THR A 44 -3.68 -6.97 0.66
CA THR A 44 -3.61 -6.38 1.98
C THR A 44 -3.53 -4.86 1.90
N TRP A 45 -4.43 -4.19 2.62
CA TRP A 45 -4.47 -2.74 2.64
C TRP A 45 -3.35 -2.17 3.50
N GLU A 46 -2.63 -1.19 2.97
CA GLU A 46 -1.54 -0.58 3.71
C GLU A 46 -1.87 0.87 4.08
N PRO A 47 -1.39 1.35 5.23
CA PRO A 47 -1.63 2.73 5.66
C PRO A 47 -1.09 3.73 4.65
N GLU A 48 -1.89 4.76 4.36
CA GLU A 48 -1.49 5.78 3.41
C GLU A 48 -0.11 6.34 3.72
N GLU A 49 0.16 6.59 5.00
CA GLU A 49 1.45 7.11 5.42
C GLU A 49 2.58 6.14 5.07
N ASN A 50 2.34 4.85 5.31
CA ASN A 50 3.32 3.82 5.03
C ASN A 50 3.65 3.77 3.54
N LEU A 51 2.63 4.03 2.71
CA LEU A 51 2.80 4.01 1.26
C LEU A 51 3.90 4.96 0.82
N ASP A 52 4.61 4.56 -0.24
CA ASP A 52 5.70 5.36 -0.79
C ASP A 52 5.65 5.32 -2.31
N CYS A 53 4.48 5.64 -2.86
CA CYS A 53 4.27 5.64 -4.31
C CYS A 53 2.98 6.37 -4.66
N PRO A 54 2.88 7.67 -4.31
CA PRO A 54 1.69 8.48 -4.59
C PRO A 54 1.25 8.40 -6.05
N ASP A 55 2.20 8.10 -6.93
CA ASP A 55 1.91 7.99 -8.36
C ASP A 55 0.72 7.05 -8.60
N LEU A 56 0.69 5.92 -7.91
CA LEU A 56 -0.40 4.97 -8.05
C LEU A 56 -1.69 5.56 -7.51
N ILE A 57 -1.57 6.25 -6.38
CA ILE A 57 -2.72 6.89 -5.76
C ILE A 57 -3.41 7.81 -6.75
N ALA A 58 -2.60 8.58 -7.48
CA ALA A 58 -3.12 9.50 -8.48
C ALA A 58 -3.84 8.71 -9.57
N GLU A 59 -3.24 7.60 -9.97
CA GLU A 59 -3.81 6.73 -10.99
C GLU A 59 -5.22 6.30 -10.60
N PHE A 60 -5.40 6.06 -9.30
CA PHE A 60 -6.67 5.63 -8.75
C PHE A 60 -7.77 6.66 -9.02
N LEU A 61 -7.54 7.91 -8.60
CA LEU A 61 -8.49 8.98 -8.79
C LEU A 61 -8.72 9.30 -10.26
N GLN A 62 -7.71 9.06 -11.09
CA GLN A 62 -7.83 9.32 -12.53
C GLN A 62 -9.13 8.72 -13.07
N SER A 63 -9.41 7.49 -12.65
CA SER A 63 -10.62 6.80 -13.05
C SER A 63 -11.84 7.51 -12.50
N GLN A 64 -11.78 7.86 -11.22
CA GLN A 64 -12.86 8.55 -10.54
C GLN A 64 -12.79 10.05 -10.78
N LYS A 65 -12.64 10.42 -12.05
CA LYS A 65 -12.57 11.83 -12.43
C LYS A 65 -13.75 12.22 -13.31
N THR A 66 -14.09 11.37 -14.26
CA THR A 66 -15.22 11.63 -15.15
C THR A 66 -16.46 11.92 -14.31
N ALA A 67 -16.51 11.29 -13.15
CA ALA A 67 -17.60 11.47 -12.20
C ALA A 67 -17.02 11.68 -10.81
N HIS A 68 -15.92 12.42 -10.76
CA HIS A 68 -15.22 12.72 -9.51
C HIS A 68 -16.16 13.34 -8.48
N GLU A 69 -17.08 14.17 -8.95
CA GLU A 69 -18.05 14.85 -8.07
C GLU A 69 -17.36 15.86 -7.16
N THR A 70 -17.94 17.05 -7.07
CA THR A 70 -17.40 18.11 -6.22
C THR A 70 -17.45 17.74 -4.75
N ASP A 71 -18.60 17.24 -4.31
CA ASP A 71 -18.79 16.87 -2.91
C ASP A 71 -17.78 15.80 -2.48
N LYS A 72 -17.22 15.98 -1.29
CA LYS A 72 -16.24 15.04 -0.76
C LYS A 72 -16.85 13.66 -0.57
N SER A 73 -18.02 13.62 0.05
CA SER A 73 -18.72 12.36 0.31
C SER A 73 -19.04 11.65 -1.00
N ALA B 1 16.71 5.30 -10.37
CA ALA B 1 16.91 4.80 -8.98
C ALA B 1 15.72 3.98 -8.52
N ARG B 2 14.52 4.48 -8.81
CA ARG B 2 13.29 3.80 -8.42
C ARG B 2 13.18 2.44 -9.10
N THR B 3 12.92 1.39 -8.31
CA THR B 3 12.80 0.05 -8.85
C THR B 3 11.49 -0.13 -9.61
N MLY B 4 10.37 0.13 -8.92
CA MLY B 4 9.05 0.01 -9.53
CB MLY B 4 8.78 -1.41 -10.03
CG MLY B 4 8.63 -2.45 -8.92
CD MLY B 4 9.97 -2.75 -8.24
CE MLY B 4 10.90 -3.52 -9.16
NZ MLY B 4 10.38 -4.88 -9.45
CH1 MLY B 4 10.04 -4.96 -10.75
CH2 MLY B 4 11.34 -5.79 -9.21
C MLY B 4 7.96 0.41 -8.53
O MLY B 4 6.90 -0.22 -8.46
H MLY B 4 10.44 0.40 -7.99
HA MLY B 4 9.01 0.69 -10.37
HB2 MLY B 4 9.60 -1.71 -10.67
HB3 MLY B 4 7.87 -1.42 -10.60
HG2 MLY B 4 8.25 -3.36 -9.34
HG3 MLY B 4 7.95 -2.07 -8.18
HD2 MLY B 4 9.79 -3.33 -7.35
HD3 MLY B 4 10.44 -1.81 -7.97
HE2 MLY B 4 11.87 -3.61 -8.68
HE3 MLY B 4 11.01 -2.97 -10.09
HH11 MLY B 4 9.74 -5.97 -10.99
HH12 MLY B 4 9.20 -4.30 -10.94
HH13 MLY B 4 10.87 -4.66 -11.37
HH21 MLY B 4 12.27 -5.47 -9.67
HH22 MLY B 4 11.05 -6.75 -9.61
HH23 MLY B 4 11.49 -5.87 -8.13
HZ1 MLY B 4 9.55 -5.09 -8.86
N GLN B 5 8.23 1.46 -7.76
CA GLN B 5 7.28 1.95 -6.76
C GLN B 5 7.11 0.94 -5.64
N THR B 6 7.12 1.43 -4.40
CA THR B 6 6.97 0.57 -3.23
C THR B 6 6.18 1.29 -2.14
N ALA B 7 5.30 0.54 -1.46
CA ALA B 7 4.48 1.12 -0.41
C ALA B 7 4.68 0.38 0.90
N ARG B 8 5.86 -0.20 1.08
CA ARG B 8 6.19 -0.94 2.30
C ARG B 8 5.07 -1.91 2.68
N MLY B 9 4.84 -2.06 3.98
CA MLY B 9 3.80 -2.94 4.50
CB MLY B 9 3.97 -4.36 3.96
CG MLY B 9 3.00 -5.36 4.55
CD MLY B 9 2.86 -6.61 3.68
CE MLY B 9 2.09 -6.30 2.39
NZ MLY B 9 1.87 -7.50 1.52
CH1 MLY B 9 3.06 -7.89 1.00
CH2 MLY B 9 1.35 -8.51 2.25
C MLY B 9 3.82 -2.95 6.03
O MLY B 9 4.90 -2.94 6.63
H MLY B 9 5.37 -1.53 4.62
HA MLY B 9 2.84 -2.55 4.18
HB2 MLY B 9 4.98 -4.70 4.17
HB3 MLY B 9 3.83 -4.34 2.88
HG2 MLY B 9 2.03 -4.89 4.65
HG3 MLY B 9 3.35 -5.67 5.52
HD2 MLY B 9 2.32 -7.36 4.23
HD3 MLY B 9 3.84 -6.97 3.42
HE2 MLY B 9 2.65 -5.55 1.84
HE3 MLY B 9 1.13 -5.89 2.66
HH11 MLY B 9 3.37 -8.82 1.46
HH12 MLY B 9 2.95 -8.04 -0.07
HH13 MLY B 9 3.80 -7.13 1.18
HH21 MLY B 9 2.11 -8.93 2.89
HH22 MLY B 9 0.98 -9.28 1.58
HH23 MLY B 9 0.54 -8.13 2.85
HZ1 MLY B 9 1.23 -7.26 0.75
N SER B 10 2.65 -2.96 6.64
CA SER B 10 2.53 -2.96 8.10
C SER B 10 3.33 -4.10 8.70
N THR B 11 4.27 -3.74 9.58
CA THR B 11 5.11 -4.73 10.26
C THR B 11 5.53 -4.22 11.63
N GLY B 12 6.23 -3.07 11.63
CA GLY B 12 6.67 -2.49 12.89
C GLY B 12 7.38 -3.48 13.79
N GLY B 13 6.86 -3.65 15.00
CA GLY B 13 7.45 -4.58 15.94
C GLY B 13 6.52 -4.90 17.09
N LYS B 14 6.41 -6.19 17.42
CA LYS B 14 5.54 -6.63 18.50
C LYS B 14 5.95 -6.00 19.83
N ALA B 15 4.95 -5.56 20.60
CA ALA B 15 5.19 -4.93 21.90
C ALA B 15 6.03 -3.66 21.76
N PRO B 16 5.53 -2.66 21.00
CA PRO B 16 6.24 -1.39 20.80
C PRO B 16 6.16 -0.47 22.01
N GLY B 17 6.28 -1.05 23.20
CA GLY B 17 6.22 -0.27 24.42
C GLY B 17 7.41 0.65 24.59
N GLY B 18 7.95 0.70 25.80
CA GLY B 18 9.10 1.55 26.08
C GLY B 18 10.31 1.18 25.25
N HIS A 1 20.68 10.41 0.98
CA HIS A 1 21.33 9.10 0.69
C HIS A 1 22.81 9.12 1.06
N MET A 2 23.11 9.68 2.23
CA MET A 2 24.49 9.76 2.70
C MET A 2 25.03 8.38 3.06
N VAL A 3 25.84 8.31 4.12
CA VAL A 3 26.43 7.05 4.55
C VAL A 3 25.43 6.23 5.38
N GLU A 4 24.18 6.19 4.92
CA GLU A 4 23.15 5.44 5.62
C GLU A 4 23.37 3.94 5.48
N GLU A 5 23.36 3.23 6.61
CA GLU A 5 23.56 1.79 6.62
C GLU A 5 22.26 1.05 6.32
N VAL A 6 22.13 -0.17 6.86
CA VAL A 6 20.93 -0.97 6.66
C VAL A 6 19.84 -0.60 7.66
N LEU A 7 19.51 0.69 7.71
CA LEU A 7 18.48 1.19 8.62
C LEU A 7 17.08 0.90 8.09
N GLU A 8 16.86 -0.33 7.61
CA GLU A 8 15.57 -0.73 7.08
C GLU A 8 14.48 -0.61 8.15
N GLU A 9 14.84 -0.93 9.38
CA GLU A 9 13.90 -0.86 10.50
C GLU A 9 12.74 -1.83 10.30
N GLU A 10 13.07 -3.03 9.78
CA GLU A 10 12.08 -4.07 9.52
C GLU A 10 11.20 -3.74 8.32
N GLU A 11 10.71 -2.51 8.25
CA GLU A 11 9.86 -2.08 7.15
C GLU A 11 10.62 -2.10 5.83
N GLU A 12 10.12 -2.88 4.88
CA GLU A 12 10.75 -2.99 3.57
C GLU A 12 9.82 -2.46 2.47
N GLU A 13 10.42 -1.80 1.48
CA GLU A 13 9.65 -1.24 0.37
C GLU A 13 9.20 -2.34 -0.60
N TYR A 14 8.21 -3.13 -0.19
CA TYR A 14 7.70 -4.20 -1.03
C TYR A 14 7.15 -3.66 -2.34
N VAL A 15 7.48 -4.33 -3.44
CA VAL A 15 7.02 -3.91 -4.76
C VAL A 15 5.49 -3.96 -4.85
N VAL A 16 4.90 -2.94 -5.44
CA VAL A 16 3.44 -2.87 -5.58
C VAL A 16 3.05 -2.62 -7.03
N GLU A 17 2.14 -3.44 -7.54
CA GLU A 17 1.67 -3.30 -8.92
C GLU A 17 0.79 -2.08 -9.09
N LYS A 18 -0.25 -1.98 -8.25
CA LYS A 18 -1.18 -0.86 -8.31
C LYS A 18 -2.24 -0.98 -7.21
N VAL A 19 -2.53 0.14 -6.55
CA VAL A 19 -3.53 0.13 -5.49
C VAL A 19 -4.91 -0.17 -6.06
N LEU A 20 -5.61 -1.13 -5.45
CA LEU A 20 -6.93 -1.51 -5.93
C LEU A 20 -8.00 -0.56 -5.41
N ASP A 21 -8.00 -0.28 -4.10
CA ASP A 21 -9.00 0.62 -3.53
C ASP A 21 -8.45 1.44 -2.36
N ARG A 22 -9.36 1.94 -1.52
CA ARG A 22 -9.00 2.76 -0.36
C ARG A 22 -10.21 2.94 0.56
N ARG A 23 -10.00 2.76 1.87
CA ARG A 23 -11.09 2.92 2.82
C ARG A 23 -10.56 3.24 4.23
N VAL A 24 -11.28 4.11 4.94
CA VAL A 24 -10.90 4.49 6.30
C VAL A 24 -11.78 3.73 7.30
N VAL A 25 -11.16 3.28 8.39
CA VAL A 25 -11.90 2.55 9.41
C VAL A 25 -11.67 3.16 10.79
N LYS A 26 -10.53 2.82 11.40
CA LYS A 26 -10.18 3.34 12.70
C LYS A 26 -9.48 4.69 12.55
N GLY A 27 -10.02 5.53 11.66
CA GLY A 27 -9.42 6.82 11.42
C GLY A 27 -8.27 6.72 10.44
N LYS A 28 -7.67 5.53 10.36
CA LYS A 28 -6.55 5.27 9.48
C LYS A 28 -7.03 5.15 8.03
N VAL A 29 -6.21 5.66 7.11
CA VAL A 29 -6.53 5.60 5.70
C VAL A 29 -5.78 4.45 5.03
N GLU A 30 -6.35 3.24 5.12
CA GLU A 30 -5.71 2.07 4.53
C GLU A 30 -6.12 1.89 3.08
N TYR A 31 -5.12 1.78 2.21
CA TYR A 31 -5.35 1.60 0.78
C TYR A 31 -5.14 0.15 0.37
N LEU A 32 -5.96 -0.29 -0.58
CA LEU A 32 -5.86 -1.65 -1.09
C LEU A 32 -4.80 -1.71 -2.20
N LEU A 33 -3.97 -2.74 -2.17
CA LEU A 33 -2.90 -2.90 -3.17
C LEU A 33 -2.55 -4.36 -3.41
N LYS A 34 -2.30 -4.71 -4.67
CA LYS A 34 -1.92 -6.07 -5.02
C LYS A 34 -0.41 -6.24 -4.79
N TRP A 35 -0.01 -7.39 -4.27
CA TRP A 35 1.40 -7.64 -4.01
C TRP A 35 1.91 -8.84 -4.80
N LYS A 36 3.07 -8.66 -5.41
CA LYS A 36 3.68 -9.72 -6.22
C LYS A 36 3.93 -11.00 -5.42
N GLY A 37 3.84 -12.14 -6.10
CA GLY A 37 4.06 -13.42 -5.44
C GLY A 37 2.84 -13.90 -4.67
N PHE A 38 2.29 -13.02 -3.84
CA PHE A 38 1.13 -13.35 -3.04
C PHE A 38 -0.12 -13.45 -3.91
N SER A 39 -0.97 -14.44 -3.61
CA SER A 39 -2.20 -14.66 -4.37
C SER A 39 -3.02 -13.37 -4.47
N ASP A 40 -3.71 -13.20 -5.59
CA ASP A 40 -4.53 -12.01 -5.82
C ASP A 40 -5.54 -11.83 -4.69
N GLU A 41 -6.14 -12.92 -4.25
CA GLU A 41 -7.13 -12.89 -3.19
C GLU A 41 -6.51 -12.41 -1.87
N ASP A 42 -5.19 -12.50 -1.77
CA ASP A 42 -4.48 -12.08 -0.57
C ASP A 42 -4.37 -10.56 -0.47
N ASN A 43 -5.47 -9.86 -0.78
CA ASN A 43 -5.50 -8.41 -0.70
C ASN A 43 -5.13 -7.92 0.70
N THR A 44 -4.39 -6.82 0.77
CA THR A 44 -3.98 -6.27 2.06
C THR A 44 -3.93 -4.74 2.02
N TRP A 45 -4.78 -4.12 2.82
CA TRP A 45 -4.85 -2.66 2.88
C TRP A 45 -3.82 -2.13 3.88
N GLU A 46 -2.87 -1.34 3.38
CA GLU A 46 -1.83 -0.79 4.24
C GLU A 46 -2.04 0.70 4.48
N PRO A 47 -1.75 1.18 5.71
CA PRO A 47 -1.90 2.59 6.06
C PRO A 47 -1.24 3.50 5.04
N GLU A 48 -1.96 4.54 4.63
CA GLU A 48 -1.47 5.49 3.64
C GLU A 48 -0.15 6.13 4.07
N GLU A 49 0.01 6.33 5.38
CA GLU A 49 1.22 6.95 5.91
C GLU A 49 2.48 6.23 5.44
N ASN A 50 2.48 4.91 5.56
CA ASN A 50 3.63 4.09 5.15
C ASN A 50 3.76 4.03 3.63
N LEU A 51 2.62 3.99 2.94
CA LEU A 51 2.61 3.90 1.48
C LEU A 51 3.54 4.93 0.84
N ASP A 52 4.24 4.51 -0.21
CA ASP A 52 5.17 5.38 -0.92
C ASP A 52 4.93 5.27 -2.42
N CYS A 53 3.66 5.38 -2.82
CA CYS A 53 3.29 5.29 -4.23
C CYS A 53 2.48 6.49 -4.67
N PRO A 54 3.07 7.70 -4.65
CA PRO A 54 2.37 8.93 -5.04
C PRO A 54 1.79 8.84 -6.45
N ASP A 55 2.57 8.31 -7.39
CA ASP A 55 2.13 8.16 -8.77
C ASP A 55 1.01 7.13 -8.88
N LEU A 56 1.15 5.99 -8.21
CA LEU A 56 0.14 4.94 -8.26
C LEU A 56 -1.19 5.43 -7.69
N ILE A 57 -1.11 6.14 -6.56
CA ILE A 57 -2.31 6.67 -5.93
C ILE A 57 -3.10 7.52 -6.91
N ALA A 58 -2.40 8.42 -7.60
CA ALA A 58 -3.04 9.28 -8.59
C ALA A 58 -3.69 8.43 -9.68
N GLU A 59 -3.03 7.32 -10.02
CA GLU A 59 -3.53 6.41 -11.04
C GLU A 59 -4.88 5.81 -10.64
N PHE A 60 -5.03 5.45 -9.38
CA PHE A 60 -6.28 4.87 -8.89
C PHE A 60 -7.38 5.93 -8.82
N LEU A 61 -7.10 7.06 -8.17
CA LEU A 61 -8.06 8.14 -8.05
C LEU A 61 -8.34 8.73 -9.42
N GLN A 62 -7.41 8.50 -10.34
CA GLN A 62 -7.54 8.99 -11.70
C GLN A 62 -8.91 8.63 -12.25
N SER A 63 -9.35 7.40 -11.96
CA SER A 63 -10.66 6.93 -12.40
C SER A 63 -11.74 7.79 -11.78
N GLN A 64 -11.60 8.05 -10.48
CA GLN A 64 -12.55 8.89 -9.76
C GLN A 64 -12.41 10.35 -10.20
N LYS A 65 -12.18 11.24 -9.24
CA LYS A 65 -12.02 12.66 -9.56
C LYS A 65 -13.27 13.21 -10.25
N THR A 66 -13.08 13.95 -11.35
CA THR A 66 -14.20 14.51 -12.09
C THR A 66 -15.05 13.39 -12.69
N ALA A 67 -14.40 12.50 -13.42
CA ALA A 67 -15.08 11.37 -14.06
C ALA A 67 -15.27 10.22 -13.07
N HIS A 68 -15.62 10.57 -11.83
CA HIS A 68 -15.83 9.56 -10.79
C HIS A 68 -17.06 8.70 -11.08
N GLU A 69 -17.87 8.46 -10.05
CA GLU A 69 -19.08 7.65 -10.19
C GLU A 69 -18.75 6.22 -10.62
N THR A 70 -17.74 5.63 -9.98
CA THR A 70 -17.33 4.28 -10.28
C THR A 70 -18.42 3.28 -9.89
N ASP A 71 -18.67 2.31 -10.78
CA ASP A 71 -19.70 1.29 -10.52
C ASP A 71 -19.41 0.54 -9.22
N LYS A 72 -20.40 0.48 -8.34
CA LYS A 72 -20.25 -0.21 -7.07
C LYS A 72 -20.52 -1.71 -7.23
N SER A 73 -19.94 -2.29 -8.27
CA SER A 73 -20.09 -3.71 -8.54
C SER A 73 -19.22 -4.15 -9.72
N ALA B 1 5.20 -2.15 -16.01
CA ALA B 1 6.39 -2.22 -15.13
C ALA B 1 7.23 -0.95 -15.23
N ARG B 2 6.56 0.20 -15.25
CA ARG B 2 7.24 1.48 -15.35
C ARG B 2 8.02 1.78 -14.06
N THR B 3 7.99 3.04 -13.63
CA THR B 3 8.69 3.45 -12.42
C THR B 3 8.10 2.79 -11.19
N MLY B 4 8.96 2.15 -10.39
CA MLY B 4 8.52 1.47 -9.18
CB MLY B 4 9.51 0.38 -8.80
CG MLY B 4 9.06 -0.48 -7.64
CD MLY B 4 10.10 -1.55 -7.27
CE MLY B 4 10.21 -2.62 -8.33
NZ MLY B 4 10.93 -2.14 -9.55
CH1 MLY B 4 12.17 -2.68 -9.57
CH2 MLY B 4 10.25 -2.55 -10.65
C MLY B 4 8.36 2.46 -8.02
O MLY B 4 9.28 3.24 -7.73
H MLY B 4 9.91 2.15 -10.63
HA MLY B 4 7.56 1.02 -9.38
HB2 MLY B 4 10.46 0.83 -8.54
HB3 MLY B 4 9.66 -0.27 -9.66
HG2 MLY B 4 8.13 -0.97 -7.90
HG3 MLY B 4 8.90 0.16 -6.78
HD2 MLY B 4 9.81 -2.01 -6.34
HD3 MLY B 4 11.05 -1.06 -7.15
HE2 MLY B 4 9.22 -2.95 -8.62
HE3 MLY B 4 10.75 -3.46 -7.92
HH11 MLY B 4 12.89 -1.93 -9.27
HH12 MLY B 4 12.21 -3.52 -8.89
HH13 MLY B 4 12.39 -3.01 -10.58
HH21 MLY B 4 10.81 -3.34 -11.14
HH22 MLY B 4 10.15 -1.71 -11.33
HH23 MLY B 4 9.29 -2.91 -10.36
HZ1 MLY B 4 11.00 -1.11 -9.56
N GLN B 5 7.20 2.43 -7.37
CA GLN B 5 6.92 3.33 -6.25
C GLN B 5 7.14 2.64 -4.90
N THR B 6 6.66 1.40 -4.80
CA THR B 6 6.78 0.61 -3.56
C THR B 6 6.03 1.24 -2.40
N ALA B 7 5.48 0.39 -1.54
CA ALA B 7 4.75 0.84 -0.36
C ALA B 7 4.98 -0.11 0.79
N ARG B 8 5.60 0.38 1.86
CA ARG B 8 5.87 -0.45 3.01
C ARG B 8 4.58 -0.99 3.59
N MLY B 9 4.38 -2.29 3.46
CA MLY B 9 3.17 -2.94 3.94
CB MLY B 9 2.91 -4.24 3.18
CG MLY B 9 4.10 -5.18 3.14
CD MLY B 9 3.86 -6.31 2.14
CE MLY B 9 2.70 -7.20 2.55
NZ MLY B 9 2.22 -8.07 1.43
CH1 MLY B 9 3.17 -8.96 1.11
CH2 MLY B 9 1.11 -8.73 1.82
C MLY B 9 3.25 -3.19 5.45
O MLY B 9 3.18 -4.33 5.91
H MLY B 9 5.06 -2.83 3.00
HA MLY B 9 2.35 -2.26 3.76
HB2 MLY B 9 2.65 -3.98 2.16
HB3 MLY B 9 2.08 -4.76 3.64
HG2 MLY B 9 4.24 -5.62 4.12
HG3 MLY B 9 4.98 -4.64 2.85
HD2 MLY B 9 4.75 -6.91 2.07
HD3 MLY B 9 3.64 -5.87 1.17
HE2 MLY B 9 1.88 -6.57 2.87
HE3 MLY B 9 3.01 -7.82 3.38
HH11 MLY B 9 3.15 -9.79 1.82
HH12 MLY B 9 3.00 -9.34 0.11
HH13 MLY B 9 4.14 -8.49 1.15
HH21 MLY B 9 1.19 -9.77 1.54
HH22 MLY B 9 0.25 -8.28 1.36
HH23 MLY B 9 1.02 -8.66 2.90
HZ1 MLY B 9 2.00 -7.50 0.60
N SER B 10 3.39 -2.11 6.21
CA SER B 10 3.48 -2.18 7.66
C SER B 10 4.70 -2.97 8.11
N THR B 11 4.67 -3.49 9.33
CA THR B 11 5.78 -4.25 9.88
C THR B 11 5.76 -5.70 9.39
N GLY B 12 6.87 -6.13 8.80
CA GLY B 12 6.98 -7.50 8.30
C GLY B 12 6.22 -7.72 7.01
N GLY B 13 4.93 -7.41 7.02
CA GLY B 13 4.11 -7.59 5.83
C GLY B 13 4.01 -9.04 5.41
N LYS B 14 3.63 -9.92 6.35
CA LYS B 14 3.49 -11.34 6.06
C LYS B 14 2.59 -12.03 7.09
N ALA B 15 1.59 -11.29 7.56
CA ALA B 15 0.65 -11.83 8.54
C ALA B 15 1.37 -12.32 9.79
N PRO B 16 2.15 -11.46 10.47
CA PRO B 16 2.88 -11.83 11.68
C PRO B 16 1.94 -12.13 12.86
N GLY B 17 2.36 -11.74 14.06
CA GLY B 17 1.54 -11.97 15.24
C GLY B 17 2.22 -11.52 16.52
N GLY B 18 2.16 -12.35 17.54
CA GLY B 18 2.77 -12.02 18.82
C GLY B 18 2.59 -13.11 19.86
N HIS A 1 21.98 4.86 18.71
CA HIS A 1 23.04 5.79 19.19
C HIS A 1 23.78 5.21 20.40
N MET A 2 24.12 3.93 20.32
CA MET A 2 24.83 3.26 21.40
C MET A 2 25.28 1.87 20.97
N VAL A 3 24.35 1.13 20.36
CA VAL A 3 24.64 -0.23 19.88
C VAL A 3 23.44 -0.80 19.14
N GLU A 4 22.25 -0.67 19.73
CA GLU A 4 21.01 -1.16 19.14
C GLU A 4 21.21 -2.47 18.39
N GLU A 5 20.60 -2.59 17.20
CA GLU A 5 20.73 -3.79 16.39
C GLU A 5 20.21 -3.52 14.98
N VAL A 6 20.90 -4.09 13.99
CA VAL A 6 20.53 -3.91 12.59
C VAL A 6 19.10 -4.39 12.33
N LEU A 7 18.21 -3.43 12.09
CA LEU A 7 16.79 -3.72 11.81
C LEU A 7 16.00 -2.42 11.65
N GLU A 8 16.63 -1.42 11.05
CA GLU A 8 16.00 -0.12 10.83
C GLU A 8 14.79 -0.24 9.91
N GLU A 9 13.72 0.49 10.26
CA GLU A 9 12.48 0.51 9.48
C GLU A 9 11.68 -0.78 9.67
N GLU A 10 12.34 -1.93 9.48
CA GLU A 10 11.70 -3.24 9.61
C GLU A 10 10.78 -3.53 8.43
N GLU A 11 9.85 -2.63 8.16
CA GLU A 11 8.91 -2.80 7.05
C GLU A 11 9.65 -2.76 5.71
N GLU A 12 9.47 -3.81 4.91
CA GLU A 12 10.11 -3.88 3.59
C GLU A 12 9.31 -3.13 2.53
N GLU A 13 10.02 -2.37 1.70
CA GLU A 13 9.38 -1.60 0.63
C GLU A 13 9.03 -2.49 -0.56
N TYR A 14 7.95 -3.25 -0.44
CA TYR A 14 7.51 -4.13 -1.52
C TYR A 14 7.18 -3.32 -2.78
N VAL A 15 7.54 -3.87 -3.94
CA VAL A 15 7.32 -3.19 -5.21
C VAL A 15 5.86 -2.83 -5.42
N VAL A 16 4.96 -3.76 -5.10
CA VAL A 16 3.52 -3.53 -5.25
C VAL A 16 3.15 -3.42 -6.73
N GLU A 17 1.98 -3.94 -7.08
CA GLU A 17 1.51 -3.92 -8.46
C GLU A 17 0.60 -2.74 -8.75
N LYS A 18 -0.45 -2.57 -7.95
CA LYS A 18 -1.41 -1.47 -8.17
C LYS A 18 -2.45 -1.34 -7.06
N VAL A 19 -2.88 -0.10 -6.86
CA VAL A 19 -3.89 0.23 -5.87
C VAL A 19 -5.27 -0.26 -6.32
N LEU A 20 -6.08 -0.71 -5.37
CA LEU A 20 -7.42 -1.21 -5.68
C LEU A 20 -8.50 -0.24 -5.20
N ASP A 21 -8.31 0.33 -4.01
CA ASP A 21 -9.30 1.26 -3.47
C ASP A 21 -8.77 1.96 -2.20
N ARG A 22 -9.66 2.25 -1.26
CA ARG A 22 -9.30 2.93 -0.01
C ARG A 22 -10.46 2.86 0.98
N ARG A 23 -10.15 2.68 2.26
CA ARG A 23 -11.18 2.60 3.28
C ARG A 23 -10.65 2.98 4.66
N VAL A 24 -11.43 3.77 5.40
CA VAL A 24 -11.06 4.18 6.75
C VAL A 24 -11.70 3.26 7.78
N VAL A 25 -10.91 2.80 8.74
CA VAL A 25 -11.43 1.90 9.78
C VAL A 25 -11.87 2.69 11.01
N LYS A 26 -11.20 3.80 11.26
CA LYS A 26 -11.49 4.65 12.40
C LYS A 26 -10.95 6.06 12.16
N GLY A 27 -9.86 6.13 11.42
CA GLY A 27 -9.25 7.40 11.12
C GLY A 27 -8.10 7.26 10.13
N LYS A 28 -7.55 6.06 10.05
CA LYS A 28 -6.44 5.78 9.14
C LYS A 28 -6.94 5.63 7.72
N VAL A 29 -6.04 5.79 6.76
CA VAL A 29 -6.39 5.70 5.35
C VAL A 29 -5.67 4.52 4.69
N GLU A 30 -6.21 3.31 4.86
CA GLU A 30 -5.58 2.12 4.29
C GLU A 30 -6.05 1.88 2.86
N TYR A 31 -5.09 1.72 1.96
CA TYR A 31 -5.37 1.48 0.55
C TYR A 31 -5.08 0.03 0.19
N LEU A 32 -5.89 -0.53 -0.68
CA LEU A 32 -5.69 -1.89 -1.13
C LEU A 32 -4.66 -1.92 -2.25
N LEU A 33 -3.80 -2.92 -2.26
CA LEU A 33 -2.76 -3.03 -3.29
C LEU A 33 -2.36 -4.47 -3.53
N LYS A 34 -2.28 -4.86 -4.79
CA LYS A 34 -1.86 -6.21 -5.14
C LYS A 34 -0.36 -6.36 -4.93
N TRP A 35 0.07 -7.44 -4.28
CA TRP A 35 1.48 -7.65 -4.01
C TRP A 35 2.06 -8.74 -4.89
N LYS A 36 3.23 -8.47 -5.48
CA LYS A 36 3.91 -9.43 -6.34
C LYS A 36 4.28 -10.70 -5.59
N GLY A 37 4.22 -11.83 -6.28
CA GLY A 37 4.55 -13.10 -5.67
C GLY A 37 3.40 -13.66 -4.85
N PHE A 38 2.85 -12.85 -3.96
CA PHE A 38 1.73 -13.28 -3.12
C PHE A 38 0.47 -13.42 -3.95
N SER A 39 -0.31 -14.47 -3.68
CA SER A 39 -1.55 -14.71 -4.40
C SER A 39 -2.44 -13.47 -4.40
N ASP A 40 -3.15 -13.25 -5.49
CA ASP A 40 -4.04 -12.10 -5.61
C ASP A 40 -5.04 -12.06 -4.46
N GLU A 41 -5.47 -13.24 -4.01
CA GLU A 41 -6.41 -13.35 -2.91
C GLU A 41 -5.82 -12.79 -1.62
N ASP A 42 -4.49 -12.84 -1.52
CA ASP A 42 -3.79 -12.34 -0.34
C ASP A 42 -3.70 -10.81 -0.33
N ASN A 43 -4.82 -10.16 -0.66
CA ASN A 43 -4.87 -8.70 -0.68
C ASN A 43 -4.57 -8.14 0.72
N THR A 44 -3.87 -7.01 0.76
CA THR A 44 -3.52 -6.39 2.03
C THR A 44 -3.51 -4.86 1.93
N TRP A 45 -4.33 -4.22 2.76
CA TRP A 45 -4.43 -2.77 2.78
C TRP A 45 -3.33 -2.19 3.66
N GLU A 46 -2.95 -0.95 3.39
CA GLU A 46 -1.90 -0.30 4.14
C GLU A 46 -2.11 1.22 4.23
N PRO A 47 -1.87 1.82 5.41
CA PRO A 47 -2.04 3.25 5.61
C PRO A 47 -1.19 4.08 4.65
N GLU A 48 -1.86 5.00 3.94
CA GLU A 48 -1.20 5.86 2.97
C GLU A 48 0.15 6.37 3.47
N GLU A 49 0.25 6.60 4.78
CA GLU A 49 1.48 7.09 5.38
C GLU A 49 2.69 6.27 4.94
N ASN A 50 2.58 4.95 5.07
CA ASN A 50 3.67 4.04 4.70
C ASN A 50 3.82 3.95 3.18
N LEU A 51 2.71 4.10 2.47
CA LEU A 51 2.71 4.01 1.00
C LEU A 51 3.88 4.77 0.40
N ASP A 52 4.58 4.13 -0.53
CA ASP A 52 5.72 4.73 -1.21
C ASP A 52 5.48 4.72 -2.72
N CYS A 53 4.24 5.03 -3.10
CA CYS A 53 3.86 5.06 -4.50
C CYS A 53 2.66 5.98 -4.71
N PRO A 54 2.80 7.28 -4.37
CA PRO A 54 1.73 8.26 -4.52
C PRO A 54 1.14 8.26 -5.92
N ASP A 55 1.96 7.90 -6.90
CA ASP A 55 1.53 7.86 -8.29
C ASP A 55 0.32 6.95 -8.46
N LEU A 56 0.32 5.82 -7.75
CA LEU A 56 -0.79 4.88 -7.84
C LEU A 56 -2.03 5.44 -7.17
N ILE A 57 -1.85 6.08 -6.01
CA ILE A 57 -2.96 6.67 -5.28
C ILE A 57 -3.63 7.73 -6.15
N ALA A 58 -2.82 8.55 -6.81
CA ALA A 58 -3.33 9.58 -7.69
C ALA A 58 -4.01 8.97 -8.90
N GLU A 59 -3.36 7.95 -9.47
CA GLU A 59 -3.92 7.24 -10.63
C GLU A 59 -5.30 6.71 -10.31
N PHE A 60 -5.45 6.21 -9.09
CA PHE A 60 -6.73 5.68 -8.62
C PHE A 60 -7.81 6.75 -8.63
N LEU A 61 -7.47 7.92 -8.11
CA LEU A 61 -8.41 9.02 -8.04
C LEU A 61 -8.71 9.60 -9.42
N GLN A 62 -7.72 9.57 -10.32
CA GLN A 62 -7.92 10.08 -11.67
C GLN A 62 -9.14 9.44 -12.31
N SER A 63 -9.28 8.14 -12.12
CA SER A 63 -10.42 7.40 -12.66
C SER A 63 -11.72 7.96 -12.09
N GLN A 64 -11.64 8.42 -10.84
CA GLN A 64 -12.78 9.00 -10.16
C GLN A 64 -13.06 10.42 -10.64
N LYS A 65 -12.92 10.64 -11.95
CA LYS A 65 -13.15 11.95 -12.53
C LYS A 65 -13.79 11.83 -13.90
N THR A 66 -13.29 10.90 -14.72
CA THR A 66 -13.85 10.68 -16.06
C THR A 66 -15.35 10.50 -15.96
N ALA A 67 -15.77 10.04 -14.78
CA ALA A 67 -17.17 9.82 -14.47
C ALA A 67 -17.38 10.07 -12.99
N HIS A 68 -16.77 11.15 -12.50
CA HIS A 68 -16.84 11.54 -11.09
C HIS A 68 -18.27 11.47 -10.59
N GLU A 69 -18.47 10.73 -9.49
CA GLU A 69 -19.80 10.57 -8.90
C GLU A 69 -20.80 10.10 -9.95
N THR A 70 -21.99 10.71 -9.99
CA THR A 70 -23.00 10.33 -10.97
C THR A 70 -22.68 10.90 -12.34
N ASP A 71 -22.64 10.03 -13.35
CA ASP A 71 -22.33 10.45 -14.72
C ASP A 71 -22.37 9.25 -15.66
N LYS A 72 -23.02 9.44 -16.81
CA LYS A 72 -23.13 8.39 -17.84
C LYS A 72 -23.92 7.19 -17.31
N SER A 73 -24.82 6.68 -18.14
CA SER A 73 -25.64 5.53 -17.77
C SER A 73 -24.77 4.32 -17.45
N ALA B 1 15.59 5.49 -3.97
CA ALA B 1 14.84 6.71 -4.37
C ALA B 1 14.28 6.57 -5.78
N ARG B 2 13.03 7.00 -5.97
CA ARG B 2 12.37 6.92 -7.27
C ARG B 2 12.29 5.47 -7.75
N THR B 3 12.86 5.20 -8.93
CA THR B 3 12.85 3.85 -9.50
C THR B 3 11.46 3.24 -9.48
N MLY B 4 11.38 1.92 -9.31
CA MLY B 4 10.11 1.21 -9.28
CB MLY B 4 10.33 -0.29 -9.34
CG MLY B 4 11.07 -0.74 -10.59
CD MLY B 4 11.35 -2.24 -10.59
CE MLY B 4 10.06 -3.04 -10.61
NZ MLY B 4 10.32 -4.51 -10.68
CH1 MLY B 4 10.15 -5.06 -9.46
CH2 MLY B 4 9.45 -5.08 -11.55
C MLY B 4 9.32 1.58 -8.02
O MLY B 4 9.86 1.62 -6.92
H MLY B 4 12.22 1.41 -9.20
HA MLY B 4 9.54 1.52 -10.15
HB2 MLY B 4 9.38 -0.79 -9.31
HB3 MLY B 4 10.92 -0.59 -8.47
HG2 MLY B 4 12.02 -0.21 -10.65
HG3 MLY B 4 10.47 -0.50 -11.46
HD2 MLY B 4 11.90 -2.49 -9.70
HD3 MLY B 4 11.93 -2.49 -11.47
HE2 MLY B 4 9.48 -2.75 -11.47
HE3 MLY B 4 9.50 -2.83 -9.71
HH11 MLY B 4 11.10 -5.10 -8.96
HH12 MLY B 4 9.47 -4.45 -8.89
HH13 MLY B 4 9.75 -6.05 -9.57
HH21 MLY B 4 8.64 -5.53 -10.99
HH22 MLY B 4 9.96 -5.83 -12.12
HH23 MLY B 4 9.06 -4.32 -12.20
HZ1 MLY B 4 11.29 -4.69 -11.00
N GLN B 5 8.01 1.83 -8.19
CA GLN B 5 7.14 2.17 -7.08
C GLN B 5 7.18 1.09 -6.00
N THR B 6 6.95 1.49 -4.76
CA THR B 6 6.96 0.53 -3.64
C THR B 6 5.98 0.95 -2.55
N ALA B 7 5.92 0.14 -1.50
CA ALA B 7 5.03 0.38 -0.37
C ALA B 7 5.25 -0.69 0.71
N ARG B 8 5.59 -0.23 1.92
CA ARG B 8 5.86 -1.14 3.03
C ARG B 8 4.57 -1.63 3.69
N MLY B 9 4.54 -2.92 4.02
CA MLY B 9 3.39 -3.51 4.69
CB MLY B 9 3.61 -5.00 4.95
CG MLY B 9 3.74 -5.84 3.69
CD MLY B 9 3.99 -7.30 4.03
CE MLY B 9 4.05 -8.17 2.79
NZ MLY B 9 2.75 -8.18 2.06
CH1 MLY B 9 2.97 -8.55 0.78
CH2 MLY B 9 1.92 -9.06 2.63
C MLY B 9 3.13 -2.81 6.02
O MLY B 9 4.07 -2.41 6.71
H MLY B 9 5.32 -3.48 3.83
HA MLY B 9 2.52 -3.38 4.06
HB2 MLY B 9 2.78 -5.39 5.53
HB3 MLY B 9 4.52 -5.11 5.52
HG2 MLY B 9 4.56 -5.46 3.10
HG3 MLY B 9 2.83 -5.76 3.12
HD2 MLY B 9 3.19 -7.65 4.68
HD3 MLY B 9 4.94 -7.38 4.56
HE2 MLY B 9 4.29 -9.18 3.08
HE3 MLY B 9 4.82 -7.79 2.14
HH11 MLY B 9 2.04 -8.83 0.32
HH12 MLY B 9 3.41 -7.72 0.24
HH13 MLY B 9 3.65 -9.40 0.76
HH21 MLY B 9 2.34 -9.40 3.57
HH22 MLY B 9 1.78 -9.91 1.97
HH23 MLY B 9 0.97 -8.59 2.81
HZ1 MLY B 9 2.32 -7.23 2.07
N SER B 10 1.85 -2.66 6.38
CA SER B 10 1.49 -2.01 7.63
C SER B 10 2.13 -2.74 8.81
N THR B 11 3.20 -2.16 9.34
CA THR B 11 3.92 -2.74 10.47
C THR B 11 4.41 -4.15 10.14
N GLY B 12 5.13 -4.28 9.04
CA GLY B 12 5.65 -5.58 8.63
C GLY B 12 6.52 -6.21 9.71
N GLY B 13 6.33 -7.50 9.94
CA GLY B 13 7.10 -8.19 10.96
C GLY B 13 6.84 -9.69 10.98
N LYS B 14 6.96 -10.33 9.82
CA LYS B 14 6.73 -11.77 9.70
C LYS B 14 7.95 -12.54 10.21
N ALA B 15 8.41 -12.21 11.41
CA ALA B 15 9.56 -12.88 12.01
C ALA B 15 9.35 -14.38 12.11
N PRO B 16 10.35 -15.18 11.73
CA PRO B 16 10.28 -16.64 11.78
C PRO B 16 10.13 -17.16 13.21
N GLY B 17 9.36 -18.22 13.38
CA GLY B 17 9.16 -18.81 14.70
C GLY B 17 10.34 -19.63 15.18
N GLY B 18 11.55 -19.08 15.01
CA GLY B 18 12.74 -19.79 15.44
C GLY B 18 12.95 -21.08 14.66
N HIS A 1 11.76 -11.38 25.91
CA HIS A 1 13.06 -10.67 25.84
C HIS A 1 13.97 -11.29 24.77
N MET A 2 13.92 -12.61 24.67
CA MET A 2 14.73 -13.34 23.69
C MET A 2 14.23 -14.78 23.53
N VAL A 3 12.91 -14.92 23.46
CA VAL A 3 12.29 -16.24 23.30
C VAL A 3 12.67 -16.87 21.96
N GLU A 4 12.73 -16.04 20.93
CA GLU A 4 13.08 -16.50 19.59
C GLU A 4 13.36 -15.32 18.66
N GLU A 5 12.43 -14.37 18.63
CA GLU A 5 12.58 -13.19 17.79
C GLU A 5 13.68 -12.29 18.32
N VAL A 6 14.52 -11.77 17.43
CA VAL A 6 15.63 -10.91 17.82
C VAL A 6 15.14 -9.47 18.05
N LEU A 7 13.91 -9.35 18.57
CA LEU A 7 13.31 -8.05 18.86
C LEU A 7 13.48 -7.08 17.69
N GLU A 8 13.47 -5.79 18.01
CA GLU A 8 13.62 -4.73 17.00
C GLU A 8 12.58 -4.86 15.90
N GLU A 9 11.43 -5.45 16.23
CA GLU A 9 10.32 -5.63 15.29
C GLU A 9 10.84 -5.93 13.88
N GLU A 10 10.20 -5.33 12.87
CA GLU A 10 10.60 -5.53 11.48
C GLU A 10 9.80 -4.63 10.54
N GLU A 11 10.50 -4.01 9.60
CA GLU A 11 9.87 -3.12 8.63
C GLU A 11 10.62 -3.14 7.31
N GLU A 12 9.89 -3.27 6.20
CA GLU A 12 10.51 -3.31 4.88
C GLU A 12 9.51 -2.96 3.78
N GLU A 13 9.96 -2.18 2.80
CA GLU A 13 9.11 -1.77 1.69
C GLU A 13 8.92 -2.92 0.69
N TYR A 14 7.68 -3.13 0.28
CA TYR A 14 7.35 -4.18 -0.67
C TYR A 14 6.91 -3.60 -2.01
N VAL A 15 7.34 -4.23 -3.10
CA VAL A 15 6.98 -3.78 -4.44
C VAL A 15 5.47 -3.68 -4.59
N VAL A 16 5.02 -2.64 -5.29
CA VAL A 16 3.59 -2.43 -5.49
C VAL A 16 3.25 -2.25 -6.97
N GLU A 17 2.22 -2.96 -7.42
CA GLU A 17 1.78 -2.87 -8.80
C GLU A 17 0.83 -1.70 -8.98
N LYS A 18 -0.20 -1.63 -8.12
CA LYS A 18 -1.19 -0.56 -8.18
C LYS A 18 -2.24 -0.73 -7.07
N VAL A 19 -2.62 0.38 -6.43
CA VAL A 19 -3.61 0.32 -5.36
C VAL A 19 -4.95 -0.16 -5.94
N LEU A 20 -5.57 -1.10 -5.24
CA LEU A 20 -6.83 -1.67 -5.70
C LEU A 20 -8.04 -0.86 -5.22
N ASP A 21 -7.97 -0.32 -4.01
CA ASP A 21 -9.10 0.46 -3.47
C ASP A 21 -8.73 1.28 -2.24
N ARG A 22 -9.33 2.45 -2.13
CA ARG A 22 -9.09 3.34 -1.00
C ARG A 22 -10.22 3.27 0.02
N ARG A 23 -9.88 3.21 1.31
CA ARG A 23 -10.88 3.15 2.36
C ARG A 23 -10.32 3.71 3.67
N VAL A 24 -11.10 4.58 4.32
CA VAL A 24 -10.69 5.16 5.59
C VAL A 24 -11.16 4.33 6.77
N VAL A 25 -10.33 4.29 7.81
CA VAL A 25 -10.65 3.55 9.02
C VAL A 25 -9.98 4.22 10.22
N LYS A 26 -10.79 4.56 11.21
CA LYS A 26 -10.29 5.23 12.41
C LYS A 26 -9.70 6.59 12.04
N GLY A 27 -10.33 7.26 11.08
CA GLY A 27 -9.83 8.57 10.64
C GLY A 27 -8.60 8.42 9.76
N LYS A 28 -7.96 7.27 9.85
CA LYS A 28 -6.77 6.97 9.08
C LYS A 28 -7.11 6.83 7.60
N VAL A 29 -6.32 6.01 6.92
CA VAL A 29 -6.51 5.76 5.50
C VAL A 29 -5.63 4.60 5.04
N GLU A 30 -6.22 3.68 4.29
CA GLU A 30 -5.49 2.51 3.79
C GLU A 30 -5.89 2.17 2.36
N TYR A 31 -4.89 1.81 1.55
CA TYR A 31 -5.15 1.47 0.15
C TYR A 31 -4.78 0.01 -0.13
N LEU A 32 -5.70 -0.71 -0.74
CA LEU A 32 -5.46 -2.11 -1.10
C LEU A 32 -4.31 -2.14 -2.10
N LEU A 33 -3.50 -3.18 -2.07
CA LEU A 33 -2.36 -3.25 -2.97
C LEU A 33 -2.05 -4.66 -3.45
N LYS A 34 -1.93 -4.81 -4.77
CA LYS A 34 -1.61 -6.09 -5.38
C LYS A 34 -0.12 -6.35 -5.28
N TRP A 35 0.26 -7.33 -4.48
CA TRP A 35 1.67 -7.66 -4.30
C TRP A 35 2.14 -8.71 -5.30
N LYS A 36 3.25 -8.42 -5.97
CA LYS A 36 3.81 -9.33 -6.96
C LYS A 36 4.18 -10.68 -6.33
N GLY A 37 3.95 -11.75 -7.07
CA GLY A 37 4.25 -13.08 -6.57
C GLY A 37 3.17 -13.59 -5.65
N PHE A 38 2.66 -12.72 -4.79
CA PHE A 38 1.61 -13.08 -3.85
C PHE A 38 0.30 -13.35 -4.58
N SER A 39 -0.39 -14.42 -4.19
CA SER A 39 -1.65 -14.79 -4.81
C SER A 39 -2.68 -13.66 -4.70
N ASP A 40 -3.52 -13.53 -5.72
CA ASP A 40 -4.55 -12.49 -5.75
C ASP A 40 -5.39 -12.52 -4.47
N GLU A 41 -5.71 -13.72 -4.00
CA GLU A 41 -6.51 -13.87 -2.79
C GLU A 41 -5.78 -13.30 -1.58
N ASP A 42 -4.45 -13.37 -1.61
CA ASP A 42 -3.63 -12.87 -0.50
C ASP A 42 -3.55 -11.35 -0.48
N ASN A 43 -4.67 -10.68 -0.76
CA ASN A 43 -4.70 -9.21 -0.74
C ASN A 43 -4.51 -8.70 0.69
N THR A 44 -3.78 -7.60 0.82
CA THR A 44 -3.53 -7.02 2.14
C THR A 44 -3.57 -5.49 2.09
N TRP A 45 -4.36 -4.91 2.98
CA TRP A 45 -4.51 -3.46 3.06
C TRP A 45 -3.51 -2.89 4.06
N GLU A 46 -3.08 -1.65 3.81
CA GLU A 46 -2.12 -0.99 4.69
C GLU A 46 -2.29 0.53 4.68
N PRO A 47 -2.05 1.19 5.83
CA PRO A 47 -2.19 2.65 5.95
C PRO A 47 -1.22 3.38 5.02
N GLU A 48 -1.79 4.19 4.12
CA GLU A 48 -1.02 4.96 3.15
C GLU A 48 0.21 5.60 3.79
N GLU A 49 0.13 5.92 5.08
CA GLU A 49 1.24 6.54 5.79
C GLU A 49 2.54 5.80 5.48
N ASN A 50 2.48 4.47 5.54
CA ASN A 50 3.63 3.63 5.24
C ASN A 50 3.84 3.58 3.73
N LEU A 51 2.73 3.53 3.00
CA LEU A 51 2.75 3.48 1.54
C LEU A 51 3.57 4.63 0.96
N ASP A 52 4.36 4.31 -0.06
CA ASP A 52 5.21 5.31 -0.72
C ASP A 52 5.03 5.24 -2.23
N CYS A 53 3.79 5.37 -2.68
CA CYS A 53 3.49 5.32 -4.11
C CYS A 53 2.35 6.27 -4.47
N PRO A 54 2.50 7.58 -4.16
CA PRO A 54 1.48 8.58 -4.46
C PRO A 54 1.10 8.62 -5.94
N ASP A 55 2.09 8.37 -6.79
CA ASP A 55 1.87 8.38 -8.24
C ASP A 55 0.78 7.39 -8.63
N LEU A 56 0.89 6.16 -8.16
CA LEU A 56 -0.10 5.13 -8.48
C LEU A 56 -1.43 5.47 -7.83
N ILE A 57 -1.36 5.97 -6.60
CA ILE A 57 -2.56 6.36 -5.86
C ILE A 57 -3.38 7.34 -6.68
N ALA A 58 -2.68 8.29 -7.31
CA ALA A 58 -3.34 9.29 -8.14
C ALA A 58 -4.03 8.63 -9.32
N GLU A 59 -3.34 7.65 -9.93
CA GLU A 59 -3.88 6.93 -11.07
C GLU A 59 -5.23 6.29 -10.72
N PHE A 60 -5.31 5.73 -9.52
CA PHE A 60 -6.53 5.09 -9.06
C PHE A 60 -7.64 6.12 -8.84
N LEU A 61 -7.31 7.21 -8.16
CA LEU A 61 -8.26 8.27 -7.87
C LEU A 61 -8.82 8.89 -9.14
N GLN A 62 -8.06 8.82 -10.23
CA GLN A 62 -8.50 9.39 -11.51
C GLN A 62 -9.94 9.00 -11.82
N SER A 63 -10.27 7.73 -11.59
CA SER A 63 -11.62 7.25 -11.82
C SER A 63 -12.63 8.08 -11.02
N GLN A 64 -12.32 8.25 -9.75
CA GLN A 64 -13.17 9.03 -8.86
C GLN A 64 -12.94 10.53 -9.08
N LYS A 65 -12.43 11.21 -8.06
CA LYS A 65 -12.15 12.65 -8.16
C LYS A 65 -13.42 13.43 -8.50
N THR A 66 -13.26 14.55 -9.22
CA THR A 66 -14.39 15.36 -9.61
C THR A 66 -15.42 14.54 -10.37
N ALA A 67 -14.94 13.74 -11.32
CA ALA A 67 -15.80 12.88 -12.11
C ALA A 67 -16.07 11.58 -11.37
N HIS A 68 -16.67 11.69 -10.19
CA HIS A 68 -16.98 10.52 -9.36
C HIS A 68 -17.55 9.39 -10.20
N GLU A 69 -17.13 8.16 -9.89
CA GLU A 69 -17.60 6.98 -10.60
C GLU A 69 -17.14 5.71 -9.87
N THR A 70 -16.48 4.80 -10.59
CA THR A 70 -15.99 3.55 -10.00
C THR A 70 -17.15 2.67 -9.53
N ASP A 71 -17.14 1.41 -9.95
CA ASP A 71 -18.18 0.47 -9.57
C ASP A 71 -18.05 0.08 -8.09
N LYS A 72 -19.18 0.06 -7.40
CA LYS A 72 -19.21 -0.31 -5.98
C LYS A 72 -18.31 0.62 -5.16
N SER A 73 -18.56 1.93 -5.27
CA SER A 73 -17.78 2.92 -4.55
C SER A 73 -17.87 2.69 -3.05
N ALA B 1 12.06 2.54 -11.03
CA ALA B 1 12.04 3.98 -10.66
C ALA B 1 10.61 4.46 -10.39
N ARG B 2 10.27 5.64 -10.90
CA ARG B 2 8.94 6.20 -10.70
C ARG B 2 7.86 5.23 -11.18
N THR B 3 8.15 4.53 -12.27
CA THR B 3 7.21 3.56 -12.85
C THR B 3 7.21 2.24 -12.07
N MLY B 4 7.13 2.35 -10.74
CA MLY B 4 7.11 1.16 -9.89
CB MLY B 4 8.45 0.43 -9.97
CG MLY B 4 8.52 -0.82 -9.10
CD MLY B 4 9.89 -1.49 -9.20
CE MLY B 4 9.96 -2.73 -8.32
NZ MLY B 4 11.30 -3.41 -8.37
CH1 MLY B 4 11.55 -3.81 -9.63
CH2 MLY B 4 12.26 -2.55 -7.98
C MLY B 4 6.82 1.53 -8.44
O MLY B 4 5.88 1.02 -7.84
H MLY B 4 7.09 3.23 -10.33
HA MLY B 4 6.33 0.50 -10.24
HB2 MLY B 4 9.24 1.10 -9.66
HB3 MLY B 4 8.63 0.14 -11.00
HG2 MLY B 4 7.76 -1.51 -9.43
HG3 MLY B 4 8.34 -0.54 -8.08
HD2 MLY B 4 10.65 -0.79 -8.90
HD3 MLY B 4 10.06 -1.78 -10.23
HE2 MLY B 4 9.20 -3.43 -8.63
HE3 MLY B 4 9.77 -2.43 -7.29
HH11 MLY B 4 11.98 -4.80 -9.62
HH12 MLY B 4 10.62 -3.83 -10.20
HH13 MLY B 4 12.24 -3.12 -10.10
HH21 MLY B 4 12.63 -2.01 -8.83
HH22 MLY B 4 13.06 -3.10 -7.51
HH23 MLY B 4 11.84 -1.85 -7.26
HZ1 MLY B 4 11.30 -4.24 -7.74
N GLN B 5 7.63 2.44 -7.88
CA GLN B 5 7.46 2.88 -6.51
C GLN B 5 7.44 1.69 -5.55
N THR B 6 6.97 1.93 -4.32
CA THR B 6 6.90 0.88 -3.30
C THR B 6 5.90 1.23 -2.21
N ALA B 7 5.86 0.37 -1.18
CA ALA B 7 4.96 0.56 -0.05
C ALA B 7 5.27 -0.50 1.01
N ARG B 8 5.73 -0.06 2.17
CA ARG B 8 6.08 -0.96 3.26
C ARG B 8 4.86 -1.70 3.79
N MLY B 9 4.99 -3.03 3.89
CA MLY B 9 3.90 -3.86 4.41
CB MLY B 9 4.19 -5.34 4.12
CG MLY B 9 3.10 -6.27 4.62
CD MLY B 9 3.53 -7.73 4.58
CE MLY B 9 3.84 -8.20 3.16
NZ MLY B 9 2.65 -8.08 2.27
CH1 MLY B 9 3.07 -8.01 0.99
CH2 MLY B 9 1.88 -9.18 2.42
C MLY B 9 3.75 -3.66 5.91
O MLY B 9 4.74 -3.66 6.65
H MLY B 9 5.84 -3.44 3.64
HA MLY B 9 2.99 -3.57 3.92
HB2 MLY B 9 5.12 -5.61 4.60
HB3 MLY B 9 4.30 -5.48 3.05
HG2 MLY B 9 2.22 -6.15 4.00
HG3 MLY B 9 2.85 -6.01 5.64
HD2 MLY B 9 2.75 -8.35 4.99
HD3 MLY B 9 4.42 -7.85 5.18
HE2 MLY B 9 4.16 -9.22 3.20
HE3 MLY B 9 4.63 -7.58 2.76
HH11 MLY B 9 3.79 -8.80 0.80
HH12 MLY B 9 2.22 -8.13 0.33
HH13 MLY B 9 3.53 -7.06 0.81
HH21 MLY B 9 2.43 -9.93 2.97
HH22 MLY B 9 1.62 -9.57 1.44
HH23 MLY B 9 0.98 -8.91 2.96
HZ1 MLY B 9 2.10 -7.24 2.49
N SER B 10 2.51 -3.47 6.36
CA SER B 10 2.25 -3.27 7.78
C SER B 10 2.67 -4.50 8.58
N THR B 11 3.55 -4.31 9.54
CA THR B 11 4.03 -5.41 10.38
C THR B 11 4.70 -4.88 11.63
N GLY B 12 5.70 -4.02 11.47
CA GLY B 12 6.40 -3.46 12.62
C GLY B 12 5.47 -2.68 13.52
N GLY B 13 5.39 -3.09 14.78
CA GLY B 13 4.53 -2.41 15.74
C GLY B 13 4.09 -3.32 16.87
N LYS B 14 3.90 -2.73 18.05
CA LYS B 14 3.48 -3.50 19.22
C LYS B 14 2.24 -4.34 18.90
N ALA B 15 2.25 -5.58 19.37
CA ALA B 15 1.14 -6.49 19.13
C ALA B 15 -0.19 -5.90 19.62
N PRO B 16 -1.22 -5.89 18.76
CA PRO B 16 -2.54 -5.35 19.12
C PRO B 16 -3.16 -6.08 20.30
N GLY B 17 -3.71 -5.32 21.24
CA GLY B 17 -4.33 -5.91 22.42
C GLY B 17 -3.36 -6.74 23.23
N GLY B 18 -3.79 -7.94 23.62
CA GLY B 18 -2.93 -8.81 24.40
C GLY B 18 -2.56 -8.20 25.74
N HIS A 1 0.68 -16.06 21.65
CA HIS A 1 -0.35 -15.81 20.62
C HIS A 1 -0.48 -14.32 20.32
N MET A 2 -0.50 -13.51 21.37
CA MET A 2 -0.61 -12.07 21.22
C MET A 2 0.56 -11.50 20.45
N VAL A 3 1.76 -11.94 20.82
CA VAL A 3 2.99 -11.49 20.17
C VAL A 3 4.05 -12.58 20.18
N GLU A 4 4.74 -12.75 19.06
CA GLU A 4 5.78 -13.76 18.93
C GLU A 4 6.53 -13.61 17.62
N GLU A 5 7.85 -13.81 17.66
CA GLU A 5 8.72 -13.70 16.50
C GLU A 5 8.96 -12.24 16.12
N VAL A 6 7.88 -11.47 16.03
CA VAL A 6 8.00 -10.05 15.67
C VAL A 6 8.73 -9.27 16.76
N LEU A 7 9.73 -8.50 16.36
CA LEU A 7 10.53 -7.71 17.30
C LEU A 7 11.55 -6.86 16.56
N GLU A 8 11.14 -6.30 15.42
CA GLU A 8 12.02 -5.45 14.63
C GLU A 8 11.22 -4.36 13.91
N GLU A 9 11.64 -4.05 12.68
CA GLU A 9 10.95 -3.02 11.89
C GLU A 9 11.53 -2.97 10.47
N GLU A 10 11.65 -4.15 9.85
CA GLU A 10 12.18 -4.25 8.50
C GLU A 10 11.38 -3.38 7.53
N GLU A 11 10.06 -3.48 7.60
CA GLU A 11 9.17 -2.70 6.75
C GLU A 11 9.75 -2.49 5.35
N GLU A 12 10.17 -3.59 4.73
CA GLU A 12 10.76 -3.55 3.40
C GLU A 12 9.79 -2.99 2.36
N GLU A 13 10.33 -2.24 1.41
CA GLU A 13 9.52 -1.66 0.34
C GLU A 13 9.23 -2.68 -0.74
N TYR A 14 7.96 -2.90 -1.02
CA TYR A 14 7.54 -3.86 -2.05
C TYR A 14 7.18 -3.15 -3.35
N VAL A 15 7.45 -3.82 -4.47
CA VAL A 15 7.18 -3.24 -5.78
C VAL A 15 5.72 -2.84 -5.93
N VAL A 16 4.82 -3.72 -5.49
CA VAL A 16 3.37 -3.45 -5.55
C VAL A 16 2.88 -3.40 -7.00
N GLU A 17 1.68 -3.94 -7.22
CA GLU A 17 1.09 -3.97 -8.55
C GLU A 17 0.35 -2.68 -8.87
N LYS A 18 -0.69 -2.36 -8.09
CA LYS A 18 -1.50 -1.16 -8.30
C LYS A 18 -2.59 -1.02 -7.26
N VAL A 19 -2.80 0.22 -6.82
CA VAL A 19 -3.82 0.53 -5.84
C VAL A 19 -5.20 0.11 -6.36
N LEU A 20 -5.98 -0.52 -5.48
CA LEU A 20 -7.32 -0.96 -5.84
C LEU A 20 -8.38 -0.01 -5.31
N ASP A 21 -8.16 0.54 -4.12
CA ASP A 21 -9.14 1.46 -3.53
C ASP A 21 -8.60 2.12 -2.26
N ARG A 22 -9.51 2.47 -1.34
CA ARG A 22 -9.14 3.11 -0.08
C ARG A 22 -10.35 3.11 0.85
N ARG A 23 -10.10 2.92 2.15
CA ARG A 23 -11.20 2.90 3.12
C ARG A 23 -10.74 3.26 4.52
N VAL A 24 -11.50 4.13 5.18
CA VAL A 24 -11.19 4.57 6.54
C VAL A 24 -11.63 3.50 7.55
N VAL A 25 -10.94 3.45 8.69
CA VAL A 25 -11.27 2.48 9.74
C VAL A 25 -11.28 3.14 11.11
N LYS A 26 -10.52 4.22 11.25
CA LYS A 26 -10.43 4.94 12.52
C LYS A 26 -9.84 6.33 12.28
N GLY A 27 -10.46 7.07 11.36
CA GLY A 27 -9.97 8.40 11.04
C GLY A 27 -8.88 8.35 9.99
N LYS A 28 -8.14 7.25 9.99
CA LYS A 28 -7.06 7.05 9.04
C LYS A 28 -7.60 6.63 7.68
N VAL A 29 -6.80 5.89 6.95
CA VAL A 29 -7.21 5.40 5.63
C VAL A 29 -6.25 4.32 5.13
N GLU A 30 -6.82 3.19 4.72
CA GLU A 30 -6.03 2.08 4.21
C GLU A 30 -6.34 1.84 2.73
N TYR A 31 -5.28 1.74 1.93
CA TYR A 31 -5.43 1.52 0.49
C TYR A 31 -5.14 0.07 0.13
N LEU A 32 -5.95 -0.48 -0.75
CA LEU A 32 -5.77 -1.85 -1.21
C LEU A 32 -4.68 -1.90 -2.27
N LEU A 33 -3.80 -2.90 -2.19
CA LEU A 33 -2.72 -3.03 -3.17
C LEU A 33 -2.30 -4.48 -3.35
N LYS A 34 -2.23 -4.91 -4.61
CA LYS A 34 -1.81 -6.26 -4.92
C LYS A 34 -0.32 -6.41 -4.68
N TRP A 35 0.08 -7.53 -4.09
CA TRP A 35 1.49 -7.76 -3.80
C TRP A 35 2.07 -8.87 -4.67
N LYS A 36 3.24 -8.60 -5.25
CA LYS A 36 3.93 -9.55 -6.11
C LYS A 36 4.27 -10.84 -5.36
N GLY A 37 4.16 -11.97 -6.06
CA GLY A 37 4.45 -13.25 -5.44
C GLY A 37 3.30 -13.75 -4.60
N PHE A 38 2.75 -12.87 -3.77
CA PHE A 38 1.63 -13.24 -2.91
C PHE A 38 0.37 -13.45 -3.73
N SER A 39 -0.40 -14.48 -3.37
CA SER A 39 -1.63 -14.80 -4.08
C SER A 39 -2.54 -13.57 -4.19
N ASP A 40 -3.27 -13.48 -5.30
CA ASP A 40 -4.17 -12.36 -5.52
C ASP A 40 -5.10 -12.15 -4.34
N GLU A 41 -5.64 -13.25 -3.82
CA GLU A 41 -6.53 -13.20 -2.68
C GLU A 41 -5.84 -12.61 -1.46
N ASP A 42 -4.53 -12.79 -1.38
CA ASP A 42 -3.73 -12.29 -0.27
C ASP A 42 -3.52 -10.78 -0.32
N ASN A 43 -4.54 -10.04 -0.78
CA ASN A 43 -4.45 -8.59 -0.84
C ASN A 43 -4.44 -7.99 0.56
N THR A 44 -3.64 -6.94 0.77
CA THR A 44 -3.54 -6.30 2.06
C THR A 44 -3.58 -4.78 1.93
N TRP A 45 -4.48 -4.14 2.67
CA TRP A 45 -4.63 -2.70 2.64
C TRP A 45 -3.60 -2.02 3.55
N GLU A 46 -2.83 -1.11 2.98
CA GLU A 46 -1.81 -0.39 3.74
C GLU A 46 -2.37 0.87 4.36
N PRO A 47 -1.93 1.22 5.59
CA PRO A 47 -2.40 2.40 6.31
C PRO A 47 -1.87 3.72 5.74
N GLU A 48 -1.91 3.85 4.41
CA GLU A 48 -1.44 5.07 3.72
C GLU A 48 0.03 5.39 4.02
N GLU A 49 0.30 5.87 5.24
CA GLU A 49 1.65 6.24 5.63
C GLU A 49 2.66 5.14 5.33
N ASN A 50 2.25 3.89 5.52
CA ASN A 50 3.13 2.74 5.28
C ASN A 50 3.63 2.70 3.84
N LEU A 51 2.70 2.64 2.90
CA LEU A 51 3.05 2.58 1.48
C LEU A 51 3.87 3.79 1.05
N ASP A 52 4.25 3.81 -0.22
CA ASP A 52 5.05 4.90 -0.79
C ASP A 52 4.85 4.96 -2.30
N CYS A 53 3.60 4.86 -2.74
CA CYS A 53 3.27 4.91 -4.15
C CYS A 53 2.30 6.05 -4.46
N PRO A 54 2.79 7.31 -4.36
CA PRO A 54 1.97 8.50 -4.61
C PRO A 54 1.35 8.48 -6.01
N ASP A 55 2.11 8.00 -6.99
CA ASP A 55 1.63 7.94 -8.37
C ASP A 55 0.42 7.01 -8.49
N LEU A 56 0.46 5.89 -7.79
CA LEU A 56 -0.65 4.94 -7.82
C LEU A 56 -1.89 5.52 -7.14
N ILE A 57 -1.68 6.12 -5.98
CA ILE A 57 -2.76 6.72 -5.23
C ILE A 57 -3.44 7.80 -6.05
N ALA A 58 -2.64 8.62 -6.74
CA ALA A 58 -3.15 9.68 -7.59
C ALA A 58 -3.84 9.08 -8.82
N GLU A 59 -3.22 8.04 -9.37
CA GLU A 59 -3.76 7.36 -10.54
C GLU A 59 -5.13 6.81 -10.24
N PHE A 60 -5.29 6.31 -9.02
CA PHE A 60 -6.54 5.74 -8.56
C PHE A 60 -7.66 6.78 -8.59
N LEU A 61 -7.39 7.95 -8.03
CA LEU A 61 -8.38 9.03 -7.98
C LEU A 61 -8.75 9.51 -9.38
N GLN A 62 -7.74 9.64 -10.25
CA GLN A 62 -7.97 10.10 -11.61
C GLN A 62 -8.94 9.17 -12.34
N SER A 63 -8.79 7.87 -12.11
CA SER A 63 -9.65 6.87 -12.75
C SER A 63 -11.12 7.15 -12.44
N GLN A 64 -11.42 7.30 -11.15
CA GLN A 64 -12.77 7.55 -10.69
C GLN A 64 -13.20 8.99 -11.00
N LYS A 65 -13.34 9.80 -9.97
CA LYS A 65 -13.75 11.20 -10.14
C LYS A 65 -15.18 11.27 -10.67
N THR A 66 -16.11 10.65 -9.96
CA THR A 66 -17.52 10.62 -10.34
C THR A 66 -17.67 10.46 -11.86
N ALA A 67 -16.80 9.63 -12.41
CA ALA A 67 -16.78 9.36 -13.85
C ALA A 67 -15.75 8.28 -14.17
N HIS A 68 -15.87 7.14 -13.49
CA HIS A 68 -14.94 6.03 -13.68
C HIS A 68 -14.72 5.76 -15.17
N GLU A 69 -13.45 5.56 -15.54
CA GLU A 69 -13.11 5.29 -16.94
C GLU A 69 -13.75 3.98 -17.40
N THR A 70 -14.34 4.02 -18.59
CA THR A 70 -15.00 2.84 -19.15
C THR A 70 -14.00 1.70 -19.35
N ASP A 71 -14.45 0.48 -19.00
CA ASP A 71 -13.62 -0.73 -19.12
C ASP A 71 -12.54 -0.78 -18.04
N LYS A 72 -11.75 0.30 -17.93
CA LYS A 72 -10.67 0.39 -16.94
C LYS A 72 -9.48 -0.47 -17.34
N SER A 73 -9.75 -1.67 -17.85
CA SER A 73 -8.69 -2.58 -18.26
C SER A 73 -7.75 -2.90 -17.11
N ALA B 1 6.95 11.38 -10.62
CA ALA B 1 8.32 10.81 -10.47
C ALA B 1 8.55 9.70 -11.48
N ARG B 2 7.56 8.82 -11.64
CA ARG B 2 7.65 7.71 -12.57
C ARG B 2 8.88 6.84 -12.25
N THR B 3 9.17 6.70 -10.96
CA THR B 3 10.30 5.90 -10.51
C THR B 3 9.93 4.43 -10.44
N MLY B 4 10.56 3.71 -9.50
CA MLY B 4 10.30 2.29 -9.32
CB MLY B 4 11.40 1.65 -8.46
CG MLY B 4 11.25 0.15 -8.29
CD MLY B 4 12.34 -0.43 -7.41
CE MLY B 4 12.23 -1.95 -7.27
NZ MLY B 4 12.71 -2.71 -8.47
CH1 MLY B 4 11.75 -2.75 -9.41
CH2 MLY B 4 13.82 -2.15 -8.98
C MLY B 4 8.94 2.06 -8.67
O MLY B 4 8.25 1.10 -8.97
H MLY B 4 11.21 4.16 -8.91
HA MLY B 4 10.31 1.82 -10.29
HB2 MLY B 4 11.38 2.11 -7.47
HB3 MLY B 4 12.36 1.86 -8.91
HG2 MLY B 4 11.30 -0.31 -9.27
HG3 MLY B 4 10.29 -0.05 -7.85
HD2 MLY B 4 12.27 0.02 -6.42
HD3 MLY B 4 13.30 -0.19 -7.83
HE2 MLY B 4 11.19 -2.19 -7.09
HE3 MLY B 4 12.82 -2.26 -6.41
HH11 MLY B 4 11.56 -3.77 -9.69
HH12 MLY B 4 10.84 -2.31 -9.02
HH13 MLY B 4 12.07 -2.18 -10.28
HH21 MLY B 4 14.48 -1.86 -8.18
HH22 MLY B 4 13.54 -1.27 -9.55
HH23 MLY B 4 14.32 -2.85 -9.63
HZ1 MLY B 4 12.94 -3.70 -8.20
N GLN B 5 8.58 2.97 -7.76
CA GLN B 5 7.31 2.89 -7.05
C GLN B 5 7.27 1.67 -6.14
N THR B 6 7.17 1.92 -4.82
CA THR B 6 7.13 0.83 -3.84
C THR B 6 6.41 1.24 -2.58
N ALA B 7 5.41 0.47 -2.19
CA ALA B 7 4.68 0.76 -0.96
C ALA B 7 5.47 0.24 0.24
N ARG B 8 4.82 -0.49 1.13
CA ARG B 8 5.48 -1.03 2.31
C ARG B 8 4.50 -1.82 3.16
N MLY B 9 4.93 -3.00 3.62
CA MLY B 9 4.09 -3.85 4.46
CB MLY B 9 4.82 -5.14 4.80
CG MLY B 9 5.44 -5.84 3.59
CD MLY B 9 4.39 -6.24 2.57
CE MLY B 9 3.47 -7.32 3.10
NZ MLY B 9 2.46 -7.75 2.08
CH1 MLY B 9 3.06 -8.47 1.14
CH2 MLY B 9 1.52 -8.49 2.68
C MLY B 9 3.67 -3.13 5.73
O MLY B 9 4.12 -2.02 6.02
H MLY B 9 5.84 -3.29 3.39
HA MLY B 9 3.20 -4.10 3.88
HB2 MLY B 9 4.14 -5.82 5.28
HB3 MLY B 9 5.62 -4.91 5.49
HG2 MLY B 9 5.97 -6.72 3.93
HG3 MLY B 9 6.15 -5.16 3.12
HD2 MLY B 9 4.89 -6.60 1.68
HD3 MLY B 9 3.80 -5.37 2.32
HE2 MLY B 9 2.95 -6.95 3.97
HE3 MLY B 9 4.07 -8.18 3.38
HH11 MLY B 9 2.36 -8.70 0.34
HH12 MLY B 9 3.90 -7.92 0.72
HH13 MLY B 9 3.42 -9.41 1.56
HH21 MLY B 9 1.92 -8.95 3.57
HH22 MLY B 9 1.18 -9.27 1.99
HH23 MLY B 9 0.68 -7.87 2.95
HZ1 MLY B 9 2.01 -6.92 1.65
N SER B 10 2.80 -3.78 6.50
CA SER B 10 2.32 -3.21 7.76
C SER B 10 3.36 -3.35 8.87
N THR B 11 4.58 -2.88 8.59
CA THR B 11 5.67 -2.95 9.55
C THR B 11 5.86 -4.37 10.08
N GLY B 12 5.94 -5.32 9.16
CA GLY B 12 6.13 -6.72 9.55
C GLY B 12 4.87 -7.35 10.10
N GLY B 13 4.61 -8.58 9.68
CA GLY B 13 3.43 -9.30 10.15
C GLY B 13 2.13 -8.63 9.75
N LYS B 14 1.10 -8.81 10.56
CA LYS B 14 -0.21 -8.22 10.29
C LYS B 14 -0.31 -6.81 10.85
N ALA B 15 0.07 -6.65 12.11
CA ALA B 15 0.01 -5.36 12.77
C ALA B 15 0.68 -5.42 14.16
N PRO B 16 1.36 -4.34 14.57
CA PRO B 16 2.05 -4.28 15.87
C PRO B 16 1.07 -4.36 17.04
N GLY B 17 1.34 -3.59 18.09
CA GLY B 17 0.48 -3.59 19.26
C GLY B 17 -0.92 -3.11 18.93
N GLY B 18 -1.93 -3.81 19.45
CA GLY B 18 -3.31 -3.43 19.20
C GLY B 18 -4.30 -4.38 19.86
N HIS A 1 0.52 -8.76 26.82
CA HIS A 1 0.50 -7.59 25.90
C HIS A 1 1.79 -7.53 25.07
N MET A 2 2.93 -7.66 25.75
CA MET A 2 4.23 -7.64 25.10
C MET A 2 4.51 -6.26 24.47
N VAL A 3 5.73 -5.78 24.64
CA VAL A 3 6.13 -4.49 24.09
C VAL A 3 6.03 -4.48 22.57
N GLU A 4 5.65 -3.34 22.01
CA GLU A 4 5.52 -3.20 20.57
C GLU A 4 6.06 -1.85 20.09
N GLU A 5 5.69 -0.80 20.81
CA GLU A 5 6.14 0.55 20.46
C GLU A 5 7.66 0.64 20.51
N VAL A 6 8.23 1.35 19.53
CA VAL A 6 9.68 1.51 19.44
C VAL A 6 10.38 0.17 19.18
N LEU A 7 11.13 0.11 18.09
CA LEU A 7 11.84 -1.11 17.69
C LEU A 7 10.87 -2.26 17.45
N GLU A 8 10.88 -2.77 16.22
CA GLU A 8 10.02 -3.88 15.82
C GLU A 8 10.24 -4.26 14.36
N GLU A 9 11.50 -4.20 13.93
CA GLU A 9 11.87 -4.53 12.55
C GLU A 9 11.22 -3.58 11.55
N GLU A 10 12.04 -2.92 10.75
CA GLU A 10 11.55 -1.98 9.74
C GLU A 10 11.06 -2.73 8.50
N GLU A 11 9.88 -2.35 8.01
CA GLU A 11 9.31 -3.00 6.84
C GLU A 11 10.01 -2.54 5.56
N GLU A 12 10.38 -3.51 4.73
CA GLU A 12 11.04 -3.22 3.46
C GLU A 12 10.04 -2.69 2.44
N GLU A 13 10.49 -1.80 1.57
CA GLU A 13 9.63 -1.21 0.55
C GLU A 13 9.23 -2.26 -0.49
N TYR A 14 8.29 -3.13 -0.13
CA TYR A 14 7.83 -4.18 -1.03
C TYR A 14 7.22 -3.59 -2.29
N VAL A 15 7.58 -4.15 -3.44
CA VAL A 15 7.07 -3.69 -4.72
C VAL A 15 5.58 -3.97 -4.86
N VAL A 16 4.85 -2.99 -5.40
CA VAL A 16 3.41 -3.14 -5.59
C VAL A 16 3.03 -2.77 -7.02
N GLU A 17 2.19 -3.60 -7.64
CA GLU A 17 1.77 -3.39 -9.01
C GLU A 17 0.90 -2.14 -9.18
N LYS A 18 -0.31 -2.19 -8.64
CA LYS A 18 -1.26 -1.06 -8.77
C LYS A 18 -2.26 -1.04 -7.63
N VAL A 19 -2.60 0.16 -7.21
CA VAL A 19 -3.59 0.34 -6.15
C VAL A 19 -4.92 -0.27 -6.60
N LEU A 20 -5.52 -1.06 -5.72
CA LEU A 20 -6.79 -1.69 -6.05
C LEU A 20 -7.97 -0.87 -5.57
N ASP A 21 -7.89 -0.33 -4.35
CA ASP A 21 -9.00 0.49 -3.82
C ASP A 21 -8.56 1.31 -2.60
N ARG A 22 -9.53 1.62 -1.74
CA ARG A 22 -9.26 2.41 -0.54
C ARG A 22 -10.48 2.38 0.39
N ARG A 23 -10.22 2.25 1.70
CA ARG A 23 -11.29 2.23 2.69
C ARG A 23 -10.79 2.67 4.05
N VAL A 24 -11.49 3.62 4.67
CA VAL A 24 -11.11 4.10 5.99
C VAL A 24 -11.76 3.27 7.08
N VAL A 25 -11.01 3.02 8.14
CA VAL A 25 -11.50 2.25 9.28
C VAL A 25 -10.74 2.63 10.53
N LYS A 26 -11.48 2.89 11.60
CA LYS A 26 -10.90 3.30 12.89
C LYS A 26 -10.46 4.76 12.83
N GLY A 27 -9.93 5.18 11.68
CA GLY A 27 -9.48 6.55 11.53
C GLY A 27 -8.39 6.70 10.48
N LYS A 28 -7.71 5.59 10.17
CA LYS A 28 -6.63 5.60 9.20
C LYS A 28 -7.09 5.04 7.85
N VAL A 29 -6.63 5.69 6.78
CA VAL A 29 -6.97 5.26 5.43
C VAL A 29 -6.08 4.10 5.00
N GLU A 30 -6.66 3.14 4.28
CA GLU A 30 -5.89 1.99 3.80
C GLU A 30 -6.28 1.63 2.38
N TYR A 31 -5.28 1.54 1.50
CA TYR A 31 -5.49 1.21 0.11
C TYR A 31 -5.09 -0.22 -0.21
N LEU A 32 -5.97 -0.96 -0.85
CA LEU A 32 -5.70 -2.33 -1.24
C LEU A 32 -4.56 -2.33 -2.26
N LEU A 33 -3.69 -3.32 -2.21
CA LEU A 33 -2.56 -3.36 -3.14
C LEU A 33 -2.23 -4.79 -3.57
N LYS A 34 -2.07 -4.96 -4.89
CA LYS A 34 -1.76 -6.26 -5.47
C LYS A 34 -0.27 -6.56 -5.40
N TRP A 35 0.23 -6.84 -4.20
CA TRP A 35 1.65 -7.13 -4.02
C TRP A 35 2.08 -8.33 -4.87
N LYS A 36 3.25 -8.22 -5.49
CA LYS A 36 3.77 -9.28 -6.34
C LYS A 36 3.92 -10.58 -5.58
N GLY A 37 3.65 -11.69 -6.26
CA GLY A 37 3.74 -13.00 -5.63
C GLY A 37 2.52 -13.29 -4.79
N PHE A 38 2.04 -12.27 -4.08
CA PHE A 38 0.87 -12.41 -3.23
C PHE A 38 -0.42 -12.37 -4.05
N SER A 39 -1.29 -13.34 -3.81
CA SER A 39 -2.57 -13.42 -4.52
C SER A 39 -3.51 -12.30 -4.11
N ASP A 40 -4.78 -12.43 -4.48
CA ASP A 40 -5.79 -11.43 -4.16
C ASP A 40 -6.05 -11.39 -2.65
N GLU A 41 -6.30 -12.56 -2.06
CA GLU A 41 -6.56 -12.65 -0.62
C GLU A 41 -5.37 -12.16 0.18
N ASP A 42 -4.17 -12.52 -0.28
CA ASP A 42 -2.94 -12.12 0.39
C ASP A 42 -2.84 -10.61 0.53
N ASN A 43 -3.32 -9.88 -0.49
CA ASN A 43 -3.27 -8.43 -0.48
C ASN A 43 -3.88 -7.88 0.81
N THR A 44 -3.20 -6.90 1.40
CA THR A 44 -3.68 -6.27 2.62
C THR A 44 -3.72 -4.76 2.46
N TRP A 45 -4.84 -4.15 2.85
CA TRP A 45 -5.00 -2.72 2.74
C TRP A 45 -4.05 -2.01 3.69
N GLU A 46 -2.95 -1.49 3.14
CA GLU A 46 -1.95 -0.81 3.93
C GLU A 46 -2.28 0.68 4.06
N PRO A 47 -2.10 1.24 5.28
CA PRO A 47 -2.37 2.66 5.53
C PRO A 47 -1.64 3.56 4.54
N GLU A 48 -2.36 4.53 3.99
CA GLU A 48 -1.80 5.45 3.02
C GLU A 48 -0.52 6.12 3.54
N GLU A 49 -0.44 6.28 4.86
CA GLU A 49 0.73 6.91 5.48
C GLU A 49 2.02 6.18 5.13
N ASN A 50 2.03 4.86 5.36
CA ASN A 50 3.22 4.05 5.07
C ASN A 50 3.47 3.91 3.58
N LEU A 51 2.40 3.91 2.79
CA LEU A 51 2.52 3.75 1.34
C LEU A 51 3.55 4.71 0.76
N ASP A 52 4.32 4.22 -0.20
CA ASP A 52 5.35 5.02 -0.85
C ASP A 52 5.19 4.95 -2.37
N CYS A 53 3.94 5.01 -2.81
CA CYS A 53 3.63 4.95 -4.24
C CYS A 53 2.46 5.84 -4.59
N PRO A 54 2.59 7.16 -4.35
CA PRO A 54 1.53 8.13 -4.66
C PRO A 54 1.19 8.15 -6.15
N ASP A 55 2.02 7.48 -6.95
CA ASP A 55 1.84 7.44 -8.39
C ASP A 55 0.55 6.70 -8.76
N LEU A 56 0.50 5.41 -8.47
CA LEU A 56 -0.67 4.61 -8.77
C LEU A 56 -1.84 5.04 -7.90
N ILE A 57 -1.53 5.46 -6.68
CA ILE A 57 -2.57 5.94 -5.77
C ILE A 57 -3.27 7.12 -6.43
N ALA A 58 -2.48 7.98 -7.06
CA ALA A 58 -3.01 9.13 -7.78
C ALA A 58 -3.81 8.65 -8.98
N GLU A 59 -3.31 7.62 -9.64
CA GLU A 59 -3.97 7.04 -10.81
C GLU A 59 -5.38 6.60 -10.44
N PHE A 60 -5.55 6.17 -9.19
CA PHE A 60 -6.84 5.69 -8.69
C PHE A 60 -7.87 6.82 -8.57
N LEU A 61 -7.49 7.91 -7.88
CA LEU A 61 -8.38 9.04 -7.66
C LEU A 61 -8.48 9.93 -8.89
N GLN A 62 -7.32 10.27 -9.46
CA GLN A 62 -7.26 11.12 -10.64
C GLN A 62 -8.27 10.66 -11.69
N SER A 63 -8.35 9.35 -11.88
CA SER A 63 -9.28 8.77 -12.83
C SER A 63 -10.72 9.05 -12.40
N GLN A 64 -10.97 8.89 -11.10
CA GLN A 64 -12.30 9.11 -10.55
C GLN A 64 -12.52 10.60 -10.23
N LYS A 65 -11.96 11.46 -11.06
CA LYS A 65 -12.10 12.91 -10.88
C LYS A 65 -13.53 13.34 -11.18
N THR A 66 -13.70 14.45 -11.90
CA THR A 66 -15.03 14.93 -12.26
C THR A 66 -15.75 13.87 -13.09
N ALA A 67 -15.00 13.24 -13.99
CA ALA A 67 -15.54 12.20 -14.84
C ALA A 67 -15.52 10.85 -14.12
N HIS A 68 -15.82 10.88 -12.83
CA HIS A 68 -15.82 9.67 -12.02
C HIS A 68 -16.73 8.60 -12.64
N GLU A 69 -17.89 9.02 -13.12
CA GLU A 69 -18.84 8.11 -13.74
C GLU A 69 -18.59 8.00 -15.25
N THR A 70 -18.53 6.77 -15.74
CA THR A 70 -18.30 6.51 -17.16
C THR A 70 -17.05 7.24 -17.64
N ASP A 71 -17.18 8.03 -18.71
CA ASP A 71 -16.05 8.78 -19.26
C ASP A 71 -16.51 9.71 -20.39
N LYS A 72 -17.69 10.30 -20.20
CA LYS A 72 -18.26 11.21 -21.18
C LYS A 72 -18.54 10.50 -22.51
N SER A 73 -19.74 10.74 -23.05
CA SER A 73 -20.15 10.13 -24.31
C SER A 73 -20.08 8.61 -24.22
N ALA B 1 18.11 5.48 -11.76
CA ALA B 1 16.70 5.93 -11.93
C ALA B 1 15.83 4.78 -12.43
N ARG B 2 15.98 3.61 -11.81
CA ARG B 2 15.20 2.44 -12.19
C ARG B 2 13.70 2.71 -12.03
N THR B 3 13.33 3.31 -10.89
CA THR B 3 11.95 3.63 -10.59
C THR B 3 11.09 2.36 -10.48
N MLY B 4 10.27 2.30 -9.44
CA MLY B 4 9.40 1.15 -9.22
CB MLY B 4 10.26 -0.10 -8.94
CG MLY B 4 11.20 0.06 -7.76
CD MLY B 4 12.20 -1.08 -7.68
CE MLY B 4 11.53 -2.42 -7.50
NZ MLY B 4 12.50 -3.54 -7.49
CH1 MLY B 4 12.73 -3.92 -6.22
CH2 MLY B 4 11.99 -4.57 -8.18
C MLY B 4 8.45 1.41 -8.05
O MLY B 4 8.85 1.89 -7.00
H MLY B 4 10.24 3.05 -8.80
HA MLY B 4 8.83 0.99 -10.12
HB2 MLY B 4 10.85 -0.30 -9.82
HB3 MLY B 4 9.60 -0.92 -8.74
HG2 MLY B 4 10.62 0.08 -6.85
HG3 MLY B 4 11.73 1.00 -7.85
HD2 MLY B 4 12.87 -0.90 -6.86
HD3 MLY B 4 12.78 -1.10 -8.60
HE2 MLY B 4 10.83 -2.57 -8.30
HE3 MLY B 4 11.00 -2.41 -6.55
HH11 MLY B 4 13.67 -4.48 -6.17
HH12 MLY B 4 12.81 -3.05 -5.59
HH13 MLY B 4 11.92 -4.55 -5.88
HH21 MLY B 4 11.04 -4.85 -7.76
HH22 MLY B 4 12.66 -5.42 -8.12
HH23 MLY B 4 11.87 -4.29 -9.22
HZ1 MLY B 4 13.40 -3.25 -7.93
N GLN B 5 7.17 1.07 -8.27
CA GLN B 5 6.15 1.26 -7.25
C GLN B 5 6.43 0.42 -6.01
N THR B 6 6.31 1.04 -4.84
CA THR B 6 6.54 0.37 -3.56
C THR B 6 5.80 1.08 -2.44
N ALA B 7 5.47 0.33 -1.39
CA ALA B 7 4.75 0.90 -0.26
C ALA B 7 5.01 0.10 1.02
N ARG B 8 6.23 -0.37 1.18
CA ARG B 8 6.62 -1.16 2.35
C ARG B 8 5.57 -2.22 2.67
N MLY B 9 5.14 -2.30 3.93
CA MLY B 9 4.14 -3.29 4.34
CB MLY B 9 4.81 -4.57 4.81
CG MLY B 9 5.57 -5.30 3.71
CD MLY B 9 4.65 -5.78 2.60
CE MLY B 9 3.68 -6.85 3.09
NZ MLY B 9 2.78 -7.33 1.99
CH1 MLY B 9 3.45 -8.20 1.21
CH2 MLY B 9 1.73 -7.96 2.54
C MLY B 9 3.24 -2.74 5.45
O MLY B 9 2.01 -2.83 5.36
H MLY B 9 5.51 -1.68 4.60
HA MLY B 9 3.52 -3.50 3.47
HB2 MLY B 9 4.05 -5.24 5.19
HB3 MLY B 9 5.50 -4.34 5.61
HG2 MLY B 9 6.07 -6.16 4.14
HG3 MLY B 9 6.31 -4.64 3.28
HD2 MLY B 9 5.25 -6.19 1.80
HD3 MLY B 9 4.08 -4.94 2.23
HE2 MLY B 9 3.08 -6.43 3.88
HE3 MLY B 9 4.25 -7.68 3.46
HH11 MLY B 9 4.45 -7.83 1.05
HH12 MLY B 9 3.50 -9.16 1.69
HH13 MLY B 9 2.94 -8.28 0.26
HH21 MLY B 9 1.96 -8.27 3.54
HH22 MLY B 9 1.47 -8.81 1.94
HH23 MLY B 9 0.88 -7.28 2.57
HZ1 MLY B 9 2.45 -6.53 1.42
N SER B 10 3.84 -2.16 6.49
CA SER B 10 3.07 -1.61 7.60
C SER B 10 3.96 -0.89 8.61
N THR B 11 4.92 -1.61 9.18
CA THR B 11 5.81 -1.03 10.19
C THR B 11 6.69 0.05 9.58
N GLY B 12 7.67 -0.35 8.76
CA GLY B 12 8.56 0.62 8.14
C GLY B 12 9.45 1.31 9.15
N GLY B 13 10.65 1.69 8.70
CA GLY B 13 11.59 2.37 9.58
C GLY B 13 12.68 3.10 8.83
N LYS B 14 13.91 2.96 9.29
CA LYS B 14 15.04 3.62 8.65
C LYS B 14 15.26 3.08 7.23
N ALA B 15 15.38 4.01 6.29
CA ALA B 15 15.59 3.64 4.88
C ALA B 15 16.96 3.01 4.66
N PRO B 16 18.05 3.64 5.17
CA PRO B 16 19.41 3.10 5.00
C PRO B 16 19.53 1.66 5.48
N GLY B 17 20.19 0.83 4.68
CA GLY B 17 20.37 -0.56 5.04
C GLY B 17 19.04 -1.31 5.15
N GLY B 18 18.87 -2.05 6.23
CA GLY B 18 17.64 -2.81 6.42
C GLY B 18 16.42 -1.91 6.46
N HIS A 1 30.74 -1.23 0.41
CA HIS A 1 31.03 0.23 0.42
C HIS A 1 30.05 0.98 1.32
N MET A 2 30.59 1.87 2.16
CA MET A 2 29.77 2.65 3.07
C MET A 2 28.88 1.75 3.93
N VAL A 3 29.47 0.65 4.42
CA VAL A 3 28.74 -0.29 5.25
C VAL A 3 28.25 0.38 6.54
N GLU A 4 27.01 0.10 6.91
CA GLU A 4 26.43 0.68 8.12
C GLU A 4 25.84 -0.41 9.01
N GLU A 5 24.87 -0.04 9.83
CA GLU A 5 24.21 -0.98 10.73
C GLU A 5 23.11 -1.76 10.01
N VAL A 6 23.14 -3.08 10.14
CA VAL A 6 22.14 -3.93 9.49
C VAL A 6 20.76 -3.71 10.08
N LEU A 7 19.75 -3.60 9.22
CA LEU A 7 18.38 -3.37 9.66
C LEU A 7 17.87 -4.59 10.44
N GLU A 8 17.38 -4.35 11.64
CA GLU A 8 16.86 -5.43 12.49
C GLU A 8 15.36 -5.62 12.30
N GLU A 9 14.96 -5.90 11.06
CA GLU A 9 13.54 -6.12 10.76
C GLU A 9 13.37 -6.60 9.31
N GLU A 10 12.55 -5.90 8.53
CA GLU A 10 12.31 -6.29 7.14
C GLU A 10 11.50 -5.22 6.41
N GLU A 11 12.03 -4.00 6.37
CA GLU A 11 11.35 -2.88 5.71
C GLU A 11 11.48 -2.98 4.19
N GLU A 12 11.18 -4.16 3.64
CA GLU A 12 11.25 -4.38 2.20
C GLU A 12 10.21 -3.55 1.45
N GLU A 13 10.64 -2.87 0.40
CA GLU A 13 9.73 -2.06 -0.42
C GLU A 13 9.15 -2.87 -1.56
N TYR A 14 8.01 -3.51 -1.30
CA TYR A 14 7.34 -4.31 -2.33
C TYR A 14 6.92 -3.42 -3.50
N VAL A 15 7.20 -3.87 -4.71
CA VAL A 15 6.87 -3.11 -5.91
C VAL A 15 5.38 -2.79 -5.99
N VAL A 16 4.55 -3.81 -5.77
CA VAL A 16 3.10 -3.64 -5.82
C VAL A 16 2.63 -3.30 -7.22
N GLU A 17 1.59 -3.99 -7.68
CA GLU A 17 1.05 -3.76 -9.02
C GLU A 17 0.27 -2.44 -9.08
N LYS A 18 -0.72 -2.30 -8.21
CA LYS A 18 -1.56 -1.10 -8.17
C LYS A 18 -2.61 -1.19 -7.09
N VAL A 19 -2.79 -0.10 -6.37
CA VAL A 19 -3.79 -0.04 -5.31
C VAL A 19 -5.18 -0.35 -5.87
N LEU A 20 -5.90 -1.26 -5.23
CA LEU A 20 -7.22 -1.66 -5.69
C LEU A 20 -8.33 -0.75 -5.15
N ASP A 21 -8.62 -0.85 -3.86
CA ASP A 21 -9.70 -0.03 -3.29
C ASP A 21 -9.24 0.79 -2.09
N ARG A 22 -9.79 2.00 -1.97
CA ARG A 22 -9.47 2.90 -0.87
C ARG A 22 -10.53 2.81 0.21
N ARG A 23 -10.12 2.97 1.47
CA ARG A 23 -11.05 2.87 2.59
C ARG A 23 -10.58 3.68 3.79
N VAL A 24 -11.51 3.97 4.69
CA VAL A 24 -11.22 4.73 5.91
C VAL A 24 -12.16 4.33 7.03
N VAL A 25 -11.59 4.06 8.20
CA VAL A 25 -12.38 3.68 9.37
C VAL A 25 -12.60 4.88 10.29
N LYS A 26 -12.31 4.69 11.58
CA LYS A 26 -12.46 5.77 12.56
C LYS A 26 -11.74 7.04 12.11
N GLY A 27 -10.77 6.88 11.20
CA GLY A 27 -10.02 8.03 10.72
C GLY A 27 -8.86 7.61 9.83
N LYS A 28 -8.36 6.41 10.07
CA LYS A 28 -7.24 5.88 9.29
C LYS A 28 -7.59 5.80 7.81
N VAL A 29 -6.57 5.74 6.97
CA VAL A 29 -6.77 5.66 5.54
C VAL A 29 -6.09 4.42 4.96
N GLU A 30 -6.82 3.31 4.92
CA GLU A 30 -6.26 2.06 4.41
C GLU A 30 -6.46 1.94 2.90
N TYR A 31 -5.38 1.61 2.20
CA TYR A 31 -5.41 1.44 0.75
C TYR A 31 -5.13 0.00 0.37
N LEU A 32 -5.98 -0.55 -0.47
CA LEU A 32 -5.81 -1.91 -0.94
C LEU A 32 -4.68 -1.97 -1.96
N LEU A 33 -3.88 -3.03 -1.92
CA LEU A 33 -2.74 -3.14 -2.84
C LEU A 33 -2.56 -4.56 -3.37
N LYS A 34 -2.33 -4.66 -4.68
CA LYS A 34 -2.11 -5.95 -5.33
C LYS A 34 -0.63 -6.31 -5.30
N TRP A 35 -0.15 -6.69 -4.12
CA TRP A 35 1.25 -7.05 -3.93
C TRP A 35 1.70 -8.10 -4.94
N LYS A 36 2.82 -7.83 -5.60
CA LYS A 36 3.37 -8.73 -6.60
C LYS A 36 3.85 -10.03 -5.97
N GLY A 37 3.80 -11.12 -6.76
CA GLY A 37 4.24 -12.41 -6.27
C GLY A 37 3.19 -13.08 -5.40
N PHE A 38 2.68 -12.36 -4.42
CA PHE A 38 1.67 -12.89 -3.51
C PHE A 38 0.35 -13.12 -4.25
N SER A 39 -0.32 -14.23 -3.93
CA SER A 39 -1.59 -14.58 -4.55
C SER A 39 -2.58 -13.42 -4.45
N ASP A 40 -3.48 -13.34 -5.43
CA ASP A 40 -4.49 -12.28 -5.45
C ASP A 40 -5.23 -12.21 -4.13
N GLU A 41 -5.51 -13.36 -3.54
CA GLU A 41 -6.22 -13.44 -2.27
C GLU A 41 -5.45 -12.75 -1.15
N ASP A 42 -4.12 -12.73 -1.26
CA ASP A 42 -3.26 -12.13 -0.26
C ASP A 42 -3.30 -10.60 -0.29
N ASN A 43 -4.49 -10.03 -0.45
CA ASN A 43 -4.65 -8.58 -0.47
C ASN A 43 -4.37 -7.99 0.91
N THR A 44 -3.73 -6.82 0.93
CA THR A 44 -3.42 -6.17 2.20
C THR A 44 -3.57 -4.65 2.11
N TRP A 45 -4.30 -4.09 3.05
CA TRP A 45 -4.55 -2.66 3.10
C TRP A 45 -3.53 -1.95 4.01
N GLU A 46 -3.06 -0.78 3.56
CA GLU A 46 -2.08 -0.02 4.32
C GLU A 46 -2.63 1.36 4.70
N PRO A 47 -2.29 1.87 5.90
CA PRO A 47 -2.78 3.18 6.39
C PRO A 47 -2.27 4.39 5.59
N GLU A 48 -1.94 4.19 4.32
CA GLU A 48 -1.46 5.26 3.44
C GLU A 48 -0.07 5.79 3.83
N GLU A 49 0.17 5.97 5.13
CA GLU A 49 1.46 6.49 5.60
C GLU A 49 2.62 5.61 5.14
N ASN A 50 2.45 4.30 5.26
CA ASN A 50 3.48 3.34 4.86
C ASN A 50 3.72 3.37 3.35
N LEU A 51 2.68 3.75 2.61
CA LEU A 51 2.77 3.81 1.16
C LEU A 51 3.94 4.66 0.70
N ASP A 52 4.97 4.01 0.17
CA ASP A 52 6.15 4.70 -0.33
C ASP A 52 5.91 5.15 -1.76
N CYS A 53 4.99 4.45 -2.42
CA CYS A 53 4.63 4.74 -3.80
C CYS A 53 3.45 5.69 -3.88
N PRO A 54 3.70 6.99 -4.17
CA PRO A 54 2.64 7.98 -4.27
C PRO A 54 1.90 7.89 -5.60
N ASP A 55 2.65 7.55 -6.65
CA ASP A 55 2.09 7.43 -7.99
C ASP A 55 0.88 6.49 -8.04
N LEU A 56 0.98 5.37 -7.35
CA LEU A 56 -0.11 4.39 -7.34
C LEU A 56 -1.40 5.00 -6.79
N ILE A 57 -1.30 5.62 -5.61
CA ILE A 57 -2.45 6.25 -4.98
C ILE A 57 -3.15 7.19 -5.94
N ALA A 58 -2.36 8.03 -6.61
CA ALA A 58 -2.90 8.97 -7.57
C ALA A 58 -3.53 8.24 -8.76
N GLU A 59 -2.85 7.19 -9.20
CA GLU A 59 -3.32 6.38 -10.34
C GLU A 59 -4.74 5.88 -10.10
N PHE A 60 -4.97 5.34 -8.91
CA PHE A 60 -6.28 4.81 -8.55
C PHE A 60 -7.34 5.91 -8.49
N LEU A 61 -6.99 7.03 -7.86
CA LEU A 61 -7.91 8.15 -7.71
C LEU A 61 -8.31 8.76 -9.06
N GLN A 62 -7.44 8.62 -10.06
CA GLN A 62 -7.72 9.17 -11.39
C GLN A 62 -9.11 8.78 -11.88
N SER A 63 -9.48 7.53 -11.67
CA SER A 63 -10.79 7.04 -12.09
C SER A 63 -11.91 7.86 -11.46
N GLN A 64 -11.76 8.15 -10.16
CA GLN A 64 -12.76 8.94 -9.45
C GLN A 64 -12.77 10.38 -9.95
N LYS A 65 -11.62 11.03 -9.83
CA LYS A 65 -11.45 12.42 -10.27
C LYS A 65 -12.55 13.30 -9.67
N THR A 66 -13.18 14.16 -10.48
CA THR A 66 -14.23 15.04 -10.00
C THR A 66 -15.50 14.24 -9.70
N ALA A 67 -15.94 13.45 -10.68
CA ALA A 67 -17.14 12.63 -10.53
C ALA A 67 -16.84 11.34 -9.77
N HIS A 68 -16.19 11.48 -8.61
CA HIS A 68 -15.85 10.32 -7.80
C HIS A 68 -17.09 9.49 -7.47
N GLU A 69 -17.00 8.18 -7.68
CA GLU A 69 -18.12 7.28 -7.42
C GLU A 69 -18.41 7.20 -5.93
N THR A 70 -19.68 7.32 -5.58
CA THR A 70 -20.11 7.26 -4.18
C THR A 70 -21.63 7.31 -4.07
N ASP A 71 -22.31 6.61 -4.97
CA ASP A 71 -23.76 6.57 -4.98
C ASP A 71 -24.34 7.98 -5.09
N LYS A 72 -23.77 8.78 -5.99
CA LYS A 72 -24.22 10.15 -6.21
C LYS A 72 -23.53 10.75 -7.43
N SER A 73 -24.32 11.43 -8.26
CA SER A 73 -23.80 12.07 -9.46
C SER A 73 -23.14 11.05 -10.38
N ALA B 1 18.66 1.65 -4.44
CA ALA B 1 17.22 1.32 -4.66
C ALA B 1 16.34 1.97 -3.61
N ARG B 2 15.26 2.60 -4.06
CA ARG B 2 14.33 3.26 -3.15
C ARG B 2 13.09 3.76 -3.91
N THR B 3 13.34 4.40 -5.05
CA THR B 3 12.26 4.93 -5.88
C THR B 3 11.46 3.80 -6.53
N MLY B 4 11.07 3.99 -7.80
CA MLY B 4 10.30 3.00 -8.53
CB MLY B 4 11.16 1.75 -8.78
CG MLY B 4 10.50 0.73 -9.71
CD MLY B 4 11.41 -0.46 -9.98
CE MLY B 4 11.73 -1.23 -8.71
NZ MLY B 4 12.64 -2.39 -8.97
CH1 MLY B 4 13.43 -2.58 -7.89
CH2 MLY B 4 11.90 -3.49 -9.17
C MLY B 4 9.03 2.63 -7.78
O MLY B 4 8.71 1.46 -7.61
H MLY B 4 11.31 4.83 -8.25
HA MLY B 4 10.04 3.43 -9.48
HB2 MLY B 4 11.36 1.27 -7.84
HB3 MLY B 4 12.09 2.05 -9.24
HG2 MLY B 4 10.26 1.21 -10.64
HG3 MLY B 4 9.58 0.37 -9.24
HD2 MLY B 4 12.33 -0.10 -10.41
HD3 MLY B 4 10.92 -1.12 -10.67
HE2 MLY B 4 10.81 -1.60 -8.28
HE3 MLY B 4 12.21 -0.56 -8.00
HH11 MLY B 4 14.33 -1.98 -8.01
HH12 MLY B 4 12.91 -2.27 -7.00
HH13 MLY B 4 13.69 -3.62 -7.83
HH21 MLY B 4 10.96 -3.22 -9.63
HH22 MLY B 4 11.72 -3.98 -8.23
HH23 MLY B 4 12.44 -4.16 -9.83
HZ1 MLY B 4 13.23 -2.20 -9.80
N GLN B 5 8.29 3.65 -7.35
CA GLN B 5 7.04 3.44 -6.63
C GLN B 5 7.27 2.60 -5.36
N THR B 6 6.70 1.39 -5.34
CA THR B 6 6.82 0.47 -4.20
C THR B 6 6.18 1.03 -2.94
N ALA B 7 5.33 0.22 -2.31
CA ALA B 7 4.69 0.60 -1.06
C ALA B 7 5.43 -0.05 0.11
N ARG B 8 4.70 -0.66 1.04
CA ARG B 8 5.31 -1.32 2.18
C ARG B 8 4.28 -1.99 3.08
N MLY B 9 4.60 -3.18 3.57
CA MLY B 9 3.68 -3.94 4.44
CB MLY B 9 4.11 -5.40 4.49
CG MLY B 9 3.81 -6.19 3.23
CD MLY B 9 4.30 -7.63 3.36
CE MLY B 9 3.78 -8.50 2.23
NZ MLY B 9 2.30 -8.65 2.28
CH1 MLY B 9 1.82 -8.81 1.04
CH2 MLY B 9 1.98 -9.72 3.02
C MLY B 9 3.63 -3.36 5.85
O MLY B 9 3.55 -4.11 6.82
H MLY B 9 5.46 -3.57 3.35
HA MLY B 9 2.70 -3.88 4.00
HB2 MLY B 9 3.61 -5.87 5.33
HB3 MLY B 9 5.18 -5.45 4.67
HG2 MLY B 9 4.29 -5.73 2.40
HG3 MLY B 9 2.73 -6.20 3.08
HD2 MLY B 9 3.96 -8.03 4.30
HD3 MLY B 9 5.38 -7.63 3.32
HE2 MLY B 9 4.22 -9.48 2.30
HE3 MLY B 9 4.05 -8.05 1.28
HH11 MLY B 9 1.53 -7.85 0.63
HH12 MLY B 9 2.59 -9.24 0.40
HH13 MLY B 9 0.96 -9.46 1.06
HH21 MLY B 9 2.72 -9.86 3.79
HH22 MLY B 9 1.94 -10.60 2.39
HH23 MLY B 9 1.01 -9.57 3.48
HZ1 MLY B 9 1.87 -7.79 2.70
N SER B 10 3.67 -2.04 5.96
CA SER B 10 3.61 -1.39 7.27
C SER B 10 4.69 -1.94 8.20
N THR B 11 5.89 -2.13 7.67
CA THR B 11 7.00 -2.65 8.46
C THR B 11 7.47 -1.63 9.49
N GLY B 12 8.77 -1.44 9.61
CA GLY B 12 9.30 -0.49 10.56
C GLY B 12 8.81 0.92 10.30
N GLY B 13 9.02 1.40 9.09
CA GLY B 13 8.58 2.74 8.72
C GLY B 13 9.47 3.83 9.29
N LYS B 14 9.85 3.70 10.56
CA LYS B 14 10.70 4.68 11.22
C LYS B 14 12.07 4.76 10.54
N ALA B 15 12.52 5.99 10.28
CA ALA B 15 13.82 6.21 9.64
C ALA B 15 13.86 5.63 8.23
N PRO B 16 14.37 6.40 7.25
CA PRO B 16 14.47 5.96 5.86
C PRO B 16 15.51 4.85 5.68
N GLY B 17 16.27 4.93 4.59
CA GLY B 17 17.29 3.93 4.33
C GLY B 17 18.45 4.01 5.30
N GLY B 18 19.67 3.96 4.77
CA GLY B 18 20.85 4.03 5.61
C GLY B 18 20.95 2.87 6.58
N HIS A 1 1.62 -0.99 23.94
CA HIS A 1 0.24 -0.69 24.39
C HIS A 1 -0.59 -1.96 24.47
N MET A 2 -0.03 -2.99 25.10
CA MET A 2 -0.71 -4.28 25.26
C MET A 2 -0.93 -4.96 23.91
N VAL A 3 -0.82 -6.29 23.90
CA VAL A 3 -1.00 -7.09 22.69
C VAL A 3 0.20 -6.95 21.74
N GLU A 4 0.82 -5.78 21.74
CA GLU A 4 1.97 -5.51 20.89
C GLU A 4 1.58 -5.50 19.42
N GLU A 5 2.11 -4.52 18.68
CA GLU A 5 1.81 -4.39 17.26
C GLU A 5 2.20 -5.65 16.48
N VAL A 6 1.32 -6.07 15.58
CA VAL A 6 1.55 -7.26 14.77
C VAL A 6 2.81 -7.09 13.92
N LEU A 7 3.54 -8.18 13.73
CA LEU A 7 4.77 -8.15 12.95
C LEU A 7 5.11 -9.53 12.39
N GLU A 8 4.08 -10.27 11.99
CA GLU A 8 4.29 -11.60 11.42
C GLU A 8 4.83 -11.51 10.00
N GLU A 9 4.18 -10.70 9.18
CA GLU A 9 4.59 -10.51 7.79
C GLU A 9 5.82 -9.62 7.70
N GLU A 10 6.78 -10.02 6.88
CA GLU A 10 8.02 -9.26 6.69
C GLU A 10 7.72 -7.87 6.13
N GLU A 11 8.38 -6.86 6.69
CA GLU A 11 8.21 -5.48 6.25
C GLU A 11 8.70 -5.29 4.82
N GLU A 12 9.80 -4.53 4.66
CA GLU A 12 10.42 -4.25 3.36
C GLU A 12 9.43 -3.74 2.30
N GLU A 13 9.91 -2.80 1.48
CA GLU A 13 9.10 -2.21 0.43
C GLU A 13 8.82 -3.20 -0.70
N TYR A 14 7.56 -3.29 -1.10
CA TYR A 14 7.16 -4.17 -2.19
C TYR A 14 6.94 -3.37 -3.46
N VAL A 15 7.29 -3.95 -4.60
CA VAL A 15 7.14 -3.28 -5.89
C VAL A 15 5.71 -2.79 -6.11
N VAL A 16 4.75 -3.67 -5.83
CA VAL A 16 3.33 -3.34 -5.99
C VAL A 16 2.99 -3.07 -7.45
N GLU A 17 1.96 -3.76 -7.94
CA GLU A 17 1.53 -3.60 -9.32
C GLU A 17 0.68 -2.34 -9.48
N LYS A 18 -0.30 -2.18 -8.59
CA LYS A 18 -1.19 -1.02 -8.61
C LYS A 18 -2.20 -1.10 -7.46
N VAL A 19 -2.46 0.04 -6.82
CA VAL A 19 -3.40 0.07 -5.71
C VAL A 19 -4.79 -0.29 -6.20
N LEU A 20 -5.45 -1.22 -5.52
CA LEU A 20 -6.78 -1.65 -5.92
C LEU A 20 -7.85 -0.68 -5.47
N ASP A 21 -7.98 -0.48 -4.15
CA ASP A 21 -9.00 0.44 -3.64
C ASP A 21 -8.48 1.40 -2.57
N ARG A 22 -9.40 1.93 -1.77
CA ARG A 22 -9.09 2.88 -0.70
C ARG A 22 -10.28 3.00 0.26
N ARG A 23 -10.04 2.81 1.55
CA ARG A 23 -11.12 2.93 2.53
C ARG A 23 -10.61 3.24 3.94
N VAL A 24 -11.29 4.15 4.62
CA VAL A 24 -10.94 4.54 5.98
C VAL A 24 -11.57 3.57 6.98
N VAL A 25 -10.83 3.22 8.03
CA VAL A 25 -11.34 2.29 9.04
C VAL A 25 -11.98 3.03 10.22
N LYS A 26 -11.32 4.10 10.65
CA LYS A 26 -11.80 4.91 11.77
C LYS A 26 -10.95 6.17 11.88
N GLY A 27 -10.99 6.98 10.83
CA GLY A 27 -10.19 8.19 10.81
C GLY A 27 -8.85 7.92 10.18
N LYS A 28 -8.45 6.64 10.21
CA LYS A 28 -7.19 6.21 9.63
C LYS A 28 -7.27 6.23 8.11
N VAL A 29 -6.50 5.35 7.50
CA VAL A 29 -6.47 5.24 6.04
C VAL A 29 -5.65 4.05 5.60
N GLU A 30 -6.17 3.30 4.63
CA GLU A 30 -5.49 2.13 4.10
C GLU A 30 -5.90 1.88 2.66
N TYR A 31 -4.91 1.66 1.80
CA TYR A 31 -5.16 1.43 0.38
C TYR A 31 -4.95 -0.02 -0.01
N LEU A 32 -5.94 -0.57 -0.69
CA LEU A 32 -5.85 -1.94 -1.16
C LEU A 32 -4.73 -2.01 -2.20
N LEU A 33 -3.94 -3.08 -2.16
CA LEU A 33 -2.81 -3.20 -3.07
C LEU A 33 -2.62 -4.63 -3.57
N LYS A 34 -2.44 -4.76 -4.88
CA LYS A 34 -2.21 -6.07 -5.49
C LYS A 34 -0.75 -6.47 -5.34
N TRP A 35 -0.43 -7.07 -4.20
CA TRP A 35 0.93 -7.48 -3.91
C TRP A 35 1.44 -8.52 -4.92
N LYS A 36 2.62 -8.26 -5.47
CA LYS A 36 3.22 -9.14 -6.46
C LYS A 36 3.59 -10.48 -5.84
N GLY A 37 3.40 -11.54 -6.62
CA GLY A 37 3.70 -12.88 -6.15
C GLY A 37 2.62 -13.42 -5.24
N PHE A 38 2.12 -12.56 -4.35
CA PHE A 38 1.07 -12.95 -3.42
C PHE A 38 -0.26 -13.05 -4.14
N SER A 39 -0.97 -14.16 -3.91
CA SER A 39 -2.27 -14.39 -4.53
C SER A 39 -3.26 -13.29 -4.14
N ASP A 40 -4.28 -13.09 -4.97
CA ASP A 40 -5.29 -12.06 -4.69
C ASP A 40 -5.82 -12.18 -3.28
N GLU A 41 -5.82 -13.40 -2.74
CA GLU A 41 -6.30 -13.64 -1.39
C GLU A 41 -5.39 -13.01 -0.36
N ASP A 42 -4.08 -13.11 -0.58
CA ASP A 42 -3.09 -12.55 0.33
C ASP A 42 -2.97 -11.03 0.20
N ASN A 43 -4.07 -10.36 -0.10
CA ASN A 43 -4.07 -8.90 -0.24
C ASN A 43 -4.38 -8.24 1.10
N THR A 44 -3.71 -7.13 1.38
CA THR A 44 -3.92 -6.42 2.63
C THR A 44 -3.78 -4.91 2.42
N TRP A 45 -4.74 -4.16 2.95
CA TRP A 45 -4.76 -2.72 2.83
C TRP A 45 -3.68 -2.09 3.71
N GLU A 46 -2.66 -1.53 3.08
CA GLU A 46 -1.57 -0.89 3.82
C GLU A 46 -1.82 0.61 3.96
N PRO A 47 -1.58 1.17 5.16
CA PRO A 47 -1.79 2.61 5.40
C PRO A 47 -1.01 3.46 4.41
N GLU A 48 -1.68 4.47 3.87
CA GLU A 48 -1.06 5.37 2.89
C GLU A 48 0.22 6.00 3.44
N GLU A 49 0.24 6.24 4.75
CA GLU A 49 1.40 6.85 5.40
C GLU A 49 2.68 6.11 5.02
N ASN A 50 2.66 4.78 5.15
CA ASN A 50 3.82 3.97 4.81
C ASN A 50 4.01 3.88 3.30
N LEU A 51 2.89 3.88 2.57
CA LEU A 51 2.95 3.78 1.10
C LEU A 51 3.86 4.86 0.53
N ASP A 52 4.71 4.46 -0.40
CA ASP A 52 5.63 5.40 -1.05
C ASP A 52 5.41 5.41 -2.56
N CYS A 53 4.15 5.33 -2.96
CA CYS A 53 3.79 5.32 -4.37
C CYS A 53 2.68 6.33 -4.68
N PRO A 54 2.91 7.62 -4.40
CA PRO A 54 1.92 8.67 -4.65
C PRO A 54 1.44 8.67 -6.10
N ASP A 55 2.34 8.36 -7.02
CA ASP A 55 2.01 8.32 -8.44
C ASP A 55 0.89 7.32 -8.70
N LEU A 56 1.06 6.10 -8.20
CA LEU A 56 0.06 5.05 -8.37
C LEU A 56 -1.24 5.43 -7.68
N ILE A 57 -1.12 5.96 -6.46
CA ILE A 57 -2.30 6.38 -5.70
C ILE A 57 -3.13 7.37 -6.50
N ALA A 58 -2.45 8.30 -7.16
CA ALA A 58 -3.12 9.30 -7.99
C ALA A 58 -3.84 8.64 -9.15
N GLU A 59 -3.19 7.66 -9.77
CA GLU A 59 -3.75 6.95 -10.90
C GLU A 59 -5.09 6.31 -10.53
N PHE A 60 -5.14 5.70 -9.34
CA PHE A 60 -6.36 5.06 -8.87
C PHE A 60 -7.46 6.08 -8.63
N LEU A 61 -7.10 7.19 -8.00
CA LEU A 61 -8.05 8.25 -7.70
C LEU A 61 -8.63 8.89 -8.96
N GLN A 62 -7.90 8.78 -10.07
CA GLN A 62 -8.37 9.35 -11.33
C GLN A 62 -9.79 8.91 -11.64
N SER A 63 -10.05 7.62 -11.47
CA SER A 63 -11.37 7.06 -11.71
C SER A 63 -12.25 7.19 -10.47
N GLN A 64 -12.07 8.28 -9.73
CA GLN A 64 -12.84 8.54 -8.51
C GLN A 64 -13.09 10.03 -8.34
N LYS A 65 -12.15 10.84 -8.81
CA LYS A 65 -12.26 12.29 -8.71
C LYS A 65 -13.60 12.76 -9.26
N THR A 66 -14.42 13.33 -8.39
CA THR A 66 -15.75 13.81 -8.76
C THR A 66 -16.72 12.64 -8.96
N ALA A 67 -16.24 11.62 -9.67
CA ALA A 67 -17.05 10.43 -9.94
C ALA A 67 -16.26 9.41 -10.76
N HIS A 68 -15.62 9.90 -11.82
CA HIS A 68 -14.83 9.05 -12.70
C HIS A 68 -14.14 9.87 -13.80
N GLU A 69 -14.81 10.94 -14.23
CA GLU A 69 -14.27 11.80 -15.28
C GLU A 69 -14.21 11.06 -16.61
N THR A 70 -15.36 10.53 -17.04
CA THR A 70 -15.44 9.80 -18.31
C THR A 70 -14.88 10.62 -19.46
N ASP A 71 -15.15 11.92 -19.46
CA ASP A 71 -14.67 12.81 -20.50
C ASP A 71 -14.81 14.27 -20.09
N LYS A 72 -15.97 14.61 -19.51
CA LYS A 72 -16.23 15.97 -19.06
C LYS A 72 -15.36 16.31 -17.85
N SER A 73 -15.92 17.05 -16.89
CA SER A 73 -15.20 17.44 -15.69
C SER A 73 -16.13 18.15 -14.71
N ALA B 1 15.28 10.65 -6.84
CA ALA B 1 14.43 11.20 -5.75
C ALA B 1 13.18 10.35 -5.56
N ARG B 2 13.37 9.02 -5.56
CA ARG B 2 12.25 8.09 -5.37
C ARG B 2 12.76 6.66 -5.25
N THR B 3 12.28 5.96 -4.23
CA THR B 3 12.68 4.57 -4.01
C THR B 3 11.88 3.62 -4.89
N MLY B 4 11.75 3.97 -6.17
CA MLY B 4 11.00 3.13 -7.11
CB MLY B 4 11.69 1.78 -7.28
CG MLY B 4 11.07 0.89 -8.36
CD MLY B 4 11.72 -0.48 -8.39
CE MLY B 4 11.61 -1.19 -7.05
NZ MLY B 4 12.17 -2.58 -7.10
CH1 MLY B 4 13.50 -2.52 -7.18
CH2 MLY B 4 11.81 -3.22 -5.97
C MLY B 4 9.56 2.97 -6.65
O MLY B 4 8.99 1.87 -6.72
H MLY B 4 12.15 4.80 -6.48
HA MLY B 4 11.00 3.65 -8.07
HB2 MLY B 4 11.64 1.24 -6.34
HB3 MLY B 4 12.72 1.94 -7.53
HG2 MLY B 4 11.21 1.37 -9.32
HG3 MLY B 4 10.02 0.77 -8.15
HD2 MLY B 4 12.77 -0.37 -8.64
HD3 MLY B 4 11.23 -1.08 -9.15
HE2 MLY B 4 10.57 -1.24 -6.77
HE3 MLY B 4 12.15 -0.63 -6.31
HH11 MLY B 4 13.81 -2.79 -8.18
HH12 MLY B 4 13.85 -1.53 -6.96
HH13 MLY B 4 13.94 -3.22 -6.48
HH21 MLY B 4 12.05 -2.60 -5.12
HH22 MLY B 4 12.37 -4.15 -5.90
HH23 MLY B 4 10.76 -3.44 -5.98
HZ1 MLY B 4 11.79 -3.10 -7.91
N GLN B 5 8.96 4.05 -6.16
CA GLN B 5 7.59 4.02 -5.67
C GLN B 5 7.43 2.99 -4.55
N THR B 6 7.04 1.77 -4.92
CA THR B 6 6.85 0.69 -3.97
C THR B 6 5.92 1.07 -2.81
N ALA B 7 6.11 0.40 -1.69
CA ALA B 7 5.32 0.63 -0.47
C ALA B 7 5.93 -0.17 0.67
N ARG B 8 5.15 -1.09 1.25
CA ARG B 8 5.64 -1.94 2.34
C ARG B 8 4.55 -2.91 2.79
N MLY B 9 4.41 -3.12 4.11
CA MLY B 9 3.39 -4.04 4.63
CB MLY B 9 3.91 -5.48 4.64
CG MLY B 9 4.26 -6.02 3.27
CD MLY B 9 4.57 -7.51 3.30
CE MLY B 9 3.32 -8.34 3.54
NZ MLY B 9 2.30 -8.16 2.46
CH1 MLY B 9 2.78 -8.63 1.29
CH2 MLY B 9 1.18 -8.83 2.79
C MLY B 9 2.96 -3.63 6.04
O MLY B 9 2.92 -4.46 6.95
H MLY B 9 5.00 -2.65 4.74
HA MLY B 9 2.53 -3.98 3.97
HB2 MLY B 9 3.15 -6.12 5.08
HB3 MLY B 9 4.79 -5.52 5.26
HG2 MLY B 9 5.12 -5.50 2.89
HG3 MLY B 9 3.42 -5.86 2.60
HD2 MLY B 9 5.27 -7.70 4.11
HD3 MLY B 9 5.01 -7.80 2.37
HE2 MLY B 9 2.89 -8.06 4.49
HE3 MLY B 9 3.60 -9.39 3.57
HH11 MLY B 9 1.96 -9.00 0.70
HH12 MLY B 9 3.27 -7.82 0.76
HH13 MLY B 9 3.49 -9.41 1.49
HH21 MLY B 9 1.23 -9.13 3.82
HH22 MLY B 9 1.11 -9.72 2.16
HH23 MLY B 9 0.32 -8.21 2.61
HZ1 MLY B 9 2.06 -7.15 2.35
N SER B 10 2.61 -2.36 6.20
CA SER B 10 2.17 -1.83 7.49
C SER B 10 3.23 -2.02 8.57
N THR B 11 4.50 -1.89 8.18
CA THR B 11 5.60 -2.04 9.12
C THR B 11 5.44 -3.26 10.02
N GLY B 12 5.24 -4.41 9.41
CA GLY B 12 5.07 -5.64 10.17
C GLY B 12 6.38 -6.18 10.71
N GLY B 13 7.14 -5.34 11.40
CA GLY B 13 8.41 -5.77 11.94
C GLY B 13 9.01 -4.74 12.88
N LYS B 14 10.18 -4.21 12.52
CA LYS B 14 10.87 -3.22 13.33
C LYS B 14 11.32 -3.83 14.66
N ALA B 15 10.99 -3.18 15.78
CA ALA B 15 11.37 -3.68 17.09
C ALA B 15 12.88 -3.90 17.19
N PRO B 16 13.67 -2.82 16.99
CA PRO B 16 15.15 -2.91 17.05
C PRO B 16 15.63 -3.37 18.42
N GLY B 17 16.55 -4.35 18.42
CA GLY B 17 17.08 -4.87 19.66
C GLY B 17 18.03 -6.03 19.43
N GLY B 18 17.62 -6.95 18.57
CA GLY B 18 18.44 -8.11 18.28
C GLY B 18 17.81 -9.04 17.27
N HIS A 1 11.67 -21.13 23.94
CA HIS A 1 12.01 -20.75 22.54
C HIS A 1 11.94 -19.24 22.35
N MET A 2 12.57 -18.51 23.27
CA MET A 2 12.59 -17.05 23.22
C MET A 2 13.31 -16.56 21.96
N VAL A 3 12.70 -15.59 21.28
CA VAL A 3 13.29 -15.02 20.06
C VAL A 3 14.62 -14.34 20.36
N GLU A 4 15.56 -14.48 19.44
CA GLU A 4 16.88 -13.87 19.60
C GLU A 4 16.78 -12.37 19.80
N GLU A 5 15.90 -11.72 19.04
CA GLU A 5 15.69 -10.27 19.12
C GLU A 5 16.84 -9.50 18.48
N VAL A 6 18.07 -10.01 18.63
CA VAL A 6 19.24 -9.36 18.07
C VAL A 6 19.37 -9.61 16.57
N LEU A 7 18.23 -9.61 15.87
CA LEU A 7 18.20 -9.83 14.43
C LEU A 7 16.78 -9.72 13.90
N GLU A 8 16.58 -8.83 12.93
CA GLU A 8 15.27 -8.62 12.31
C GLU A 8 15.34 -7.53 11.25
N GLU A 9 14.83 -7.82 10.07
CA GLU A 9 14.84 -6.85 8.97
C GLU A 9 13.74 -5.81 9.15
N GLU A 10 13.13 -5.78 10.34
CA GLU A 10 12.06 -4.83 10.66
C GLU A 10 11.13 -4.62 9.46
N GLU A 11 10.61 -3.40 9.33
CA GLU A 11 9.71 -3.07 8.23
C GLU A 11 10.49 -3.05 6.92
N GLU A 12 9.84 -3.45 5.84
CA GLU A 12 10.49 -3.48 4.53
C GLU A 12 9.53 -3.10 3.41
N GLU A 13 10.07 -2.37 2.42
CA GLU A 13 9.27 -1.92 1.29
C GLU A 13 9.08 -3.06 0.28
N TYR A 14 7.84 -3.26 -0.15
CA TYR A 14 7.53 -4.30 -1.14
C TYR A 14 6.89 -3.70 -2.37
N VAL A 15 7.36 -4.14 -3.52
CA VAL A 15 6.87 -3.66 -4.80
C VAL A 15 5.36 -3.83 -4.90
N VAL A 16 4.68 -2.83 -5.45
CA VAL A 16 3.24 -2.88 -5.61
C VAL A 16 2.81 -2.41 -6.99
N GLU A 17 1.85 -3.12 -7.57
CA GLU A 17 1.35 -2.81 -8.90
C GLU A 17 0.46 -1.56 -8.92
N LYS A 18 -0.60 -1.57 -8.12
CA LYS A 18 -1.52 -0.43 -8.09
C LYS A 18 -2.61 -0.59 -7.03
N VAL A 19 -3.04 0.52 -6.43
CA VAL A 19 -4.09 0.49 -5.42
C VAL A 19 -5.40 0.04 -6.02
N LEU A 20 -6.09 -0.85 -5.32
CA LEU A 20 -7.36 -1.35 -5.78
C LEU A 20 -8.48 -0.47 -5.24
N ASP A 21 -8.20 0.29 -4.18
CA ASP A 21 -9.23 1.17 -3.61
C ASP A 21 -8.69 1.95 -2.40
N ARG A 22 -9.57 2.29 -1.47
CA ARG A 22 -9.20 3.04 -0.27
C ARG A 22 -10.35 3.03 0.74
N ARG A 23 -10.00 2.85 2.01
CA ARG A 23 -11.01 2.82 3.07
C ARG A 23 -10.39 3.20 4.41
N VAL A 24 -11.07 4.08 5.14
CA VAL A 24 -10.58 4.53 6.44
C VAL A 24 -11.00 3.56 7.55
N VAL A 25 -10.03 3.16 8.37
CA VAL A 25 -10.29 2.28 9.48
C VAL A 25 -10.61 3.10 10.73
N LYS A 26 -9.87 2.88 11.82
CA LYS A 26 -10.09 3.63 13.05
C LYS A 26 -10.02 5.13 12.75
N GLY A 27 -9.32 5.47 11.67
CA GLY A 27 -9.17 6.86 11.28
C GLY A 27 -8.20 7.00 10.12
N LYS A 28 -7.29 6.04 10.02
CA LYS A 28 -6.28 6.04 8.98
C LYS A 28 -6.83 5.43 7.68
N VAL A 29 -6.47 6.03 6.56
CA VAL A 29 -6.91 5.55 5.26
C VAL A 29 -5.98 4.46 4.74
N GLU A 30 -6.56 3.37 4.24
CA GLU A 30 -5.76 2.27 3.71
C GLU A 30 -6.15 1.97 2.27
N TYR A 31 -5.16 1.90 1.40
CA TYR A 31 -5.38 1.63 -0.02
C TYR A 31 -5.04 0.19 -0.36
N LEU A 32 -6.02 -0.52 -0.92
CA LEU A 32 -5.81 -1.91 -1.31
C LEU A 32 -4.65 -1.98 -2.30
N LEU A 33 -3.89 -3.06 -2.26
CA LEU A 33 -2.74 -3.17 -3.15
C LEU A 33 -2.48 -4.61 -3.59
N LYS A 34 -2.34 -4.81 -4.90
CA LYS A 34 -2.07 -6.12 -5.45
C LYS A 34 -0.57 -6.38 -5.41
N TRP A 35 -0.13 -7.20 -4.47
CA TRP A 35 1.29 -7.51 -4.31
C TRP A 35 1.75 -8.59 -5.26
N LYS A 36 2.85 -8.32 -5.97
CA LYS A 36 3.41 -9.26 -6.93
C LYS A 36 3.91 -10.52 -6.25
N GLY A 37 3.79 -11.65 -6.94
CA GLY A 37 4.23 -12.92 -6.40
C GLY A 37 3.23 -13.51 -5.43
N PHE A 38 2.79 -12.70 -4.47
CA PHE A 38 1.81 -13.15 -3.49
C PHE A 38 0.47 -13.36 -4.15
N SER A 39 -0.24 -14.42 -3.75
CA SER A 39 -1.54 -14.73 -4.31
C SER A 39 -2.44 -13.49 -4.30
N ASP A 40 -3.18 -13.30 -5.39
CA ASP A 40 -4.07 -12.15 -5.51
C ASP A 40 -5.02 -12.07 -4.32
N GLU A 41 -5.53 -13.21 -3.88
CA GLU A 41 -6.43 -13.26 -2.74
C GLU A 41 -5.79 -12.63 -1.50
N ASP A 42 -4.46 -12.77 -1.40
CA ASP A 42 -3.72 -12.25 -0.27
C ASP A 42 -3.54 -10.72 -0.34
N ASN A 43 -4.56 -10.02 -0.80
CA ASN A 43 -4.50 -8.56 -0.87
C ASN A 43 -4.48 -7.96 0.53
N THR A 44 -3.71 -6.89 0.71
CA THR A 44 -3.61 -6.25 2.01
C THR A 44 -3.56 -4.72 1.89
N TRP A 45 -4.48 -4.06 2.60
CA TRP A 45 -4.55 -2.60 2.58
C TRP A 45 -3.51 -2.01 3.52
N GLU A 46 -2.99 -0.83 3.17
CA GLU A 46 -1.98 -0.18 4.00
C GLU A 46 -2.20 1.33 4.02
N PRO A 47 -1.93 1.99 5.18
CA PRO A 47 -2.08 3.44 5.31
C PRO A 47 -1.33 4.19 4.22
N GLU A 48 -2.02 5.16 3.60
CA GLU A 48 -1.42 5.94 2.52
C GLU A 48 -0.12 6.61 2.97
N GLU A 49 -0.06 7.02 4.24
CA GLU A 49 1.12 7.67 4.78
C GLU A 49 2.38 6.84 4.52
N ASN A 50 2.33 5.57 4.88
CA ASN A 50 3.47 4.67 4.70
C ASN A 50 3.69 4.36 3.22
N LEU A 51 2.61 4.26 2.45
CA LEU A 51 2.70 3.94 1.04
C LEU A 51 3.68 4.85 0.32
N ASP A 52 4.70 4.24 -0.28
CA ASP A 52 5.71 4.99 -1.02
C ASP A 52 5.43 4.90 -2.51
N CYS A 53 4.18 5.15 -2.87
CA CYS A 53 3.76 5.08 -4.27
C CYS A 53 2.61 6.06 -4.55
N PRO A 54 2.84 7.37 -4.35
CA PRO A 54 1.82 8.39 -4.59
C PRO A 54 1.24 8.30 -6.00
N ASP A 55 2.09 7.91 -6.95
CA ASP A 55 1.67 7.79 -8.35
C ASP A 55 0.47 6.85 -8.48
N LEU A 56 0.51 5.72 -7.77
CA LEU A 56 -0.58 4.76 -7.80
C LEU A 56 -1.84 5.36 -7.20
N ILE A 57 -1.65 6.09 -6.10
CA ILE A 57 -2.77 6.74 -5.42
C ILE A 57 -3.50 7.65 -6.39
N ALA A 58 -2.74 8.43 -7.14
CA ALA A 58 -3.31 9.33 -8.12
C ALA A 58 -4.05 8.56 -9.21
N GLU A 59 -3.41 7.49 -9.69
CA GLU A 59 -4.00 6.64 -10.73
C GLU A 59 -5.41 6.21 -10.34
N PHE A 60 -5.58 5.88 -9.07
CA PHE A 60 -6.88 5.46 -8.56
C PHE A 60 -7.93 6.55 -8.74
N LEU A 61 -7.66 7.72 -8.17
CA LEU A 61 -8.58 8.85 -8.25
C LEU A 61 -8.83 9.29 -9.70
N GLN A 62 -7.89 9.02 -10.59
CA GLN A 62 -8.04 9.40 -11.99
C GLN A 62 -9.40 8.91 -12.52
N SER A 63 -9.69 7.64 -12.27
CA SER A 63 -10.97 7.07 -12.67
C SER A 63 -12.09 7.74 -11.90
N GLN A 64 -11.81 7.99 -10.63
CA GLN A 64 -12.76 8.63 -9.74
C GLN A 64 -12.93 10.11 -10.09
N LYS A 65 -12.53 10.99 -9.18
CA LYS A 65 -12.64 12.44 -9.40
C LYS A 65 -14.09 12.82 -9.69
N THR A 66 -14.31 13.71 -10.65
CA THR A 66 -15.66 14.13 -11.00
C THR A 66 -16.41 13.00 -11.68
N ALA A 67 -15.73 12.30 -12.58
CA ALA A 67 -16.32 11.19 -13.30
C ALA A 67 -16.16 9.89 -12.51
N HIS A 68 -16.49 9.93 -11.22
CA HIS A 68 -16.39 8.76 -10.37
C HIS A 68 -17.37 7.67 -10.79
N GLU A 69 -18.05 7.04 -9.83
CA GLU A 69 -19.01 5.99 -10.13
C GLU A 69 -20.31 6.21 -9.37
N THR A 70 -20.76 7.46 -9.31
CA THR A 70 -22.00 7.81 -8.63
C THR A 70 -21.98 7.28 -7.19
N ASP A 71 -22.98 6.48 -6.82
CA ASP A 71 -23.06 5.92 -5.47
C ASP A 71 -23.06 7.02 -4.42
N LYS A 72 -23.88 8.05 -4.66
CA LYS A 72 -23.99 9.18 -3.73
C LYS A 72 -24.51 8.72 -2.37
N SER A 73 -23.89 9.22 -1.31
CA SER A 73 -24.29 8.87 0.05
C SER A 73 -25.74 9.24 0.31
N ALA B 1 10.59 10.31 -10.82
CA ALA B 1 11.58 9.82 -9.83
C ALA B 1 12.58 8.87 -10.49
N ARG B 2 12.94 7.80 -9.79
CA ARG B 2 13.89 6.82 -10.31
C ARG B 2 13.99 5.62 -9.36
N THR B 3 12.82 5.08 -9.00
CA THR B 3 12.75 3.93 -8.10
C THR B 3 11.38 3.27 -8.17
N MLY B 4 11.36 1.95 -8.26
CA MLY B 4 10.11 1.21 -8.34
CB MLY B 4 10.38 -0.28 -8.54
CG MLY B 4 11.26 -0.90 -7.47
CD MLY B 4 11.62 -2.34 -7.80
CE MLY B 4 12.52 -2.95 -6.74
NZ MLY B 4 12.95 -4.35 -7.07
CH1 MLY B 4 11.87 -5.13 -7.25
CH2 MLY B 4 13.69 -4.33 -8.20
C MLY B 4 9.27 1.42 -7.08
O MLY B 4 9.79 1.40 -5.97
H MLY B 4 12.21 1.46 -8.29
HA MLY B 4 9.56 1.59 -9.19
HB2 MLY B 4 10.88 -0.42 -9.50
HB3 MLY B 4 9.45 -0.81 -8.55
HG2 MLY B 4 10.73 -0.88 -6.53
HG3 MLY B 4 12.17 -0.32 -7.39
HD2 MLY B 4 12.14 -2.36 -8.75
HD3 MLY B 4 10.71 -2.91 -7.88
HE2 MLY B 4 11.96 -2.98 -5.80
HE3 MLY B 4 13.39 -2.33 -6.62
HH11 MLY B 4 11.19 -5.01 -6.43
HH12 MLY B 4 11.38 -4.86 -8.18
HH13 MLY B 4 12.19 -6.17 -7.31
HH21 MLY B 4 13.93 -5.34 -8.49
HH22 MLY B 4 14.60 -3.78 -8.02
HH23 MLY B 4 13.13 -3.86 -9.00
HZ1 MLY B 4 13.53 -4.74 -6.30
N GLN B 5 7.97 1.63 -7.28
CA GLN B 5 7.06 1.87 -6.16
C GLN B 5 7.02 0.68 -5.22
N THR B 6 7.01 0.97 -3.92
CA THR B 6 6.98 -0.07 -2.89
C THR B 6 6.28 0.42 -1.64
N ALA B 7 5.30 -0.35 -1.17
CA ALA B 7 4.57 0.01 0.04
C ALA B 7 4.78 -1.07 1.11
N ARG B 8 5.27 -0.65 2.27
CA ARG B 8 5.54 -1.57 3.38
C ARG B 8 4.26 -2.18 3.94
N MLY B 9 4.36 -3.45 4.34
CA MLY B 9 3.21 -4.18 4.90
CB MLY B 9 3.44 -5.69 4.79
CG MLY B 9 3.73 -6.18 3.39
CD MLY B 9 3.93 -7.69 3.37
CE MLY B 9 4.34 -8.19 1.99
NZ MLY B 9 3.30 -7.89 0.97
CH1 MLY B 9 3.87 -7.88 -0.25
CH2 MLY B 9 2.35 -8.85 0.99
C MLY B 9 3.02 -3.80 6.36
O MLY B 9 2.86 -4.67 7.23
H MLY B 9 5.22 -3.91 4.25
HA MLY B 9 2.35 -3.91 4.34
HB2 MLY B 9 2.56 -6.19 5.16
HB3 MLY B 9 4.28 -5.96 5.43
HG2 MLY B 9 4.63 -5.70 3.02
HG3 MLY B 9 2.90 -5.93 2.75
HD2 MLY B 9 3.02 -8.17 3.66
HD3 MLY B 9 4.72 -7.94 4.07
HE2 MLY B 9 4.49 -9.25 2.04
HE3 MLY B 9 5.25 -7.70 1.70
HH11 MLY B 9 4.69 -8.58 -0.27
HH12 MLY B 9 3.14 -8.16 -1.00
HH13 MLY B 9 4.24 -6.89 -0.46
HH21 MLY B 9 2.30 -9.34 0.04
HH22 MLY B 9 1.39 -8.40 1.21
HH23 MLY B 9 2.59 -9.57 1.77
HZ1 MLY B 9 2.85 -6.96 1.14
N SER B 10 3.02 -2.50 6.66
CA SER B 10 2.85 -2.03 8.03
C SER B 10 3.99 -2.52 8.92
N THR B 11 3.66 -3.13 10.06
CA THR B 11 4.67 -3.63 10.97
C THR B 11 5.56 -4.68 10.29
N GLY B 12 6.86 -4.62 10.58
CA GLY B 12 7.79 -5.56 9.99
C GLY B 12 7.47 -7.00 10.33
N GLY B 13 7.01 -7.23 11.56
CA GLY B 13 6.66 -8.58 11.98
C GLY B 13 5.78 -8.60 13.22
N LYS B 14 4.82 -9.52 13.23
CA LYS B 14 3.90 -9.65 14.36
C LYS B 14 3.07 -10.93 14.23
N ALA B 15 2.70 -11.26 12.99
CA ALA B 15 1.90 -12.45 12.71
C ALA B 15 0.49 -12.33 13.29
N PRO B 16 -0.52 -12.73 12.50
CA PRO B 16 -1.93 -12.66 12.93
C PRO B 16 -2.22 -13.57 14.14
N GLY B 17 -1.69 -14.79 14.09
CA GLY B 17 -1.90 -15.73 15.17
C GLY B 17 -3.27 -16.38 15.13
N GLY B 18 -4.30 -15.58 14.84
CA GLY B 18 -5.65 -16.10 14.79
C GLY B 18 -6.13 -16.64 16.13
N HIS A 1 30.22 -2.17 18.85
CA HIS A 1 30.56 -1.30 17.70
C HIS A 1 29.52 -1.43 16.59
N MET A 2 28.25 -1.43 16.97
CA MET A 2 27.15 -1.55 16.01
C MET A 2 25.80 -1.39 16.71
N VAL A 3 25.76 -0.52 17.71
CA VAL A 3 24.53 -0.27 18.46
C VAL A 3 23.57 0.59 17.64
N GLU A 4 22.30 0.20 17.63
CA GLU A 4 21.28 0.93 16.88
C GLU A 4 21.16 2.36 17.40
N GLU A 5 21.15 3.32 16.48
CA GLU A 5 21.03 4.73 16.84
C GLU A 5 19.69 5.01 17.50
N VAL A 6 18.62 4.48 16.92
CA VAL A 6 17.28 4.67 17.46
C VAL A 6 16.40 3.44 17.22
N LEU A 7 15.71 3.00 18.27
CA LEU A 7 14.84 1.83 18.17
C LEU A 7 13.57 2.17 17.38
N GLU A 8 13.20 1.28 16.47
CA GLU A 8 12.01 1.48 15.65
C GLU A 8 11.75 0.24 14.78
N GLU A 9 10.51 -0.22 14.77
CA GLU A 9 10.14 -1.41 14.01
C GLU A 9 10.51 -1.28 12.53
N GLU A 10 9.94 -0.27 11.87
CA GLU A 10 10.20 -0.02 10.44
C GLU A 10 9.70 -1.19 9.58
N GLU A 11 8.91 -0.87 8.57
CA GLU A 11 8.37 -1.89 7.67
C GLU A 11 9.40 -2.27 6.61
N GLU A 12 8.93 -2.55 5.40
CA GLU A 12 9.81 -2.93 4.31
C GLU A 12 9.13 -2.75 2.96
N GLU A 13 9.85 -2.15 2.00
CA GLU A 13 9.29 -1.91 0.68
C GLU A 13 9.08 -3.22 -0.09
N TYR A 14 7.90 -3.36 -0.69
CA TYR A 14 7.55 -4.55 -1.46
C TYR A 14 7.01 -4.15 -2.83
N VAL A 15 7.54 -4.75 -3.89
CA VAL A 15 7.08 -4.42 -5.23
C VAL A 15 5.57 -4.57 -5.34
N VAL A 16 4.90 -3.47 -5.65
CA VAL A 16 3.45 -3.46 -5.78
C VAL A 16 3.01 -3.03 -7.17
N GLU A 17 2.06 -3.77 -7.73
CA GLU A 17 1.56 -3.50 -9.07
C GLU A 17 0.73 -2.21 -9.12
N LYS A 18 -0.29 -2.12 -8.26
CA LYS A 18 -1.16 -0.95 -8.24
C LYS A 18 -2.22 -1.07 -7.13
N VAL A 19 -2.63 0.07 -6.60
CA VAL A 19 -3.65 0.09 -5.55
C VAL A 19 -4.99 -0.35 -6.12
N LEU A 20 -5.72 -1.18 -5.38
CA LEU A 20 -7.01 -1.66 -5.83
C LEU A 20 -8.14 -0.79 -5.30
N ASP A 21 -8.10 -0.44 -4.02
CA ASP A 21 -9.15 0.40 -3.45
C ASP A 21 -8.65 1.23 -2.28
N ARG A 22 -9.56 1.72 -1.45
CA ARG A 22 -9.23 2.54 -0.29
C ARG A 22 -10.44 2.72 0.62
N ARG A 23 -10.24 2.58 1.93
CA ARG A 23 -11.34 2.73 2.87
C ARG A 23 -10.83 3.11 4.26
N VAL A 24 -11.49 4.10 4.87
CA VAL A 24 -11.13 4.57 6.20
C VAL A 24 -11.59 3.58 7.28
N VAL A 25 -10.81 3.47 8.36
CA VAL A 25 -11.15 2.56 9.44
C VAL A 25 -11.15 3.29 10.79
N LYS A 26 -10.27 4.28 10.90
CA LYS A 26 -10.16 5.08 12.12
C LYS A 26 -9.36 6.35 11.83
N GLY A 27 -9.78 7.06 10.80
CA GLY A 27 -9.09 8.28 10.41
C GLY A 27 -8.04 8.02 9.36
N LYS A 28 -7.44 6.83 9.41
CA LYS A 28 -6.42 6.44 8.46
C LYS A 28 -7.04 5.84 7.20
N VAL A 29 -6.43 6.10 6.06
CA VAL A 29 -6.93 5.59 4.79
C VAL A 29 -6.05 4.47 4.26
N GLU A 30 -6.54 3.23 4.36
CA GLU A 30 -5.80 2.07 3.88
C GLU A 30 -6.13 1.79 2.43
N TYR A 31 -5.09 1.65 1.60
CA TYR A 31 -5.27 1.38 0.18
C TYR A 31 -4.93 -0.06 -0.16
N LEU A 32 -5.84 -0.68 -0.91
CA LEU A 32 -5.65 -2.05 -1.35
C LEU A 32 -4.46 -2.12 -2.30
N LEU A 33 -3.67 -3.19 -2.23
CA LEU A 33 -2.49 -3.29 -3.08
C LEU A 33 -2.15 -4.74 -3.44
N LYS A 34 -1.86 -4.97 -4.72
CA LYS A 34 -1.49 -6.31 -5.19
C LYS A 34 0.02 -6.48 -5.13
N TRP A 35 0.49 -7.66 -4.73
CA TRP A 35 1.93 -7.91 -4.62
C TRP A 35 2.36 -9.14 -5.41
N LYS A 36 3.48 -9.00 -6.13
CA LYS A 36 4.02 -10.08 -6.95
C LYS A 36 4.35 -11.31 -6.10
N GLY A 37 4.19 -12.48 -6.70
CA GLY A 37 4.48 -13.73 -6.01
C GLY A 37 3.36 -14.14 -5.07
N PHE A 38 2.96 -13.23 -4.19
CA PHE A 38 1.89 -13.51 -3.23
C PHE A 38 0.56 -13.65 -3.95
N SER A 39 -0.25 -14.60 -3.50
CA SER A 39 -1.56 -14.84 -4.09
C SER A 39 -2.37 -13.54 -4.22
N ASP A 40 -3.12 -13.41 -5.30
CA ASP A 40 -3.92 -12.21 -5.53
C ASP A 40 -4.81 -11.92 -4.34
N GLU A 41 -5.47 -12.95 -3.82
CA GLU A 41 -6.36 -12.80 -2.68
C GLU A 41 -5.62 -12.24 -1.47
N ASP A 42 -4.30 -12.46 -1.42
CA ASP A 42 -3.48 -11.99 -0.31
C ASP A 42 -3.26 -10.48 -0.34
N ASN A 43 -4.26 -9.72 -0.80
CA ASN A 43 -4.15 -8.27 -0.85
C ASN A 43 -4.24 -7.68 0.55
N THR A 44 -3.44 -6.64 0.82
CA THR A 44 -3.43 -6.02 2.14
C THR A 44 -3.58 -4.50 2.05
N TRP A 45 -4.54 -3.97 2.80
CA TRP A 45 -4.76 -2.53 2.83
C TRP A 45 -3.76 -1.87 3.77
N GLU A 46 -2.82 -1.14 3.19
CA GLU A 46 -1.78 -0.48 3.98
C GLU A 46 -2.09 1.00 4.16
N PRO A 47 -1.65 1.61 5.29
CA PRO A 47 -1.89 3.03 5.55
C PRO A 47 -1.37 3.90 4.42
N GLU A 48 -2.16 4.90 4.04
CA GLU A 48 -1.78 5.81 2.97
C GLU A 48 -0.42 6.45 3.24
N GLU A 49 -0.18 6.80 4.51
CA GLU A 49 1.08 7.41 4.90
C GLU A 49 2.24 6.44 4.69
N ASN A 50 2.03 5.19 5.12
CA ASN A 50 3.06 4.16 5.00
C ASN A 50 3.47 3.94 3.55
N LEU A 51 2.51 4.07 2.63
CA LEU A 51 2.78 3.86 1.21
C LEU A 51 3.86 4.80 0.70
N ASP A 52 4.87 4.23 0.06
CA ASP A 52 5.97 5.00 -0.51
C ASP A 52 5.77 5.12 -2.02
N CYS A 53 4.56 5.52 -2.42
CA CYS A 53 4.23 5.65 -3.83
C CYS A 53 2.97 6.49 -4.04
N PRO A 54 3.04 7.79 -3.70
CA PRO A 54 1.89 8.70 -3.85
C PRO A 54 1.35 8.70 -5.27
N ASP A 55 2.22 8.38 -6.23
CA ASP A 55 1.83 8.35 -7.64
C ASP A 55 0.61 7.45 -7.86
N LEU A 56 0.64 6.25 -7.26
CA LEU A 56 -0.46 5.32 -7.40
C LEU A 56 -1.75 5.88 -6.81
N ILE A 57 -1.65 6.49 -5.63
CA ILE A 57 -2.80 7.07 -4.97
C ILE A 57 -3.53 8.01 -5.92
N ALA A 58 -2.77 8.86 -6.59
CA ALA A 58 -3.33 9.82 -7.53
C ALA A 58 -3.89 9.11 -8.76
N GLU A 59 -3.16 8.11 -9.25
CA GLU A 59 -3.57 7.35 -10.42
C GLU A 59 -4.92 6.66 -10.21
N PHE A 60 -5.12 6.12 -9.01
CA PHE A 60 -6.35 5.42 -8.68
C PHE A 60 -7.53 6.39 -8.58
N LEU A 61 -7.32 7.50 -7.90
CA LEU A 61 -8.37 8.51 -7.72
C LEU A 61 -8.80 9.11 -9.05
N GLN A 62 -7.96 9.01 -10.07
CA GLN A 62 -8.27 9.56 -11.39
C GLN A 62 -9.66 9.13 -11.83
N SER A 63 -9.98 7.86 -11.62
CA SER A 63 -11.30 7.34 -11.99
C SER A 63 -12.39 8.15 -11.32
N GLN A 64 -12.22 8.38 -10.02
CA GLN A 64 -13.18 9.15 -9.23
C GLN A 64 -13.02 10.64 -9.54
N LYS A 65 -12.86 11.46 -8.49
CA LYS A 65 -12.70 12.90 -8.65
C LYS A 65 -13.96 13.53 -9.26
N THR A 66 -14.51 14.53 -8.57
CA THR A 66 -15.72 15.20 -9.03
C THR A 66 -16.85 14.20 -9.21
N ALA A 67 -16.92 13.58 -10.38
CA ALA A 67 -17.93 12.57 -10.66
C ALA A 67 -17.52 11.22 -10.08
N HIS A 68 -17.10 11.24 -8.82
CA HIS A 68 -16.65 10.03 -8.13
C HIS A 68 -17.65 8.89 -8.29
N GLU A 69 -18.94 9.22 -8.31
CA GLU A 69 -19.98 8.22 -8.46
C GLU A 69 -21.33 8.89 -8.70
N THR A 70 -22.08 8.36 -9.66
CA THR A 70 -23.39 8.90 -10.00
C THR A 70 -24.21 7.87 -10.77
N ASP A 71 -25.49 7.75 -10.41
CA ASP A 71 -26.38 6.80 -11.07
C ASP A 71 -26.83 7.29 -12.44
N LYS A 72 -25.94 8.03 -13.12
CA LYS A 72 -26.21 8.58 -14.45
C LYS A 72 -27.67 9.01 -14.59
N SER A 73 -28.25 8.78 -15.76
CA SER A 73 -29.64 9.14 -16.02
C SER A 73 -29.86 10.63 -15.78
N ALA B 1 12.48 6.14 -2.43
CA ALA B 1 13.32 6.14 -3.65
C ALA B 1 12.52 5.76 -4.89
N ARG B 2 12.67 6.53 -5.96
CA ARG B 2 11.95 6.27 -7.20
C ARG B 2 12.42 4.97 -7.84
N THR B 3 11.46 4.16 -8.29
CA THR B 3 11.77 2.88 -8.93
C THR B 3 10.56 2.36 -9.70
N MLY B 4 9.47 2.07 -8.97
CA MLY B 4 8.24 1.56 -9.57
CB MLY B 4 8.52 0.30 -10.38
CG MLY B 4 9.13 -0.83 -9.56
CD MLY B 4 9.38 -2.06 -10.42
CE MLY B 4 10.01 -3.20 -9.60
NZ MLY B 4 10.24 -4.44 -10.42
CH1 MLY B 4 9.07 -4.91 -10.87
CH2 MLY B 4 11.05 -4.16 -11.45
C MLY B 4 7.20 1.27 -8.51
O MLY B 4 6.47 0.29 -8.61
H MLY B 4 9.51 2.20 -7.99
HA MLY B 4 7.86 2.33 -10.23
HB2 MLY B 4 9.20 0.54 -11.19
HB3 MLY B 4 7.59 -0.06 -10.80
HG2 MLY B 4 8.45 -1.09 -8.77
HG3 MLY B 4 10.06 -0.50 -9.15
HD2 MLY B 4 10.05 -1.80 -11.23
HD3 MLY B 4 8.44 -2.40 -10.83
HE2 MLY B 4 9.34 -3.43 -8.79
HE3 MLY B 4 10.94 -2.84 -9.21
HH11 MLY B 4 8.54 -4.13 -11.39
HH12 MLY B 4 9.25 -5.73 -11.54
HH13 MLY B 4 8.47 -5.25 -10.03
HH21 MLY B 4 11.36 -5.07 -11.93
HH22 MLY B 4 11.92 -3.62 -11.10
HH23 MLY B 4 10.52 -3.55 -12.17
HZ1 MLY B 4 10.70 -5.16 -9.82
N GLN B 5 7.13 2.13 -7.49
CA GLN B 5 6.17 1.98 -6.40
C GLN B 5 6.43 0.69 -5.62
N THR B 6 6.34 0.77 -4.30
CA THR B 6 6.59 -0.40 -3.44
C THR B 6 5.78 -0.36 -2.14
N ALA B 7 5.59 0.82 -1.60
CA ALA B 7 4.86 0.95 -0.34
C ALA B 7 5.58 0.17 0.76
N ARG B 8 4.84 -0.30 1.76
CA ARG B 8 5.44 -1.07 2.85
C ARG B 8 4.39 -1.93 3.56
N MLY B 9 4.73 -3.20 3.78
CA MLY B 9 3.83 -4.14 4.45
CB MLY B 9 4.53 -5.50 4.62
CG MLY B 9 5.11 -6.04 3.33
CD MLY B 9 4.04 -6.44 2.33
CE MLY B 9 3.26 -7.66 2.81
NZ MLY B 9 2.24 -8.11 1.82
CH1 MLY B 9 2.86 -8.77 0.82
CH2 MLY B 9 1.36 -8.93 2.42
C MLY B 9 3.42 -3.60 5.81
O MLY B 9 4.27 -3.15 6.59
H MLY B 9 5.61 -3.51 3.48
HA MLY B 9 2.95 -4.27 3.84
HB2 MLY B 9 3.81 -6.21 4.99
HB3 MLY B 9 5.33 -5.39 5.33
HG2 MLY B 9 5.72 -6.91 3.56
HG3 MLY B 9 5.74 -5.28 2.88
HD2 MLY B 9 4.50 -6.68 1.39
HD3 MLY B 9 3.36 -5.61 2.20
HE2 MLY B 9 2.76 -7.40 3.74
HE3 MLY B 9 3.95 -8.46 2.99
HH11 MLY B 9 3.55 -9.48 1.23
HH12 MLY B 9 2.12 -9.29 0.23
HH13 MLY B 9 3.39 -8.07 0.20
HH21 MLY B 9 0.36 -8.68 2.11
HH22 MLY B 9 1.44 -8.81 3.49
HH23 MLY B 9 1.58 -9.95 2.14
HZ1 MLY B 9 1.74 -7.29 1.42
N SER B 10 2.12 -3.63 6.10
CA SER B 10 1.62 -3.12 7.38
C SER B 10 2.28 -3.85 8.55
N THR B 11 3.09 -3.11 9.31
CA THR B 11 3.79 -3.67 10.45
C THR B 11 4.74 -4.80 10.05
N GLY B 12 6.00 -4.69 10.45
CA GLY B 12 6.97 -5.72 10.12
C GLY B 12 6.62 -7.06 10.72
N GLY B 13 6.51 -8.08 9.86
CA GLY B 13 6.18 -9.41 10.33
C GLY B 13 7.38 -10.32 10.43
N LYS B 14 8.49 -9.77 10.93
CA LYS B 14 9.73 -10.54 11.07
C LYS B 14 10.80 -9.72 11.78
N ALA B 15 11.96 -9.55 11.13
CA ALA B 15 13.05 -8.78 11.72
C ALA B 15 14.15 -8.52 10.69
N PRO B 16 13.82 -7.85 9.57
CA PRO B 16 14.79 -7.55 8.51
C PRO B 16 16.02 -6.83 9.04
N GLY B 17 17.19 -7.24 8.55
CA GLY B 17 18.43 -6.64 8.98
C GLY B 17 18.70 -5.28 8.34
N GLY B 18 17.69 -4.41 8.35
CA GLY B 18 17.84 -3.09 7.76
C GLY B 18 16.60 -2.23 7.96
N HIS A 1 24.07 11.09 18.90
CA HIS A 1 24.96 12.19 19.34
C HIS A 1 24.16 13.39 19.84
N MET A 2 23.10 13.73 19.12
CA MET A 2 22.24 14.84 19.49
C MET A 2 20.96 14.85 18.64
N VAL A 3 20.36 13.67 18.52
CA VAL A 3 19.14 13.50 17.74
C VAL A 3 18.58 12.09 17.88
N GLU A 4 19.47 11.10 17.80
CA GLU A 4 19.09 9.70 17.93
C GLU A 4 18.59 9.41 19.34
N GLU A 5 17.64 8.50 19.46
CA GLU A 5 17.10 8.13 20.77
C GLU A 5 16.45 6.75 20.74
N VAL A 6 15.66 6.48 19.71
CA VAL A 6 14.97 5.19 19.59
C VAL A 6 14.23 5.09 18.26
N LEU A 7 14.87 5.52 17.19
CA LEU A 7 14.25 5.45 15.87
C LEU A 7 14.34 4.04 15.29
N GLU A 8 13.22 3.56 14.75
CA GLU A 8 13.17 2.21 14.16
C GLU A 8 11.84 1.97 13.47
N GLU A 9 11.89 1.21 12.37
CA GLU A 9 10.70 0.89 11.60
C GLU A 9 10.79 -0.52 11.02
N GLU A 10 11.94 -0.83 10.42
CA GLU A 10 12.18 -2.14 9.83
C GLU A 10 11.10 -2.50 8.81
N GLU A 11 10.65 -1.49 8.05
CA GLU A 11 9.63 -1.71 7.04
C GLU A 11 10.25 -1.87 5.65
N GLU A 12 9.94 -3.00 5.00
CA GLU A 12 10.47 -3.28 3.67
C GLU A 12 9.55 -2.73 2.59
N GLU A 13 10.16 -2.11 1.58
CA GLU A 13 9.41 -1.52 0.47
C GLU A 13 8.98 -2.57 -0.54
N TYR A 14 7.95 -3.35 -0.21
CA TYR A 14 7.45 -4.38 -1.12
C TYR A 14 6.95 -3.75 -2.42
N VAL A 15 7.36 -4.33 -3.55
CA VAL A 15 6.97 -3.82 -4.86
C VAL A 15 5.45 -3.85 -5.02
N VAL A 16 4.90 -2.79 -5.59
CA VAL A 16 3.46 -2.68 -5.81
C VAL A 16 3.14 -2.39 -7.27
N GLU A 17 2.31 -3.23 -7.88
CA GLU A 17 1.93 -3.07 -9.26
C GLU A 17 0.91 -1.95 -9.43
N LYS A 18 -0.10 -1.94 -8.56
CA LYS A 18 -1.15 -0.93 -8.61
C LYS A 18 -2.11 -1.07 -7.44
N VAL A 19 -2.54 0.06 -6.88
CA VAL A 19 -3.47 0.03 -5.76
C VAL A 19 -4.83 -0.47 -6.23
N LEU A 20 -5.37 -1.45 -5.51
CA LEU A 20 -6.65 -2.04 -5.89
C LEU A 20 -7.83 -1.15 -5.51
N ASP A 21 -7.88 -0.71 -4.25
CA ASP A 21 -8.99 0.14 -3.82
C ASP A 21 -8.57 1.12 -2.72
N ARG A 22 -9.52 1.50 -1.85
CA ARG A 22 -9.27 2.44 -0.78
C ARG A 22 -10.38 2.40 0.28
N ARG A 23 -10.00 2.37 1.55
CA ARG A 23 -10.97 2.35 2.64
C ARG A 23 -10.36 2.89 3.92
N VAL A 24 -11.17 3.55 4.74
CA VAL A 24 -10.70 4.10 6.01
C VAL A 24 -11.68 3.80 7.12
N VAL A 25 -11.16 3.50 8.31
CA VAL A 25 -12.00 3.17 9.45
C VAL A 25 -11.77 4.15 10.61
N LYS A 26 -10.52 4.61 10.75
CA LYS A 26 -10.17 5.53 11.82
C LYS A 26 -9.11 6.52 11.35
N GLY A 27 -9.35 7.15 10.20
CA GLY A 27 -8.38 8.10 9.66
C GLY A 27 -7.18 7.39 9.09
N LYS A 28 -7.13 6.09 9.33
CA LYS A 28 -6.04 5.24 8.85
C LYS A 28 -6.34 4.69 7.46
N VAL A 29 -6.85 5.58 6.61
CA VAL A 29 -7.22 5.22 5.25
C VAL A 29 -6.26 4.21 4.62
N GLU A 30 -6.64 2.93 4.70
CA GLU A 30 -5.83 1.86 4.14
C GLU A 30 -6.20 1.61 2.68
N TYR A 31 -5.20 1.62 1.82
CA TYR A 31 -5.42 1.39 0.39
C TYR A 31 -5.13 -0.05 0.00
N LEU A 32 -6.04 -0.63 -0.78
CA LEU A 32 -5.86 -1.99 -1.24
C LEU A 32 -4.67 -2.01 -2.20
N LEU A 33 -3.84 -3.05 -2.11
CA LEU A 33 -2.67 -3.13 -2.97
C LEU A 33 -2.38 -4.56 -3.41
N LYS A 34 -2.19 -4.75 -4.72
CA LYS A 34 -1.88 -6.06 -5.26
C LYS A 34 -0.38 -6.30 -5.19
N TRP A 35 0.02 -7.22 -4.31
CA TRP A 35 1.44 -7.52 -4.14
C TRP A 35 1.88 -8.67 -5.04
N LYS A 36 3.08 -8.54 -5.60
CA LYS A 36 3.63 -9.56 -6.48
C LYS A 36 3.82 -10.88 -5.75
N GLY A 37 3.62 -11.98 -6.49
CA GLY A 37 3.76 -13.29 -5.91
C GLY A 37 2.55 -13.69 -5.09
N PHE A 38 2.05 -12.75 -4.28
CA PHE A 38 0.88 -13.00 -3.46
C PHE A 38 -0.39 -12.90 -4.28
N SER A 39 -1.24 -13.94 -4.18
CA SER A 39 -2.50 -13.97 -4.91
C SER A 39 -3.41 -12.84 -4.46
N ASP A 40 -4.54 -12.68 -5.16
CA ASP A 40 -5.50 -11.64 -4.84
C ASP A 40 -5.98 -11.74 -3.38
N GLU A 41 -6.25 -12.97 -2.94
CA GLU A 41 -6.71 -13.20 -1.58
C GLU A 41 -5.68 -12.74 -0.56
N ASP A 42 -4.41 -13.00 -0.85
CA ASP A 42 -3.32 -12.62 0.04
C ASP A 42 -3.23 -11.10 0.24
N ASN A 43 -3.72 -10.33 -0.74
CA ASN A 43 -3.68 -8.88 -0.66
C ASN A 43 -4.11 -8.38 0.72
N THR A 44 -3.48 -7.29 1.15
CA THR A 44 -3.79 -6.69 2.44
C THR A 44 -3.68 -5.17 2.36
N TRP A 45 -4.71 -4.50 2.85
CA TRP A 45 -4.74 -3.04 2.83
C TRP A 45 -3.71 -2.47 3.80
N GLU A 46 -2.89 -1.55 3.30
CA GLU A 46 -1.86 -0.93 4.13
C GLU A 46 -2.13 0.56 4.30
N PRO A 47 -1.79 1.13 5.48
CA PRO A 47 -2.01 2.56 5.76
C PRO A 47 -1.35 3.44 4.70
N GLU A 48 -2.10 4.44 4.25
CA GLU A 48 -1.60 5.35 3.22
C GLU A 48 -0.25 5.95 3.60
N GLU A 49 -0.09 6.29 4.87
CA GLU A 49 1.17 6.88 5.35
C GLU A 49 2.35 5.99 5.01
N ASN A 50 2.20 4.69 5.28
CA ASN A 50 3.25 3.72 5.00
C ASN A 50 3.51 3.61 3.50
N LEU A 51 2.44 3.70 2.72
CA LEU A 51 2.55 3.59 1.26
C LEU A 51 3.47 4.66 0.68
N ASP A 52 4.40 4.23 -0.15
CA ASP A 52 5.35 5.13 -0.79
C ASP A 52 5.06 5.18 -2.29
N CYS A 53 3.77 5.25 -2.63
CA CYS A 53 3.34 5.28 -4.03
C CYS A 53 2.45 6.49 -4.29
N PRO A 54 2.95 7.72 -4.10
CA PRO A 54 2.16 8.94 -4.32
C PRO A 54 1.55 8.99 -5.72
N ASP A 55 2.32 8.60 -6.72
CA ASP A 55 1.84 8.61 -8.10
C ASP A 55 0.74 7.57 -8.32
N LEU A 56 0.98 6.34 -7.86
CA LEU A 56 -0.01 5.27 -8.02
C LEU A 56 -1.31 5.61 -7.33
N ILE A 57 -1.22 6.12 -6.09
CA ILE A 57 -2.41 6.49 -5.34
C ILE A 57 -3.26 7.46 -6.14
N ALA A 58 -2.64 8.55 -6.56
CA ALA A 58 -3.32 9.57 -7.36
C ALA A 58 -3.95 8.93 -8.59
N GLU A 59 -3.23 7.98 -9.19
CA GLU A 59 -3.70 7.28 -10.38
C GLU A 59 -5.03 6.59 -10.13
N PHE A 60 -5.23 6.10 -8.90
CA PHE A 60 -6.44 5.39 -8.54
C PHE A 60 -7.64 6.33 -8.41
N LEU A 61 -7.52 7.35 -7.57
CA LEU A 61 -8.61 8.30 -7.35
C LEU A 61 -8.96 9.08 -8.61
N GLN A 62 -7.93 9.58 -9.31
CA GLN A 62 -8.15 10.36 -10.53
C GLN A 62 -9.03 9.60 -11.53
N SER A 63 -8.77 8.30 -11.68
CA SER A 63 -9.54 7.48 -12.59
C SER A 63 -11.02 7.52 -12.22
N GLN A 64 -11.29 7.27 -10.94
CA GLN A 64 -12.65 7.27 -10.43
C GLN A 64 -13.10 8.69 -10.06
N LYS A 65 -13.47 8.90 -8.80
CA LYS A 65 -13.91 10.21 -8.34
C LYS A 65 -15.22 10.58 -9.03
N THR A 66 -16.28 9.84 -8.72
CA THR A 66 -17.60 10.06 -9.31
C THR A 66 -17.51 10.01 -10.83
N ALA A 67 -16.97 8.91 -11.35
CA ALA A 67 -16.81 8.72 -12.79
C ALA A 67 -15.82 9.73 -13.36
N HIS A 68 -16.20 10.40 -14.45
CA HIS A 68 -15.32 11.38 -15.06
C HIS A 68 -16.06 12.24 -16.09
N GLU A 69 -15.88 13.55 -16.00
CA GLU A 69 -16.53 14.50 -16.90
C GLU A 69 -15.71 15.79 -16.99
N THR A 70 -14.40 15.64 -17.12
CA THR A 70 -13.49 16.78 -17.22
C THR A 70 -13.47 17.59 -15.92
N ASP A 71 -12.28 17.99 -15.50
CA ASP A 71 -12.12 18.77 -14.27
C ASP A 71 -10.71 19.35 -14.17
N LYS A 72 -10.62 20.59 -13.71
CA LYS A 72 -9.34 21.28 -13.58
C LYS A 72 -8.43 20.54 -12.60
N SER A 73 -8.97 20.19 -11.43
CA SER A 73 -8.20 19.49 -10.42
C SER A 73 -7.78 18.10 -10.90
N ALA B 1 12.76 5.65 -18.76
CA ALA B 1 13.12 5.96 -17.36
C ALA B 1 12.00 5.57 -16.40
N ARG B 2 11.42 4.38 -16.63
CA ARG B 2 10.35 3.89 -15.79
C ARG B 2 10.82 3.69 -14.35
N THR B 3 9.97 4.05 -13.39
CA THR B 3 10.30 3.91 -11.98
C THR B 3 9.07 3.49 -11.17
N MLY B 4 9.26 2.50 -10.31
CA MLY B 4 8.17 2.00 -9.47
CB MLY B 4 8.60 0.69 -8.80
CG MLY B 4 8.98 -0.41 -9.77
CD MLY B 4 9.44 -1.67 -9.04
CE MLY B 4 9.80 -2.78 -10.01
NZ MLY B 4 10.27 -4.00 -9.30
CH1 MLY B 4 9.59 -5.07 -9.76
CH2 MLY B 4 11.58 -4.17 -9.53
C MLY B 4 7.78 3.03 -8.41
O MLY B 4 7.85 4.23 -8.64
H MLY B 4 10.14 2.09 -10.23
HA MLY B 4 7.33 1.81 -10.11
HB2 MLY B 4 7.78 0.33 -8.19
HB3 MLY B 4 9.45 0.88 -8.16
HG2 MLY B 4 9.78 -0.06 -10.40
HG3 MLY B 4 8.12 -0.66 -10.38
HD2 MLY B 4 8.64 -2.00 -8.40
HD3 MLY B 4 10.30 -1.42 -8.45
HE2 MLY B 4 10.58 -2.43 -10.67
HE3 MLY B 4 8.92 -3.03 -10.59
HH11 MLY B 4 9.47 -5.79 -8.96
HH12 MLY B 4 8.62 -4.75 -10.12
HH13 MLY B 4 10.15 -5.52 -10.57
HH21 MLY B 4 11.71 -4.84 -10.37
HH22 MLY B 4 12.05 -4.60 -8.66
HH23 MLY B 4 12.04 -3.22 -9.76
HZ1 MLY B 4 10.11 -3.91 -8.28
N GLN B 5 7.39 2.53 -7.23
CA GLN B 5 6.99 3.39 -6.12
C GLN B 5 7.18 2.65 -4.80
N THR B 6 6.80 1.37 -4.79
CA THR B 6 6.92 0.51 -3.62
C THR B 6 6.14 1.04 -2.42
N ALA B 7 5.53 0.12 -1.68
CA ALA B 7 4.78 0.46 -0.48
C ALA B 7 5.11 -0.50 0.64
N ARG B 8 5.64 0.03 1.74
CA ARG B 8 6.01 -0.79 2.89
C ARG B 8 4.78 -1.29 3.63
N MLY B 9 4.71 -2.61 3.81
CA MLY B 9 3.60 -3.21 4.53
CB MLY B 9 3.63 -4.74 4.39
CG MLY B 9 3.39 -5.23 2.97
CD MLY B 9 3.31 -6.74 2.91
CE MLY B 9 3.01 -7.23 1.51
NZ MLY B 9 2.82 -8.71 1.45
CH1 MLY B 9 1.51 -8.99 1.42
CH2 MLY B 9 3.39 -9.18 0.33
C MLY B 9 3.64 -2.81 6.00
O MLY B 9 4.64 -2.27 6.48
H MLY B 9 5.42 -3.17 3.47
HA MLY B 9 2.68 -2.84 4.10
HB2 MLY B 9 2.86 -5.16 5.02
HB3 MLY B 9 4.59 -5.10 4.72
HG2 MLY B 9 4.21 -4.89 2.35
HG3 MLY B 9 2.47 -4.82 2.61
HD2 MLY B 9 2.52 -7.08 3.58
HD3 MLY B 9 4.25 -7.17 3.23
HE2 MLY B 9 3.83 -6.95 0.86
HE3 MLY B 9 2.10 -6.75 1.16
HH11 MLY B 9 1.33 -9.95 1.86
HH12 MLY B 9 0.97 -8.23 1.97
HH13 MLY B 9 1.15 -8.99 0.40
HH21 MLY B 9 3.21 -8.49 -0.49
HH22 MLY B 9 2.98 -10.15 0.09
HH23 MLY B 9 4.46 -9.27 0.47
HZ1 MLY B 9 3.26 -9.16 2.27
N SER B 10 2.54 -3.08 6.71
CA SER B 10 2.47 -2.74 8.13
C SER B 10 3.26 -3.73 9.00
N THR B 11 4.46 -4.06 8.55
CA THR B 11 5.32 -4.99 9.28
C THR B 11 5.76 -4.39 10.60
N GLY B 12 6.36 -3.20 10.54
CA GLY B 12 6.82 -2.52 11.74
C GLY B 12 5.68 -2.10 12.65
N GLY B 13 5.78 -2.42 13.93
CA GLY B 13 4.74 -2.06 14.87
C GLY B 13 4.94 -2.72 16.23
N LYS B 14 6.12 -2.55 16.80
CA LYS B 14 6.45 -3.14 18.09
C LYS B 14 6.34 -4.67 18.03
N ALA B 15 6.97 -5.25 17.00
CA ALA B 15 6.96 -6.69 16.81
C ALA B 15 5.55 -7.21 16.51
N PRO B 16 5.41 -8.06 15.47
CA PRO B 16 4.10 -8.61 15.08
C PRO B 16 3.43 -9.36 16.23
N GLY B 17 2.13 -9.14 16.38
CA GLY B 17 1.38 -9.79 17.44
C GLY B 17 -0.10 -9.47 17.38
N GLY B 18 -0.68 -9.51 16.18
CA GLY B 18 -2.09 -9.22 16.02
C GLY B 18 -2.53 -9.30 14.57
N HIS A 1 20.41 3.27 30.00
CA HIS A 1 20.50 2.10 30.91
C HIS A 1 19.90 0.86 30.28
N MET A 2 20.64 -0.25 30.32
CA MET A 2 20.21 -1.53 29.76
C MET A 2 19.50 -1.34 28.42
N VAL A 3 20.10 -0.54 27.55
CA VAL A 3 19.55 -0.28 26.23
C VAL A 3 19.39 -1.57 25.43
N GLU A 4 18.22 -1.74 24.82
CA GLU A 4 17.94 -2.93 24.02
C GLU A 4 18.77 -2.95 22.74
N GLU A 5 18.23 -3.55 21.68
CA GLU A 5 18.94 -3.63 20.41
C GLU A 5 18.87 -2.30 19.66
N VAL A 6 17.67 -1.76 19.52
CA VAL A 6 17.48 -0.49 18.82
C VAL A 6 18.01 -0.57 17.40
N LEU A 7 17.60 -1.62 16.67
CA LEU A 7 18.03 -1.82 15.29
C LEU A 7 17.29 -2.99 14.66
N GLU A 8 15.96 -2.98 14.78
CA GLU A 8 15.12 -4.03 14.24
C GLU A 8 13.77 -3.48 13.81
N GLU A 9 13.31 -3.91 12.63
CA GLU A 9 12.02 -3.46 12.10
C GLU A 9 11.67 -4.23 10.84
N GLU A 10 12.65 -4.46 9.98
CA GLU A 10 12.44 -5.19 8.74
C GLU A 10 11.35 -4.52 7.89
N GLU A 11 11.42 -3.19 7.81
CA GLU A 11 10.45 -2.43 7.03
C GLU A 11 10.77 -2.46 5.54
N GLU A 12 11.06 -3.64 5.02
CA GLU A 12 11.38 -3.80 3.61
C GLU A 12 10.23 -3.31 2.74
N GLU A 13 10.57 -2.50 1.74
CA GLU A 13 9.56 -1.95 0.84
C GLU A 13 9.21 -2.96 -0.26
N TYR A 14 7.95 -3.39 -0.27
CA TYR A 14 7.49 -4.35 -1.27
C TYR A 14 6.94 -3.63 -2.51
N VAL A 15 7.39 -4.06 -3.69
CA VAL A 15 6.94 -3.44 -4.93
C VAL A 15 5.44 -3.60 -5.12
N VAL A 16 4.74 -2.48 -5.28
CA VAL A 16 3.30 -2.50 -5.50
C VAL A 16 2.98 -2.40 -6.98
N GLU A 17 2.16 -3.33 -7.47
CA GLU A 17 1.78 -3.34 -8.88
C GLU A 17 0.82 -2.20 -9.20
N LYS A 18 -0.23 -2.06 -8.39
CA LYS A 18 -1.22 -1.01 -8.60
C LYS A 18 -2.29 -1.05 -7.52
N VAL A 19 -2.62 0.12 -7.02
CA VAL A 19 -3.61 0.28 -6.00
C VAL A 19 -4.95 -0.32 -6.44
N LEU A 20 -5.48 -1.23 -5.63
CA LEU A 20 -6.74 -1.89 -5.96
C LEU A 20 -7.95 -1.08 -5.49
N ASP A 21 -7.98 -0.72 -4.21
CA ASP A 21 -9.12 0.03 -3.68
C ASP A 21 -8.75 0.86 -2.44
N ARG A 22 -9.38 2.02 -2.29
CA ARG A 22 -9.13 2.89 -1.16
C ARG A 22 -10.19 2.66 -0.09
N ARG A 23 -9.79 2.80 1.17
CA ARG A 23 -10.71 2.59 2.28
C ARG A 23 -10.29 3.37 3.52
N VAL A 24 -11.23 3.55 4.45
CA VAL A 24 -10.98 4.27 5.69
C VAL A 24 -11.81 3.71 6.83
N VAL A 25 -11.18 3.61 7.99
CA VAL A 25 -11.83 3.12 9.19
C VAL A 25 -11.09 3.64 10.42
N LYS A 26 -11.84 4.24 11.35
CA LYS A 26 -11.24 4.80 12.54
C LYS A 26 -10.24 5.90 12.17
N GLY A 27 -10.58 6.67 11.13
CA GLY A 27 -9.71 7.74 10.69
C GLY A 27 -8.55 7.23 9.86
N LYS A 28 -8.19 5.96 10.05
CA LYS A 28 -7.10 5.35 9.31
C LYS A 28 -7.33 5.42 7.82
N VAL A 29 -6.24 5.51 7.07
CA VAL A 29 -6.31 5.59 5.61
C VAL A 29 -5.66 4.36 4.98
N GLU A 30 -6.38 3.24 4.96
CA GLU A 30 -5.83 2.02 4.39
C GLU A 30 -6.09 1.94 2.89
N TYR A 31 -5.02 1.74 2.13
CA TYR A 31 -5.13 1.60 0.68
C TYR A 31 -4.84 0.18 0.28
N LEU A 32 -5.52 -0.29 -0.74
CA LEU A 32 -5.33 -1.65 -1.21
C LEU A 32 -4.20 -1.72 -2.22
N LEU A 33 -3.35 -2.75 -2.09
CA LEU A 33 -2.23 -2.92 -2.99
C LEU A 33 -2.19 -4.34 -3.55
N LYS A 34 -1.97 -4.44 -4.86
CA LYS A 34 -1.86 -5.74 -5.51
C LYS A 34 -0.42 -6.24 -5.40
N TRP A 35 0.00 -6.52 -4.17
CA TRP A 35 1.37 -6.98 -3.91
C TRP A 35 1.78 -8.05 -4.91
N LYS A 36 2.98 -7.88 -5.48
CA LYS A 36 3.50 -8.82 -6.46
C LYS A 36 3.71 -10.21 -5.87
N GLY A 37 3.46 -11.23 -6.68
CA GLY A 37 3.62 -12.60 -6.24
C GLY A 37 2.47 -13.06 -5.37
N PHE A 38 2.01 -12.17 -4.50
CA PHE A 38 0.91 -12.48 -3.60
C PHE A 38 -0.42 -12.48 -4.34
N SER A 39 -1.23 -13.52 -4.10
CA SER A 39 -2.53 -13.65 -4.75
C SER A 39 -3.44 -12.49 -4.38
N ASP A 40 -4.54 -12.35 -5.11
CA ASP A 40 -5.49 -11.27 -4.87
C ASP A 40 -5.93 -11.26 -3.41
N GLU A 41 -6.26 -12.44 -2.89
CA GLU A 41 -6.69 -12.56 -1.50
C GLU A 41 -5.54 -12.21 -0.56
N ASP A 42 -4.34 -12.62 -0.95
CA ASP A 42 -3.13 -12.36 -0.16
C ASP A 42 -2.96 -10.87 0.11
N ASN A 43 -3.39 -10.04 -0.84
CA ASN A 43 -3.27 -8.59 -0.70
C ASN A 43 -3.71 -8.14 0.68
N THR A 44 -3.03 -7.14 1.22
CA THR A 44 -3.34 -6.61 2.54
C THR A 44 -3.33 -5.09 2.53
N TRP A 45 -4.36 -4.51 3.10
CA TRP A 45 -4.48 -3.06 3.17
C TRP A 45 -3.46 -2.48 4.13
N GLU A 46 -2.75 -1.47 3.68
CA GLU A 46 -1.73 -0.83 4.49
C GLU A 46 -1.94 0.68 4.57
N PRO A 47 -1.78 1.27 5.78
CA PRO A 47 -1.96 2.70 5.98
C PRO A 47 -1.09 3.52 5.03
N GLU A 48 -1.68 4.58 4.48
CA GLU A 48 -0.98 5.45 3.55
C GLU A 48 0.37 5.91 4.11
N GLU A 49 0.44 6.10 5.42
CA GLU A 49 1.66 6.55 6.08
C GLU A 49 2.86 5.71 5.65
N ASN A 50 2.73 4.39 5.77
CA ASN A 50 3.81 3.48 5.39
C ASN A 50 3.93 3.35 3.87
N LEU A 51 2.78 3.44 3.19
CA LEU A 51 2.74 3.32 1.73
C LEU A 51 3.76 4.22 1.05
N ASP A 52 4.13 3.85 -0.15
CA ASP A 52 5.10 4.60 -0.94
C ASP A 52 4.72 4.59 -2.42
N CYS A 53 3.44 4.83 -2.70
CA CYS A 53 2.95 4.85 -4.07
C CYS A 53 2.07 6.08 -4.32
N PRO A 54 2.59 7.29 -4.05
CA PRO A 54 1.83 8.53 -4.28
C PRO A 54 1.38 8.68 -5.72
N ASP A 55 2.25 8.28 -6.65
CA ASP A 55 1.95 8.36 -8.07
C ASP A 55 0.77 7.47 -8.44
N LEU A 56 0.81 6.21 -7.97
CA LEU A 56 -0.26 5.26 -8.26
C LEU A 56 -1.57 5.70 -7.62
N ILE A 57 -1.50 6.13 -6.36
CA ILE A 57 -2.69 6.59 -5.66
C ILE A 57 -3.41 7.66 -6.47
N ALA A 58 -2.62 8.53 -7.10
CA ALA A 58 -3.18 9.59 -7.93
C ALA A 58 -3.89 8.99 -9.14
N GLU A 59 -3.23 8.03 -9.78
CA GLU A 59 -3.80 7.36 -10.95
C GLU A 59 -5.12 6.68 -10.61
N PHE A 60 -5.17 6.09 -9.42
CA PHE A 60 -6.36 5.40 -8.95
C PHE A 60 -7.57 6.34 -8.90
N LEU A 61 -7.35 7.53 -8.34
CA LEU A 61 -8.42 8.52 -8.22
C LEU A 61 -8.82 9.09 -9.58
N GLN A 62 -7.84 9.31 -10.45
CA GLN A 62 -8.09 9.85 -11.78
C GLN A 62 -9.15 9.05 -12.52
N SER A 63 -9.12 7.74 -12.35
CA SER A 63 -10.08 6.87 -13.01
C SER A 63 -11.51 7.25 -12.64
N GLN A 64 -11.76 7.43 -11.35
CA GLN A 64 -13.09 7.81 -10.87
C GLN A 64 -13.43 9.24 -11.25
N LYS A 65 -12.59 10.17 -10.80
CA LYS A 65 -12.80 11.59 -11.09
C LYS A 65 -14.22 12.00 -10.70
N THR A 66 -15.00 12.45 -11.68
CA THR A 66 -16.38 12.86 -11.42
C THR A 66 -17.19 11.68 -10.89
N ALA A 67 -16.92 10.50 -11.44
CA ALA A 67 -17.60 9.28 -11.04
C ALA A 67 -16.95 8.05 -11.66
N HIS A 68 -16.66 8.13 -12.96
CA HIS A 68 -16.03 7.03 -13.67
C HIS A 68 -15.64 7.47 -15.08
N GLU A 69 -14.99 8.63 -15.17
CA GLU A 69 -14.56 9.17 -16.45
C GLU A 69 -13.53 8.26 -17.11
N THR A 70 -13.69 8.04 -18.41
CA THR A 70 -12.78 7.18 -19.19
C THR A 70 -12.72 5.76 -18.64
N ASP A 71 -12.76 4.79 -19.56
CA ASP A 71 -12.71 3.38 -19.17
C ASP A 71 -12.58 2.50 -20.40
N LYS A 72 -13.43 2.75 -21.40
CA LYS A 72 -13.42 1.98 -22.64
C LYS A 72 -14.39 2.58 -23.65
N SER A 73 -15.04 1.72 -24.44
CA SER A 73 -16.00 2.16 -25.44
C SER A 73 -15.33 3.13 -26.43
N ALA B 1 10.63 2.81 -15.48
CA ALA B 1 10.16 4.19 -15.79
C ALA B 1 9.26 4.72 -14.67
N ARG B 2 8.15 5.38 -15.05
CA ARG B 2 7.23 5.93 -14.08
C ARG B 2 6.65 4.84 -13.18
N THR B 3 6.30 3.71 -13.78
CA THR B 3 5.73 2.60 -13.02
C THR B 3 6.73 2.04 -12.01
N MLY B 4 6.34 2.04 -10.74
CA MLY B 4 7.18 1.54 -9.65
CB MLY B 4 8.56 2.21 -9.69
CG MLY B 4 9.60 1.55 -8.79
CD MLY B 4 9.87 0.12 -9.23
CE MLY B 4 10.88 -0.56 -8.31
NZ MLY B 4 12.19 0.17 -8.28
CH1 MLY B 4 12.48 0.49 -7.01
CH2 MLY B 4 13.15 -0.63 -8.78
C MLY B 4 6.49 1.78 -8.31
O MLY B 4 5.35 1.38 -8.11
H MLY B 4 5.45 2.40 -10.52
HA MLY B 4 7.30 0.48 -9.79
HB2 MLY B 4 8.45 3.24 -9.37
HB3 MLY B 4 8.93 2.19 -10.70
HG2 MLY B 4 9.22 1.54 -7.78
HG3 MLY B 4 10.51 2.11 -8.84
HD2 MLY B 4 10.28 0.13 -10.23
HD3 MLY B 4 8.95 -0.44 -9.22
HE2 MLY B 4 11.05 -1.56 -8.65
HE3 MLY B 4 10.47 -0.58 -7.31
HH11 MLY B 4 12.30 -0.35 -6.37
HH12 MLY B 4 13.53 0.77 -6.95
HH13 MLY B 4 11.88 1.33 -6.70
HH21 MLY B 4 12.81 -1.65 -8.77
HH22 MLY B 4 14.04 -0.54 -8.17
HH23 MLY B 4 13.38 -0.33 -9.79
HZ1 MLY B 4 12.13 1.04 -8.86
N GLN B 5 7.18 2.46 -7.38
CA GLN B 5 6.63 2.77 -6.07
C GLN B 5 6.36 1.51 -5.25
N THR B 6 6.68 1.56 -3.96
CA THR B 6 6.47 0.43 -3.06
C THR B 6 5.51 0.80 -1.93
N ALA B 7 5.51 0.01 -0.86
CA ALA B 7 4.65 0.27 0.29
C ALA B 7 4.95 -0.69 1.43
N ARG B 8 6.24 -0.91 1.68
CA ARG B 8 6.70 -1.79 2.75
C ARG B 8 5.75 -2.96 3.00
N MLY B 9 5.36 -3.15 4.26
CA MLY B 9 4.46 -4.23 4.64
CB MLY B 9 5.19 -5.59 4.58
CG MLY B 9 4.30 -6.78 4.90
CD MLY B 9 3.24 -6.98 3.84
CE MLY B 9 3.84 -7.50 2.54
NZ MLY B 9 2.81 -7.69 1.47
CH1 MLY B 9 3.43 -8.05 0.33
CH2 MLY B 9 1.96 -8.67 1.83
C MLY B 9 3.93 -3.97 6.07
O MLY B 9 3.80 -4.89 6.88
H MLY B 9 5.69 -2.54 4.95
HA MLY B 9 3.63 -4.24 3.96
HB2 MLY B 9 6.01 -5.57 5.30
HB3 MLY B 9 5.60 -5.71 3.59
HG2 MLY B 9 3.83 -6.63 5.85
HG3 MLY B 9 4.92 -7.66 4.94
HD2 MLY B 9 2.74 -6.05 3.65
HD3 MLY B 9 2.52 -7.70 4.20
HE2 MLY B 9 4.32 -8.45 2.72
HE3 MLY B 9 4.56 -6.78 2.18
HH11 MLY B 9 2.88 -8.85 -0.15
HH12 MLY B 9 3.47 -7.20 -0.34
HH13 MLY B 9 4.43 -8.38 0.54
HH21 MLY B 9 2.30 -9.13 2.75
HH22 MLY B 9 1.92 -9.43 1.05
HH23 MLY B 9 0.98 -8.26 1.98
HZ1 MLY B 9 2.28 -6.82 1.31
N SER B 10 3.63 -2.71 6.34
CA SER B 10 3.12 -2.30 7.65
C SER B 10 4.05 -2.76 8.77
N THR B 11 5.36 -2.69 8.50
CA THR B 11 6.37 -3.08 9.48
C THR B 11 6.26 -4.56 9.84
N GLY B 12 7.40 -5.24 9.90
CA GLY B 12 7.41 -6.66 10.24
C GLY B 12 6.80 -7.51 9.15
N GLY B 13 7.43 -8.65 8.87
CA GLY B 13 6.94 -9.54 7.84
C GLY B 13 7.75 -10.81 7.73
N LYS B 14 7.07 -11.93 7.48
CA LYS B 14 7.74 -13.22 7.34
C LYS B 14 6.81 -14.24 6.68
N ALA B 15 5.85 -14.75 7.45
CA ALA B 15 4.89 -15.74 6.94
C ALA B 15 3.91 -16.16 8.03
N PRO B 16 2.62 -16.28 7.69
CA PRO B 16 1.58 -16.70 8.64
C PRO B 16 1.78 -18.14 9.13
N GLY B 17 0.69 -18.89 9.22
CA GLY B 17 0.78 -20.26 9.66
C GLY B 17 -0.55 -20.99 9.62
N GLY B 18 -1.60 -20.32 10.10
CA GLY B 18 -2.91 -20.92 10.11
C GLY B 18 -3.96 -20.00 10.72
N HIS A 1 -0.67 -23.19 -1.19
CA HIS A 1 0.73 -23.57 -1.49
C HIS A 1 1.66 -23.24 -0.33
N MET A 2 1.47 -22.05 0.24
CA MET A 2 2.29 -21.59 1.36
C MET A 2 3.77 -21.56 0.99
N VAL A 3 4.07 -21.01 -0.19
CA VAL A 3 5.45 -20.92 -0.66
C VAL A 3 6.28 -20.06 0.29
N GLU A 4 7.50 -20.51 0.58
CA GLU A 4 8.40 -19.79 1.47
C GLU A 4 9.79 -20.41 1.45
N GLU A 5 10.81 -19.56 1.48
CA GLU A 5 12.20 -20.02 1.48
C GLU A 5 13.15 -18.86 1.77
N VAL A 6 12.92 -17.73 1.10
CA VAL A 6 13.76 -16.55 1.29
C VAL A 6 13.46 -15.87 2.62
N LEU A 7 14.50 -15.42 3.30
CA LEU A 7 14.34 -14.74 4.59
C LEU A 7 13.53 -13.46 4.43
N GLU A 8 12.54 -13.28 5.30
CA GLU A 8 11.69 -12.10 5.26
C GLU A 8 12.49 -10.84 5.57
N GLU A 9 12.43 -9.87 4.66
CA GLU A 9 13.15 -8.62 4.83
C GLU A 9 12.31 -7.59 5.61
N GLU A 10 11.76 -8.04 6.74
CA GLU A 10 10.94 -7.17 7.60
C GLU A 10 10.01 -6.29 6.77
N GLU A 11 9.99 -4.98 7.06
CA GLU A 11 9.14 -4.04 6.33
C GLU A 11 9.71 -3.72 4.96
N GLU A 12 9.96 -4.75 4.16
CA GLU A 12 10.52 -4.58 2.83
C GLU A 12 9.63 -3.68 1.97
N GLU A 13 10.27 -2.85 1.15
CA GLU A 13 9.55 -1.93 0.27
C GLU A 13 9.07 -2.61 -1.01
N TYR A 14 7.97 -3.36 -0.91
CA TYR A 14 7.41 -4.06 -2.07
C TYR A 14 7.05 -3.07 -3.16
N VAL A 15 7.31 -3.45 -4.41
CA VAL A 15 7.01 -2.60 -5.56
C VAL A 15 5.53 -2.23 -5.62
N VAL A 16 4.68 -3.20 -5.31
CA VAL A 16 3.23 -2.98 -5.32
C VAL A 16 2.72 -2.73 -6.74
N GLU A 17 1.60 -3.38 -7.08
CA GLU A 17 1.01 -3.23 -8.40
C GLU A 17 0.24 -1.93 -8.53
N LYS A 18 -0.79 -1.77 -7.69
CA LYS A 18 -1.63 -0.57 -7.71
C LYS A 18 -2.78 -0.70 -6.72
N VAL A 19 -3.20 0.41 -6.13
CA VAL A 19 -4.31 0.37 -5.18
C VAL A 19 -5.57 -0.13 -5.85
N LEU A 20 -6.22 -1.09 -5.23
CA LEU A 20 -7.44 -1.64 -5.77
C LEU A 20 -8.64 -0.81 -5.32
N ASP A 21 -8.48 -0.04 -4.24
CA ASP A 21 -9.59 0.78 -3.73
C ASP A 21 -9.10 1.92 -2.84
N ARG A 22 -9.99 2.38 -1.94
CA ARG A 22 -9.66 3.47 -1.01
C ARG A 22 -10.72 3.61 0.07
N ARG A 23 -10.32 3.34 1.31
CA ARG A 23 -11.23 3.46 2.45
C ARG A 23 -10.42 3.68 3.72
N VAL A 24 -10.75 4.73 4.47
CA VAL A 24 -10.04 5.02 5.71
C VAL A 24 -10.67 4.30 6.89
N VAL A 25 -9.82 3.83 7.80
CA VAL A 25 -10.26 3.12 8.99
C VAL A 25 -9.45 3.57 10.19
N LYS A 26 -10.10 3.66 11.35
CA LYS A 26 -9.46 4.08 12.58
C LYS A 26 -8.57 5.31 12.36
N GLY A 27 -9.05 6.25 11.55
CA GLY A 27 -8.31 7.48 11.30
C GLY A 27 -7.32 7.39 10.15
N LYS A 28 -6.81 6.19 9.86
CA LYS A 28 -5.83 6.03 8.80
C LYS A 28 -6.45 5.40 7.56
N VAL A 29 -6.22 6.03 6.42
CA VAL A 29 -6.77 5.56 5.15
C VAL A 29 -6.04 4.32 4.68
N GLU A 30 -6.77 3.23 4.43
CA GLU A 30 -6.15 2.00 3.96
C GLU A 30 -6.46 1.79 2.48
N TYR A 31 -5.42 1.57 1.69
CA TYR A 31 -5.56 1.36 0.26
C TYR A 31 -5.25 -0.09 -0.10
N LEU A 32 -6.22 -0.77 -0.71
CA LEU A 32 -6.04 -2.15 -1.12
C LEU A 32 -4.88 -2.21 -2.11
N LEU A 33 -4.07 -3.25 -2.04
CA LEU A 33 -2.92 -3.35 -2.94
C LEU A 33 -2.63 -4.78 -3.36
N LYS A 34 -2.45 -4.97 -4.67
CA LYS A 34 -2.15 -6.27 -5.23
C LYS A 34 -0.66 -6.56 -5.05
N TRP A 35 -0.27 -6.91 -3.82
CA TRP A 35 1.13 -7.19 -3.52
C TRP A 35 1.69 -8.22 -4.49
N LYS A 36 2.79 -7.84 -5.15
CA LYS A 36 3.44 -8.69 -6.13
C LYS A 36 3.82 -10.05 -5.56
N GLY A 37 3.69 -11.08 -6.39
CA GLY A 37 4.02 -12.42 -5.97
C GLY A 37 2.93 -13.06 -5.13
N PHE A 38 2.37 -12.28 -4.20
CA PHE A 38 1.32 -12.76 -3.32
C PHE A 38 0.00 -12.91 -4.08
N SER A 39 -0.70 -14.01 -3.81
CA SER A 39 -1.98 -14.28 -4.45
C SER A 39 -2.97 -13.16 -4.21
N ASP A 40 -3.95 -13.02 -5.11
CA ASP A 40 -4.96 -11.98 -4.99
C ASP A 40 -5.61 -12.00 -3.60
N GLU A 41 -5.76 -13.19 -3.04
CA GLU A 41 -6.34 -13.34 -1.72
C GLU A 41 -5.42 -12.76 -0.65
N ASP A 42 -4.11 -12.96 -0.83
CA ASP A 42 -3.12 -12.46 0.10
C ASP A 42 -3.15 -10.94 0.22
N ASN A 43 -3.78 -10.28 -0.77
CA ASN A 43 -3.88 -8.83 -0.78
C ASN A 43 -4.24 -8.27 0.59
N THR A 44 -3.69 -7.12 0.92
CA THR A 44 -3.93 -6.48 2.20
C THR A 44 -3.93 -4.95 2.08
N TRP A 45 -4.96 -4.34 2.64
CA TRP A 45 -5.08 -2.88 2.61
C TRP A 45 -4.03 -2.26 3.52
N GLU A 46 -3.15 -1.44 2.94
CA GLU A 46 -2.09 -0.81 3.71
C GLU A 46 -2.33 0.69 3.86
N PRO A 47 -2.22 1.22 5.09
CA PRO A 47 -2.43 2.64 5.36
C PRO A 47 -1.52 3.52 4.51
N GLU A 48 -2.08 4.63 4.03
CA GLU A 48 -1.34 5.56 3.18
C GLU A 48 -0.03 5.99 3.85
N GLU A 49 -0.05 6.14 5.17
CA GLU A 49 1.14 6.55 5.92
C GLU A 49 2.34 5.69 5.56
N ASN A 50 2.17 4.38 5.58
CA ASN A 50 3.25 3.45 5.24
C ASN A 50 3.55 3.49 3.75
N LEU A 51 2.51 3.65 2.94
CA LEU A 51 2.66 3.69 1.49
C LEU A 51 3.70 4.71 1.07
N ASP A 52 4.63 4.28 0.23
CA ASP A 52 5.68 5.15 -0.29
C ASP A 52 5.57 5.28 -1.80
N CYS A 53 4.34 5.47 -2.26
CA CYS A 53 4.07 5.58 -3.69
C CYS A 53 2.73 6.28 -3.94
N PRO A 54 2.58 7.54 -3.51
CA PRO A 54 1.35 8.31 -3.70
C PRO A 54 0.88 8.31 -5.15
N ASP A 55 1.81 8.10 -6.06
CA ASP A 55 1.51 8.08 -7.49
C ASP A 55 0.39 7.09 -7.80
N LEU A 56 0.39 5.94 -7.13
CA LEU A 56 -0.64 4.93 -7.35
C LEU A 56 -1.98 5.42 -6.82
N ILE A 57 -1.95 6.08 -5.66
CA ILE A 57 -3.16 6.61 -5.06
C ILE A 57 -3.84 7.56 -6.03
N ALA A 58 -3.05 8.48 -6.58
CA ALA A 58 -3.55 9.44 -7.54
C ALA A 58 -4.06 8.74 -8.80
N GLU A 59 -3.30 7.73 -9.24
CA GLU A 59 -3.66 6.95 -10.42
C GLU A 59 -5.06 6.37 -10.26
N PHE A 60 -5.35 5.92 -9.06
CA PHE A 60 -6.64 5.33 -8.73
C PHE A 60 -7.79 6.29 -9.03
N LEU A 61 -7.75 7.47 -8.42
CA LEU A 61 -8.79 8.48 -8.61
C LEU A 61 -8.89 8.90 -10.06
N GLN A 62 -7.74 9.11 -10.70
CA GLN A 62 -7.71 9.52 -12.11
C GLN A 62 -8.55 8.55 -12.95
N SER A 63 -8.47 7.28 -12.61
CA SER A 63 -9.23 6.25 -13.31
C SER A 63 -10.72 6.49 -13.12
N GLN A 64 -11.10 6.79 -11.89
CA GLN A 64 -12.50 7.04 -11.55
C GLN A 64 -12.89 8.47 -11.87
N LYS A 65 -12.40 8.98 -12.99
CA LYS A 65 -12.72 10.35 -13.40
C LYS A 65 -14.21 10.48 -13.64
N THR A 66 -14.86 11.38 -12.88
CA THR A 66 -16.30 11.61 -12.99
C THR A 66 -17.04 10.29 -13.22
N ALA A 67 -16.56 9.24 -12.59
CA ALA A 67 -17.15 7.90 -12.72
C ALA A 67 -17.04 7.39 -14.14
N HIS A 68 -16.45 6.21 -14.30
CA HIS A 68 -16.30 5.61 -15.62
C HIS A 68 -17.65 5.30 -16.25
N GLU A 69 -18.58 4.82 -15.43
CA GLU A 69 -19.92 4.48 -15.88
C GLU A 69 -20.83 4.15 -14.69
N THR A 70 -22.07 4.63 -14.76
CA THR A 70 -23.04 4.40 -13.70
C THR A 70 -22.46 4.77 -12.32
N ASP A 71 -22.74 3.95 -11.31
CA ASP A 71 -22.24 4.21 -9.97
C ASP A 71 -22.55 3.06 -9.02
N LYS A 72 -23.73 2.46 -9.19
CA LYS A 72 -24.15 1.35 -8.35
C LYS A 72 -24.21 1.76 -6.88
N SER A 73 -24.80 2.92 -6.62
CA SER A 73 -24.93 3.43 -5.26
C SER A 73 -25.74 2.48 -4.39
N ALA B 1 15.35 2.89 -13.94
CA ALA B 1 14.96 1.83 -12.96
C ALA B 1 15.71 2.01 -11.64
N ARG B 2 16.14 0.90 -11.03
CA ARG B 2 16.88 0.92 -9.77
C ARG B 2 15.95 1.24 -8.59
N THR B 3 14.97 2.10 -8.84
CA THR B 3 14.01 2.49 -7.80
C THR B 3 12.76 3.12 -8.40
N MLY B 4 11.60 2.80 -7.84
CA MLY B 4 10.34 3.34 -8.34
CB MLY B 4 9.91 2.60 -9.61
CG MLY B 4 9.69 1.11 -9.43
CD MLY B 4 11.02 0.36 -9.28
CE MLY B 4 10.80 -1.13 -9.14
NZ MLY B 4 12.09 -1.87 -9.03
CH1 MLY B 4 12.12 -2.55 -7.87
CH2 MLY B 4 12.19 -2.74 -10.06
C MLY B 4 9.24 3.27 -7.28
O MLY B 4 9.51 3.39 -6.08
H MLY B 4 11.60 2.19 -7.07
HA MLY B 4 10.50 4.38 -8.58
HB2 MLY B 4 10.66 2.75 -10.38
HB3 MLY B 4 8.98 3.03 -9.96
HG2 MLY B 4 9.17 0.71 -10.29
HG3 MLY B 4 9.11 0.94 -8.54
HD2 MLY B 4 11.52 0.73 -8.40
HD3 MLY B 4 11.63 0.55 -10.15
HE2 MLY B 4 10.27 -1.49 -10.01
HE3 MLY B 4 10.22 -1.32 -8.26
HH11 MLY B 4 13.14 -2.66 -7.55
HH12 MLY B 4 11.55 -2.01 -7.13
HH13 MLY B 4 11.68 -3.52 -8.01
HH21 MLY B 4 12.82 -3.57 -9.76
HH22 MLY B 4 12.64 -2.25 -10.91
HH23 MLY B 4 11.21 -3.10 -10.32
HZ1 MLY B 4 12.89 -1.21 -9.07
N GLN B 5 8.00 3.06 -7.72
CA GLN B 5 6.86 2.98 -6.80
C GLN B 5 6.99 1.78 -5.87
N THR B 6 6.82 2.04 -4.56
CA THR B 6 6.92 0.99 -3.55
C THR B 6 6.15 1.35 -2.28
N ALA B 7 5.49 0.35 -1.70
CA ALA B 7 4.72 0.56 -0.47
C ALA B 7 5.00 -0.57 0.51
N ARG B 8 5.51 -0.22 1.68
CA ARG B 8 5.84 -1.20 2.71
C ARG B 8 4.60 -1.65 3.48
N MLY B 9 4.39 -2.96 3.54
CA MLY B 9 3.24 -3.51 4.27
CB MLY B 9 2.78 -4.83 3.61
CG MLY B 9 3.79 -5.95 3.70
CD MLY B 9 3.27 -7.22 3.02
CE MLY B 9 1.96 -7.69 3.62
NZ MLY B 9 1.43 -8.94 2.98
CH1 MLY B 9 1.39 -8.79 1.64
CH2 MLY B 9 2.24 -9.97 3.28
C MLY B 9 3.60 -3.76 5.72
O MLY B 9 4.71 -4.20 6.03
H MLY B 9 5.02 -3.57 3.11
HA MLY B 9 2.44 -2.79 4.21
HB2 MLY B 9 2.58 -4.64 2.56
HB3 MLY B 9 1.86 -5.14 4.09
HG2 MLY B 9 3.97 -6.17 4.75
HG3 MLY B 9 4.71 -5.64 3.24
HD2 MLY B 9 4.02 -7.99 3.14
HD3 MLY B 9 3.13 -7.01 1.97
HE2 MLY B 9 1.22 -6.90 3.50
HE3 MLY B 9 2.11 -7.88 4.67
HH11 MLY B 9 1.04 -7.79 1.40
HH12 MLY B 9 2.38 -8.93 1.23
HH13 MLY B 9 0.72 -9.51 1.21
HH21 MLY B 9 1.82 -10.88 2.89
HH22 MLY B 9 2.33 -10.05 4.36
HH23 MLY B 9 3.21 -9.81 2.85
HZ1 MLY B 9 0.47 -9.14 3.33
N SER B 10 2.67 -3.45 6.63
CA SER B 10 2.92 -3.64 8.05
C SER B 10 3.31 -5.09 8.35
N THR B 11 4.52 -5.25 8.88
CA THR B 11 5.04 -6.58 9.22
C THR B 11 6.10 -6.48 10.32
N GLY B 12 6.97 -5.50 10.20
CA GLY B 12 8.03 -5.31 11.18
C GLY B 12 7.49 -5.17 12.59
N GLY B 13 8.14 -5.86 13.53
CA GLY B 13 7.71 -5.80 14.92
C GLY B 13 7.93 -4.42 15.55
N LYS B 14 8.60 -4.40 16.68
CA LYS B 14 8.88 -3.16 17.38
C LYS B 14 9.99 -3.35 18.43
N ALA B 15 9.94 -4.49 19.12
CA ALA B 15 10.94 -4.79 20.14
C ALA B 15 10.84 -6.26 20.57
N PRO B 16 11.99 -6.95 20.70
CA PRO B 16 12.03 -8.35 21.10
C PRO B 16 11.48 -8.58 22.50
N GLY B 17 11.86 -7.70 23.43
CA GLY B 17 11.39 -7.83 24.80
C GLY B 17 11.91 -9.08 25.47
N GLY B 18 13.20 -9.37 25.29
CA GLY B 18 13.79 -10.54 25.89
C GLY B 18 15.27 -10.67 25.57
N HIS A 1 9.79 -24.41 2.09
CA HIS A 1 9.70 -23.95 3.51
C HIS A 1 10.41 -24.92 4.45
N MET A 2 11.57 -25.39 4.03
CA MET A 2 12.35 -26.33 4.84
C MET A 2 12.86 -25.66 6.11
N VAL A 3 13.34 -24.43 5.97
CA VAL A 3 13.86 -23.68 7.10
C VAL A 3 12.76 -23.34 8.11
N GLU A 4 13.01 -22.36 8.96
CA GLU A 4 12.03 -21.95 9.96
C GLU A 4 10.94 -21.07 9.34
N GLU A 5 9.69 -21.46 9.57
CA GLU A 5 8.53 -20.73 9.05
C GLU A 5 8.79 -20.19 7.64
N VAL A 6 8.19 -19.04 7.32
CA VAL A 6 8.36 -18.42 6.02
C VAL A 6 9.45 -17.35 6.06
N LEU A 7 10.34 -17.37 5.07
CA LEU A 7 11.43 -16.40 5.00
C LEU A 7 10.89 -15.01 4.71
N GLU A 8 11.37 -14.02 5.46
CA GLU A 8 10.94 -12.63 5.28
C GLU A 8 11.82 -11.68 6.09
N GLU A 9 12.27 -10.61 5.46
CA GLU A 9 13.11 -9.62 6.11
C GLU A 9 12.31 -8.80 7.13
N GLU A 10 12.27 -7.48 6.93
CA GLU A 10 11.53 -6.60 7.84
C GLU A 10 11.43 -5.19 7.27
N GLU A 11 10.23 -4.63 7.29
CA GLU A 11 9.99 -3.28 6.79
C GLU A 11 10.70 -3.04 5.47
N GLU A 12 10.66 -4.02 4.57
CA GLU A 12 11.30 -3.92 3.27
C GLU A 12 10.32 -3.43 2.21
N GLU A 13 10.86 -2.76 1.19
CA GLU A 13 10.03 -2.26 0.10
C GLU A 13 9.58 -3.39 -0.82
N TYR A 14 8.30 -3.38 -1.17
CA TYR A 14 7.75 -4.43 -2.04
C TYR A 14 7.08 -3.82 -3.27
N VAL A 15 7.28 -4.47 -4.42
CA VAL A 15 6.69 -4.01 -5.68
C VAL A 15 5.18 -4.06 -5.63
N VAL A 16 4.53 -3.09 -6.28
CA VAL A 16 3.08 -3.02 -6.33
C VAL A 16 2.62 -2.30 -7.59
N GLU A 17 1.71 -2.94 -8.32
CA GLU A 17 1.20 -2.39 -9.58
C GLU A 17 0.27 -1.20 -9.37
N LYS A 18 -0.75 -1.36 -8.54
CA LYS A 18 -1.72 -0.29 -8.30
C LYS A 18 -2.70 -0.66 -7.18
N VAL A 19 -3.12 0.34 -6.41
CA VAL A 19 -4.07 0.09 -5.33
C VAL A 19 -5.39 -0.40 -5.88
N LEU A 20 -5.94 -1.42 -5.25
CA LEU A 20 -7.21 -1.98 -5.66
C LEU A 20 -8.37 -1.09 -5.24
N ASP A 21 -8.17 -0.27 -4.20
CA ASP A 21 -9.26 0.61 -3.76
C ASP A 21 -8.82 1.56 -2.63
N ARG A 22 -9.75 1.86 -1.72
CA ARG A 22 -9.50 2.76 -0.59
C ARG A 22 -10.64 2.66 0.42
N ARG A 23 -10.29 2.70 1.71
CA ARG A 23 -11.31 2.60 2.75
C ARG A 23 -10.85 3.23 4.06
N VAL A 24 -11.80 3.76 4.83
CA VAL A 24 -11.51 4.37 6.12
C VAL A 24 -12.28 3.67 7.23
N VAL A 25 -11.56 3.25 8.26
CA VAL A 25 -12.17 2.55 9.39
C VAL A 25 -12.58 3.51 10.51
N LYS A 26 -11.69 4.45 10.81
CA LYS A 26 -11.93 5.44 11.85
C LYS A 26 -10.86 6.52 11.81
N GLY A 27 -10.66 7.06 10.61
CA GLY A 27 -9.64 8.08 10.42
C GLY A 27 -8.46 7.52 9.67
N LYS A 28 -8.26 6.21 9.80
CA LYS A 28 -7.16 5.54 9.12
C LYS A 28 -7.35 5.60 7.62
N VAL A 29 -6.25 5.53 6.88
CA VAL A 29 -6.30 5.59 5.43
C VAL A 29 -5.62 4.38 4.80
N GLU A 30 -6.23 3.21 4.93
CA GLU A 30 -5.68 1.98 4.39
C GLU A 30 -6.11 1.76 2.94
N TYR A 31 -5.13 1.46 2.08
CA TYR A 31 -5.39 1.21 0.66
C TYR A 31 -5.10 -0.24 0.31
N LEU A 32 -5.88 -0.79 -0.60
CA LEU A 32 -5.69 -2.15 -1.06
C LEU A 32 -4.70 -2.14 -2.22
N LEU A 33 -3.93 -3.21 -2.39
CA LEU A 33 -2.94 -3.25 -3.48
C LEU A 33 -2.74 -4.68 -4.00
N LYS A 34 -2.68 -4.80 -5.33
CA LYS A 34 -2.45 -6.08 -5.97
C LYS A 34 -0.96 -6.41 -6.01
N TRP A 35 -0.40 -6.75 -4.85
CA TRP A 35 1.03 -7.04 -4.76
C TRP A 35 1.44 -8.15 -5.73
N LYS A 36 2.55 -7.91 -6.42
CA LYS A 36 3.07 -8.86 -7.41
C LYS A 36 3.58 -10.13 -6.74
N GLY A 37 3.36 -11.26 -7.41
CA GLY A 37 3.81 -12.54 -6.89
C GLY A 37 2.89 -13.08 -5.81
N PHE A 38 2.51 -12.22 -4.87
CA PHE A 38 1.63 -12.61 -3.78
C PHE A 38 0.19 -12.77 -4.27
N SER A 39 -0.46 -13.86 -3.84
CA SER A 39 -1.83 -14.13 -4.23
C SER A 39 -2.75 -12.97 -3.89
N ASP A 40 -3.81 -12.80 -4.67
CA ASP A 40 -4.77 -11.72 -4.45
C ASP A 40 -5.32 -11.75 -3.02
N GLU A 41 -5.58 -12.95 -2.52
CA GLU A 41 -6.10 -13.11 -1.17
C GLU A 41 -5.11 -12.58 -0.14
N ASP A 42 -3.83 -12.65 -0.47
CA ASP A 42 -2.77 -12.18 0.42
C ASP A 42 -2.81 -10.67 0.59
N ASN A 43 -3.28 -9.95 -0.43
CA ASN A 43 -3.35 -8.49 -0.38
C ASN A 43 -3.88 -8.01 0.96
N THR A 44 -3.32 -6.91 1.46
CA THR A 44 -3.73 -6.35 2.73
C THR A 44 -3.71 -4.82 2.69
N TRP A 45 -4.80 -4.21 3.14
CA TRP A 45 -4.90 -2.77 3.16
C TRP A 45 -3.90 -2.18 4.14
N GLU A 46 -3.29 -1.06 3.78
CA GLU A 46 -2.28 -0.44 4.63
C GLU A 46 -2.38 1.09 4.60
N PRO A 47 -2.16 1.73 5.77
CA PRO A 47 -2.21 3.18 5.91
C PRO A 47 -1.31 3.90 4.91
N GLU A 48 -1.81 5.00 4.38
CA GLU A 48 -1.08 5.81 3.40
C GLU A 48 0.25 6.32 3.97
N GLU A 49 0.33 6.44 5.29
CA GLU A 49 1.52 6.92 5.95
C GLU A 49 2.75 6.06 5.61
N ASN A 50 2.61 4.74 5.79
CA ASN A 50 3.70 3.82 5.51
C ASN A 50 3.98 3.72 4.01
N LEU A 51 2.92 3.82 3.21
CA LEU A 51 3.04 3.72 1.76
C LEU A 51 4.06 4.70 1.20
N ASP A 52 5.02 4.16 0.46
CA ASP A 52 6.08 4.97 -0.15
C ASP A 52 5.86 5.07 -1.66
N CYS A 53 4.62 5.32 -2.05
CA CYS A 53 4.27 5.44 -3.47
C CYS A 53 2.91 6.10 -3.65
N PRO A 54 2.76 7.36 -3.19
CA PRO A 54 1.49 8.10 -3.32
C PRO A 54 1.04 8.17 -4.78
N ASP A 55 1.98 8.04 -5.70
CA ASP A 55 1.68 8.08 -7.12
C ASP A 55 0.57 7.10 -7.48
N LEU A 56 0.59 5.92 -6.85
CA LEU A 56 -0.42 4.90 -7.13
C LEU A 56 -1.78 5.38 -6.63
N ILE A 57 -1.82 5.91 -5.42
CA ILE A 57 -3.05 6.40 -4.83
C ILE A 57 -3.71 7.43 -5.74
N ALA A 58 -2.91 8.38 -6.20
CA ALA A 58 -3.40 9.42 -7.10
C ALA A 58 -3.80 8.79 -8.43
N GLU A 59 -3.01 7.84 -8.89
CA GLU A 59 -3.27 7.14 -10.14
C GLU A 59 -4.64 6.47 -10.11
N PHE A 60 -4.95 5.85 -8.98
CA PHE A 60 -6.22 5.16 -8.79
C PHE A 60 -7.39 6.14 -8.85
N LEU A 61 -7.25 7.26 -8.16
CA LEU A 61 -8.30 8.27 -8.12
C LEU A 61 -8.55 8.89 -9.50
N GLN A 62 -7.47 9.12 -10.25
CA GLN A 62 -7.59 9.72 -11.58
C GLN A 62 -8.54 8.92 -12.46
N SER A 63 -8.54 7.60 -12.29
CA SER A 63 -9.41 6.73 -13.08
C SER A 63 -10.87 7.16 -12.95
N GLN A 64 -11.33 7.30 -11.71
CA GLN A 64 -12.71 7.71 -11.45
C GLN A 64 -12.89 9.21 -11.69
N LYS A 65 -12.05 10.01 -11.04
CA LYS A 65 -12.10 11.46 -11.19
C LYS A 65 -13.52 11.97 -10.91
N THR A 66 -14.05 11.60 -9.74
CA THR A 66 -15.40 12.00 -9.34
C THR A 66 -16.45 11.18 -10.09
N ALA A 67 -16.36 11.20 -11.42
CA ALA A 67 -17.29 10.45 -12.26
C ALA A 67 -16.78 9.02 -12.45
N HIS A 68 -16.75 8.55 -13.69
CA HIS A 68 -16.26 7.20 -14.00
C HIS A 68 -16.21 6.97 -15.50
N GLU A 69 -15.06 6.54 -15.99
CA GLU A 69 -14.87 6.27 -17.41
C GLU A 69 -13.80 5.20 -17.63
N THR A 70 -12.73 5.30 -16.85
CA THR A 70 -11.61 4.36 -16.91
C THR A 70 -11.27 4.01 -18.37
N ASP A 71 -10.90 2.75 -18.63
CA ASP A 71 -10.57 2.31 -19.97
C ASP A 71 -10.35 0.80 -20.00
N LYS A 72 -11.32 0.06 -19.48
CA LYS A 72 -11.23 -1.40 -19.44
C LYS A 72 -11.00 -1.97 -20.84
N SER A 73 -10.01 -2.84 -20.95
CA SER A 73 -9.67 -3.47 -22.22
C SER A 73 -9.36 -2.41 -23.29
N ALA B 1 14.44 3.23 -5.72
CA ALA B 1 13.83 2.47 -6.83
C ALA B 1 13.93 3.23 -8.14
N ARG B 2 14.30 2.53 -9.21
CA ARG B 2 14.45 3.13 -10.52
C ARG B 2 13.10 3.65 -11.04
N THR B 3 12.04 2.90 -10.77
CA THR B 3 10.70 3.28 -11.22
C THR B 3 9.62 2.51 -10.47
N MLY B 4 9.92 1.26 -10.14
CA MLY B 4 8.96 0.40 -9.44
CB MLY B 4 9.61 -0.94 -9.08
CG MLY B 4 9.78 -1.86 -10.27
CD MLY B 4 10.62 -3.09 -9.90
CE MLY B 4 10.60 -4.13 -11.00
NZ MLY B 4 9.28 -4.81 -11.10
CH1 MLY B 4 8.58 -4.34 -12.13
CH2 MLY B 4 9.47 -6.13 -11.27
C MLY B 4 8.46 1.07 -8.16
O MLY B 4 9.23 1.59 -7.36
H MLY B 4 10.79 0.89 -10.38
HA MLY B 4 8.13 0.23 -10.09
HB2 MLY B 4 8.99 -1.44 -8.35
HB3 MLY B 4 10.58 -0.76 -8.64
HG2 MLY B 4 10.28 -1.32 -11.07
HG3 MLY B 4 8.81 -2.19 -10.61
HD2 MLY B 4 10.23 -3.51 -8.99
HD3 MLY B 4 11.64 -2.76 -9.75
HE2 MLY B 4 11.36 -4.86 -10.81
HE3 MLY B 4 10.80 -3.65 -11.95
HH11 MLY B 4 8.89 -4.84 -13.04
HH12 MLY B 4 7.52 -4.49 -11.97
HH13 MLY B 4 8.78 -3.27 -12.24
HH21 MLY B 4 9.01 -6.68 -10.45
HH22 MLY B 4 10.53 -6.34 -11.29
HH23 MLY B 4 9.03 -6.45 -12.20
HZ1 MLY B 4 8.73 -4.66 -10.21
N GLN B 5 7.15 1.03 -7.97
CA GLN B 5 6.53 1.61 -6.79
C GLN B 5 6.56 0.64 -5.62
N THR B 6 6.88 1.14 -4.44
CA THR B 6 6.95 0.30 -3.25
C THR B 6 6.33 1.01 -2.05
N ALA B 7 5.32 0.40 -1.46
CA ALA B 7 4.64 0.97 -0.30
C ALA B 7 5.28 0.49 0.99
N ARG B 8 6.07 -0.58 0.88
CA ARG B 8 6.77 -1.17 2.04
C ARG B 8 5.81 -1.92 2.96
N MLY B 9 4.51 -1.67 2.79
CA MLY B 9 3.50 -2.32 3.62
CB MLY B 9 3.62 -3.84 3.52
CG MLY B 9 3.39 -4.39 2.12
CD MLY B 9 3.47 -5.91 2.09
CE MLY B 9 3.19 -6.44 0.70
NZ MLY B 9 3.20 -7.93 0.66
CH1 MLY B 9 1.95 -8.39 0.72
CH2 MLY B 9 3.77 -8.34 -0.50
C MLY B 9 3.61 -1.86 5.07
O MLY B 9 3.75 -0.67 5.35
H MLY B 9 4.23 -1.04 2.10
HA MLY B 9 2.54 -2.02 3.24
HB2 MLY B 9 2.89 -4.29 4.18
HB3 MLY B 9 4.61 -4.14 3.84
HG2 MLY B 9 4.15 -3.99 1.46
HG3 MLY B 9 2.41 -4.08 1.78
HD2 MLY B 9 2.74 -6.31 2.78
HD3 MLY B 9 4.46 -6.21 2.40
HE2 MLY B 9 3.94 -6.06 0.03
HE3 MLY B 9 2.22 -6.10 0.38
HH11 MLY B 9 1.37 -7.77 1.39
HH12 MLY B 9 1.49 -8.35 -0.26
HH13 MLY B 9 1.95 -9.41 1.09
HH21 MLY B 9 3.82 -7.51 -1.18
HH22 MLY B 9 3.16 -9.12 -0.93
HH23 MLY B 9 4.76 -8.71 -0.30
HZ1 MLY B 9 3.75 -8.31 1.45
N SER B 10 3.53 -2.81 6.01
CA SER B 10 3.61 -2.49 7.43
C SER B 10 3.83 -3.74 8.27
N THR B 11 4.70 -4.64 7.78
CA THR B 11 5.00 -5.87 8.49
C THR B 11 5.88 -5.59 9.71
N GLY B 12 6.98 -4.88 9.48
CA GLY B 12 7.89 -4.54 10.56
C GLY B 12 8.35 -5.76 11.34
N GLY B 13 8.59 -5.57 12.63
CA GLY B 13 9.02 -6.66 13.48
C GLY B 13 9.69 -6.19 14.75
N LYS B 14 9.30 -6.78 15.89
CA LYS B 14 9.87 -6.41 17.18
C LYS B 14 9.32 -7.30 18.29
N ALA B 15 10.23 -7.81 19.12
CA ALA B 15 9.84 -8.68 20.23
C ALA B 15 9.09 -7.90 21.31
N PRO B 16 7.96 -8.44 21.80
CA PRO B 16 7.15 -7.79 22.83
C PRO B 16 7.82 -7.85 24.20
N GLY B 17 7.03 -8.12 25.24
CA GLY B 17 7.57 -8.21 26.59
C GLY B 17 8.55 -9.36 26.74
N GLY B 18 8.18 -10.52 26.23
CA GLY B 18 9.05 -11.68 26.31
C GLY B 18 10.35 -11.50 25.56
N HIS A 1 13.08 -22.21 -4.87
CA HIS A 1 13.73 -23.55 -4.96
C HIS A 1 15.21 -23.47 -4.57
N MET A 2 15.89 -22.43 -5.06
CA MET A 2 17.31 -22.24 -4.76
C MET A 2 17.51 -22.02 -3.27
N VAL A 3 16.69 -21.15 -2.69
CA VAL A 3 16.77 -20.84 -1.27
C VAL A 3 15.40 -20.45 -0.73
N GLU A 4 15.35 -19.46 0.17
CA GLU A 4 14.10 -18.99 0.77
C GLU A 4 13.44 -20.09 1.60
N GLU A 5 12.95 -19.70 2.78
CA GLU A 5 12.29 -20.64 3.68
C GLU A 5 11.67 -19.88 4.86
N VAL A 6 12.45 -18.97 5.44
CA VAL A 6 11.99 -18.18 6.57
C VAL A 6 10.81 -17.30 6.18
N LEU A 7 9.94 -17.03 7.13
CA LEU A 7 8.75 -16.19 6.88
C LEU A 7 9.15 -14.90 6.17
N GLU A 8 8.42 -14.57 5.11
CA GLU A 8 8.70 -13.38 4.32
C GLU A 8 8.22 -12.10 5.04
N GLU A 9 8.29 -12.11 6.37
CA GLU A 9 7.87 -10.94 7.14
C GLU A 9 8.98 -9.91 7.18
N GLU A 10 8.68 -8.71 6.68
CA GLU A 10 9.65 -7.61 6.65
C GLU A 10 9.07 -6.38 5.98
N GLU A 11 9.44 -5.20 6.48
CA GLU A 11 8.96 -3.95 5.92
C GLU A 11 9.42 -3.77 4.47
N GLU A 12 10.31 -2.80 4.22
CA GLU A 12 10.83 -2.54 2.89
C GLU A 12 9.73 -2.23 1.88
N GLU A 13 10.03 -1.33 0.95
CA GLU A 13 9.08 -0.91 -0.07
C GLU A 13 8.80 -2.05 -1.06
N TYR A 14 7.99 -3.01 -0.64
CA TYR A 14 7.64 -4.14 -1.51
C TYR A 14 6.94 -3.68 -2.77
N VAL A 15 7.27 -4.31 -3.89
CA VAL A 15 6.69 -3.97 -5.18
C VAL A 15 5.15 -4.03 -5.15
N VAL A 16 4.52 -3.11 -5.86
CA VAL A 16 3.06 -3.05 -5.93
C VAL A 16 2.60 -2.75 -7.35
N GLU A 17 1.62 -3.51 -7.83
CA GLU A 17 1.08 -3.31 -9.17
C GLU A 17 0.25 -2.04 -9.26
N LYS A 18 -0.91 -2.04 -8.61
CA LYS A 18 -1.82 -0.90 -8.62
C LYS A 18 -2.74 -0.90 -7.42
N VAL A 19 -3.03 0.29 -6.94
CA VAL A 19 -3.88 0.49 -5.80
C VAL A 19 -5.30 0.02 -6.10
N LEU A 20 -5.78 -0.98 -5.37
CA LEU A 20 -7.11 -1.52 -5.58
C LEU A 20 -8.20 -0.59 -5.02
N ASP A 21 -8.15 -0.31 -3.72
CA ASP A 21 -9.16 0.57 -3.11
C ASP A 21 -8.74 1.08 -1.73
N ARG A 22 -9.22 2.26 -1.38
CA ARG A 22 -8.93 2.88 -0.08
C ARG A 22 -10.20 2.95 0.76
N ARG A 23 -10.06 2.85 2.07
CA ARG A 23 -11.23 2.89 2.96
C ARG A 23 -10.87 3.34 4.36
N VAL A 24 -11.80 4.04 5.00
CA VAL A 24 -11.60 4.52 6.36
C VAL A 24 -12.48 3.74 7.33
N VAL A 25 -11.90 3.29 8.44
CA VAL A 25 -12.64 2.51 9.43
C VAL A 25 -13.47 3.41 10.34
N LYS A 26 -12.91 4.58 10.68
CA LYS A 26 -13.58 5.53 11.55
C LYS A 26 -12.88 6.87 11.49
N GLY A 27 -11.58 6.82 11.24
CA GLY A 27 -10.78 8.03 11.14
C GLY A 27 -9.40 7.73 10.58
N LYS A 28 -9.03 6.46 10.63
CA LYS A 28 -7.73 6.02 10.12
C LYS A 28 -7.71 6.09 8.60
N VAL A 29 -6.75 5.38 8.00
CA VAL A 29 -6.62 5.34 6.55
C VAL A 29 -5.94 4.05 6.11
N GLU A 30 -6.45 3.44 5.06
CA GLU A 30 -5.87 2.19 4.55
C GLU A 30 -6.12 2.04 3.05
N TYR A 31 -5.05 1.70 2.32
CA TYR A 31 -5.14 1.52 0.88
C TYR A 31 -4.89 0.08 0.47
N LEU A 32 -5.61 -0.36 -0.55
CA LEU A 32 -5.47 -1.69 -1.05
C LEU A 32 -4.41 -1.72 -2.16
N LEU A 33 -3.53 -2.71 -2.10
CA LEU A 33 -2.47 -2.83 -3.10
C LEU A 33 -2.22 -4.28 -3.48
N LYS A 34 -2.14 -4.54 -4.78
CA LYS A 34 -1.90 -5.90 -5.28
C LYS A 34 -0.42 -6.23 -5.17
N TRP A 35 -0.07 -7.09 -4.21
CA TRP A 35 1.32 -7.48 -4.02
C TRP A 35 1.74 -8.56 -5.01
N LYS A 36 2.88 -8.34 -5.66
CA LYS A 36 3.41 -9.27 -6.64
C LYS A 36 3.89 -10.57 -5.98
N GLY A 37 3.71 -11.68 -6.67
CA GLY A 37 4.13 -12.97 -6.16
C GLY A 37 3.17 -13.56 -5.14
N PHE A 38 2.79 -12.76 -4.15
CA PHE A 38 1.86 -13.22 -3.12
C PHE A 38 0.51 -13.57 -3.73
N SER A 39 -0.15 -14.59 -3.17
CA SER A 39 -1.44 -15.03 -3.66
C SER A 39 -2.40 -13.85 -3.83
N ASP A 40 -3.25 -13.93 -4.85
CA ASP A 40 -4.20 -12.87 -5.14
C ASP A 40 -5.08 -12.56 -3.93
N GLU A 41 -5.57 -13.62 -3.28
CA GLU A 41 -6.42 -13.47 -2.11
C GLU A 41 -5.67 -12.81 -0.96
N ASP A 42 -4.35 -12.84 -1.01
CA ASP A 42 -3.52 -12.26 0.05
C ASP A 42 -3.49 -10.73 -0.03
N ASN A 43 -4.64 -10.11 -0.28
CA ASN A 43 -4.73 -8.66 -0.34
C ASN A 43 -4.43 -8.06 1.04
N THR A 44 -3.69 -6.95 1.05
CA THR A 44 -3.33 -6.30 2.30
C THR A 44 -3.43 -4.78 2.19
N TRP A 45 -4.11 -4.18 3.16
CA TRP A 45 -4.30 -2.73 3.17
C TRP A 45 -3.24 -2.05 4.04
N GLU A 46 -2.58 -1.04 3.48
CA GLU A 46 -1.55 -0.29 4.20
C GLU A 46 -2.15 0.97 4.83
N PRO A 47 -1.68 1.38 6.02
CA PRO A 47 -2.20 2.56 6.72
C PRO A 47 -1.82 3.89 6.07
N GLU A 48 -1.75 3.92 4.74
CA GLU A 48 -1.42 5.14 3.98
C GLU A 48 0.03 5.61 4.20
N GLU A 49 0.55 5.45 5.41
CA GLU A 49 1.91 5.90 5.73
C GLU A 49 2.98 5.03 5.05
N ASN A 50 2.87 3.72 5.20
CA ASN A 50 3.84 2.79 4.62
C ASN A 50 3.90 2.92 3.10
N LEU A 51 2.86 3.47 2.51
CA LEU A 51 2.78 3.65 1.07
C LEU A 51 4.01 4.37 0.52
N ASP A 52 4.41 3.99 -0.69
CA ASP A 52 5.57 4.59 -1.34
C ASP A 52 5.40 4.53 -2.85
N CYS A 53 4.22 4.91 -3.31
CA CYS A 53 3.90 4.90 -4.73
C CYS A 53 2.97 6.07 -5.08
N PRO A 54 3.45 7.32 -4.88
CA PRO A 54 2.66 8.51 -5.16
C PRO A 54 2.06 8.51 -6.56
N ASP A 55 2.84 8.01 -7.53
CA ASP A 55 2.38 7.94 -8.91
C ASP A 55 1.13 7.07 -9.03
N LEU A 56 1.11 5.94 -8.32
CA LEU A 56 -0.03 5.04 -8.36
C LEU A 56 -1.22 5.65 -7.62
N ILE A 57 -0.95 6.22 -6.45
CA ILE A 57 -2.00 6.84 -5.64
C ILE A 57 -2.77 7.86 -6.47
N ALA A 58 -2.03 8.66 -7.24
CA ALA A 58 -2.64 9.67 -8.09
C ALA A 58 -3.51 9.00 -9.15
N GLU A 59 -3.04 7.88 -9.68
CA GLU A 59 -3.76 7.13 -10.70
C GLU A 59 -5.08 6.58 -10.14
N PHE A 60 -5.02 6.07 -8.92
CA PHE A 60 -6.20 5.49 -8.27
C PHE A 60 -7.30 6.53 -8.07
N LEU A 61 -6.92 7.72 -7.60
CA LEU A 61 -7.87 8.79 -7.35
C LEU A 61 -8.29 9.45 -8.67
N GLN A 62 -7.34 9.59 -9.58
CA GLN A 62 -7.59 10.20 -10.87
C GLN A 62 -8.70 9.46 -11.61
N SER A 63 -8.68 8.14 -11.52
CA SER A 63 -9.68 7.32 -12.19
C SER A 63 -11.10 7.66 -11.72
N GLN A 64 -11.29 7.71 -10.40
CA GLN A 64 -12.59 8.03 -9.84
C GLN A 64 -12.96 9.48 -10.08
N LYS A 65 -12.16 10.39 -9.54
CA LYS A 65 -12.39 11.82 -9.69
C LYS A 65 -13.82 12.17 -9.24
N THR A 66 -14.67 12.58 -10.18
CA THR A 66 -16.05 12.93 -9.87
C THR A 66 -16.79 11.71 -9.32
N ALA A 67 -16.52 10.55 -9.90
CA ALA A 67 -17.15 9.31 -9.49
C ALA A 67 -16.47 8.10 -10.13
N HIS A 68 -16.23 8.20 -11.44
CA HIS A 68 -15.59 7.12 -12.18
C HIS A 68 -15.33 7.55 -13.62
N GLU A 69 -16.32 8.19 -14.23
CA GLU A 69 -16.21 8.65 -15.61
C GLU A 69 -15.02 9.60 -15.76
N THR A 70 -14.82 10.44 -14.74
CA THR A 70 -13.74 11.42 -14.69
C THR A 70 -13.66 12.30 -15.95
N ASP A 71 -13.59 13.60 -15.74
CA ASP A 71 -13.52 14.56 -16.84
C ASP A 71 -13.29 15.97 -16.32
N LYS A 72 -12.30 16.66 -16.89
CA LYS A 72 -11.97 18.02 -16.49
C LYS A 72 -10.85 18.59 -17.36
N SER A 73 -11.00 18.42 -18.67
CA SER A 73 -10.01 18.90 -19.63
C SER A 73 -8.64 18.31 -19.34
N ALA B 1 17.90 0.89 -15.42
CA ALA B 1 17.64 0.96 -13.96
C ALA B 1 16.85 2.21 -13.61
N ARG B 2 15.84 2.04 -12.75
CA ARG B 2 15.00 3.16 -12.33
C ARG B 2 14.07 2.74 -11.21
N THR B 3 13.99 3.55 -10.16
CA THR B 3 13.12 3.26 -9.03
C THR B 3 11.66 3.29 -9.43
N MLY B 4 10.96 2.18 -9.23
CA MLY B 4 9.55 2.08 -9.58
CB MLY B 4 9.27 0.79 -10.34
CG MLY B 4 9.63 -0.47 -9.57
CD MLY B 4 9.37 -1.72 -10.39
CE MLY B 4 9.79 -2.98 -9.64
NZ MLY B 4 11.25 -2.98 -9.34
CH1 MLY B 4 11.45 -3.39 -8.09
CH2 MLY B 4 11.88 -3.81 -10.19
C MLY B 4 8.67 2.16 -8.34
O MLY B 4 9.10 1.83 -7.24
H MLY B 4 11.42 1.40 -8.84
HA MLY B 4 9.32 2.92 -10.23
HB2 MLY B 4 9.83 0.80 -11.26
HB3 MLY B 4 8.22 0.74 -10.58
HG2 MLY B 4 9.03 -0.50 -8.67
HG3 MLY B 4 10.67 -0.43 -9.30
HD2 MLY B 4 9.93 -1.65 -11.31
HD3 MLY B 4 8.31 -1.78 -10.61
HE2 MLY B 4 9.56 -3.84 -10.25
HE3 MLY B 4 9.24 -3.02 -8.71
HH11 MLY B 4 10.85 -4.26 -7.89
HH12 MLY B 4 12.50 -3.63 -7.95
HH13 MLY B 4 11.18 -2.60 -7.40
HH21 MLY B 4 12.56 -4.44 -9.64
HH22 MLY B 4 12.43 -3.24 -10.92
HH23 MLY B 4 11.15 -4.43 -10.70
HZ1 MLY B 4 11.65 -2.02 -9.47
N GLN B 5 7.43 2.60 -8.55
CA GLN B 5 6.47 2.73 -7.47
C GLN B 5 6.42 1.46 -6.61
N THR B 6 6.34 1.64 -5.30
CA THR B 6 6.29 0.53 -4.36
C THR B 6 5.47 0.89 -3.12
N ALA B 7 5.72 0.17 -2.02
CA ALA B 7 5.01 0.41 -0.75
C ALA B 7 5.47 -0.57 0.31
N ARG B 8 5.84 -0.06 1.48
CA ARG B 8 6.32 -0.88 2.58
C ARG B 8 5.19 -1.70 3.20
N MLY B 9 5.50 -2.94 3.55
CA MLY B 9 4.53 -3.84 4.17
CB MLY B 9 5.17 -5.21 4.45
CG MLY B 9 5.74 -5.87 3.20
CD MLY B 9 4.65 -6.27 2.23
CE MLY B 9 3.83 -7.44 2.75
NZ MLY B 9 2.75 -7.85 1.79
CH1 MLY B 9 3.32 -8.44 0.70
CH2 MLY B 9 1.94 -8.73 2.39
C MLY B 9 4.01 -3.24 5.47
O MLY B 9 4.77 -2.57 6.20
H MLY B 9 6.42 -3.27 3.40
HA MLY B 9 3.71 -3.97 3.48
HB2 MLY B 9 4.42 -5.86 4.86
HB3 MLY B 9 5.97 -5.07 5.16
HG2 MLY B 9 6.29 -6.75 3.50
HG3 MLY B 9 6.41 -5.18 2.71
HD2 MLY B 9 5.11 -6.56 1.28
HD3 MLY B 9 3.99 -5.43 2.06
HE2 MLY B 9 3.36 -7.15 3.67
HE3 MLY B 9 4.48 -8.28 2.92
HH11 MLY B 9 2.54 -8.81 0.05
HH12 MLY B 9 3.92 -7.71 0.18
HH13 MLY B 9 3.95 -9.25 1.04
HH21 MLY B 9 1.01 -8.24 2.65
HH22 MLY B 9 2.41 -9.11 3.28
HH23 MLY B 9 1.73 -9.56 1.72
HZ1 MLY B 9 2.20 -7.02 1.48
N SER B 10 2.73 -3.44 5.76
CA SER B 10 2.12 -2.92 6.98
C SER B 10 2.56 -3.70 8.22
N THR B 11 3.81 -4.14 8.23
CA THR B 11 4.33 -4.90 9.36
C THR B 11 5.08 -3.99 10.33
N GLY B 12 5.95 -3.14 9.78
CA GLY B 12 6.71 -2.22 10.61
C GLY B 12 7.65 -2.94 11.57
N GLY B 13 7.70 -2.47 12.81
CA GLY B 13 8.57 -3.08 13.81
C GLY B 13 8.47 -2.38 15.15
N LYS B 14 9.64 -2.16 15.77
CA LYS B 14 9.73 -1.51 17.08
C LYS B 14 9.24 -2.43 18.21
N ALA B 15 8.21 -3.22 17.93
CA ALA B 15 7.65 -4.14 18.93
C ALA B 15 7.00 -3.39 20.09
N PRO B 16 5.79 -3.82 20.50
CA PRO B 16 5.07 -3.19 21.60
C PRO B 16 5.77 -3.37 22.94
N GLY B 17 5.81 -2.31 23.73
CA GLY B 17 6.47 -2.37 25.03
C GLY B 17 7.97 -2.50 24.92
N GLY B 18 8.69 -1.73 25.73
CA GLY B 18 10.13 -1.78 25.71
C GLY B 18 10.70 -3.09 26.24
#